data_6V9Q
#
_entry.id   6V9Q
#
loop_
_entity.id
_entity.type
_entity.pdbx_description
1 polymer 'RNA (61-MER)'
2 polymer Cas8
3 polymer 'TniQ family protein'
4 polymer 'Type I-F CRISPR-associated protein Csy3'
5 polymer 'Type I-F CRISPR-associated endoribonuclease Cas6/Csy4'
6 non-polymer 'ZINC ION'
#
loop_
_entity_poly.entity_id
_entity_poly.type
_entity_poly.pdbx_seq_one_letter_code
_entity_poly.pdbx_strand_id
1 'polyribonucleotide' CUGAUAACUUACAGGACGCUUUGGCUUCAUUGCUUUUCAGGUGAACUGCCGAGUAGGUAGA K
2 'polypeptide(L)'
;MQTLKELIASNPDDLTTELKRAFRPLTPHIAIDGNELDALTILVNLTDKTDDQKDLLDRAKCKQKLRDEKWWASCINCVN
YRQSHNPKFPDIRSEGVIRTQALGELPSFLLSSSKIPPYHWSYSHDSKYVNKSAFLTNEFCWDGEISCLGELLKDADHPL
WNTLKKLGCSQKTCKAMAKQLADITLTTINVTLAPNYLTQISLPDSDTSYISLSPVASLSMQSHFHQRLQDENRHSAITR
FSRTTNMGVTAMTCGGAFRMLKSGAKFSSPPHHRLNSKRSWLTSEHVQSLKQYQRLNKSLIPENSRIALRRKYKIELQNM
VRSWFAMQDHTLDSNILIQHLNHDLSYLGATKRFAYDPAMTKLFTELLKRELSNSINNGEQHTNGSFLVLPNIRVCGATA
LSSPVTVGIPSLTAFFGFVHAFERNINRTTSSFRVESFAICVHQLHVEKRGLTAEFVEKGDGTISAPATRDDWQCDVVFS
LILNTNFAQHIDQDTLVTSLPKRLARGSAKIAIDDFKHINSFSTLETAIESLPIEAGRWLSLYAQSNNNLSDLLAAMTED
HQLMASCVGYHLLEEPKDKPNSLRGYKHAIAECIIGLINSITFSSETDPNTIFWSLKNYQNYLVVQPRSINDETTDKSSL
;
A
3 'polypeptide(L)'
;MFLQRPKPYSDESLESFFIRVANKNGYGDVHRFLEATKRFLQDIDHNGYQTFPTDITRINPYSAKNSSSARTASFLKLAQ
LTFNEPPELLGLAINRTNMKYSPSTSAVVRGAEVFPRSLLRTHSIPCCPLCLRENGYASYLWHFQGYEYCHSHNVPLITT
CSCGKEFDYRVSGLKGICCKCKEPITLTSRENGHEAACTVSNWLAGHESKPLPNLPKSYRWGLVHWWMGIKDSEFDHFSF
VQFFSNWPRSFHSIIEDEVEFNLEHAVVSTSELRLKDLLGRLFFGSIRLPERNLQHNIILGELLCYLENRLWQDKGLIAN
LKMNALEATVMLNCSLDQIASMVEQRILKPNRKSKPNSPLDVTDYLFHFGDIFCLWLAEFQSDEFNRSFYVSRW
;
J,I
4 'polypeptide(L)'
;MKLPTNLAYERSIDPSDVCFFVVWPDDRKTPLTYNSRTLLGQMEAASLAYDVSGQPIKSATAEALAQGNPHQVDFCHVPY
GASHIECSFSVSFSSELRQPYKCNSSKVKQTLVQLVELYETKIGWTELATRYLMNICNGKWLWKNTRKAYCWNIVLTPWP
WNGEKVGFEDIRTNYTSRQDFKNNKNWSAIVEMIKTAFSSTDGLAIFEVRATLHLPTNAMVRPSQVFTEKESGSKSKSKT
QNSRVFQSTTIDGERSPILGAFKTGAAIATIDDWYPEATEPLRVGRFGVHREDVTCYRHPSTGKDFFSILQQAEHYIEVL
SANKTPAQETINDMHFLMANLIKGGMFQHKGD
;
G,B,C,D,E,F
5 'polypeptide(L)'
;MKWYYKTITFLPELCNNESLAAKCLRVLHGFNYQYETRNIGVSFPLWCDATVGKKISFVSKNKIELDLLLKQHYFVQMEQ
LQYFHISNTVLVPEDCTYVSFRRCQSIDKLTAAGLARKIRRLEKRALSRGEQFDPSSFAQKEHTAIAHYHSLGESSKQTN
RNFRLNIRMLSEQPREGNSIFSSYGLSNSENSFQPVPLI
;
H
#
# COMPACT_ATOMS: atom_id res chain seq x y z
N THR B 16 -37.89 -30.16 56.90
CA THR B 16 -37.67 -29.30 58.06
C THR B 16 -36.59 -28.26 57.79
N THR B 17 -35.84 -28.44 56.70
CA THR B 17 -34.81 -27.46 56.35
C THR B 17 -35.41 -26.29 55.58
N GLU B 18 -36.45 -26.55 54.79
CA GLU B 18 -37.12 -25.47 54.08
C GLU B 18 -37.87 -24.56 55.04
N LEU B 19 -38.27 -25.11 56.19
CA LEU B 19 -38.89 -24.30 57.22
C LEU B 19 -37.84 -23.52 57.99
N LYS B 20 -36.62 -24.05 58.07
CA LYS B 20 -35.56 -23.37 58.81
C LYS B 20 -34.96 -22.25 57.98
N ARG B 21 -34.90 -22.42 56.66
CA ARG B 21 -34.31 -21.40 55.80
C ARG B 21 -35.22 -20.19 55.64
N ALA B 22 -36.52 -20.38 55.86
CA ALA B 22 -37.47 -19.29 55.62
C ALA B 22 -37.40 -18.24 56.71
N PHE B 23 -37.23 -18.65 57.96
CA PHE B 23 -37.11 -17.69 59.05
C PHE B 23 -35.73 -17.05 59.10
N ARG B 24 -34.77 -17.59 58.34
CA ARG B 24 -33.41 -17.06 58.31
C ARG B 24 -33.30 -15.94 57.28
N PRO B 25 -32.43 -14.94 57.53
CA PRO B 25 -32.56 -13.67 56.81
C PRO B 25 -32.08 -13.64 55.38
N LEU B 26 -31.60 -14.76 54.83
CA LEU B 26 -31.18 -14.72 53.43
C LEU B 26 -32.20 -15.38 52.52
N THR B 27 -33.47 -15.38 52.93
CA THR B 27 -34.61 -15.79 52.15
C THR B 27 -35.73 -14.78 52.37
N PRO B 28 -36.62 -14.60 51.39
CA PRO B 28 -37.77 -13.71 51.59
C PRO B 28 -38.77 -14.27 52.60
N HIS B 29 -39.63 -13.38 53.10
CA HIS B 29 -40.40 -13.69 54.30
C HIS B 29 -41.67 -14.47 53.99
N ILE B 30 -42.19 -15.13 55.01
CA ILE B 30 -43.46 -15.84 54.94
C ILE B 30 -44.50 -15.09 55.76
N ASN B 35 -52.65 -20.37 62.06
CA ASN B 35 -51.37 -20.13 61.39
C ASN B 35 -50.38 -19.43 62.32
N GLU B 36 -50.87 -18.50 63.14
CA GLU B 36 -50.01 -17.90 64.16
C GLU B 36 -49.75 -18.88 65.30
N LEU B 37 -50.61 -19.89 65.44
CA LEU B 37 -50.35 -20.94 66.42
C LEU B 37 -49.34 -21.94 65.87
N ASP B 38 -49.24 -22.07 64.55
CA ASP B 38 -48.26 -22.98 63.96
C ASP B 38 -46.86 -22.37 63.98
N ALA B 39 -46.76 -21.05 63.82
CA ALA B 39 -45.48 -20.42 63.57
C ALA B 39 -44.64 -20.34 64.85
N LEU B 40 -45.27 -20.06 65.99
CA LEU B 40 -44.52 -19.85 67.21
C LEU B 40 -44.03 -21.17 67.80
N THR B 41 -44.67 -22.28 67.44
CA THR B 41 -44.20 -23.58 67.91
C THR B 41 -42.97 -24.01 67.11
N ILE B 42 -42.82 -23.48 65.90
CA ILE B 42 -41.60 -23.71 65.12
C ILE B 42 -40.43 -22.99 65.77
N LEU B 43 -40.66 -21.75 66.20
CA LEU B 43 -39.56 -20.88 66.65
C LEU B 43 -39.00 -21.35 67.99
N VAL B 44 -39.78 -22.09 68.77
CA VAL B 44 -39.25 -22.65 70.01
C VAL B 44 -38.42 -23.88 69.71
N ASN B 45 -38.83 -24.67 68.72
CA ASN B 45 -38.11 -25.88 68.38
C ASN B 45 -36.83 -25.59 67.62
N LEU B 46 -36.72 -24.40 67.03
CA LEU B 46 -35.48 -24.01 66.37
C LEU B 46 -34.37 -23.69 67.37
N THR B 47 -34.72 -23.38 68.61
CA THR B 47 -33.71 -23.01 69.59
C THR B 47 -32.98 -24.25 70.12
N ASP B 48 -33.58 -25.42 69.95
CA ASP B 48 -32.91 -26.65 70.34
C ASP B 48 -31.84 -27.02 69.32
N LYS B 49 -30.77 -27.64 69.80
CA LYS B 49 -29.64 -27.99 68.96
C LYS B 49 -29.96 -29.14 68.01
N ALA B 60 -43.19 -30.75 67.46
CA ALA B 60 -43.34 -31.81 68.44
C ALA B 60 -44.44 -31.48 69.44
N LYS B 61 -44.65 -30.16 69.65
CA LYS B 61 -45.76 -29.54 70.36
C LYS B 61 -45.71 -29.75 71.89
N CYS B 62 -44.85 -30.66 72.35
CA CYS B 62 -44.69 -30.86 73.78
C CYS B 62 -43.37 -30.31 74.27
N LYS B 63 -42.38 -30.24 73.38
CA LYS B 63 -41.15 -29.50 73.68
C LYS B 63 -41.42 -28.01 73.73
N GLN B 64 -42.44 -27.55 73.02
CA GLN B 64 -42.86 -26.15 73.08
C GLN B 64 -43.56 -25.85 74.41
N LYS B 65 -44.34 -26.81 74.93
CA LYS B 65 -45.05 -26.57 76.17
C LYS B 65 -44.14 -26.52 77.39
N LEU B 66 -42.95 -27.10 77.29
CA LEU B 66 -41.96 -26.99 78.40
C LEU B 66 -41.58 -25.50 78.52
N ARG B 67 -41.50 -24.96 79.75
CA ARG B 67 -41.18 -23.52 79.94
C ARG B 67 -40.07 -23.32 80.98
N ASP B 68 -38.81 -23.61 80.62
CA ASP B 68 -37.68 -23.43 81.56
C ASP B 68 -37.44 -21.93 81.81
N GLU B 69 -37.28 -21.54 83.08
CA GLU B 69 -37.02 -20.13 83.47
C GLU B 69 -35.67 -19.68 82.93
N LYS B 70 -34.66 -20.55 83.02
CA LYS B 70 -33.26 -20.27 82.58
C LYS B 70 -33.23 -20.00 81.07
N TRP B 71 -34.06 -20.73 80.32
CA TRP B 71 -34.13 -20.63 78.84
C TRP B 71 -34.53 -19.22 78.43
N TRP B 72 -35.46 -18.60 79.16
CA TRP B 72 -35.96 -17.22 78.85
C TRP B 72 -34.87 -16.15 78.96
N ALA B 73 -34.00 -16.20 79.98
CA ALA B 73 -33.00 -15.15 80.14
C ALA B 73 -31.86 -15.31 79.13
N SER B 74 -31.68 -16.52 78.61
CA SER B 74 -30.72 -16.72 77.53
C SER B 74 -31.22 -16.09 76.23
N CYS B 75 -32.53 -16.19 75.99
CA CYS B 75 -33.09 -15.60 74.77
C CYS B 75 -33.21 -14.08 74.91
N ILE B 76 -33.29 -13.59 76.14
CA ILE B 76 -33.35 -12.15 76.38
C ILE B 76 -32.00 -11.50 76.05
N ASN B 77 -30.91 -12.22 76.32
CA ASN B 77 -29.59 -11.72 75.94
C ASN B 77 -29.42 -11.68 74.43
N CYS B 78 -30.13 -12.55 73.71
CA CYS B 78 -29.93 -12.65 72.27
C CYS B 78 -30.57 -11.48 71.54
N VAL B 79 -31.66 -10.93 72.08
CA VAL B 79 -32.28 -9.78 71.43
C VAL B 79 -31.49 -8.51 71.76
N ASN B 80 -30.63 -8.57 72.79
CA ASN B 80 -29.75 -7.45 73.09
C ASN B 80 -28.64 -7.35 72.05
N TYR B 81 -28.04 -8.49 71.69
CA TYR B 81 -26.94 -8.53 70.74
C TYR B 81 -27.38 -8.74 69.31
N ARG B 82 -28.67 -8.58 69.00
CA ARG B 82 -29.12 -8.41 67.62
C ARG B 82 -28.49 -7.14 67.07
N GLN B 83 -28.08 -7.16 65.81
CA GLN B 83 -27.30 -6.07 65.24
C GLN B 83 -27.81 -5.70 63.86
N SER B 84 -27.75 -4.41 63.57
CA SER B 84 -28.07 -3.92 62.22
C SER B 84 -26.90 -4.06 61.29
N HIS B 85 -25.71 -3.70 61.76
CA HIS B 85 -24.52 -3.71 60.93
C HIS B 85 -23.43 -4.48 61.67
N ASN B 86 -22.79 -5.39 60.94
CA ASN B 86 -21.81 -6.35 61.53
C ASN B 86 -20.40 -5.78 61.49
N PRO B 87 -19.84 -5.42 62.67
CA PRO B 87 -18.45 -4.97 62.79
C PRO B 87 -17.54 -6.16 62.50
N LYS B 88 -17.92 -7.35 62.99
CA LYS B 88 -17.14 -8.59 62.83
C LYS B 88 -17.44 -9.25 61.49
N PHE B 89 -17.08 -8.60 60.38
CA PHE B 89 -17.35 -9.21 59.06
C PHE B 89 -16.05 -9.82 58.51
N PRO B 90 -15.06 -9.00 58.08
CA PRO B 90 -13.80 -9.53 57.59
C PRO B 90 -13.04 -10.23 58.73
N ASP B 91 -13.03 -9.61 59.92
CA ASP B 91 -12.31 -10.17 61.09
C ASP B 91 -13.34 -10.59 62.15
N ILE B 92 -13.27 -11.85 62.60
CA ILE B 92 -14.26 -12.40 63.58
C ILE B 92 -13.81 -12.11 65.02
N ARG B 93 -12.65 -11.48 65.22
CA ARG B 93 -12.22 -11.27 66.59
C ARG B 93 -12.70 -9.92 67.13
N SER B 94 -13.29 -9.09 66.27
CA SER B 94 -13.73 -7.77 66.71
C SER B 94 -15.01 -7.86 67.52
N GLU B 95 -15.30 -6.79 68.26
CA GLU B 95 -16.38 -6.79 69.24
C GLU B 95 -17.14 -5.47 69.15
N GLY B 96 -18.46 -5.55 69.00
CA GLY B 96 -19.28 -4.36 68.93
C GLY B 96 -20.73 -4.69 68.69
N VAL B 97 -21.60 -3.74 69.04
CA VAL B 97 -23.04 -3.84 68.81
C VAL B 97 -23.48 -2.57 68.10
N ILE B 98 -24.14 -2.72 66.95
CA ILE B 98 -24.65 -1.59 66.17
C ILE B 98 -26.07 -1.90 65.73
N ARG B 99 -27.03 -1.09 66.17
CA ARG B 99 -28.44 -1.20 65.75
C ARG B 99 -28.99 0.13 65.25
N THR B 100 -28.28 0.81 64.36
CA THR B 100 -28.74 2.10 63.88
C THR B 100 -29.19 1.97 62.43
N GLN B 101 -29.67 3.10 61.92
CA GLN B 101 -30.12 3.28 60.51
C GLN B 101 -29.21 4.33 59.87
N ALA B 102 -29.06 4.31 58.55
CA ALA B 102 -28.19 5.32 57.89
C ALA B 102 -28.75 6.70 58.19
N LEU B 103 -27.88 7.66 58.52
CA LEU B 103 -28.31 9.03 58.88
C LEU B 103 -28.41 9.88 57.60
N GLY B 104 -29.62 10.41 57.32
CA GLY B 104 -29.87 11.23 56.13
C GLY B 104 -30.19 10.39 54.91
N GLU B 105 -30.48 11.03 53.77
CA GLU B 105 -30.76 10.27 52.52
C GLU B 105 -29.85 10.79 51.40
N LEU B 106 -29.08 9.90 50.76
CA LEU B 106 -28.17 10.31 49.66
C LEU B 106 -28.94 10.40 48.34
N PRO B 107 -28.46 11.18 47.35
CA PRO B 107 -29.10 11.33 46.03
C PRO B 107 -29.20 10.03 45.24
N SER B 108 -29.81 10.15 44.06
CA SER B 108 -30.24 8.98 43.32
C SER B 108 -29.09 8.27 42.64
N PHE B 109 -27.99 8.98 42.38
CA PHE B 109 -26.87 8.36 41.70
C PHE B 109 -25.96 7.61 42.68
N LEU B 110 -26.25 7.73 43.97
CA LEU B 110 -25.51 6.97 44.97
C LEU B 110 -26.38 5.86 45.52
N LEU B 111 -25.78 4.96 46.31
CA LEU B 111 -26.48 3.80 46.82
C LEU B 111 -25.90 3.41 48.17
N SER B 112 -26.78 3.15 49.14
CA SER B 112 -26.35 2.73 50.47
C SER B 112 -27.50 1.99 51.14
N SER B 113 -27.37 1.82 52.46
CA SER B 113 -28.33 0.99 53.18
C SER B 113 -29.63 1.72 53.48
N SER B 114 -29.70 3.02 53.21
CA SER B 114 -30.91 3.78 53.50
C SER B 114 -32.00 3.54 52.47
N LYS B 115 -31.61 3.24 51.22
CA LYS B 115 -32.60 3.12 50.16
C LYS B 115 -33.32 1.80 50.22
N ILE B 116 -32.61 0.72 50.49
CA ILE B 116 -33.16 -0.62 50.69
C ILE B 116 -33.86 -0.63 52.04
N PRO B 117 -35.03 -1.25 52.16
CA PRO B 117 -35.76 -1.22 53.44
C PRO B 117 -35.05 -2.01 54.52
N PRO B 118 -34.82 -1.39 55.69
CA PRO B 118 -33.96 -1.96 56.76
C PRO B 118 -34.66 -2.97 57.65
N TYR B 119 -34.74 -4.23 57.22
CA TYR B 119 -35.32 -5.25 58.07
C TYR B 119 -34.59 -6.58 58.08
N HIS B 120 -33.63 -6.82 57.18
CA HIS B 120 -32.85 -8.07 57.23
C HIS B 120 -31.71 -7.92 58.24
N TRP B 121 -32.06 -7.95 59.51
CA TRP B 121 -31.07 -7.81 60.57
C TRP B 121 -30.88 -9.16 61.26
N SER B 122 -29.71 -9.38 61.82
CA SER B 122 -29.28 -10.69 62.26
C SER B 122 -28.68 -10.63 63.67
N TYR B 123 -28.06 -11.73 64.09
CA TYR B 123 -27.49 -11.89 65.42
C TYR B 123 -26.00 -12.18 65.33
N SER B 124 -25.25 -11.68 66.31
CA SER B 124 -23.80 -11.84 66.36
C SER B 124 -23.34 -12.10 67.79
N HIS B 125 -22.03 -11.90 68.03
CA HIS B 125 -21.35 -11.82 69.33
C HIS B 125 -21.15 -13.16 70.03
N ASP B 126 -21.79 -14.22 69.59
CA ASP B 126 -21.74 -15.49 70.31
C ASP B 126 -21.88 -16.66 69.36
N SER B 127 -21.20 -17.76 69.70
CA SER B 127 -21.29 -18.96 68.89
C SER B 127 -22.21 -19.99 69.53
N LYS B 128 -22.35 -19.93 70.85
CA LYS B 128 -23.22 -20.88 71.55
C LYS B 128 -24.69 -20.52 71.39
N TYR B 129 -24.97 -19.24 71.19
CA TYR B 129 -26.34 -18.75 71.19
C TYR B 129 -26.86 -18.42 69.80
N VAL B 130 -26.32 -19.06 68.76
CA VAL B 130 -26.85 -18.84 67.41
C VAL B 130 -28.16 -19.61 67.23
N ASN B 131 -28.36 -20.66 68.02
CA ASN B 131 -29.64 -21.37 67.98
C ASN B 131 -30.65 -20.71 68.90
N LYS B 132 -30.22 -20.31 70.10
CA LYS B 132 -31.14 -19.72 71.07
C LYS B 132 -31.59 -18.32 70.69
N SER B 133 -31.00 -17.72 69.66
CA SER B 133 -31.48 -16.44 69.16
C SER B 133 -32.62 -16.60 68.18
N ALA B 134 -33.00 -17.83 67.84
CA ALA B 134 -33.98 -18.02 66.78
C ALA B 134 -35.40 -17.73 67.24
N PHE B 135 -35.61 -17.64 68.55
CA PHE B 135 -36.96 -17.40 69.05
C PHE B 135 -37.35 -15.95 68.91
N LEU B 136 -36.43 -15.04 69.21
CA LEU B 136 -36.76 -13.62 69.32
C LEU B 136 -36.17 -12.75 68.22
N THR B 137 -35.44 -13.31 67.26
CA THR B 137 -34.77 -12.49 66.26
C THR B 137 -35.01 -12.94 64.82
N ASN B 138 -35.84 -13.96 64.58
CA ASN B 138 -35.97 -14.48 63.21
C ASN B 138 -36.75 -13.55 62.30
N GLU B 139 -37.54 -12.63 62.87
CA GLU B 139 -38.32 -11.59 62.20
C GLU B 139 -39.10 -12.05 60.98
N PHE B 140 -40.12 -12.88 61.22
CA PHE B 140 -41.09 -13.32 60.21
C PHE B 140 -41.72 -12.19 59.40
N ILE B 146 -43.53 -6.55 57.84
CA ILE B 146 -42.41 -7.34 58.32
C ILE B 146 -41.92 -6.76 59.64
N SER B 147 -41.99 -7.57 60.70
CA SER B 147 -41.58 -7.13 62.02
C SER B 147 -40.89 -8.28 62.73
N CYS B 148 -40.48 -8.03 63.97
CA CYS B 148 -39.70 -8.97 64.77
C CYS B 148 -40.38 -9.16 66.12
N LEU B 149 -40.29 -10.38 66.67
CA LEU B 149 -40.92 -10.65 67.95
C LEU B 149 -40.20 -9.97 69.10
N GLY B 150 -38.93 -9.63 68.91
CA GLY B 150 -38.18 -8.99 69.97
C GLY B 150 -38.59 -7.54 70.18
N GLU B 151 -39.17 -6.92 69.18
CA GLU B 151 -39.61 -5.53 69.26
C GLU B 151 -41.00 -5.44 69.89
N SER B 170 -48.35 -16.96 82.08
CA SER B 170 -49.03 -15.67 82.35
C SER B 170 -48.07 -14.73 83.09
N GLN B 171 -47.57 -15.16 84.25
CA GLN B 171 -46.64 -14.34 85.07
C GLN B 171 -45.35 -14.11 84.27
N LYS B 172 -44.87 -15.14 83.59
CA LYS B 172 -43.61 -15.06 82.78
C LYS B 172 -43.79 -14.03 81.65
N THR B 173 -44.95 -14.01 81.00
CA THR B 173 -45.17 -13.08 79.86
C THR B 173 -45.04 -11.63 80.34
N CYS B 174 -45.61 -11.31 81.50
CA CYS B 174 -45.50 -9.91 82.03
C CYS B 174 -44.02 -9.61 82.33
N LYS B 175 -43.33 -10.56 82.97
CA LYS B 175 -41.89 -10.40 83.32
C LYS B 175 -41.05 -10.33 82.04
N ALA B 176 -41.35 -11.17 81.04
CA ALA B 176 -40.58 -11.20 79.78
C ALA B 176 -40.70 -9.86 79.06
N MET B 177 -41.91 -9.29 79.02
CA MET B 177 -42.12 -7.99 78.34
C MET B 177 -41.33 -6.90 79.06
N ALA B 178 -41.31 -6.93 80.40
CA ALA B 178 -40.59 -5.90 81.17
C ALA B 178 -39.09 -5.95 80.83
N LYS B 179 -38.51 -7.16 80.76
CA LYS B 179 -37.08 -7.28 80.41
C LYS B 179 -36.85 -6.78 78.97
N GLN B 180 -37.73 -7.18 78.05
CA GLN B 180 -37.62 -6.78 76.62
C GLN B 180 -37.81 -5.26 76.48
N LEU B 181 -38.78 -4.70 77.20
CA LEU B 181 -39.05 -3.24 77.11
C LEU B 181 -37.83 -2.49 77.65
N ALA B 182 -37.32 -2.88 78.82
CA ALA B 182 -36.18 -2.21 79.41
C ALA B 182 -34.89 -2.57 78.67
N ASP B 183 -34.86 -3.72 78.01
CA ASP B 183 -33.63 -4.16 77.35
C ASP B 183 -33.78 -4.21 75.84
N ILE B 184 -34.85 -3.63 75.29
CA ILE B 184 -34.86 -3.37 73.85
C ILE B 184 -33.78 -2.36 73.52
N THR B 185 -33.91 -1.13 74.05
CA THR B 185 -33.00 0.00 73.88
C THR B 185 -32.69 0.24 72.41
N LEU B 186 -33.67 0.71 71.64
CA LEU B 186 -33.55 0.94 70.21
C LEU B 186 -32.40 1.91 69.91
N THR B 187 -31.70 1.62 68.80
CA THR B 187 -30.66 2.50 68.22
C THR B 187 -29.52 2.74 69.21
N THR B 188 -28.73 1.70 69.48
CA THR B 188 -27.52 1.82 70.29
C THR B 188 -26.26 1.56 69.47
N ILE B 189 -25.14 2.11 69.95
CA ILE B 189 -23.81 1.86 69.41
C ILE B 189 -22.88 1.58 70.57
N ASN B 190 -22.31 0.38 70.60
CA ASN B 190 -21.38 -0.01 71.65
C ASN B 190 -20.09 -0.50 71.01
N VAL B 191 -19.18 0.43 70.74
CA VAL B 191 -17.82 0.12 70.32
C VAL B 191 -16.87 0.82 71.29
N THR B 192 -15.78 0.11 71.56
CA THR B 192 -14.61 0.62 72.31
C THR B 192 -13.50 0.59 71.25
N LEU B 193 -12.81 1.69 71.02
CA LEU B 193 -11.77 1.75 69.95
C LEU B 193 -10.40 1.38 70.53
N ALA B 194 -10.34 0.97 71.79
CA ALA B 194 -9.03 0.67 72.40
C ALA B 194 -8.52 -0.74 72.02
N PRO B 195 -9.02 -1.86 72.59
CA PRO B 195 -8.41 -3.16 72.22
C PRO B 195 -9.31 -4.04 71.35
N ASN B 196 -9.54 -3.66 70.10
CA ASN B 196 -10.23 -4.57 69.20
C ASN B 196 -9.70 -4.43 67.78
N TYR B 197 -10.43 -5.04 66.85
CA TYR B 197 -9.95 -5.21 65.48
C TYR B 197 -10.87 -4.47 64.53
N LEU B 198 -10.67 -3.16 64.41
CA LEU B 198 -11.48 -2.33 63.54
C LEU B 198 -10.56 -1.65 62.54
N THR B 199 -11.17 -1.06 61.50
CA THR B 199 -10.44 -0.22 60.56
C THR B 199 -10.67 1.23 60.94
N GLN B 200 -9.69 2.08 60.66
CA GLN B 200 -9.71 3.48 61.05
C GLN B 200 -9.24 4.32 59.87
N ILE B 201 -10.03 5.33 59.49
CA ILE B 201 -9.78 6.11 58.29
C ILE B 201 -9.95 7.60 58.60
N SER B 202 -8.89 8.36 58.37
CA SER B 202 -8.95 9.81 58.47
C SER B 202 -9.21 10.42 57.11
N LEU B 203 -10.22 11.28 57.01
CA LEU B 203 -10.51 11.98 55.78
C LEU B 203 -10.55 13.48 56.02
N PRO B 204 -10.02 14.30 55.08
CA PRO B 204 -9.99 15.75 55.26
C PRO B 204 -11.40 16.35 55.32
N ASP B 205 -11.97 16.43 56.53
CA ASP B 205 -13.33 17.01 56.73
C ASP B 205 -13.22 18.53 56.64
N SER B 206 -14.17 19.16 55.96
CA SER B 206 -14.17 20.64 55.78
C SER B 206 -12.80 21.10 55.27
N ASP B 207 -11.94 21.58 56.18
CA ASP B 207 -10.57 22.04 55.80
C ASP B 207 -9.70 22.14 57.06
N THR B 208 -8.41 21.86 56.92
CA THR B 208 -7.46 21.91 58.06
C THR B 208 -8.02 21.09 59.23
N SER B 209 -8.90 20.13 58.94
CA SER B 209 -9.48 19.28 59.97
C SER B 209 -9.69 17.90 59.39
N TYR B 210 -9.81 16.92 60.27
CA TYR B 210 -9.98 15.54 59.86
C TYR B 210 -11.00 14.88 60.77
N ILE B 211 -11.62 13.83 60.27
CA ILE B 211 -12.50 12.99 61.08
C ILE B 211 -12.08 11.54 60.89
N SER B 212 -11.99 10.81 61.97
CA SER B 212 -11.71 9.38 61.89
C SER B 212 -13.00 8.63 61.59
N LEU B 213 -12.91 7.63 60.73
CA LEU B 213 -14.08 6.84 60.34
C LEU B 213 -13.76 5.38 60.57
N SER B 214 -14.78 4.59 60.88
CA SER B 214 -14.63 3.14 60.92
C SER B 214 -15.75 2.53 60.11
N PRO B 215 -15.47 2.02 58.90
CA PRO B 215 -16.53 1.37 58.13
C PRO B 215 -16.97 0.05 58.74
N VAL B 216 -18.28 -0.20 58.68
CA VAL B 216 -18.90 -1.39 59.23
C VAL B 216 -19.81 -1.97 58.16
N ALA B 217 -19.75 -3.28 57.97
CA ALA B 217 -20.58 -3.92 56.95
C ALA B 217 -22.04 -3.93 57.36
N SER B 218 -22.90 -3.70 56.39
CA SER B 218 -24.33 -3.55 56.61
C SER B 218 -25.08 -4.82 56.23
N LEU B 219 -25.89 -5.33 57.14
CA LEU B 219 -26.49 -6.66 56.98
C LEU B 219 -27.69 -6.64 56.05
N SER B 220 -28.36 -5.50 55.96
CA SER B 220 -29.49 -5.40 55.04
C SER B 220 -29.00 -5.36 53.59
N MET B 221 -27.80 -4.83 53.38
CA MET B 221 -27.21 -4.79 52.05
C MET B 221 -26.69 -6.16 51.63
N GLN B 222 -26.02 -6.87 52.56
CA GLN B 222 -25.44 -8.18 52.23
C GLN B 222 -26.50 -9.19 51.88
N SER B 223 -27.68 -9.09 52.50
CA SER B 223 -28.79 -9.95 52.13
C SER B 223 -29.34 -9.57 50.76
N HIS B 224 -29.26 -8.29 50.41
CA HIS B 224 -29.84 -7.84 49.15
C HIS B 224 -29.01 -8.30 47.96
N PHE B 225 -27.69 -8.17 48.04
CA PHE B 225 -26.83 -8.57 46.94
C PHE B 225 -26.70 -10.09 46.86
N HIS B 226 -26.95 -10.79 47.97
CA HIS B 226 -26.85 -12.25 47.93
C HIS B 226 -28.08 -12.86 47.29
N GLN B 227 -29.26 -12.36 47.63
CA GLN B 227 -30.50 -12.94 47.13
C GLN B 227 -30.69 -12.65 45.65
N ARG B 228 -30.28 -11.47 45.19
CA ARG B 228 -30.54 -11.08 43.82
C ARG B 228 -29.55 -11.74 42.85
N LEU B 229 -28.33 -11.99 43.31
CA LEU B 229 -27.33 -12.57 42.42
C LEU B 229 -27.35 -14.09 42.38
N GLN B 230 -28.46 -14.74 42.76
CA GLN B 230 -28.55 -16.18 42.58
C GLN B 230 -28.64 -16.55 41.10
N ASP B 231 -29.34 -15.72 40.31
CA ASP B 231 -29.56 -16.05 38.91
C ASP B 231 -28.31 -15.80 38.09
N GLU B 232 -27.67 -14.66 38.27
CA GLU B 232 -26.59 -14.21 37.39
C GLU B 232 -25.27 -14.80 37.85
N ASN B 233 -24.77 -15.77 37.09
CA ASN B 233 -23.47 -16.35 37.39
C ASN B 233 -22.34 -15.51 36.80
N ARG B 234 -22.68 -14.59 35.89
CA ARG B 234 -21.66 -13.77 35.25
C ARG B 234 -21.19 -12.65 36.17
N HIS B 235 -22.09 -12.09 36.97
CA HIS B 235 -21.75 -10.91 37.75
C HIS B 235 -21.55 -11.19 39.23
N SER B 236 -21.41 -12.47 39.60
CA SER B 236 -21.27 -12.85 41.00
C SER B 236 -19.85 -13.31 41.25
N ALA B 237 -19.32 -12.96 42.43
CA ALA B 237 -17.95 -13.34 42.77
C ALA B 237 -17.87 -13.89 44.17
N ILE B 238 -17.97 -15.20 44.33
CA ILE B 238 -18.11 -15.84 45.64
C ILE B 238 -16.82 -15.79 46.46
N THR B 239 -16.93 -15.23 47.68
CA THR B 239 -15.80 -15.17 48.65
C THR B 239 -16.20 -16.00 49.88
N ARG B 240 -15.34 -16.90 50.33
CA ARG B 240 -15.67 -17.81 51.47
C ARG B 240 -14.93 -17.42 52.74
N PHE B 241 -15.66 -17.39 53.87
CA PHE B 241 -15.11 -17.04 55.21
C PHE B 241 -15.22 -18.25 56.14
N SER B 242 -14.15 -18.55 56.87
CA SER B 242 -14.11 -19.68 57.79
C SER B 242 -14.54 -19.25 59.19
N ARG B 243 -14.77 -20.25 60.04
CA ARG B 243 -15.39 -20.09 61.37
C ARG B 243 -16.72 -19.36 61.26
N THR B 244 -17.66 -20.04 60.62
CA THR B 244 -18.91 -19.42 60.18
C THR B 244 -19.82 -19.08 61.36
N THR B 245 -19.82 -19.93 62.39
CA THR B 245 -20.71 -19.71 63.52
C THR B 245 -20.22 -18.56 64.41
N ASN B 246 -18.93 -18.23 64.30
CA ASN B 246 -18.40 -17.10 65.06
C ASN B 246 -18.74 -15.79 64.38
N MET B 247 -18.90 -15.81 63.05
CA MET B 247 -19.24 -14.63 62.27
C MET B 247 -20.60 -14.07 62.65
N GLY B 248 -21.64 -14.88 62.50
CA GLY B 248 -22.99 -14.47 62.84
C GLY B 248 -23.99 -15.43 62.25
N VAL B 249 -25.27 -15.15 62.51
CA VAL B 249 -26.33 -15.98 61.96
C VAL B 249 -26.45 -15.75 60.46
N THR B 250 -26.15 -14.54 60.00
CA THR B 250 -26.27 -14.21 58.58
C THR B 250 -25.19 -14.89 57.73
N ALA B 251 -24.17 -15.45 58.35
CA ALA B 251 -23.20 -16.24 57.60
C ALA B 251 -23.55 -17.71 57.62
N MET B 252 -24.21 -18.17 58.68
CA MET B 252 -24.56 -19.58 58.81
C MET B 252 -25.63 -19.98 57.82
N THR B 253 -26.41 -19.01 57.33
CA THR B 253 -27.40 -19.29 56.31
C THR B 253 -26.75 -19.65 54.99
N CYS B 254 -25.79 -18.84 54.54
CA CYS B 254 -25.16 -19.05 53.24
C CYS B 254 -24.02 -20.05 53.31
N GLY B 255 -23.63 -20.47 54.51
CA GLY B 255 -22.55 -21.42 54.66
C GLY B 255 -21.16 -20.85 54.57
N GLY B 256 -21.02 -19.53 54.38
CA GLY B 256 -19.72 -18.92 54.20
C GLY B 256 -19.55 -18.24 52.86
N ALA B 257 -20.31 -18.68 51.88
CA ALA B 257 -20.24 -18.10 50.54
C ALA B 257 -21.11 -16.85 50.45
N PHE B 258 -20.50 -15.69 50.20
CA PHE B 258 -21.22 -14.43 50.34
C PHE B 258 -21.62 -13.76 49.03
N ARG B 259 -21.12 -14.20 47.87
CA ARG B 259 -21.67 -13.84 46.56
C ARG B 259 -21.61 -12.33 46.29
N MET B 260 -20.39 -11.84 46.09
CA MET B 260 -20.12 -10.43 45.88
C MET B 260 -20.55 -9.99 44.47
N LEU B 261 -20.26 -8.75 44.09
CA LEU B 261 -20.66 -8.22 42.79
C LEU B 261 -19.42 -8.02 41.92
N LYS B 262 -19.30 -8.83 40.89
CA LYS B 262 -18.16 -8.76 39.99
C LYS B 262 -18.49 -7.89 38.78
N SER B 263 -17.51 -7.09 38.35
CA SER B 263 -17.71 -6.05 37.36
C SER B 263 -17.66 -6.66 35.95
N GLY B 264 -18.70 -7.41 35.60
CA GLY B 264 -18.92 -7.86 34.24
C GLY B 264 -17.87 -8.76 33.62
N ALA B 265 -17.18 -8.25 32.59
CA ALA B 265 -16.16 -8.99 31.88
C ALA B 265 -14.79 -8.43 32.24
N LYS B 266 -13.76 -8.95 31.57
CA LYS B 266 -12.41 -8.50 31.83
C LYS B 266 -12.17 -7.10 31.27
N PHE B 267 -11.16 -6.43 31.81
CA PHE B 267 -10.84 -5.07 31.39
C PHE B 267 -10.19 -5.08 30.02
N SER B 268 -10.64 -4.19 29.14
CA SER B 268 -10.06 -4.02 27.82
C SER B 268 -9.78 -2.54 27.60
N SER B 269 -9.00 -2.23 26.58
CA SER B 269 -8.61 -0.84 26.46
C SER B 269 -8.66 -0.37 25.01
N PRO B 270 -9.65 0.45 24.64
CA PRO B 270 -9.59 1.16 23.37
C PRO B 270 -8.54 2.26 23.42
N PRO B 271 -7.99 2.69 22.27
CA PRO B 271 -6.86 3.62 22.30
C PRO B 271 -7.25 5.03 22.71
N HIS B 272 -7.41 5.26 24.01
CA HIS B 272 -7.80 6.55 24.52
C HIS B 272 -7.02 6.92 25.78
N SER B 386 -1.74 25.21 35.33
CA SER B 386 -0.85 24.29 36.02
C SER B 386 -1.49 22.91 36.18
N PHE B 387 -0.78 21.87 35.72
CA PHE B 387 -1.21 20.48 35.87
C PHE B 387 0.02 19.62 36.03
N LEU B 388 -0.04 18.67 36.96
CA LEU B 388 1.09 17.78 37.24
C LEU B 388 0.70 16.36 36.83
N VAL B 389 1.64 15.66 36.21
CA VAL B 389 1.38 14.36 35.60
C VAL B 389 2.18 13.31 36.36
N LEU B 390 1.50 12.28 36.87
CA LEU B 390 2.14 11.13 37.48
C LEU B 390 1.82 9.90 36.65
N PRO B 391 2.74 9.43 35.81
CA PRO B 391 2.41 8.30 34.94
C PRO B 391 2.84 6.95 35.50
N ASN B 392 2.12 5.90 35.11
CA ASN B 392 2.49 4.49 35.32
C ASN B 392 2.72 4.10 36.77
N ILE B 393 1.68 4.13 37.59
CA ILE B 393 1.77 3.77 38.99
C ILE B 393 1.43 2.29 39.10
N ARG B 394 2.39 1.41 38.86
CA ARG B 394 2.13 -0.03 38.86
C ARG B 394 1.97 -0.51 40.29
N VAL B 395 0.76 -0.94 40.65
CA VAL B 395 0.43 -1.42 42.00
C VAL B 395 0.37 -2.94 41.97
N CYS B 396 1.10 -3.59 42.87
CA CYS B 396 1.13 -5.05 42.86
C CYS B 396 -0.02 -5.70 43.61
N GLY B 397 -0.09 -5.60 44.93
CA GLY B 397 -1.22 -6.28 45.54
C GLY B 397 -2.19 -5.40 46.27
N ALA B 398 -3.28 -5.03 45.60
CA ALA B 398 -4.26 -4.13 46.17
C ALA B 398 -5.42 -4.96 46.70
N THR B 399 -6.38 -4.32 47.34
CA THR B 399 -7.64 -4.98 47.67
C THR B 399 -8.61 -4.77 46.53
N ALA B 400 -9.16 -5.85 46.00
CA ALA B 400 -10.28 -5.72 45.10
C ALA B 400 -11.56 -5.47 45.87
N LEU B 401 -11.60 -5.83 47.15
CA LEU B 401 -12.75 -5.53 47.99
C LEU B 401 -12.83 -4.05 48.25
N SER B 402 -13.51 -3.34 47.37
CA SER B 402 -13.76 -1.93 47.56
C SER B 402 -14.83 -1.68 48.62
N SER B 403 -15.76 -2.60 48.73
CA SER B 403 -16.92 -2.53 49.61
C SER B 403 -17.04 -3.87 50.30
N PRO B 404 -18.02 -4.04 51.22
CA PRO B 404 -18.41 -5.41 51.63
C PRO B 404 -19.29 -6.11 50.62
N VAL B 405 -19.39 -5.55 49.42
CA VAL B 405 -20.36 -5.90 48.40
C VAL B 405 -19.74 -6.16 47.04
N THR B 406 -18.87 -5.28 46.55
CA THR B 406 -18.32 -5.36 45.21
C THR B 406 -16.86 -5.78 45.25
N VAL B 407 -16.42 -6.48 44.21
CA VAL B 407 -14.99 -6.88 44.05
C VAL B 407 -14.55 -6.37 42.68
N GLY B 408 -13.48 -5.56 42.64
CA GLY B 408 -13.01 -4.97 41.37
C GLY B 408 -11.95 -3.91 41.65
N ILE B 409 -12.00 -2.80 40.91
CA ILE B 409 -11.05 -1.68 41.09
C ILE B 409 -11.20 -1.13 42.51
N PRO B 410 -10.10 -0.69 43.19
CA PRO B 410 -10.18 -0.22 44.58
C PRO B 410 -11.03 1.05 44.77
N SER B 411 -11.56 1.24 45.98
CA SER B 411 -12.45 2.37 46.33
C SER B 411 -11.80 3.70 45.99
N LEU B 412 -12.58 4.64 45.45
CA LEU B 412 -12.10 5.94 45.01
C LEU B 412 -11.62 6.77 46.18
N THR B 413 -12.03 6.41 47.39
CA THR B 413 -11.46 7.01 48.59
C THR B 413 -10.00 6.58 48.77
N ALA B 414 -9.64 5.41 48.25
CA ALA B 414 -8.25 4.96 48.31
C ALA B 414 -7.40 5.69 47.29
N PHE B 415 -7.96 5.98 46.11
CA PHE B 415 -7.27 6.83 45.15
C PHE B 415 -7.16 8.25 45.68
N PHE B 416 -8.14 8.69 46.46
CA PHE B 416 -8.04 10.01 47.07
C PHE B 416 -6.98 10.05 48.16
N GLY B 417 -6.83 8.94 48.89
CA GLY B 417 -5.79 8.89 49.91
C GLY B 417 -4.40 8.87 49.33
N PHE B 418 -4.26 8.29 48.13
CA PHE B 418 -2.97 8.30 47.43
C PHE B 418 -2.61 9.71 47.01
N VAL B 419 -3.60 10.49 46.58
CA VAL B 419 -3.33 11.85 46.12
C VAL B 419 -3.09 12.77 47.31
N HIS B 420 -3.87 12.61 48.38
CA HIS B 420 -3.78 13.53 49.49
C HIS B 420 -2.57 13.26 50.37
N ALA B 421 -2.05 12.04 50.37
CA ALA B 421 -0.79 11.80 51.05
C ALA B 421 0.38 12.34 50.24
N PHE B 422 0.22 12.40 48.92
CA PHE B 422 1.21 13.07 48.08
C PHE B 422 1.14 14.58 48.26
N GLU B 423 -0.07 15.10 48.47
CA GLU B 423 -0.26 16.50 48.82
C GLU B 423 0.39 16.81 50.17
N ARG B 424 0.31 15.87 51.10
CA ARG B 424 0.73 16.16 52.47
C ARG B 424 2.23 15.96 52.64
N ASN B 425 2.87 15.21 51.73
CA ASN B 425 4.31 15.03 51.81
C ASN B 425 5.07 16.23 51.24
N ILE B 426 4.50 16.88 50.24
CA ILE B 426 5.14 18.05 49.64
C ILE B 426 5.05 19.24 50.59
N ASN B 427 4.04 19.26 51.46
CA ASN B 427 3.87 20.35 52.41
C ASN B 427 4.93 20.36 53.51
N ARG B 428 5.79 19.36 53.58
CA ARG B 428 6.99 19.44 54.41
C ARG B 428 7.97 20.45 53.84
N THR B 429 8.13 20.46 52.52
CA THR B 429 9.07 21.38 51.88
C THR B 429 8.35 22.64 51.40
N THR B 430 7.38 22.49 50.51
CA THR B 430 6.61 23.61 49.97
C THR B 430 5.22 23.57 50.60
N SER B 431 4.98 24.47 51.55
CA SER B 431 3.83 24.32 52.44
C SER B 431 2.56 24.95 51.89
N SER B 432 2.55 25.29 50.60
CA SER B 432 1.39 25.97 50.04
C SER B 432 0.78 25.19 48.88
N PHE B 433 1.13 23.91 48.75
CA PHE B 433 0.87 23.13 47.53
C PHE B 433 -0.62 22.88 47.26
N ARG B 434 -1.30 22.08 48.09
CA ARG B 434 -2.76 22.01 48.15
C ARG B 434 -3.49 21.65 46.85
N VAL B 435 -3.40 20.38 46.43
CA VAL B 435 -4.09 19.80 45.27
C VAL B 435 -5.59 20.07 45.38
N GLU B 436 -6.21 20.44 44.25
CA GLU B 436 -7.65 20.72 44.26
C GLU B 436 -8.46 19.51 43.77
N SER B 437 -8.02 18.88 42.70
CA SER B 437 -8.72 17.73 42.12
C SER B 437 -7.72 16.82 41.42
N PHE B 438 -8.21 15.70 40.89
CA PHE B 438 -7.33 14.73 40.25
C PHE B 438 -8.10 13.92 39.22
N ALA B 439 -7.35 13.30 38.31
CA ALA B 439 -7.90 12.54 37.19
C ALA B 439 -7.13 11.24 37.00
N ILE B 440 -7.86 10.15 36.76
CA ILE B 440 -7.31 8.80 36.81
C ILE B 440 -7.42 8.18 35.42
N CYS B 441 -6.33 7.61 34.92
CA CYS B 441 -6.33 6.96 33.62
C CYS B 441 -5.88 5.51 33.75
N VAL B 442 -6.83 4.59 33.87
CA VAL B 442 -6.58 3.20 34.23
C VAL B 442 -6.20 2.39 33.01
N HIS B 443 -5.13 1.59 33.14
CA HIS B 443 -4.78 0.52 32.20
C HIS B 443 -4.76 -0.76 33.03
N GLN B 444 -5.18 -1.88 32.43
CA GLN B 444 -4.84 -3.23 32.92
C GLN B 444 -5.28 -3.59 34.34
N LEU B 445 -6.55 -3.90 34.60
CA LEU B 445 -6.97 -4.26 35.96
C LEU B 445 -6.44 -5.60 36.45
N HIS B 446 -6.84 -6.73 35.87
CA HIS B 446 -6.51 -8.09 36.34
C HIS B 446 -6.86 -8.37 37.80
N VAL B 447 -8.13 -8.60 38.11
CA VAL B 447 -8.59 -8.99 39.44
C VAL B 447 -8.44 -10.51 39.57
N GLU B 448 -7.87 -10.96 40.70
CA GLU B 448 -7.61 -12.38 40.92
C GLU B 448 -7.89 -12.73 42.39
N LYS B 449 -8.13 -14.01 42.66
CA LYS B 449 -8.28 -14.49 44.04
C LYS B 449 -6.96 -14.96 44.62
N ARG B 450 -5.96 -14.10 44.68
CA ARG B 450 -4.77 -14.40 45.46
C ARG B 450 -5.17 -14.50 46.93
N GLY B 451 -4.48 -15.33 47.70
CA GLY B 451 -4.74 -15.44 49.12
C GLY B 451 -3.93 -14.43 49.90
N LEU B 452 -4.07 -14.50 51.21
CA LEU B 452 -3.32 -13.66 52.12
C LEU B 452 -3.04 -14.46 53.39
N THR B 453 -1.80 -14.90 53.56
CA THR B 453 -1.42 -15.67 54.74
C THR B 453 -1.17 -14.70 55.88
N ALA B 454 -2.02 -14.75 56.89
CA ALA B 454 -1.84 -13.95 58.09
C ALA B 454 -0.73 -14.56 58.94
N GLU B 455 -0.12 -13.74 59.77
CA GLU B 455 0.95 -14.24 60.63
C GLU B 455 0.40 -14.94 61.85
N PHE B 456 1.28 -15.62 62.57
CA PHE B 456 0.87 -16.35 63.76
C PHE B 456 0.60 -15.39 64.90
N VAL B 457 -0.46 -15.68 65.65
CA VAL B 457 -0.92 -14.87 66.78
C VAL B 457 -1.01 -15.80 67.98
N GLU B 458 -0.75 -15.28 69.17
CA GLU B 458 -1.01 -16.00 70.42
C GLU B 458 -2.49 -16.31 70.58
N THR B 463 0.17 -22.23 72.60
CA THR B 463 -1.01 -21.57 72.05
C THR B 463 -0.64 -20.53 71.00
N ILE B 464 0.09 -20.97 69.98
CA ILE B 464 0.46 -20.10 68.85
C ILE B 464 0.01 -20.76 67.56
N SER B 465 -0.85 -20.06 66.82
CA SER B 465 -1.34 -20.56 65.55
C SER B 465 -1.76 -19.37 64.70
N ALA B 466 -2.28 -19.67 63.52
CA ALA B 466 -2.75 -18.63 62.63
C ALA B 466 -4.21 -18.32 62.90
N PRO B 467 -4.67 -17.11 62.62
CA PRO B 467 -6.11 -16.81 62.78
C PRO B 467 -6.97 -17.42 61.68
N ALA B 468 -8.27 -17.11 61.71
CA ALA B 468 -9.22 -17.71 60.78
C ALA B 468 -9.00 -17.16 59.37
N THR B 469 -9.22 -17.99 58.37
CA THR B 469 -8.80 -17.67 57.01
C THR B 469 -9.93 -17.00 56.22
N ARG B 470 -9.58 -16.14 55.26
CA ARG B 470 -10.64 -15.47 54.47
C ARG B 470 -10.28 -15.47 52.98
N ASP B 471 -11.27 -15.62 52.10
CA ASP B 471 -10.98 -15.57 50.65
C ASP B 471 -10.47 -14.14 50.39
N ASP B 472 -9.38 -13.99 49.65
CA ASP B 472 -8.84 -12.62 49.39
C ASP B 472 -8.88 -12.31 47.90
N TRP B 473 -9.47 -11.16 47.55
CA TRP B 473 -9.51 -10.71 46.14
C TRP B 473 -8.47 -9.61 45.99
N GLN B 474 -7.54 -9.78 45.05
CA GLN B 474 -6.47 -8.76 44.85
C GLN B 474 -6.45 -8.35 43.38
N CYS B 475 -5.93 -7.16 43.10
CA CYS B 475 -5.87 -6.63 41.74
C CYS B 475 -4.56 -5.92 41.48
N ASP B 476 -4.26 -5.70 40.20
CA ASP B 476 -2.96 -5.21 39.73
C ASP B 476 -3.18 -4.02 38.80
N VAL B 477 -3.49 -2.87 39.38
CA VAL B 477 -3.84 -1.64 38.60
C VAL B 477 -2.58 -0.94 38.09
N VAL B 478 -2.58 -0.62 36.80
CA VAL B 478 -1.51 0.20 36.16
C VAL B 478 -2.25 1.47 35.72
N PHE B 479 -1.85 2.64 36.21
CA PHE B 479 -2.63 3.85 35.83
C PHE B 479 -1.74 5.10 35.84
N SER B 480 -2.22 6.14 35.14
CA SER B 480 -1.54 7.46 35.07
C SER B 480 -2.41 8.45 35.85
N LEU B 481 -1.82 9.18 36.79
CA LEU B 481 -2.61 10.13 37.62
C LEU B 481 -2.25 11.57 37.25
N ILE B 482 -3.26 12.38 36.92
CA ILE B 482 -3.08 13.79 36.60
C ILE B 482 -3.74 14.62 37.70
N LEU B 483 -2.97 15.53 38.30
CA LEU B 483 -3.52 16.35 39.41
C LEU B 483 -3.53 17.83 39.04
N ASN B 484 -4.60 18.54 39.42
CA ASN B 484 -4.68 20.01 39.16
C ASN B 484 -4.06 20.70 40.38
N THR B 485 -2.80 21.12 40.25
CA THR B 485 -2.03 21.73 41.37
C THR B 485 -2.52 23.16 41.66
N ASN B 486 -2.30 23.62 42.89
CA ASN B 486 -2.65 25.00 43.30
C ASN B 486 -1.81 25.98 42.47
N PHE B 487 -0.53 25.65 42.27
CA PHE B 487 0.39 26.50 41.47
C PHE B 487 1.12 25.63 40.44
N ILE B 491 8.91 22.31 40.94
CA ILE B 491 9.24 21.35 41.98
C ILE B 491 10.33 20.44 41.45
N ASP B 492 11.34 20.17 42.27
CA ASP B 492 12.48 19.36 41.86
C ASP B 492 12.06 17.92 41.60
N GLN B 493 12.83 17.22 40.77
CA GLN B 493 12.59 15.81 40.52
C GLN B 493 12.84 14.99 41.79
N ASP B 494 13.85 15.38 42.57
CA ASP B 494 14.15 14.64 43.80
C ASP B 494 13.08 14.85 44.84
N THR B 495 12.35 15.96 44.77
CA THR B 495 11.27 16.19 45.71
C THR B 495 10.02 15.44 45.29
N LEU B 496 9.76 15.37 43.98
CA LEU B 496 8.56 14.70 43.50
C LEU B 496 8.65 13.19 43.69
N VAL B 497 9.86 12.62 43.62
CA VAL B 497 9.99 11.18 43.73
C VAL B 497 9.89 10.74 45.19
N THR B 498 10.59 11.42 46.08
CA THR B 498 10.62 10.98 47.47
C THR B 498 9.34 11.33 48.21
N SER B 499 8.49 12.17 47.63
CA SER B 499 7.21 12.48 48.25
C SER B 499 6.10 11.59 47.73
N LEU B 500 6.40 10.66 46.83
CA LEU B 500 5.40 9.71 46.35
C LEU B 500 5.01 8.76 47.47
N PRO B 501 3.71 8.58 47.73
CA PRO B 501 3.31 7.56 48.70
C PRO B 501 3.48 6.18 48.11
N LYS B 502 3.82 5.23 48.98
CA LYS B 502 4.28 3.93 48.53
C LYS B 502 3.23 2.85 48.65
N ARG B 503 1.97 3.21 48.86
CA ARG B 503 0.90 2.23 48.95
C ARG B 503 -0.37 2.80 48.33
N LEU B 504 -1.12 1.95 47.62
CA LEU B 504 -2.42 2.29 47.08
C LEU B 504 -3.35 1.14 47.42
N ALA B 505 -4.10 1.30 48.52
CA ALA B 505 -4.99 0.28 49.09
C ALA B 505 -4.25 -1.04 49.30
N ARG B 506 -3.24 -1.00 50.17
CA ARG B 506 -2.38 -2.09 50.61
C ARG B 506 -1.43 -2.61 49.52
N GLY B 507 -1.28 -1.90 48.42
CA GLY B 507 -0.47 -2.41 47.33
C GLY B 507 0.73 -1.54 47.01
N SER B 508 1.83 -2.20 46.66
CA SER B 508 3.11 -1.53 46.39
C SER B 508 3.01 -0.70 45.13
N ALA B 509 2.89 0.61 45.29
CA ALA B 509 2.81 1.55 44.18
C ALA B 509 4.20 2.06 43.84
N LYS B 510 4.59 1.93 42.58
CA LYS B 510 5.92 2.34 42.14
C LYS B 510 5.84 2.94 40.74
N ILE B 511 6.82 3.79 40.44
CA ILE B 511 7.09 4.26 39.09
C ILE B 511 8.49 3.79 38.74
N ALA B 512 8.67 3.32 37.50
CA ALA B 512 9.98 2.91 37.04
C ALA B 512 10.90 4.13 36.93
N ILE B 513 12.21 3.86 36.98
CA ILE B 513 13.19 4.94 36.88
C ILE B 513 13.19 5.53 35.48
N ASP B 514 12.95 4.70 34.46
CA ASP B 514 12.84 5.20 33.09
C ASP B 514 11.58 6.02 32.85
N ASP B 515 10.62 5.99 33.76
CA ASP B 515 9.45 6.85 33.69
C ASP B 515 9.57 8.06 34.63
N PHE B 516 10.74 8.31 35.21
CA PHE B 516 10.93 9.54 35.97
C PHE B 516 11.07 10.76 35.08
N LYS B 517 11.28 10.57 33.78
CA LYS B 517 11.36 11.69 32.85
C LYS B 517 9.99 12.32 32.65
N HIS B 518 8.93 11.55 32.80
CA HIS B 518 7.58 11.99 32.43
C HIS B 518 6.80 12.56 33.61
N ILE B 519 7.49 13.10 34.62
CA ILE B 519 6.83 13.73 35.74
C ILE B 519 6.82 15.26 35.59
N ASN B 520 6.85 15.75 34.35
CA ASN B 520 6.87 17.18 34.09
C ASN B 520 5.54 17.82 34.43
N SER B 521 5.53 19.14 34.59
CA SER B 521 4.33 19.89 34.91
C SER B 521 3.94 20.74 33.70
N PHE B 522 2.65 20.76 33.41
CA PHE B 522 2.12 21.43 32.22
C PHE B 522 1.09 22.47 32.62
N SER B 523 0.86 23.44 31.74
CA SER B 523 -0.08 24.52 32.04
C SER B 523 -1.43 24.35 31.35
N THR B 524 -1.54 23.46 30.37
CA THR B 524 -2.80 23.23 29.68
C THR B 524 -3.19 21.76 29.80
N LEU B 525 -4.47 21.48 29.52
CA LEU B 525 -4.94 20.11 29.57
C LEU B 525 -4.55 19.32 28.33
N GLU B 526 -4.36 20.00 27.20
CA GLU B 526 -4.09 19.31 25.95
C GLU B 526 -2.66 18.78 25.92
N THR B 527 -1.71 19.57 26.45
CA THR B 527 -0.32 19.15 26.40
C THR B 527 -0.01 18.06 27.43
N ALA B 528 -0.82 17.98 28.49
CA ALA B 528 -0.57 16.95 29.50
C ALA B 528 -1.03 15.58 29.02
N ILE B 529 -2.17 15.53 28.33
CA ILE B 529 -2.74 14.26 27.89
C ILE B 529 -2.03 13.78 26.62
N GLU B 530 -1.32 14.67 25.94
CA GLU B 530 -0.50 14.23 24.82
C GLU B 530 0.89 13.78 25.28
N SER B 531 1.27 14.24 26.47
CA SER B 531 2.59 13.96 27.09
C SER B 531 2.75 12.50 27.54
N LEU B 532 1.73 11.92 28.18
CA LEU B 532 1.83 10.56 28.78
C LEU B 532 1.84 9.44 27.72
N PRO B 533 2.56 8.32 28.00
CA PRO B 533 2.60 7.15 27.12
C PRO B 533 1.49 6.16 27.50
N ILE B 534 1.57 4.91 27.02
CA ILE B 534 0.53 3.88 27.34
C ILE B 534 -0.85 4.47 26.99
N GLU B 535 -1.04 4.80 25.71
CA GLU B 535 -2.27 5.49 25.22
C GLU B 535 -3.57 4.72 25.49
N ALA B 536 -3.64 3.40 25.29
CA ALA B 536 -4.96 2.81 25.52
C ALA B 536 -5.31 2.79 27.00
N GLY B 537 -6.50 3.27 27.33
CA GLY B 537 -6.96 3.36 28.71
C GLY B 537 -8.35 3.92 28.79
N ARG B 538 -8.77 4.20 30.03
CA ARG B 538 -10.09 4.74 30.33
C ARG B 538 -9.87 5.93 31.25
N TRP B 539 -10.84 6.85 31.35
CA TRP B 539 -10.61 8.06 32.14
C TRP B 539 -11.51 8.20 33.36
N LEU B 540 -12.41 7.24 33.61
CA LEU B 540 -13.12 7.09 34.87
C LEU B 540 -13.98 8.27 35.34
N SER B 541 -15.10 8.55 34.67
CA SER B 541 -16.10 9.46 35.21
C SER B 541 -17.15 8.67 35.97
N LEU B 542 -18.00 9.38 36.70
CA LEU B 542 -19.07 8.74 37.46
C LEU B 542 -20.29 8.59 36.58
N TYR B 543 -21.07 7.54 36.80
CA TYR B 543 -22.31 7.32 36.07
C TYR B 543 -23.46 7.78 36.95
N ALA B 544 -24.11 8.87 36.55
CA ALA B 544 -25.17 9.50 37.35
C ALA B 544 -26.52 9.25 36.68
N GLN B 545 -27.14 8.11 36.98
CA GLN B 545 -28.49 7.82 36.50
C GLN B 545 -29.15 6.80 37.43
N SER B 546 -29.88 7.30 38.43
CA SER B 546 -31.00 6.65 39.13
C SER B 546 -30.81 5.21 39.60
N ASN B 547 -29.63 4.85 40.12
CA ASN B 547 -29.43 3.51 40.66
C ASN B 547 -29.84 3.42 42.13
N ASN B 548 -31.13 3.16 42.35
CA ASN B 548 -31.68 2.98 43.70
C ASN B 548 -31.73 1.53 44.13
N ASN B 549 -31.14 0.62 43.36
CA ASN B 549 -31.34 -0.81 43.58
C ASN B 549 -30.23 -1.57 42.86
N LEU B 550 -29.98 -2.81 43.28
CA LEU B 550 -29.07 -3.67 42.54
C LEU B 550 -29.64 -4.03 41.17
N SER B 551 -30.95 -4.19 41.09
CA SER B 551 -31.60 -4.40 39.80
C SER B 551 -31.46 -3.17 38.91
N ASP B 552 -31.33 -1.99 39.51
CA ASP B 552 -30.98 -0.79 38.76
C ASP B 552 -29.51 -0.81 38.37
N LEU B 553 -28.65 -1.38 39.22
CA LEU B 553 -27.24 -1.50 38.89
C LEU B 553 -27.02 -2.51 37.77
N LEU B 554 -27.63 -3.69 37.90
CA LEU B 554 -27.38 -4.77 36.95
C LEU B 554 -28.01 -4.49 35.59
N ALA B 555 -29.02 -3.62 35.55
CA ALA B 555 -29.58 -3.20 34.27
C ALA B 555 -28.58 -2.35 33.50
N ALA B 556 -27.77 -1.56 34.22
CA ALA B 556 -26.72 -0.81 33.57
C ALA B 556 -25.53 -1.70 33.23
N MET B 557 -25.35 -2.80 33.99
CA MET B 557 -24.19 -3.65 33.78
C MET B 557 -24.38 -4.55 32.57
N THR B 558 -25.61 -4.95 32.27
CA THR B 558 -25.84 -5.87 31.15
C THR B 558 -25.88 -5.12 29.82
N GLU B 559 -26.12 -3.82 29.86
CA GLU B 559 -26.07 -3.02 28.64
C GLU B 559 -24.63 -2.82 28.18
N ASP B 560 -23.78 -2.30 29.06
CA ASP B 560 -22.36 -2.17 28.81
C ASP B 560 -21.62 -3.00 29.85
N HIS B 561 -20.84 -3.98 29.38
CA HIS B 561 -20.29 -4.98 30.29
C HIS B 561 -19.15 -4.41 31.13
N GLN B 562 -18.43 -3.42 30.62
CA GLN B 562 -17.31 -2.81 31.32
C GLN B 562 -17.71 -1.55 32.05
N LEU B 563 -18.41 -1.67 33.17
CA LEU B 563 -19.07 -0.51 33.75
C LEU B 563 -18.70 -0.33 35.21
N MET B 564 -18.16 -1.37 35.84
CA MET B 564 -17.21 -1.23 36.95
C MET B 564 -17.69 -0.51 38.21
N ALA B 565 -18.61 -1.12 38.95
CA ALA B 565 -19.07 -0.58 40.22
C ALA B 565 -17.95 -0.68 41.25
N SER B 566 -17.92 0.28 42.18
CA SER B 566 -16.92 0.32 43.24
C SER B 566 -17.48 1.12 44.41
N CYS B 567 -16.63 1.39 45.39
CA CYS B 567 -16.97 2.22 46.53
C CYS B 567 -16.54 3.65 46.23
N VAL B 568 -17.44 4.60 46.45
CA VAL B 568 -17.19 5.97 46.03
C VAL B 568 -17.05 6.89 47.23
N GLY B 569 -17.78 6.63 48.31
CA GLY B 569 -17.63 7.45 49.48
C GLY B 569 -18.06 6.72 50.74
N TYR B 570 -18.35 7.50 51.77
CA TYR B 570 -18.77 6.98 53.07
C TYR B 570 -20.04 7.66 53.53
N HIS B 571 -20.91 6.91 54.20
CA HIS B 571 -22.21 7.39 54.67
C HIS B 571 -22.30 7.17 56.18
N LEU B 572 -22.43 8.26 56.93
CA LEU B 572 -22.28 8.21 58.38
C LEU B 572 -23.48 7.54 59.04
N LEU B 573 -23.26 6.89 60.17
CA LEU B 573 -24.37 6.36 60.96
C LEU B 573 -24.67 7.28 62.13
N GLU B 574 -23.70 8.09 62.53
CA GLU B 574 -23.80 8.97 63.68
C GLU B 574 -22.78 10.09 63.54
N GLU B 575 -23.11 11.26 64.09
CA GLU B 575 -22.27 12.43 63.94
C GLU B 575 -21.00 12.26 64.77
N PRO B 576 -19.87 12.80 64.30
CA PRO B 576 -18.59 12.52 64.97
C PRO B 576 -18.50 13.13 66.36
N LYS B 577 -17.93 12.36 67.28
CA LYS B 577 -17.82 12.72 68.68
C LYS B 577 -16.39 12.49 69.13
N ASP B 578 -16.14 12.75 70.41
CA ASP B 578 -14.82 12.50 70.97
C ASP B 578 -14.78 11.12 71.62
N LYS B 579 -13.85 10.30 71.13
CA LYS B 579 -13.62 8.95 71.61
C LYS B 579 -12.29 8.94 72.36
N PRO B 580 -12.10 8.00 73.30
CA PRO B 580 -10.83 7.98 74.04
C PRO B 580 -9.63 7.55 73.20
N ASN B 581 -9.81 6.71 72.20
CA ASN B 581 -8.76 6.39 71.25
C ASN B 581 -9.31 6.46 69.84
N SER B 582 -8.84 7.44 69.07
CA SER B 582 -9.10 7.56 67.65
C SER B 582 -7.72 7.77 67.06
N LEU B 583 -7.57 7.38 65.78
CA LEU B 583 -6.31 7.02 65.08
C LEU B 583 -5.23 8.06 65.40
N ARG B 584 -5.49 9.34 65.15
CA ARG B 584 -4.49 10.39 65.26
C ARG B 584 -5.09 11.64 65.90
N GLY B 585 -5.96 11.40 66.88
CA GLY B 585 -6.53 12.46 67.67
C GLY B 585 -7.51 13.33 66.93
N TYR B 586 -8.58 12.75 66.41
CA TYR B 586 -9.65 13.50 65.78
C TYR B 586 -10.99 12.97 66.25
N LYS B 587 -12.04 13.62 65.77
CA LYS B 587 -13.39 13.17 66.07
C LYS B 587 -13.72 11.93 65.25
N HIS B 588 -14.36 10.96 65.88
CA HIS B 588 -14.61 9.66 65.28
C HIS B 588 -16.09 9.47 65.01
N ALA B 589 -16.41 8.95 63.83
CA ALA B 589 -17.75 8.53 63.47
C ALA B 589 -17.69 7.14 62.88
N ILE B 590 -18.86 6.52 62.72
CA ILE B 590 -18.96 5.20 62.11
C ILE B 590 -19.73 5.34 60.81
N ALA B 591 -19.10 4.96 59.71
CA ALA B 591 -19.63 5.20 58.38
C ALA B 591 -19.89 3.87 57.67
N GLU B 592 -20.44 3.96 56.46
CA GLU B 592 -20.70 2.81 55.61
C GLU B 592 -20.41 3.16 54.16
N CYS B 593 -20.10 2.14 53.37
CA CYS B 593 -19.67 2.33 52.00
C CYS B 593 -20.83 2.76 51.10
N ILE B 594 -20.53 3.65 50.17
CA ILE B 594 -21.48 4.11 49.16
C ILE B 594 -21.02 3.59 47.81
N ILE B 595 -21.92 2.92 47.09
CA ILE B 595 -21.60 2.25 45.84
C ILE B 595 -22.09 3.10 44.68
N GLY B 596 -21.20 3.40 43.76
CA GLY B 596 -21.57 4.11 42.55
C GLY B 596 -20.97 3.45 41.32
N LEU B 597 -21.60 3.68 40.19
CA LEU B 597 -21.12 3.15 38.92
C LEU B 597 -20.12 4.13 38.29
N ILE B 598 -19.12 3.57 37.63
CA ILE B 598 -17.98 4.34 37.15
C ILE B 598 -17.84 4.18 35.65
N ASN B 599 -18.05 5.27 34.92
CA ASN B 599 -17.97 5.27 33.47
C ASN B 599 -16.53 5.34 33.00
N SER B 600 -16.40 5.60 31.70
CA SER B 600 -15.11 5.79 31.05
C SER B 600 -15.31 6.69 29.84
N ILE B 601 -14.38 7.62 29.65
CA ILE B 601 -14.50 8.65 28.62
C ILE B 601 -13.37 8.46 27.63
N THR B 602 -13.69 8.56 26.33
CA THR B 602 -12.66 8.45 25.31
C THR B 602 -11.77 9.69 25.28
N PHE B 603 -12.31 10.83 25.73
CA PHE B 603 -11.69 12.16 25.64
C PHE B 603 -11.28 12.52 24.21
N ASP B 608 -16.56 19.25 29.28
CA ASP B 608 -15.67 18.10 29.19
C ASP B 608 -14.73 17.84 30.41
N PRO B 609 -13.94 18.82 30.90
CA PRO B 609 -12.96 18.44 31.94
C PRO B 609 -13.57 18.23 33.31
N ASN B 610 -14.72 18.84 33.60
CA ASN B 610 -15.30 18.70 34.93
C ASN B 610 -15.94 17.33 35.12
N THR B 611 -16.16 16.59 34.04
CA THR B 611 -16.62 15.22 34.16
C THR B 611 -15.51 14.30 34.62
N ILE B 612 -14.26 14.69 34.38
CA ILE B 612 -13.13 13.80 34.64
C ILE B 612 -12.54 14.04 36.02
N PHE B 613 -12.38 15.31 36.41
CA PHE B 613 -11.62 15.60 37.61
C PHE B 613 -12.44 15.35 38.87
N TRP B 614 -11.93 14.41 39.69
CA TRP B 614 -12.53 13.95 40.92
C TRP B 614 -12.06 14.81 42.08
N SER B 615 -12.94 15.00 43.06
CA SER B 615 -12.57 15.70 44.28
C SER B 615 -13.49 15.25 45.40
N LEU B 616 -13.07 15.48 46.63
CA LEU B 616 -13.78 15.03 47.83
C LEU B 616 -14.70 16.16 48.29
N LYS B 617 -16.00 15.87 48.32
CA LYS B 617 -16.97 16.82 48.84
C LYS B 617 -17.37 16.42 50.25
N ASN B 618 -17.60 17.42 51.10
CA ASN B 618 -17.97 17.22 52.49
C ASN B 618 -19.38 17.73 52.72
N TYR B 619 -20.26 16.82 53.13
CA TYR B 619 -21.60 17.16 53.58
C TYR B 619 -21.72 16.74 55.03
N GLN B 620 -22.73 17.26 55.74
CA GLN B 620 -22.84 16.85 57.16
C GLN B 620 -23.14 15.35 57.28
N ASN B 621 -24.11 14.86 56.51
CA ASN B 621 -24.53 13.43 56.54
C ASN B 621 -23.50 12.46 55.93
N TYR B 622 -22.91 12.81 54.77
CA TYR B 622 -22.02 11.83 54.09
C TYR B 622 -20.83 12.51 53.39
N LEU B 623 -19.84 11.69 53.01
CA LEU B 623 -18.62 12.11 52.33
C LEU B 623 -18.47 11.29 51.06
N VAL B 624 -18.37 11.96 49.91
CA VAL B 624 -18.25 11.28 48.61
C VAL B 624 -17.22 12.00 47.75
N VAL B 625 -16.34 11.20 47.14
CA VAL B 625 -15.45 11.65 46.07
C VAL B 625 -16.28 11.73 44.79
N GLN B 626 -16.61 12.93 44.36
CA GLN B 626 -17.41 13.18 43.17
C GLN B 626 -16.53 13.77 42.09
N PRO B 627 -16.95 13.67 40.83
CA PRO B 627 -16.38 14.55 39.82
C PRO B 627 -16.84 15.98 40.02
N ARG B 628 -16.13 16.91 39.38
CA ARG B 628 -16.38 18.33 39.60
C ARG B 628 -17.66 18.79 38.92
N SER B 629 -18.07 18.10 37.86
CA SER B 629 -19.31 18.48 37.17
C SER B 629 -20.54 18.13 38.01
N ILE B 630 -20.56 16.95 38.60
CA ILE B 630 -21.69 16.52 39.41
C ILE B 630 -21.71 17.25 40.74
N MET C 1 8.20 93.14 6.45
CA MET C 1 9.56 93.25 5.97
C MET C 1 9.58 93.57 4.47
N PHE C 2 10.37 94.57 4.09
CA PHE C 2 10.47 95.02 2.71
C PHE C 2 11.95 95.18 2.38
N LEU C 3 12.38 94.52 1.31
CA LEU C 3 13.81 94.41 0.99
C LEU C 3 14.09 94.94 -0.40
N GLN C 4 15.38 95.00 -0.74
CA GLN C 4 15.84 95.47 -2.04
C GLN C 4 16.74 94.41 -2.66
N ARG C 5 16.47 94.06 -3.90
CA ARG C 5 17.32 93.09 -4.58
C ARG C 5 18.65 93.72 -4.98
N PRO C 6 19.78 93.08 -4.69
CA PRO C 6 21.06 93.56 -5.21
C PRO C 6 21.25 93.23 -6.69
N LYS C 7 22.46 93.48 -7.21
CA LYS C 7 22.78 93.18 -8.60
C LYS C 7 22.70 91.68 -8.84
N PRO C 8 21.83 91.21 -9.72
CA PRO C 8 21.64 89.76 -9.88
C PRO C 8 22.71 89.14 -10.75
N TYR C 9 23.07 87.90 -10.40
CA TYR C 9 24.05 87.14 -11.14
C TYR C 9 23.63 85.67 -11.15
N SER C 10 23.59 85.07 -12.33
CA SER C 10 23.10 83.71 -12.49
C SER C 10 24.11 82.65 -12.07
N ASP C 11 25.33 83.04 -11.71
CA ASP C 11 26.32 82.10 -11.20
C ASP C 11 26.60 82.24 -9.71
N GLU C 12 25.93 83.17 -9.04
CA GLU C 12 26.12 83.36 -7.61
C GLU C 12 25.49 82.22 -6.84
N SER C 13 26.18 81.75 -5.80
CA SER C 13 25.63 80.71 -4.95
C SER C 13 24.54 81.28 -4.04
N LEU C 14 23.84 80.37 -3.34
CA LEU C 14 22.75 80.81 -2.47
C LEU C 14 23.29 81.45 -1.20
N GLU C 15 24.39 80.91 -0.66
CA GLU C 15 24.98 81.47 0.56
C GLU C 15 25.63 82.82 0.29
N SER C 16 26.07 83.07 -0.93
CA SER C 16 26.61 84.38 -1.28
C SER C 16 25.51 85.39 -1.59
N PHE C 17 24.28 84.93 -1.80
CA PHE C 17 23.19 85.86 -2.10
C PHE C 17 22.61 86.48 -0.85
N PHE C 18 22.42 85.70 0.21
CA PHE C 18 21.88 86.23 1.46
C PHE C 18 22.84 87.19 2.15
N ILE C 19 24.14 87.07 1.90
CA ILE C 19 25.08 88.04 2.45
C ILE C 19 24.93 89.38 1.74
N ARG C 20 24.71 89.36 0.43
CA ARG C 20 24.55 90.60 -0.33
C ARG C 20 23.20 91.25 -0.12
N VAL C 21 22.15 90.49 0.21
CA VAL C 21 20.87 91.10 0.54
C VAL C 21 20.94 91.77 1.91
N ALA C 22 21.64 91.13 2.86
CA ALA C 22 21.75 91.68 4.20
C ALA C 22 22.64 92.92 4.23
N ASN C 23 23.69 92.94 3.40
CA ASN C 23 24.57 94.10 3.37
C ASN C 23 23.94 95.28 2.66
N LYS C 24 23.05 95.02 1.70
CA LYS C 24 22.38 96.12 1.01
C LYS C 24 21.26 96.71 1.86
N ASN C 25 20.57 95.87 2.61
CA ASN C 25 19.43 96.30 3.43
C ASN C 25 19.83 96.69 4.85
N GLY C 26 21.12 96.89 5.10
CA GLY C 26 21.56 97.48 6.35
C GLY C 26 21.51 96.60 7.57
N TYR C 27 21.55 95.28 7.40
CA TYR C 27 21.64 94.39 8.55
C TYR C 27 23.10 94.26 8.98
N GLY C 28 23.30 93.66 10.15
CA GLY C 28 24.62 93.51 10.70
C GLY C 28 25.42 92.40 10.07
N ASP C 29 24.81 91.22 9.95
CA ASP C 29 25.45 90.08 9.33
C ASP C 29 24.36 89.25 8.66
N VAL C 30 24.68 88.01 8.30
CA VAL C 30 23.67 87.12 7.74
C VAL C 30 22.96 86.33 8.84
N HIS C 31 23.51 86.31 10.06
CA HIS C 31 22.86 85.62 11.16
C HIS C 31 21.65 86.40 11.65
N ARG C 32 21.74 87.73 11.67
CA ARG C 32 20.61 88.54 12.08
C ARG C 32 19.63 88.77 10.94
N PHE C 33 19.98 88.43 9.71
CA PHE C 33 19.06 88.54 8.60
C PHE C 33 18.19 87.30 8.45
N LEU C 34 18.77 86.11 8.58
CA LEU C 34 17.97 84.88 8.54
C LEU C 34 17.07 84.78 9.75
N GLU C 35 17.49 85.34 10.89
CA GLU C 35 16.68 85.31 12.09
C GLU C 35 15.52 86.30 11.98
N ALA C 36 15.71 87.40 11.26
CA ALA C 36 14.62 88.31 10.94
C ALA C 36 13.75 87.76 9.82
N THR C 37 14.29 86.90 8.97
CA THR C 37 13.51 86.28 7.92
C THR C 37 12.59 85.21 8.48
N LYS C 38 13.07 84.45 9.47
CA LYS C 38 12.23 83.49 10.18
C LYS C 38 11.09 84.17 10.92
N ARG C 39 11.33 85.39 11.40
CA ARG C 39 10.28 86.16 12.06
C ARG C 39 9.21 86.60 11.09
N PHE C 40 9.55 86.85 9.82
CA PHE C 40 8.55 87.24 8.85
C PHE C 40 7.69 86.05 8.43
N LEU C 41 8.30 84.88 8.29
CA LEU C 41 7.56 83.69 7.88
C LEU C 41 6.60 83.23 8.97
N GLN C 42 6.88 83.57 10.22
CA GLN C 42 5.94 83.29 11.30
C GLN C 42 4.73 84.21 11.22
N ASP C 43 4.93 85.46 10.79
CA ASP C 43 3.88 86.45 10.83
C ASP C 43 2.86 86.30 9.71
N ILE C 44 3.17 85.55 8.66
CA ILE C 44 2.23 85.34 7.56
C ILE C 44 1.75 83.90 7.51
N ASP C 45 1.93 83.15 8.62
CA ASP C 45 1.40 81.81 8.84
C ASP C 45 1.92 80.82 7.78
N HIS C 46 3.23 80.63 7.79
CA HIS C 46 3.87 79.59 6.99
C HIS C 46 3.95 78.32 7.83
N ASN C 47 3.76 77.17 7.18
CA ASN C 47 3.67 75.91 7.92
C ASN C 47 5.01 75.47 8.49
N GLY C 48 6.11 75.79 7.81
CA GLY C 48 7.42 75.38 8.27
C GLY C 48 8.32 76.54 8.62
N TYR C 49 7.79 77.54 9.33
CA TYR C 49 8.62 78.66 9.74
C TYR C 49 9.64 78.25 10.78
N GLN C 50 9.31 77.28 11.63
CA GLN C 50 10.16 76.91 12.75
C GLN C 50 11.35 76.07 12.31
N THR C 51 11.35 75.57 11.08
CA THR C 51 12.49 74.82 10.55
C THR C 51 13.41 75.68 9.69
N PHE C 52 13.11 76.96 9.55
CA PHE C 52 13.97 77.85 8.79
C PHE C 52 15.23 78.14 9.60
N PRO C 53 16.42 77.85 9.09
CA PRO C 53 17.62 77.91 9.92
C PRO C 53 18.15 79.32 10.08
N THR C 54 18.83 79.53 11.21
CA THR C 54 19.59 80.75 11.41
C THR C 54 21.06 80.58 11.06
N ASP C 55 21.46 79.39 10.60
CA ASP C 55 22.81 79.12 10.17
C ASP C 55 22.90 79.22 8.66
N ILE C 56 23.92 79.92 8.17
CA ILE C 56 24.10 80.08 6.73
C ILE C 56 24.67 78.79 6.12
N THR C 57 25.22 77.90 6.93
CA THR C 57 25.74 76.63 6.42
C THR C 57 24.61 75.72 5.96
N ARG C 58 23.50 75.69 6.70
CA ARG C 58 22.39 74.78 6.41
C ARG C 58 21.23 75.49 5.73
N ILE C 59 21.50 76.52 4.94
CA ILE C 59 20.43 77.24 4.27
C ILE C 59 19.94 76.51 3.02
N ASN C 60 20.76 75.61 2.46
CA ASN C 60 20.40 74.89 1.26
C ASN C 60 19.39 73.78 1.55
N PRO C 61 18.49 73.48 0.61
CA PRO C 61 17.44 72.49 0.88
C PRO C 61 17.92 71.05 0.98
N TYR C 62 19.15 70.72 0.61
CA TYR C 62 19.63 69.36 0.87
C TYR C 62 19.99 69.18 2.34
N SER C 63 20.22 70.26 3.06
CA SER C 63 20.53 70.17 4.48
C SER C 63 19.29 69.91 5.32
N ALA C 64 18.12 70.33 4.84
CA ALA C 64 16.88 70.05 5.54
C ALA C 64 16.54 68.57 5.45
N LYS C 65 16.16 67.98 6.59
CA LYS C 65 15.93 66.55 6.63
C LYS C 65 14.52 66.18 6.14
N ASN C 66 13.50 66.62 6.86
CA ASN C 66 12.12 66.42 6.45
C ASN C 66 11.46 67.68 5.93
N SER C 67 12.00 68.85 6.25
CA SER C 67 11.42 70.13 5.89
C SER C 67 11.96 70.67 4.57
N SER C 68 12.39 69.79 3.68
CA SER C 68 12.89 70.25 2.39
C SER C 68 11.76 70.75 1.50
N SER C 69 10.54 70.22 1.67
CA SER C 69 9.40 70.75 0.94
C SER C 69 8.91 72.06 1.54
N ALA C 70 9.09 72.25 2.84
CA ALA C 70 8.75 73.53 3.46
C ALA C 70 9.81 74.58 3.23
N ARG C 71 11.05 74.17 2.96
CA ARG C 71 12.12 75.14 2.71
C ARG C 71 11.94 75.83 1.36
N THR C 72 11.58 75.05 0.33
CA THR C 72 11.37 75.63 -0.98
C THR C 72 10.04 76.38 -1.08
N ALA C 73 9.07 76.04 -0.24
CA ALA C 73 7.90 76.90 -0.11
C ALA C 73 8.25 78.20 0.60
N SER C 74 9.22 78.15 1.51
CA SER C 74 9.68 79.36 2.17
C SER C 74 10.47 80.24 1.19
N PHE C 75 11.28 79.61 0.34
CA PHE C 75 12.04 80.36 -0.65
C PHE C 75 11.15 80.96 -1.73
N LEU C 76 10.05 80.29 -2.06
CA LEU C 76 9.13 80.80 -3.06
C LEU C 76 8.25 81.91 -2.49
N LYS C 77 8.05 81.91 -1.17
CA LYS C 77 7.24 82.95 -0.53
C LYS C 77 8.01 84.26 -0.45
N LEU C 78 9.32 84.20 -0.22
CA LEU C 78 10.11 85.41 -0.03
C LEU C 78 10.32 86.16 -1.34
N ALA C 79 10.46 85.43 -2.45
CA ALA C 79 10.73 86.07 -3.73
C ALA C 79 9.51 86.76 -4.31
N GLN C 80 8.31 86.40 -3.85
CA GLN C 80 7.09 86.98 -4.40
C GLN C 80 6.61 88.20 -3.64
N LEU C 81 7.04 88.40 -2.38
CA LEU C 81 6.39 89.39 -1.53
C LEU C 81 7.36 90.45 -1.01
N THR C 82 8.52 90.06 -0.51
CA THR C 82 9.38 90.95 0.27
C THR C 82 10.28 91.83 -0.58
N PHE C 83 10.17 91.77 -1.91
CA PHE C 83 11.07 92.52 -2.77
C PHE C 83 10.29 93.46 -3.67
N ASN C 84 10.96 94.54 -4.07
CA ASN C 84 10.34 95.49 -5.01
C ASN C 84 10.20 94.87 -6.40
N GLU C 85 11.18 94.08 -6.82
CA GLU C 85 11.12 93.34 -8.07
C GLU C 85 11.51 91.91 -7.73
N PRO C 86 10.76 90.91 -8.20
CA PRO C 86 10.96 89.52 -7.74
C PRO C 86 12.29 88.96 -8.20
N PRO C 87 13.09 88.45 -7.26
CA PRO C 87 14.39 87.88 -7.61
C PRO C 87 14.29 86.45 -8.11
N GLU C 88 15.43 85.82 -8.36
CA GLU C 88 15.49 84.39 -8.65
C GLU C 88 16.31 83.73 -7.55
N LEU C 89 15.63 83.03 -6.66
CA LEU C 89 16.27 82.40 -5.51
C LEU C 89 16.15 80.89 -5.50
N LEU C 90 15.10 80.32 -6.11
CA LEU C 90 15.04 78.87 -6.27
C LEU C 90 16.06 78.37 -7.26
N GLY C 91 16.46 79.20 -8.23
CA GLY C 91 17.45 78.83 -9.21
C GLY C 91 18.88 78.80 -8.71
N LEU C 92 19.12 79.21 -7.48
CA LEU C 92 20.45 79.23 -6.91
C LEU C 92 20.64 78.17 -5.83
N ALA C 93 19.60 77.47 -5.45
CA ALA C 93 19.65 76.49 -4.37
C ALA C 93 20.04 75.12 -4.90
N ILE C 94 20.54 74.29 -4.00
CA ILE C 94 21.01 72.94 -4.32
C ILE C 94 20.01 71.97 -3.72
N ASN C 95 19.11 71.47 -4.56
CA ASN C 95 18.05 70.56 -4.15
C ASN C 95 18.49 69.11 -4.28
N ARG C 96 17.89 68.24 -3.48
CA ARG C 96 18.05 66.82 -3.68
C ARG C 96 17.20 66.35 -4.85
N THR C 97 17.48 65.15 -5.33
CA THR C 97 16.72 64.57 -6.42
C THR C 97 16.75 63.06 -6.34
N ASN C 98 15.80 62.43 -7.02
CA ASN C 98 15.69 60.97 -7.07
C ASN C 98 16.59 60.35 -8.12
N MET C 99 17.37 61.15 -8.86
CA MET C 99 18.24 60.61 -9.89
C MET C 99 19.46 59.96 -9.26
N LYS C 100 19.77 58.74 -9.70
CA LYS C 100 20.94 58.02 -9.25
C LYS C 100 21.96 57.96 -10.38
N TYR C 101 23.22 57.81 -10.01
CA TYR C 101 24.26 57.58 -11.00
C TYR C 101 24.67 56.11 -11.00
N SER C 102 25.66 55.80 -11.79
CA SER C 102 26.11 54.42 -11.92
C SER C 102 27.31 54.19 -11.01
N PRO C 103 27.32 53.10 -10.20
CA PRO C 103 26.23 52.13 -10.06
C PRO C 103 25.08 52.55 -9.13
N SER C 104 25.40 53.21 -8.00
CA SER C 104 24.34 53.57 -7.05
C SER C 104 24.56 54.93 -6.39
N THR C 105 25.32 55.83 -7.02
CA THR C 105 25.60 57.12 -6.40
C THR C 105 24.42 58.07 -6.60
N SER C 106 24.01 58.72 -5.52
CA SER C 106 22.91 59.68 -5.57
C SER C 106 23.38 61.00 -6.18
N ALA C 107 22.46 61.96 -6.29
CA ALA C 107 22.74 63.17 -7.02
C ALA C 107 21.97 64.35 -6.41
N VAL C 108 22.43 65.56 -6.74
CA VAL C 108 21.74 66.80 -6.38
C VAL C 108 21.58 67.65 -7.63
N VAL C 109 20.70 68.63 -7.55
CA VAL C 109 20.30 69.43 -8.70
C VAL C 109 20.29 70.91 -8.30
N ARG C 110 20.80 71.76 -9.19
CA ARG C 110 20.83 73.21 -9.01
C ARG C 110 20.32 73.86 -10.30
N GLY C 111 19.03 74.16 -10.34
CA GLY C 111 18.45 74.81 -11.51
C GLY C 111 18.36 73.90 -12.73
N ALA C 112 19.18 74.17 -13.73
CA ALA C 112 19.21 73.39 -14.96
C ALA C 112 20.45 72.51 -15.05
N GLU C 113 20.89 71.96 -13.93
CA GLU C 113 22.13 71.20 -13.88
C GLU C 113 22.06 70.21 -12.73
N VAL C 114 22.50 68.98 -12.99
CA VAL C 114 22.49 67.90 -11.99
C VAL C 114 23.92 67.55 -11.66
N PHE C 115 24.24 67.53 -10.36
CA PHE C 115 25.56 67.27 -9.84
C PHE C 115 25.62 65.91 -9.16
N PRO C 116 26.78 65.26 -9.15
CA PRO C 116 26.95 64.08 -8.29
C PRO C 116 27.00 64.47 -6.82
N ARG C 117 26.40 63.62 -5.98
CA ARG C 117 26.34 63.90 -4.55
C ARG C 117 27.71 63.72 -3.89
N SER C 118 28.49 62.76 -4.37
CA SER C 118 29.79 62.46 -3.76
C SER C 118 30.82 63.54 -4.06
N LEU C 119 30.61 64.34 -5.10
CA LEU C 119 31.52 65.43 -5.42
C LEU C 119 31.12 66.75 -4.77
N LEU C 120 30.13 66.73 -3.89
CA LEU C 120 29.73 67.92 -3.16
C LEU C 120 30.65 68.13 -1.95
N ARG C 121 31.18 69.34 -1.83
CA ARG C 121 32.08 69.64 -0.72
C ARG C 121 31.29 69.88 0.56
N THR C 122 31.77 69.31 1.65
CA THR C 122 31.09 69.40 2.94
C THR C 122 31.98 69.80 4.10
N HIS C 123 33.31 69.82 3.92
CA HIS C 123 34.21 70.13 5.03
C HIS C 123 34.58 71.62 5.05
N SER C 124 35.20 72.09 3.97
CA SER C 124 35.63 73.47 3.88
C SER C 124 35.56 73.91 2.43
N ILE C 125 34.97 75.07 2.19
CA ILE C 125 34.72 75.57 0.84
C ILE C 125 35.89 76.46 0.43
N PRO C 126 36.65 76.11 -0.60
CA PRO C 126 37.70 77.00 -1.09
C PRO C 126 37.11 78.20 -1.81
N CYS C 127 37.98 79.17 -2.07
CA CYS C 127 37.54 80.42 -2.67
C CYS C 127 38.67 81.02 -3.48
N CYS C 128 38.32 81.99 -4.32
CA CYS C 128 39.28 82.78 -5.07
C CYS C 128 39.16 84.23 -4.63
N PRO C 129 40.17 84.81 -3.98
CA PRO C 129 40.04 86.18 -3.48
C PRO C 129 40.06 87.25 -4.57
N LEU C 130 40.49 86.90 -5.79
CA LEU C 130 40.45 87.88 -6.88
C LEU C 130 39.03 88.07 -7.38
N CYS C 131 38.23 87.00 -7.39
CA CYS C 131 36.82 87.14 -7.77
C CYS C 131 36.01 87.82 -6.68
N LEU C 132 36.44 87.71 -5.42
CA LEU C 132 35.74 88.35 -4.32
C LEU C 132 35.90 89.86 -4.32
N ARG C 133 36.98 90.37 -4.92
CA ARG C 133 37.23 91.81 -4.95
C ARG C 133 36.98 92.43 -6.32
N GLU C 134 36.61 91.65 -7.32
CA GLU C 134 36.22 92.16 -8.62
C GLU C 134 34.74 91.95 -8.89
N ASN C 135 34.26 90.71 -8.77
CA ASN C 135 32.85 90.43 -8.97
C ASN C 135 32.02 90.86 -7.78
N GLY C 136 32.54 90.69 -6.57
CA GLY C 136 31.83 91.06 -5.37
C GLY C 136 30.95 89.98 -4.78
N TYR C 137 31.06 88.74 -5.25
CA TYR C 137 30.26 87.64 -4.74
C TYR C 137 31.04 86.35 -4.90
N ALA C 138 30.39 85.23 -4.63
CA ALA C 138 30.98 83.91 -4.75
C ALA C 138 30.18 83.07 -5.73
N SER C 139 30.86 82.13 -6.37
CA SER C 139 30.24 81.26 -7.35
C SER C 139 29.91 79.90 -6.76
N TYR C 140 28.99 79.19 -7.41
CA TYR C 140 28.56 77.89 -6.95
C TYR C 140 29.58 76.80 -7.24
N LEU C 141 30.53 77.06 -8.14
CA LEU C 141 31.52 76.05 -8.52
C LEU C 141 32.51 75.75 -7.42
N TRP C 142 32.59 76.60 -6.39
CA TRP C 142 33.51 76.40 -5.28
C TRP C 142 33.02 75.34 -4.31
N HIS C 143 31.78 74.88 -4.46
CA HIS C 143 31.18 73.86 -3.61
C HIS C 143 31.37 72.45 -4.13
N PHE C 144 32.08 72.27 -5.23
CA PHE C 144 32.19 70.95 -5.86
C PHE C 144 33.64 70.60 -6.11
N GLN C 145 33.97 69.33 -5.89
CA GLN C 145 35.32 68.85 -6.06
C GLN C 145 35.66 68.70 -7.54
N GLY C 146 36.95 68.86 -7.85
CA GLY C 146 37.39 68.83 -9.23
C GLY C 146 37.67 70.22 -9.77
N TYR C 147 36.81 71.17 -9.41
CA TYR C 147 37.03 72.57 -9.79
C TYR C 147 38.10 73.13 -8.86
N GLU C 148 39.35 73.03 -9.29
CA GLU C 148 40.47 73.38 -8.44
C GLU C 148 41.10 74.72 -8.78
N TYR C 149 41.06 75.14 -10.04
CA TYR C 149 41.59 76.43 -10.43
C TYR C 149 40.46 77.35 -10.87
N CYS C 150 40.73 78.65 -10.87
CA CYS C 150 39.77 79.61 -11.40
C CYS C 150 39.77 79.55 -12.92
N HIS C 151 38.58 79.54 -13.50
CA HIS C 151 38.44 79.45 -14.95
C HIS C 151 38.62 80.79 -15.65
N SER C 152 38.79 81.88 -14.90
CA SER C 152 39.02 83.18 -15.49
C SER C 152 40.27 83.89 -14.99
N HIS C 153 40.88 83.41 -13.90
CA HIS C 153 42.11 83.99 -13.40
C HIS C 153 43.28 83.02 -13.38
N ASN C 154 43.02 81.71 -13.54
CA ASN C 154 44.04 80.65 -13.63
C ASN C 154 44.92 80.59 -12.38
N VAL C 155 44.31 80.84 -11.23
CA VAL C 155 45.00 80.83 -9.95
C VAL C 155 44.41 79.71 -9.10
N PRO C 156 45.21 78.95 -8.35
CA PRO C 156 44.63 77.92 -7.48
C PRO C 156 43.85 78.50 -6.32
N LEU C 157 42.81 77.76 -5.92
CA LEU C 157 41.95 78.18 -4.83
C LEU C 157 42.67 78.02 -3.50
N ILE C 158 42.12 78.67 -2.47
CA ILE C 158 42.74 78.69 -1.15
C ILE C 158 41.77 78.12 -0.13
N THR C 159 42.29 77.29 0.78
CA THR C 159 41.55 76.76 1.91
C THR C 159 42.15 77.16 3.24
N THR C 160 43.31 77.78 3.25
CA THR C 160 44.04 78.09 4.47
C THR C 160 44.80 79.39 4.26
N CYS C 161 44.72 80.30 5.25
CA CYS C 161 45.46 81.55 5.19
C CYS C 161 46.94 81.30 5.51
N SER C 162 47.71 82.39 5.52
CA SER C 162 49.14 82.28 5.81
C SER C 162 49.42 82.02 7.28
N CYS C 163 48.45 82.31 8.16
CA CYS C 163 48.60 82.06 9.59
C CYS C 163 48.02 80.72 10.02
N GLY C 164 47.83 79.79 9.08
CA GLY C 164 47.34 78.46 9.41
C GLY C 164 45.84 78.34 9.55
N LYS C 165 45.11 79.44 9.58
CA LYS C 165 43.67 79.40 9.76
C LYS C 165 42.97 79.24 8.41
N GLU C 166 41.86 78.51 8.42
CA GLU C 166 41.06 78.37 7.22
C GLU C 166 40.25 79.64 6.99
N PHE C 167 39.79 79.79 5.75
CA PHE C 167 38.96 80.93 5.36
C PHE C 167 37.71 80.40 4.68
N ASP C 168 36.57 80.48 5.38
CA ASP C 168 35.27 80.14 4.82
C ASP C 168 34.48 81.43 4.66
N TYR C 169 34.07 81.73 3.43
CA TYR C 169 33.40 82.99 3.16
C TYR C 169 31.99 83.04 3.74
N ARG C 170 31.41 81.89 4.06
CA ARG C 170 30.07 81.87 4.65
C ARG C 170 30.08 82.40 6.07
N VAL C 171 31.20 82.24 6.78
CA VAL C 171 31.32 82.71 8.16
C VAL C 171 32.20 83.96 8.27
N SER C 172 32.95 84.31 7.24
CA SER C 172 33.90 85.41 7.31
C SER C 172 33.63 86.48 6.26
N GLY C 173 32.41 86.55 5.74
CA GLY C 173 32.05 87.59 4.79
C GLY C 173 32.60 87.35 3.40
N LEU C 174 32.34 88.31 2.52
CA LEU C 174 32.72 88.23 1.12
C LEU C 174 33.92 89.10 0.76
N LYS C 175 34.52 89.77 1.74
CA LYS C 175 35.56 90.73 1.43
C LYS C 175 36.90 90.05 1.14
N GLY C 176 37.26 89.04 1.92
CA GLY C 176 38.53 88.36 1.73
C GLY C 176 39.50 88.66 2.84
N ILE C 177 38.98 89.05 4.00
CA ILE C 177 39.77 89.38 5.17
C ILE C 177 39.71 88.21 6.14
N CYS C 178 40.87 87.75 6.59
CA CYS C 178 40.94 86.61 7.49
C CYS C 178 40.40 86.97 8.88
N CYS C 179 40.20 85.94 9.70
CA CYS C 179 39.61 86.15 11.02
C CYS C 179 40.68 86.34 12.10
N LYS C 180 41.76 85.58 12.06
CA LYS C 180 42.78 85.68 13.09
C LYS C 180 43.68 86.88 12.87
N CYS C 181 44.31 86.96 11.70
CA CYS C 181 45.28 88.01 11.42
C CYS C 181 44.67 89.28 10.83
N LYS C 182 43.36 89.26 10.53
CA LYS C 182 42.56 90.28 9.83
C LYS C 182 43.29 90.92 8.64
N GLU C 183 43.97 90.09 7.85
CA GLU C 183 44.69 90.51 6.66
C GLU C 183 44.14 89.79 5.44
N PRO C 184 44.30 90.36 4.24
CA PRO C 184 43.99 89.61 3.02
C PRO C 184 44.95 88.42 2.85
N ILE C 185 44.42 87.35 2.29
CA ILE C 185 45.16 86.09 2.21
C ILE C 185 46.09 86.13 1.00
N THR C 186 47.36 85.82 1.21
CA THR C 186 48.31 85.71 0.11
C THR C 186 48.00 84.46 -0.70
N LEU C 187 48.11 84.59 -2.03
CA LEU C 187 47.85 83.49 -2.94
C LEU C 187 48.88 82.38 -2.79
N THR C 188 48.53 81.20 -3.30
CA THR C 188 49.42 80.04 -3.26
C THR C 188 49.92 79.69 -4.66
N GLY C 193 51.54 77.40 -11.73
CA GLY C 193 50.49 77.58 -12.71
C GLY C 193 50.51 76.52 -13.80
N HIS C 194 49.53 75.62 -13.76
CA HIS C 194 49.45 74.52 -14.72
C HIS C 194 48.48 74.87 -15.85
N GLU C 195 48.18 73.88 -16.67
CA GLU C 195 47.31 74.04 -17.83
C GLU C 195 46.19 73.01 -17.88
N ALA C 196 46.47 71.77 -17.48
CA ALA C 196 45.48 70.70 -17.58
C ALA C 196 44.32 70.89 -16.62
N ALA C 197 44.59 71.43 -15.42
CA ALA C 197 43.50 71.76 -14.52
C ALA C 197 42.78 73.03 -14.95
N CYS C 198 43.46 73.90 -15.68
CA CYS C 198 42.81 75.11 -16.20
C CYS C 198 41.82 74.79 -17.30
N THR C 199 42.07 73.73 -18.07
CA THR C 199 41.18 73.38 -19.16
C THR C 199 39.88 72.78 -18.61
N VAL C 200 39.98 71.93 -17.59
CA VAL C 200 38.81 71.29 -17.00
C VAL C 200 37.97 72.32 -16.24
N SER C 201 38.63 73.30 -15.61
CA SER C 201 37.91 74.36 -14.90
C SER C 201 37.15 75.26 -15.88
N ASN C 202 37.73 75.52 -17.05
CA ASN C 202 37.01 76.24 -18.09
C ASN C 202 35.97 75.34 -18.77
N TRP C 203 36.13 74.02 -18.66
CA TRP C 203 35.16 73.10 -19.23
C TRP C 203 33.98 72.88 -18.28
N LEU C 204 34.26 72.74 -16.98
CA LEU C 204 33.19 72.61 -16.00
C LEU C 204 32.41 73.91 -15.81
N ALA C 205 32.99 75.06 -16.18
CA ALA C 205 32.29 76.32 -16.06
C ALA C 205 31.19 76.48 -17.11
N GLY C 206 31.27 75.74 -18.20
CA GLY C 206 30.26 75.80 -19.25
C GLY C 206 30.74 76.34 -20.58
N HIS C 207 32.02 76.66 -20.71
CA HIS C 207 32.56 77.17 -21.95
C HIS C 207 33.16 76.03 -22.77
N GLU C 208 33.45 76.35 -24.04
CA GLU C 208 34.04 75.36 -24.93
C GLU C 208 35.52 75.21 -24.63
N SER C 209 35.92 74.01 -24.23
CA SER C 209 37.31 73.69 -23.94
C SER C 209 37.69 72.49 -24.81
N LYS C 210 38.67 72.67 -25.65
CA LYS C 210 39.13 71.59 -26.51
C LYS C 210 40.30 70.84 -25.85
N PRO C 211 40.44 69.53 -26.07
CA PRO C 211 39.65 68.61 -26.92
C PRO C 211 38.43 68.01 -26.22
N LEU C 212 37.98 68.62 -25.13
CA LEU C 212 36.88 68.06 -24.37
C LEU C 212 35.56 68.29 -25.11
N PRO C 213 34.61 67.36 -25.05
CA PRO C 213 33.43 67.44 -25.90
C PRO C 213 32.43 68.50 -25.44
N ASN C 214 31.71 69.06 -26.41
CA ASN C 214 30.66 70.04 -26.14
C ASN C 214 29.44 69.32 -25.61
N LEU C 215 29.29 69.30 -24.29
CA LEU C 215 28.21 68.62 -23.60
C LEU C 215 27.44 69.62 -22.75
N PRO C 216 26.18 69.31 -22.41
CA PRO C 216 25.49 70.11 -21.39
C PRO C 216 26.15 69.91 -20.03
N LYS C 217 25.89 70.87 -19.14
CA LYS C 217 26.57 70.92 -17.85
C LYS C 217 26.21 69.75 -16.93
N SER C 218 25.03 69.14 -17.12
CA SER C 218 24.68 67.96 -16.34
C SER C 218 25.55 66.77 -16.71
N TYR C 219 26.03 66.72 -17.95
CA TYR C 219 26.80 65.60 -18.45
C TYR C 219 28.30 65.78 -18.26
N ARG C 220 28.77 67.02 -18.14
CA ARG C 220 30.20 67.27 -17.98
C ARG C 220 30.68 66.84 -16.60
N TRP C 221 29.82 66.96 -15.58
CA TRP C 221 30.15 66.42 -14.27
C TRP C 221 30.02 64.91 -14.21
N GLY C 222 29.19 64.33 -15.08
CA GLY C 222 29.08 62.88 -15.13
C GLY C 222 30.32 62.20 -15.66
N LEU C 223 31.04 62.87 -16.57
CA LEU C 223 32.30 62.31 -17.07
C LEU C 223 33.41 62.37 -16.03
N VAL C 224 33.38 63.38 -15.15
CA VAL C 224 34.40 63.50 -14.11
C VAL C 224 34.20 62.43 -13.05
N HIS C 225 32.95 62.15 -12.68
CA HIS C 225 32.66 61.03 -11.78
C HIS C 225 32.98 59.70 -12.43
N TRP C 226 32.76 59.58 -13.74
CA TRP C 226 33.06 58.34 -14.44
C TRP C 226 34.56 58.11 -14.56
N TRP C 227 35.33 59.19 -14.74
CA TRP C 227 36.78 59.06 -14.88
C TRP C 227 37.44 58.69 -13.55
N MET C 228 36.83 59.07 -12.43
CA MET C 228 37.33 58.63 -11.13
C MET C 228 37.05 57.16 -10.87
N GLY C 229 36.05 56.59 -11.54
CA GLY C 229 35.77 55.18 -11.38
C GLY C 229 36.63 54.28 -12.23
N ILE C 230 37.15 54.80 -13.36
CA ILE C 230 37.99 53.99 -14.23
C ILE C 230 39.36 53.79 -13.60
N LYS C 231 40.00 54.88 -13.16
CA LYS C 231 41.29 54.78 -12.51
C LYS C 231 41.20 54.24 -11.09
N ASP C 232 39.98 54.19 -10.52
CA ASP C 232 39.69 53.71 -9.16
C ASP C 232 40.49 54.50 -8.12
N SER C 233 40.52 55.82 -8.29
CA SER C 233 41.28 56.71 -7.44
C SER C 233 40.65 58.09 -7.53
N GLU C 234 41.38 59.10 -7.06
CA GLU C 234 40.93 60.47 -7.20
C GLU C 234 41.12 60.96 -8.63
N PHE C 235 40.61 62.17 -8.89
CA PHE C 235 40.60 62.71 -10.25
C PHE C 235 41.97 63.23 -10.63
N ASP C 236 42.42 62.87 -11.83
CA ASP C 236 43.70 63.31 -12.37
C ASP C 236 43.43 64.21 -13.57
N HIS C 237 43.91 65.45 -13.50
CA HIS C 237 43.65 66.42 -14.56
C HIS C 237 44.48 66.16 -15.81
N PHE C 238 45.64 65.50 -15.68
CA PHE C 238 46.52 65.31 -16.82
C PHE C 238 46.03 64.17 -17.72
N SER C 239 45.66 63.04 -17.12
CA SER C 239 45.20 61.91 -17.91
C SER C 239 43.78 62.08 -18.42
N PHE C 240 43.03 63.05 -17.89
CA PHE C 240 41.67 63.27 -18.33
C PHE C 240 41.62 64.00 -19.66
N VAL C 241 42.46 65.02 -19.83
CA VAL C 241 42.48 65.77 -21.09
C VAL C 241 43.12 64.93 -22.19
N GLN C 242 44.11 64.11 -21.83
CA GLN C 242 44.79 63.25 -22.80
C GLN C 242 43.87 62.14 -23.30
N PHE C 243 42.93 61.70 -22.47
CA PHE C 243 42.02 60.61 -22.85
C PHE C 243 41.04 61.07 -23.92
N PHE C 244 40.58 62.32 -23.87
CA PHE C 244 39.69 62.85 -24.88
C PHE C 244 40.43 63.49 -26.04
N SER C 245 41.76 63.56 -25.99
CA SER C 245 42.52 63.98 -27.16
C SER C 245 42.53 62.90 -28.22
N ASN C 246 42.44 61.64 -27.81
CA ASN C 246 42.39 60.50 -28.72
C ASN C 246 41.00 59.87 -28.73
N TRP C 247 39.98 60.69 -28.64
CA TRP C 247 38.60 60.24 -28.72
C TRP C 247 38.23 59.97 -30.18
N PRO C 248 37.51 58.87 -30.47
CA PRO C 248 37.04 57.81 -29.58
C PRO C 248 37.96 56.59 -29.52
N ARG C 249 39.08 56.59 -30.25
CA ARG C 249 39.90 55.39 -30.36
C ARG C 249 40.74 55.11 -29.13
N SER C 250 40.81 56.04 -28.16
CA SER C 250 41.38 55.71 -26.87
C SER C 250 40.41 54.91 -26.01
N PHE C 251 39.12 55.26 -26.07
CA PHE C 251 38.10 54.51 -25.35
C PHE C 251 37.87 53.14 -25.98
N HIS C 252 38.11 53.01 -27.28
CA HIS C 252 38.08 51.70 -27.92
C HIS C 252 39.22 50.82 -27.45
N SER C 253 40.35 51.43 -27.07
CA SER C 253 41.52 50.66 -26.66
C SER C 253 41.32 50.03 -25.29
N ILE C 254 40.50 50.64 -24.43
CA ILE C 254 40.25 50.07 -23.11
C ILE C 254 39.36 48.85 -23.21
N ILE C 255 38.30 48.94 -24.01
CA ILE C 255 37.29 47.88 -24.11
C ILE C 255 37.88 46.63 -24.73
N GLU C 256 38.81 46.79 -25.67
CA GLU C 256 39.54 45.64 -26.22
C GLU C 256 40.42 45.00 -25.15
N ASP C 257 41.06 45.82 -24.31
CA ASP C 257 41.92 45.28 -23.28
C ASP C 257 41.12 44.66 -22.13
N GLU C 258 39.88 45.11 -21.93
CA GLU C 258 39.06 44.52 -20.89
C GLU C 258 38.48 43.17 -21.31
N VAL C 259 38.07 43.03 -22.57
CA VAL C 259 37.53 41.75 -23.00
C VAL C 259 38.65 40.73 -23.20
N GLU C 260 39.88 41.18 -23.51
CA GLU C 260 40.99 40.24 -23.57
C GLU C 260 41.43 39.80 -22.19
N PHE C 261 41.32 40.73 -21.22
CA PHE C 261 41.69 40.39 -19.82
C PHE C 261 40.67 39.42 -19.23
N ASN C 262 39.37 39.71 -19.42
CA ASN C 262 38.28 38.88 -18.86
C ASN C 262 38.21 37.48 -19.48
N LEU C 263 38.40 37.36 -20.80
CA LEU C 263 38.30 36.05 -21.48
C LEU C 263 39.40 35.11 -20.98
N GLU C 264 40.63 35.62 -20.88
CA GLU C 264 41.80 34.82 -20.43
C GLU C 264 41.59 34.36 -18.99
N HIS C 265 41.03 35.22 -18.15
CA HIS C 265 40.83 34.93 -16.71
C HIS C 265 39.41 34.41 -16.42
N ALA C 266 38.65 34.05 -17.46
CA ALA C 266 37.28 33.53 -17.26
C ALA C 266 37.33 32.24 -16.44
N VAL C 267 36.42 32.10 -15.46
CA VAL C 267 36.37 30.91 -14.57
C VAL C 267 35.25 29.96 -15.02
N VAL C 268 34.55 30.30 -16.12
CA VAL C 268 33.41 29.45 -16.59
C VAL C 268 33.56 29.16 -18.09
N SER C 269 32.82 28.16 -18.58
CA SER C 269 32.87 27.76 -20.01
C SER C 269 32.47 28.95 -20.88
N THR C 270 33.20 29.16 -21.99
CA THR C 270 32.98 30.31 -22.90
C THR C 270 31.50 30.46 -23.24
N SER C 271 30.71 29.39 -23.10
CA SER C 271 29.27 29.47 -23.42
C SER C 271 28.49 29.87 -22.15
N GLU C 272 29.10 29.63 -20.98
CA GLU C 272 28.48 29.99 -19.68
C GLU C 272 28.87 31.41 -19.29
N LEU C 273 29.60 32.11 -20.16
CA LEU C 273 30.03 33.51 -19.89
C LEU C 273 28.80 34.40 -19.68
N ARG C 274 28.86 35.30 -18.71
CA ARG C 274 27.76 36.21 -18.43
C ARG C 274 28.14 37.63 -18.84
N LEU C 275 27.14 38.52 -18.86
CA LEU C 275 27.41 39.91 -19.18
C LEU C 275 28.17 40.61 -18.06
N LYS C 276 27.93 40.22 -16.82
CA LYS C 276 28.68 40.74 -15.69
C LYS C 276 30.06 40.10 -15.55
N ASP C 277 30.34 39.02 -16.29
CA ASP C 277 31.63 38.37 -16.23
C ASP C 277 32.60 38.84 -17.31
N LEU C 278 32.10 39.57 -18.31
CA LEU C 278 32.93 40.08 -19.39
C LEU C 278 32.89 41.59 -19.49
N LEU C 279 31.71 42.19 -19.34
CA LEU C 279 31.53 43.64 -19.41
C LEU C 279 30.74 44.13 -18.21
N GLY C 280 31.08 43.62 -17.02
CA GLY C 280 30.36 44.02 -15.83
C GLY C 280 30.77 45.38 -15.30
N ARG C 281 31.98 45.83 -15.62
CA ARG C 281 32.49 47.09 -15.11
C ARG C 281 32.13 48.27 -16.01
N LEU C 282 32.32 48.10 -17.32
CA LEU C 282 32.15 49.22 -18.24
C LEU C 282 30.68 49.48 -18.55
N PHE C 283 29.89 48.43 -18.70
CA PHE C 283 28.50 48.59 -19.13
C PHE C 283 27.62 49.11 -18.00
N PHE C 284 27.69 48.47 -16.83
CA PHE C 284 26.86 48.88 -15.71
C PHE C 284 27.34 50.16 -15.05
N GLY C 285 28.58 50.57 -15.30
CA GLY C 285 29.10 51.81 -14.76
C GLY C 285 28.98 52.95 -15.74
N SER C 286 28.11 52.80 -16.75
CA SER C 286 27.92 53.86 -17.73
C SER C 286 26.47 54.01 -18.20
N ILE C 287 25.50 53.39 -17.51
CA ILE C 287 24.12 53.47 -17.96
C ILE C 287 23.55 54.85 -17.71
N ARG C 288 23.51 55.25 -16.44
CA ARG C 288 22.88 56.50 -16.03
C ARG C 288 23.99 57.44 -15.55
N LEU C 289 24.46 58.29 -16.46
CA LEU C 289 25.45 59.33 -16.13
C LEU C 289 25.11 60.63 -16.83
N PRO C 290 24.06 61.34 -16.37
CA PRO C 290 23.01 61.06 -15.39
C PRO C 290 21.90 60.17 -15.92
N GLU C 291 21.68 60.16 -17.23
CA GLU C 291 20.58 59.40 -17.82
C GLU C 291 21.09 58.66 -19.06
N ARG C 292 20.14 58.14 -19.84
CA ARG C 292 20.42 57.32 -21.01
C ARG C 292 20.34 58.10 -22.32
N ASN C 293 20.45 59.43 -22.28
CA ASN C 293 20.37 60.21 -23.51
C ASN C 293 21.68 60.03 -24.28
N LEU C 294 21.63 59.17 -25.30
CA LEU C 294 22.81 58.82 -26.07
C LEU C 294 23.31 59.98 -26.94
N GLN C 295 22.48 61.00 -27.14
CA GLN C 295 22.94 62.21 -27.80
C GLN C 295 23.99 62.93 -26.97
N HIS C 296 23.91 62.84 -25.64
CA HIS C 296 24.85 63.53 -24.77
C HIS C 296 25.68 62.59 -23.90
N ASN C 297 25.18 61.40 -23.58
CA ASN C 297 25.99 60.39 -22.89
C ASN C 297 26.83 59.70 -23.96
N ILE C 298 28.03 60.26 -24.20
CA ILE C 298 28.90 59.73 -25.24
C ILE C 298 29.61 58.46 -24.84
N ILE C 299 29.57 58.08 -23.56
CA ILE C 299 30.20 56.83 -23.13
C ILE C 299 29.30 55.65 -23.48
N LEU C 300 28.02 55.73 -23.12
CA LEU C 300 27.09 54.66 -23.47
C LEU C 300 26.77 54.67 -24.95
N GLY C 301 26.85 55.83 -25.60
CA GLY C 301 26.61 55.90 -27.02
C GLY C 301 27.71 55.26 -27.85
N GLU C 302 28.95 55.30 -27.37
CA GLU C 302 30.06 54.69 -28.07
C GLU C 302 30.25 53.23 -27.70
N LEU C 303 29.87 52.84 -26.48
CA LEU C 303 29.94 51.44 -26.08
C LEU C 303 28.91 50.60 -26.83
N LEU C 304 27.72 51.16 -27.07
CA LEU C 304 26.75 50.47 -27.92
C LEU C 304 27.13 50.54 -29.39
N CYS C 305 27.95 51.51 -29.78
CA CYS C 305 28.49 51.52 -31.15
C CYS C 305 29.53 50.42 -31.33
N TYR C 306 30.32 50.15 -30.28
CA TYR C 306 31.35 49.13 -30.38
C TYR C 306 30.76 47.73 -30.34
N LEU C 307 29.72 47.54 -29.54
CA LEU C 307 29.11 46.22 -29.42
C LEU C 307 28.11 45.91 -30.52
N GLU C 308 27.80 46.87 -31.39
CA GLU C 308 26.91 46.58 -32.51
C GLU C 308 27.64 45.87 -33.63
N ASN C 309 28.88 46.27 -33.90
CA ASN C 309 29.69 45.65 -34.95
C ASN C 309 30.47 44.45 -34.45
N ARG C 310 30.09 43.88 -33.31
CA ARG C 310 30.80 42.73 -32.77
C ARG C 310 29.80 41.72 -32.19
N LEU C 311 28.55 41.74 -32.63
CA LEU C 311 27.53 40.86 -32.07
C LEU C 311 27.75 39.41 -32.47
N TRP C 312 27.80 39.15 -33.78
CA TRP C 312 27.94 37.78 -34.26
C TRP C 312 29.33 37.51 -34.84
N GLN C 313 30.30 38.35 -34.52
CA GLN C 313 31.69 38.00 -34.77
C GLN C 313 32.18 37.08 -33.66
N ASP C 314 33.23 36.32 -33.98
CA ASP C 314 33.84 35.31 -33.11
C ASP C 314 32.80 34.27 -32.67
N LYS C 315 32.04 33.78 -33.64
CA LYS C 315 30.97 32.78 -33.48
C LYS C 315 29.90 33.24 -32.49
N GLY C 316 29.59 34.53 -32.52
CA GLY C 316 28.56 35.10 -31.67
C GLY C 316 28.96 35.13 -30.21
N LEU C 317 30.13 35.72 -29.92
CA LEU C 317 30.62 35.75 -28.55
C LEU C 317 29.85 36.76 -27.71
N ILE C 318 29.64 37.96 -28.24
CA ILE C 318 28.97 39.01 -27.49
C ILE C 318 27.47 38.75 -27.42
N ALA C 319 26.88 38.22 -28.50
CA ALA C 319 25.44 38.05 -28.56
C ALA C 319 24.95 36.87 -27.73
N ASN C 320 25.84 36.03 -27.20
CA ASN C 320 25.44 34.87 -26.41
C ASN C 320 25.72 35.05 -24.92
N LEU C 321 25.99 36.27 -24.48
CA LEU C 321 26.29 36.52 -23.07
C LEU C 321 25.01 36.49 -22.25
N LYS C 322 25.05 35.77 -21.14
CA LYS C 322 23.85 35.56 -20.33
C LYS C 322 23.49 36.79 -19.52
N MET C 323 22.19 36.97 -19.29
CA MET C 323 21.65 38.08 -18.50
C MET C 323 20.54 37.58 -17.61
N ASN C 324 20.27 38.31 -16.54
CA ASN C 324 19.15 38.02 -15.65
C ASN C 324 17.90 38.75 -16.13
N ALA C 325 16.86 38.73 -15.30
CA ALA C 325 15.72 39.61 -15.49
C ALA C 325 15.88 40.93 -14.74
N LEU C 326 16.74 40.96 -13.72
CA LEU C 326 17.05 42.21 -13.05
C LEU C 326 17.84 43.15 -13.96
N GLU C 327 18.96 42.66 -14.49
CA GLU C 327 19.83 43.46 -15.35
C GLU C 327 19.30 43.59 -16.77
N ALA C 328 18.17 42.95 -17.09
CA ALA C 328 17.47 43.26 -18.33
C ALA C 328 16.67 44.53 -18.20
N THR C 329 16.10 44.81 -17.02
CA THR C 329 15.39 46.06 -16.79
C THR C 329 16.32 47.25 -16.74
N VAL C 330 17.59 47.04 -16.39
CA VAL C 330 18.54 48.15 -16.37
C VAL C 330 18.86 48.61 -17.79
N MET C 331 18.99 47.66 -18.72
CA MET C 331 19.28 48.02 -20.10
C MET C 331 18.03 48.50 -20.83
N LEU C 332 16.91 47.81 -20.67
CA LEU C 332 15.68 48.15 -21.40
C LEU C 332 14.97 49.36 -20.82
N ASN C 333 15.31 49.77 -19.60
CA ASN C 333 14.62 50.81 -18.84
C ASN C 333 13.13 50.50 -18.70
N CYS C 334 12.85 49.36 -18.05
CA CYS C 334 11.49 48.92 -17.82
C CYS C 334 11.42 48.32 -16.42
N SER C 335 10.32 47.64 -16.13
CA SER C 335 10.08 47.06 -14.82
C SER C 335 10.01 45.54 -14.93
N LEU C 336 9.94 44.89 -13.77
CA LEU C 336 9.83 43.43 -13.73
C LEU C 336 8.44 42.94 -14.10
N ASP C 337 7.44 43.82 -14.10
CA ASP C 337 6.11 43.42 -14.53
C ASP C 337 6.01 43.31 -16.04
N GLN C 338 6.71 44.18 -16.78
CA GLN C 338 6.74 44.07 -18.23
C GLN C 338 7.62 42.91 -18.68
N ILE C 339 8.66 42.58 -17.91
CA ILE C 339 9.50 41.42 -18.23
C ILE C 339 8.70 40.13 -18.04
N ALA C 340 7.93 40.04 -16.95
CA ALA C 340 7.09 38.88 -16.72
C ALA C 340 5.92 38.81 -17.70
N SER C 341 5.54 39.93 -18.31
CA SER C 341 4.52 39.89 -19.35
C SER C 341 5.10 39.42 -20.67
N MET C 342 6.34 39.79 -20.97
CA MET C 342 6.98 39.37 -22.22
C MET C 342 7.55 37.96 -22.18
N VAL C 343 7.35 37.24 -21.07
CA VAL C 343 7.56 35.80 -21.05
C VAL C 343 6.19 35.10 -21.09
N GLU C 344 5.11 35.82 -20.85
CA GLU C 344 3.78 35.26 -21.09
C GLU C 344 3.43 35.27 -22.57
N GLN C 345 3.55 36.43 -23.22
CA GLN C 345 3.26 36.55 -24.64
C GLN C 345 4.46 36.20 -25.52
N ARG C 346 5.65 36.16 -24.92
CA ARG C 346 6.90 35.67 -25.54
C ARG C 346 7.31 36.47 -26.76
N ILE C 347 7.35 37.79 -26.58
CA ILE C 347 8.18 38.62 -27.44
C ILE C 347 9.65 38.38 -27.11
N LEU C 348 9.94 38.22 -25.83
CA LEU C 348 11.27 37.87 -25.35
C LEU C 348 11.32 36.37 -25.03
N LYS C 349 12.35 35.69 -25.55
CA LYS C 349 12.42 34.24 -25.51
C LYS C 349 13.32 33.78 -24.38
N PRO C 350 12.85 32.87 -23.50
CA PRO C 350 13.69 32.28 -22.45
C PRO C 350 14.81 31.41 -23.02
N LEU C 360 8.72 33.01 -12.88
CA LEU C 360 10.10 32.90 -13.35
C LEU C 360 11.07 33.42 -12.29
N ASP C 361 12.21 32.75 -12.14
CA ASP C 361 13.22 33.23 -11.21
C ASP C 361 13.88 34.49 -11.79
N VAL C 362 13.79 35.58 -11.03
CA VAL C 362 14.24 36.88 -11.53
C VAL C 362 15.76 36.94 -11.57
N THR C 363 16.43 36.25 -10.66
CA THR C 363 17.88 36.19 -10.63
C THR C 363 18.45 35.02 -11.42
N ASP C 364 17.73 34.53 -12.42
CA ASP C 364 18.17 33.40 -13.22
C ASP C 364 18.66 33.88 -14.57
N TYR C 365 19.71 33.23 -15.08
CA TYR C 365 20.34 33.61 -16.34
C TYR C 365 19.66 32.82 -17.46
N LEU C 366 18.66 33.44 -18.08
CA LEU C 366 17.87 32.77 -19.10
C LEU C 366 17.82 33.55 -20.41
N PHE C 367 18.46 34.70 -20.50
CA PHE C 367 18.36 35.55 -21.66
C PHE C 367 19.75 35.88 -22.18
N HIS C 368 19.85 36.08 -23.49
CA HIS C 368 21.12 36.39 -24.13
C HIS C 368 21.18 37.87 -24.48
N PHE C 369 22.40 38.41 -24.54
CA PHE C 369 22.59 39.84 -24.74
C PHE C 369 22.18 40.28 -26.14
N GLY C 370 22.34 39.42 -27.14
CA GLY C 370 21.91 39.78 -28.49
C GLY C 370 20.41 39.83 -28.62
N ASP C 371 19.69 39.09 -27.77
CA ASP C 371 18.23 39.15 -27.78
C ASP C 371 17.72 40.36 -27.01
N ILE C 372 18.44 40.78 -25.97
CA ILE C 372 18.06 41.98 -25.22
C ILE C 372 18.39 43.23 -26.03
N PHE C 373 19.50 43.21 -26.77
CA PHE C 373 19.88 44.35 -27.59
C PHE C 373 18.92 44.57 -28.75
N CYS C 374 18.39 43.50 -29.33
CA CYS C 374 17.45 43.63 -30.43
C CYS C 374 16.02 43.80 -29.97
N LEU C 375 15.71 43.42 -28.73
CA LEU C 375 14.40 43.77 -28.16
C LEU C 375 14.31 45.26 -27.87
N TRP C 376 15.44 45.88 -27.50
CA TRP C 376 15.47 47.33 -27.31
C TRP C 376 15.28 48.08 -28.61
N LEU C 377 15.83 47.57 -29.71
CA LEU C 377 15.63 48.21 -31.00
C LEU C 377 14.23 47.98 -31.55
N ALA C 378 13.44 47.11 -30.92
CA ALA C 378 12.08 46.77 -31.33
C ALA C 378 11.00 47.42 -30.49
N GLU C 379 11.13 47.43 -29.17
CA GLU C 379 10.03 47.80 -28.31
C GLU C 379 10.38 48.86 -27.26
N PHE C 380 11.62 49.33 -27.20
CA PHE C 380 12.01 50.18 -26.07
C PHE C 380 12.87 51.38 -26.47
N GLN C 381 12.83 51.83 -27.72
CA GLN C 381 13.51 53.07 -28.04
C GLN C 381 12.70 54.28 -27.55
N SER C 382 13.37 55.42 -27.52
CA SER C 382 12.74 56.69 -27.16
C SER C 382 13.26 57.77 -28.09
N ASP C 383 12.91 59.01 -27.82
CA ASP C 383 13.43 60.14 -28.57
C ASP C 383 14.84 60.54 -28.15
N GLU C 384 15.32 60.01 -27.04
CA GLU C 384 16.67 60.31 -26.55
C GLU C 384 17.54 59.07 -26.43
N PHE C 385 16.96 57.93 -26.04
CA PHE C 385 17.69 56.67 -25.93
C PHE C 385 17.28 55.79 -27.10
N ASN C 386 17.97 56.00 -28.22
CA ASN C 386 17.79 55.18 -29.42
C ASN C 386 19.10 55.18 -30.20
N ARG C 387 19.19 54.29 -31.19
CA ARG C 387 20.46 54.06 -31.87
C ARG C 387 20.83 55.14 -32.87
N SER C 388 19.93 56.07 -33.17
CA SER C 388 20.13 56.97 -34.31
C SER C 388 21.11 58.11 -34.04
N PHE C 389 21.76 58.15 -32.87
CA PHE C 389 22.70 59.22 -32.58
C PHE C 389 24.15 58.82 -32.83
N TYR C 390 24.53 57.57 -32.58
CA TYR C 390 25.90 57.13 -32.82
C TYR C 390 26.10 56.52 -34.21
N VAL C 391 25.20 56.80 -35.14
CA VAL C 391 25.35 56.29 -36.50
C VAL C 391 26.38 57.12 -37.26
N MET D 1 24.39 35.66 -51.23
CA MET D 1 23.75 36.83 -51.85
C MET D 1 24.61 38.07 -51.67
N PHE D 2 24.83 38.79 -52.78
CA PHE D 2 25.65 39.99 -52.78
C PHE D 2 24.90 41.08 -53.54
N LEU D 3 24.71 42.23 -52.91
CA LEU D 3 23.83 43.27 -53.42
C LEU D 3 24.59 44.58 -53.58
N GLN D 4 23.92 45.56 -54.17
CA GLN D 4 24.47 46.88 -54.39
C GLN D 4 23.53 47.92 -53.79
N ARG D 5 24.08 48.84 -53.00
CA ARG D 5 23.25 49.89 -52.43
C ARG D 5 22.91 50.93 -53.49
N PRO D 6 21.63 51.32 -53.62
CA PRO D 6 21.29 52.45 -54.49
C PRO D 6 21.66 53.80 -53.88
N LYS D 7 21.22 54.89 -54.53
CA LYS D 7 21.47 56.23 -54.03
C LYS D 7 20.76 56.44 -52.69
N PRO D 8 21.48 56.71 -51.61
CA PRO D 8 20.84 56.78 -50.29
C PRO D 8 20.16 58.11 -50.05
N TYR D 9 19.03 58.04 -49.33
CA TYR D 9 18.27 59.22 -48.96
C TYR D 9 17.71 59.03 -47.57
N SER D 10 17.93 60.01 -46.70
CA SER D 10 17.54 59.91 -45.30
C SER D 10 16.06 60.15 -45.07
N ASP D 11 15.29 60.49 -46.09
CA ASP D 11 13.85 60.64 -45.98
C ASP D 11 13.07 59.55 -46.67
N GLU D 12 13.75 58.58 -47.30
CA GLU D 12 13.07 57.49 -47.97
C GLU D 12 12.48 56.53 -46.96
N SER D 13 11.28 56.05 -47.24
CA SER D 13 10.65 55.07 -46.37
C SER D 13 11.30 53.70 -46.56
N LEU D 14 10.93 52.76 -45.69
CA LEU D 14 11.50 51.41 -45.75
C LEU D 14 10.93 50.63 -46.92
N GLU D 15 9.63 50.79 -47.20
CA GLU D 15 9.00 50.07 -48.31
C GLU D 15 9.47 50.61 -49.65
N SER D 16 9.88 51.88 -49.71
CA SER D 16 10.43 52.43 -50.93
C SER D 16 11.90 52.05 -51.13
N PHE D 17 12.56 51.57 -50.07
CA PHE D 17 13.97 51.21 -50.20
C PHE D 17 14.15 49.83 -50.80
N PHE D 18 13.34 48.86 -50.37
CA PHE D 18 13.43 47.51 -50.91
C PHE D 18 13.03 47.42 -52.38
N ILE D 19 12.20 48.35 -52.86
CA ILE D 19 11.88 48.37 -54.28
C ILE D 19 13.08 48.85 -55.09
N ARG D 20 13.82 49.83 -54.57
CA ARG D 20 14.98 50.34 -55.27
C ARG D 20 16.19 49.41 -55.20
N VAL D 21 16.29 48.59 -54.15
CA VAL D 21 17.37 47.59 -54.11
C VAL D 21 17.07 46.47 -55.09
N ALA D 22 15.80 46.08 -55.21
CA ALA D 22 15.43 44.99 -56.11
C ALA D 22 15.54 45.42 -57.57
N ASN D 23 15.22 46.69 -57.87
CA ASN D 23 15.31 47.16 -59.24
C ASN D 23 16.74 47.38 -59.67
N LYS D 24 17.64 47.71 -58.74
CA LYS D 24 19.04 47.89 -59.08
C LYS D 24 19.75 46.56 -59.26
N ASN D 25 19.38 45.56 -58.46
CA ASN D 25 20.02 44.26 -58.50
C ASN D 25 19.32 43.28 -59.43
N GLY D 26 18.45 43.77 -60.31
CA GLY D 26 17.94 42.94 -61.39
C GLY D 26 16.90 41.92 -61.00
N TYR D 27 16.19 42.11 -59.90
CA TYR D 27 15.08 41.23 -59.56
C TYR D 27 13.82 41.66 -60.31
N GLY D 28 12.81 40.80 -60.26
CA GLY D 28 11.57 41.07 -60.98
C GLY D 28 10.68 42.08 -60.27
N ASP D 29 10.46 41.86 -58.99
CA ASP D 29 9.66 42.76 -58.18
C ASP D 29 10.22 42.75 -56.75
N VAL D 30 9.45 43.26 -55.80
CA VAL D 30 9.87 43.20 -54.41
C VAL D 30 9.40 41.91 -53.75
N HIS D 31 8.37 41.28 -54.31
CA HIS D 31 7.89 39.99 -53.72
C HIS D 31 9.02 38.96 -53.86
N ARG D 32 9.67 38.94 -55.03
CA ARG D 32 10.79 38.02 -55.31
C ARG D 32 12.00 38.35 -54.43
N PHE D 33 12.30 39.65 -54.26
CA PHE D 33 13.49 40.07 -53.49
C PHE D 33 13.37 39.65 -52.01
N LEU D 34 12.20 39.85 -51.39
CA LEU D 34 12.05 39.48 -49.99
C LEU D 34 12.05 37.96 -49.82
N GLU D 35 11.56 37.24 -50.82
CA GLU D 35 11.55 35.78 -50.76
C GLU D 35 12.95 35.23 -50.95
N ALA D 36 13.78 35.90 -51.74
CA ALA D 36 15.19 35.55 -51.83
C ALA D 36 15.98 36.02 -50.62
N THR D 37 15.50 37.06 -49.93
CA THR D 37 16.16 37.53 -48.72
C THR D 37 15.90 36.57 -47.56
N LYS D 38 14.68 36.03 -47.48
CA LYS D 38 14.36 35.00 -46.49
C LYS D 38 15.19 33.75 -46.70
N ARG D 39 15.52 33.44 -47.96
CA ARG D 39 16.36 32.30 -48.26
C ARG D 39 17.79 32.51 -47.79
N PHE D 40 18.27 33.75 -47.79
CA PHE D 40 19.63 34.00 -47.32
C PHE D 40 19.71 33.92 -45.80
N LEU D 41 18.68 34.40 -45.10
CA LEU D 41 18.69 34.37 -43.64
C LEU D 41 18.57 32.95 -43.11
N GLN D 42 17.99 32.05 -43.91
CA GLN D 42 17.98 30.64 -43.54
C GLN D 42 19.36 30.03 -43.65
N ASP D 43 20.14 30.46 -44.64
CA ASP D 43 21.41 29.83 -44.95
C ASP D 43 22.53 30.20 -43.98
N ILE D 44 22.36 31.27 -43.21
CA ILE D 44 23.37 31.68 -42.25
C ILE D 44 22.88 31.51 -40.81
N ASP D 45 21.83 30.69 -40.63
CA ASP D 45 21.30 30.27 -39.33
C ASP D 45 20.86 31.45 -38.47
N HIS D 46 19.86 32.17 -38.97
CA HIS D 46 19.20 33.21 -38.20
C HIS D 46 18.02 32.59 -37.47
N ASN D 47 17.79 33.06 -36.24
CA ASN D 47 16.78 32.43 -35.39
C ASN D 47 15.36 32.69 -35.86
N GLY D 48 15.11 33.85 -36.47
CA GLY D 48 13.78 34.19 -36.92
C GLY D 48 13.68 34.36 -38.42
N TYR D 49 14.30 33.44 -39.18
CA TYR D 49 14.20 33.53 -40.63
C TYR D 49 12.79 33.22 -41.11
N GLN D 50 12.08 32.36 -40.40
CA GLN D 50 10.76 31.90 -40.86
C GLN D 50 9.68 32.94 -40.64
N THR D 51 9.95 33.98 -39.87
CA THR D 51 9.00 35.07 -39.67
C THR D 51 9.27 36.26 -40.57
N PHE D 52 10.28 36.19 -41.42
CA PHE D 52 10.57 37.27 -42.35
C PHE D 52 9.51 37.27 -43.45
N PRO D 53 8.78 38.35 -43.65
CA PRO D 53 7.62 38.30 -44.55
C PRO D 53 8.00 38.43 -46.01
N THR D 54 7.15 37.85 -46.86
CA THR D 54 7.24 38.06 -48.30
C THR D 54 6.31 39.16 -48.77
N ASP D 55 5.58 39.80 -47.87
CA ASP D 55 4.69 40.91 -48.18
C ASP D 55 5.39 42.22 -47.86
N ILE D 56 5.37 43.15 -48.82
CA ILE D 56 6.02 44.48 -48.64
C ILE D 56 5.32 45.28 -47.54
N THR D 57 3.99 45.15 -47.45
CA THR D 57 3.13 45.90 -46.49
C THR D 57 3.48 45.61 -45.02
N ARG D 58 3.75 44.36 -44.68
CA ARG D 58 3.99 43.95 -43.27
C ARG D 58 5.49 43.96 -42.92
N ILE D 59 6.33 44.49 -43.81
CA ILE D 59 7.81 44.47 -43.60
C ILE D 59 8.22 45.21 -42.32
N ASN D 60 7.59 46.33 -42.01
CA ASN D 60 7.96 47.17 -40.88
C ASN D 60 7.85 46.39 -39.57
N PRO D 61 8.73 46.70 -38.59
CA PRO D 61 8.73 45.92 -37.34
C PRO D 61 7.53 46.14 -36.43
N TYR D 62 6.68 47.15 -36.68
CA TYR D 62 5.45 47.21 -35.88
C TYR D 62 4.43 46.19 -36.35
N SER D 63 4.57 45.76 -37.60
CA SER D 63 3.68 44.74 -38.22
C SER D 63 3.88 43.38 -37.54
N ALA D 64 5.13 43.02 -37.23
CA ALA D 64 5.46 41.70 -36.63
C ALA D 64 4.84 41.58 -35.24
N LYS D 65 4.09 40.50 -35.01
CA LYS D 65 3.43 40.25 -33.70
C LYS D 65 4.44 39.88 -32.60
N ASN D 66 5.36 38.93 -32.90
CA ASN D 66 6.38 38.48 -31.91
C ASN D 66 7.77 38.46 -32.56
N SER D 67 7.85 38.83 -33.84
CA SER D 67 9.12 38.80 -34.61
C SER D 67 9.78 40.18 -34.60
N SER D 68 9.29 41.08 -33.73
CA SER D 68 9.82 42.46 -33.63
C SER D 68 11.30 42.43 -33.24
N SER D 69 11.70 41.55 -32.30
CA SER D 69 13.11 41.53 -31.95
C SER D 69 13.94 40.73 -32.94
N ALA D 70 13.33 39.73 -33.58
CA ALA D 70 14.01 39.00 -34.63
C ALA D 70 14.02 39.74 -35.95
N ARG D 71 13.07 40.66 -36.16
CA ARG D 71 13.02 41.42 -37.40
C ARG D 71 14.15 42.43 -37.47
N THR D 72 14.42 43.11 -36.35
CA THR D 72 15.51 44.09 -36.32
C THR D 72 16.88 43.43 -36.25
N ALA D 73 16.95 42.20 -35.74
CA ALA D 73 18.18 41.43 -35.90
C ALA D 73 18.36 40.99 -37.34
N SER D 74 17.27 40.76 -38.06
CA SER D 74 17.36 40.43 -39.47
C SER D 74 17.78 41.65 -40.29
N PHE D 75 17.27 42.83 -39.92
CA PHE D 75 17.63 44.05 -40.62
C PHE D 75 19.08 44.45 -40.34
N LEU D 76 19.58 44.15 -39.14
CA LEU D 76 20.96 44.47 -38.80
C LEU D 76 21.93 43.48 -39.43
N LYS D 77 21.47 42.26 -39.73
CA LYS D 77 22.31 41.27 -40.36
C LYS D 77 22.53 41.57 -41.84
N LEU D 78 21.50 42.10 -42.51
CA LEU D 78 21.58 42.35 -43.95
C LEU D 78 22.48 43.54 -44.26
N ALA D 79 22.46 44.56 -43.42
CA ALA D 79 23.24 45.76 -43.70
C ALA D 79 24.73 45.57 -43.47
N GLN D 80 25.12 44.54 -42.73
CA GLN D 80 26.53 44.31 -42.43
C GLN D 80 27.21 43.37 -43.41
N LEU D 81 26.46 42.56 -44.15
CA LEU D 81 27.08 41.46 -44.90
C LEU D 81 26.81 41.53 -46.39
N THR D 82 25.56 41.75 -46.80
CA THR D 82 25.16 41.55 -48.19
C THR D 82 25.44 42.73 -49.10
N PHE D 83 26.09 43.78 -48.60
CA PHE D 83 26.30 44.98 -49.40
C PHE D 83 27.79 45.28 -49.51
N ASN D 84 28.16 45.95 -50.60
CA ASN D 84 29.54 46.37 -50.79
C ASN D 84 29.92 47.47 -49.79
N GLU D 85 28.99 48.39 -49.52
CA GLU D 85 29.18 49.42 -48.52
C GLU D 85 27.93 49.39 -47.63
N PRO D 86 28.07 49.40 -46.31
CA PRO D 86 26.92 49.15 -45.42
C PRO D 86 25.90 50.27 -45.48
N PRO D 87 24.64 49.95 -45.75
CA PRO D 87 23.60 50.97 -45.83
C PRO D 87 23.07 51.36 -44.46
N GLU D 88 22.05 52.22 -44.44
CA GLU D 88 21.31 52.54 -43.23
C GLU D 88 19.88 52.07 -43.42
N LEU D 89 19.51 50.96 -42.77
CA LEU D 89 18.20 50.38 -42.94
C LEU D 89 17.40 50.34 -41.64
N LEU D 90 18.05 50.29 -40.48
CA LEU D 90 17.33 50.43 -39.22
C LEU D 90 16.81 51.85 -39.02
N GLY D 91 17.47 52.84 -39.60
CA GLY D 91 17.03 54.21 -39.49
C GLY D 91 15.82 54.57 -40.33
N LEU D 92 15.33 53.66 -41.16
CA LEU D 92 14.18 53.91 -42.00
C LEU D 92 12.95 53.15 -41.57
N ALA D 93 13.06 52.28 -40.58
CA ALA D 93 11.97 51.42 -40.14
C ALA D 93 11.15 52.12 -39.06
N ILE D 94 9.92 51.66 -38.90
CA ILE D 94 8.99 52.22 -37.94
C ILE D 94 8.82 51.20 -36.82
N ASN D 95 9.51 51.43 -35.71
CA ASN D 95 9.51 50.52 -34.57
C ASN D 95 8.43 50.92 -33.57
N ARG D 96 7.97 49.93 -32.81
CA ARG D 96 7.12 50.23 -31.67
C ARG D 96 7.96 50.75 -30.51
N THR D 97 7.29 51.35 -29.53
CA THR D 97 7.98 51.86 -28.35
C THR D 97 7.04 51.84 -27.16
N ASN D 98 7.64 51.91 -25.97
CA ASN D 98 6.89 51.94 -24.72
C ASN D 98 6.39 53.33 -24.34
N MET D 99 6.68 54.34 -25.16
CA MET D 99 6.25 55.70 -24.85
C MET D 99 4.76 55.85 -25.11
N LYS D 100 4.06 56.42 -24.14
CA LYS D 100 2.64 56.71 -24.26
C LYS D 100 2.43 58.21 -24.39
N TYR D 101 1.32 58.59 -25.01
CA TYR D 101 0.94 60.00 -25.04
C TYR D 101 -0.19 60.25 -24.05
N SER D 102 -0.67 61.47 -24.05
CA SER D 102 -1.71 61.86 -23.11
C SER D 102 -3.08 61.75 -23.78
N PRO D 103 -4.07 61.11 -23.15
CA PRO D 103 -3.97 60.43 -21.86
C PRO D 103 -3.38 59.00 -21.92
N SER D 104 -3.73 58.22 -22.94
CA SER D 104 -3.25 56.84 -22.99
C SER D 104 -2.91 56.37 -24.41
N THR D 105 -2.61 57.28 -25.33
CA THR D 105 -2.34 56.90 -26.71
C THR D 105 -0.90 56.39 -26.84
N SER D 106 -0.74 55.23 -27.48
CA SER D 106 0.59 54.65 -27.70
C SER D 106 1.31 55.38 -28.83
N ALA D 107 2.54 54.95 -29.11
CA ALA D 107 3.40 55.68 -30.03
C ALA D 107 4.31 54.73 -30.78
N VAL D 108 4.85 55.21 -31.90
CA VAL D 108 5.86 54.51 -32.68
C VAL D 108 7.04 55.45 -32.91
N VAL D 109 8.17 54.87 -33.30
CA VAL D 109 9.43 55.59 -33.42
C VAL D 109 10.11 55.22 -34.73
N ARG D 110 10.67 56.22 -35.41
CA ARG D 110 11.40 56.04 -36.67
C ARG D 110 12.71 56.82 -36.55
N GLY D 111 13.78 56.15 -36.14
CA GLY D 111 15.06 56.79 -36.03
C GLY D 111 15.16 57.78 -34.88
N ALA D 112 15.23 59.07 -35.22
CA ALA D 112 15.32 60.14 -34.22
C ALA D 112 14.02 60.91 -34.10
N GLU D 113 12.88 60.23 -34.21
CA GLU D 113 11.58 60.89 -34.21
C GLU D 113 10.54 59.90 -33.71
N VAL D 114 9.64 60.39 -32.86
CA VAL D 114 8.58 59.58 -32.27
C VAL D 114 7.24 60.09 -32.79
N PHE D 115 6.43 59.18 -33.32
CA PHE D 115 5.15 59.47 -33.93
C PHE D 115 4.01 58.98 -33.06
N PRO D 116 2.84 59.62 -33.11
CA PRO D 116 1.65 59.03 -32.49
C PRO D 116 1.17 57.80 -33.26
N ARG D 117 0.70 56.80 -32.53
CA ARG D 117 0.25 55.56 -33.15
C ARG D 117 -1.08 55.76 -33.88
N SER D 118 -1.95 56.62 -33.34
CA SER D 118 -3.26 56.82 -33.93
C SER D 118 -3.21 57.61 -35.22
N LEU D 119 -2.12 58.35 -35.47
CA LEU D 119 -1.96 59.08 -36.71
C LEU D 119 -1.23 58.29 -37.78
N LEU D 120 -0.97 57.00 -37.53
CA LEU D 120 -0.34 56.15 -38.53
C LEU D 120 -1.39 55.63 -39.51
N ARG D 121 -1.12 55.79 -40.80
CA ARG D 121 -2.05 55.34 -41.83
C ARG D 121 -1.96 53.83 -42.00
N THR D 122 -3.13 53.19 -42.10
CA THR D 122 -3.20 51.75 -42.23
C THR D 122 -4.09 51.25 -43.35
N HIS D 123 -4.90 52.11 -43.96
CA HIS D 123 -5.83 51.68 -45.00
C HIS D 123 -5.23 51.82 -46.40
N SER D 124 -4.88 53.05 -46.77
CA SER D 124 -4.33 53.33 -48.09
C SER D 124 -3.37 54.50 -47.96
N ILE D 125 -2.19 54.34 -48.55
CA ILE D 125 -1.11 55.32 -48.43
C ILE D 125 -1.20 56.28 -49.62
N PRO D 126 -1.44 57.57 -49.40
CA PRO D 126 -1.41 58.52 -50.50
C PRO D 126 0.02 58.78 -50.97
N CYS D 127 0.12 59.43 -52.12
CA CYS D 127 1.41 59.67 -52.74
C CYS D 127 1.36 60.95 -53.55
N CYS D 128 2.55 61.44 -53.90
CA CYS D 128 2.70 62.56 -54.81
C CYS D 128 3.42 62.09 -56.06
N PRO D 129 2.78 62.08 -57.23
CA PRO D 129 3.44 61.56 -58.43
C PRO D 129 4.53 62.46 -58.99
N LEU D 130 4.60 63.72 -58.56
CA LEU D 130 5.69 64.58 -59.00
C LEU D 130 6.99 64.22 -58.30
N CYS D 131 6.92 63.82 -57.03
CA CYS D 131 8.11 63.37 -56.32
C CYS D 131 8.56 62.01 -56.81
N LEU D 132 7.63 61.18 -57.31
CA LEU D 132 7.97 59.86 -57.81
C LEU D 132 8.74 59.91 -59.11
N ARG D 133 8.59 60.98 -59.89
CA ARG D 133 9.27 61.11 -61.18
C ARG D 133 10.41 62.10 -61.16
N GLU D 134 10.66 62.76 -60.03
CA GLU D 134 11.82 63.63 -59.87
C GLU D 134 12.83 63.05 -58.87
N ASN D 135 12.37 62.71 -57.67
CA ASN D 135 13.26 62.12 -56.67
C ASN D 135 13.52 60.66 -56.97
N GLY D 136 12.51 59.93 -57.45
CA GLY D 136 12.66 58.52 -57.76
C GLY D 136 12.36 57.58 -56.62
N TYR D 137 11.78 58.06 -55.52
CA TYR D 137 11.46 57.23 -54.38
C TYR D 137 10.25 57.83 -53.67
N ALA D 138 9.92 57.27 -52.51
CA ALA D 138 8.80 57.74 -51.71
C ALA D 138 9.30 58.14 -50.32
N SER D 139 8.60 59.08 -49.70
CA SER D 139 8.97 59.59 -48.40
C SER D 139 8.12 58.94 -47.31
N TYR D 140 8.63 59.00 -46.07
CA TYR D 140 7.95 58.41 -44.93
C TYR D 140 6.77 59.23 -44.46
N LEU D 141 6.69 60.51 -44.88
CA LEU D 141 5.61 61.39 -44.43
C LEU D 141 4.26 61.01 -45.02
N TRP D 142 4.24 60.18 -46.05
CA TRP D 142 3.00 59.76 -46.67
C TRP D 142 2.26 58.70 -45.86
N HIS D 143 2.91 58.17 -44.82
CA HIS D 143 2.33 57.15 -43.96
C HIS D 143 1.62 57.73 -42.74
N PHE D 144 1.53 59.05 -42.62
CA PHE D 144 0.99 59.66 -41.41
C PHE D 144 -0.07 60.68 -41.77
N GLN D 145 -1.13 60.70 -40.97
CA GLN D 145 -2.25 61.60 -41.19
C GLN D 145 -1.89 63.03 -40.79
N GLY D 146 -2.52 63.99 -41.47
CA GLY D 146 -2.20 65.38 -41.26
C GLY D 146 -1.34 65.95 -42.38
N TYR D 147 -0.37 65.17 -42.82
CA TYR D 147 0.47 65.55 -43.96
C TYR D 147 -0.36 65.35 -45.23
N GLU D 148 -1.07 66.39 -45.63
CA GLU D 148 -2.01 66.28 -46.74
C GLU D 148 -1.49 66.87 -48.04
N TYR D 149 -0.65 67.89 -47.99
CA TYR D 149 -0.08 68.49 -49.19
C TYR D 149 1.42 68.21 -49.24
N CYS D 150 1.98 68.32 -50.43
CA CYS D 150 3.43 68.22 -50.58
C CYS D 150 4.10 69.49 -50.07
N HIS D 151 5.16 69.32 -49.30
CA HIS D 151 5.86 70.47 -48.73
C HIS D 151 6.83 71.12 -49.70
N SER D 152 7.02 70.56 -50.89
CA SER D 152 7.89 71.14 -51.90
C SER D 152 7.22 71.38 -53.24
N HIS D 153 6.04 70.82 -53.48
CA HIS D 153 5.31 71.05 -54.71
C HIS D 153 3.95 71.71 -54.51
N ASN D 154 3.44 71.74 -53.27
CA ASN D 154 2.17 72.39 -52.88
C ASN D 154 0.98 71.82 -53.65
N VAL D 155 1.01 70.52 -53.90
CA VAL D 155 -0.06 69.83 -54.62
C VAL D 155 -0.68 68.82 -53.66
N PRO D 156 -2.01 68.65 -53.67
CA PRO D 156 -2.61 67.64 -52.79
C PRO D 156 -2.29 66.22 -53.22
N LEU D 157 -2.20 65.35 -52.22
CA LEU D 157 -1.87 63.94 -52.46
C LEU D 157 -3.06 63.23 -53.08
N ILE D 158 -2.79 62.06 -53.65
CA ILE D 158 -3.79 61.28 -54.37
C ILE D 158 -3.93 59.91 -53.73
N THR D 159 -5.19 59.47 -53.58
CA THR D 159 -5.51 58.12 -53.11
C THR D 159 -6.30 57.32 -54.13
N THR D 160 -6.73 57.93 -55.23
CA THR D 160 -7.60 57.30 -56.21
C THR D 160 -7.26 57.85 -57.58
N CYS D 161 -7.13 56.96 -58.56
CA CYS D 161 -6.88 57.37 -59.93
C CYS D 161 -8.17 57.93 -60.57
N SER D 162 -8.06 58.32 -61.84
CA SER D 162 -9.22 58.85 -62.55
C SER D 162 -10.23 57.77 -62.91
N CYS D 163 -9.82 56.51 -62.93
CA CYS D 163 -10.72 55.41 -63.23
C CYS D 163 -11.31 54.76 -61.98
N GLY D 164 -11.28 55.47 -60.85
CA GLY D 164 -11.86 54.97 -59.63
C GLY D 164 -11.00 54.03 -58.81
N LYS D 165 -9.88 53.57 -59.35
CA LYS D 165 -9.01 52.63 -58.66
C LYS D 165 -8.01 53.38 -57.79
N GLU D 166 -7.69 52.79 -56.64
CA GLU D 166 -6.68 53.36 -55.77
C GLU D 166 -5.29 53.08 -56.33
N PHE D 167 -4.32 53.86 -55.86
CA PHE D 167 -2.93 53.70 -56.25
C PHE D 167 -2.08 53.60 -54.99
N ASP D 168 -1.59 52.40 -54.71
CA ASP D 168 -0.65 52.16 -53.61
C ASP D 168 0.69 51.83 -54.22
N TYR D 169 1.72 52.63 -53.89
CA TYR D 169 3.02 52.46 -54.52
C TYR D 169 3.73 51.20 -54.03
N ARG D 170 3.32 50.64 -52.89
CA ARG D 170 3.93 49.42 -52.39
C ARG D 170 3.57 48.22 -53.25
N VAL D 171 2.40 48.24 -53.89
CA VAL D 171 1.97 47.14 -54.75
C VAL D 171 2.05 47.49 -56.22
N SER D 172 2.21 48.77 -56.58
CA SER D 172 2.19 49.20 -57.98
C SER D 172 3.47 49.89 -58.39
N GLY D 173 4.57 49.67 -57.68
CA GLY D 173 5.84 50.24 -58.07
C GLY D 173 5.96 51.71 -57.74
N LEU D 174 7.10 52.27 -58.13
CA LEU D 174 7.44 53.66 -57.83
C LEU D 174 7.31 54.58 -59.02
N LYS D 175 6.84 54.07 -60.17
CA LYS D 175 6.84 54.88 -61.39
C LYS D 175 5.68 55.88 -61.40
N GLY D 176 4.49 55.44 -60.99
CA GLY D 176 3.34 56.32 -61.01
C GLY D 176 2.33 55.91 -62.07
N ILE D 177 2.39 54.64 -62.47
CA ILE D 177 1.51 54.08 -63.49
C ILE D 177 0.43 53.27 -62.79
N CYS D 178 -0.83 53.54 -63.12
CA CYS D 178 -1.96 52.85 -62.51
C CYS D 178 -2.01 51.39 -62.94
N CYS D 179 -2.86 50.62 -62.25
CA CYS D 179 -2.95 49.20 -62.53
C CYS D 179 -4.04 48.85 -63.53
N LYS D 180 -5.19 49.50 -63.43
CA LYS D 180 -6.30 49.20 -64.34
C LYS D 180 -6.11 49.84 -65.69
N CYS D 181 -5.95 51.17 -65.72
CA CYS D 181 -5.87 51.90 -66.98
C CYS D 181 -4.45 52.03 -67.53
N LYS D 182 -3.45 51.56 -66.77
CA LYS D 182 -1.99 51.69 -67.00
C LYS D 182 -1.56 53.06 -67.52
N GLU D 183 -2.14 54.12 -66.96
CA GLU D 183 -1.84 55.49 -67.29
C GLU D 183 -1.34 56.24 -66.07
N PRO D 184 -0.56 57.31 -66.26
CA PRO D 184 -0.23 58.19 -65.13
C PRO D 184 -1.47 58.88 -64.59
N ILE D 185 -1.49 59.09 -63.28
CA ILE D 185 -2.68 59.59 -62.60
C ILE D 185 -2.72 61.11 -62.73
N THR D 186 -3.86 61.64 -63.18
CA THR D 186 -4.07 63.07 -63.23
C THR D 186 -4.20 63.63 -61.82
N LEU D 187 -3.60 64.80 -61.58
CA LEU D 187 -3.64 65.45 -60.27
C LEU D 187 -5.05 65.92 -59.94
N THR D 188 -5.26 66.17 -58.65
CA THR D 188 -6.55 66.67 -58.16
C THR D 188 -6.45 68.12 -57.71
N GLY D 193 -5.63 74.99 -54.53
CA GLY D 193 -4.37 75.22 -53.86
C GLY D 193 -4.50 76.17 -52.68
N HIS D 194 -4.38 75.63 -51.47
CA HIS D 194 -4.52 76.41 -50.25
C HIS D 194 -3.15 76.82 -49.72
N GLU D 195 -3.14 77.38 -48.52
CA GLU D 195 -1.92 77.86 -47.87
C GLU D 195 -1.75 77.33 -46.46
N ALA D 196 -2.84 77.17 -45.70
CA ALA D 196 -2.74 76.75 -44.30
C ALA D 196 -2.30 75.30 -44.18
N ALA D 197 -2.71 74.43 -45.11
CA ALA D 197 -2.21 73.07 -45.10
C ALA D 197 -0.79 73.00 -45.66
N CYS D 198 -0.40 73.97 -46.49
CA CYS D 198 0.97 74.01 -47.00
C CYS D 198 1.96 74.41 -45.92
N THR D 199 1.53 75.22 -44.94
CA THR D 199 2.43 75.64 -43.88
C THR D 199 2.71 74.50 -42.92
N VAL D 200 1.67 73.72 -42.58
CA VAL D 200 1.83 72.60 -41.65
C VAL D 200 2.65 71.49 -42.30
N SER D 201 2.47 71.28 -43.61
CA SER D 201 3.25 70.28 -44.34
C SER D 201 4.73 70.65 -44.39
N ASN D 202 5.03 71.94 -44.55
CA ASN D 202 6.41 72.39 -44.46
C ASN D 202 6.90 72.42 -43.01
N TRP D 203 5.98 72.46 -42.05
CA TRP D 203 6.36 72.43 -40.64
C TRP D 203 6.59 70.99 -40.16
N LEU D 204 5.73 70.06 -40.58
CA LEU D 204 5.92 68.66 -40.23
C LEU D 204 7.11 68.04 -40.96
N ALA D 205 7.55 68.63 -42.07
CA ALA D 205 8.71 68.11 -42.79
C ALA D 205 10.01 68.39 -42.06
N GLY D 206 10.04 69.37 -41.16
CA GLY D 206 11.23 69.70 -40.40
C GLY D 206 11.83 71.05 -40.69
N HIS D 207 11.22 71.85 -41.54
CA HIS D 207 11.71 73.18 -41.86
C HIS D 207 11.03 74.22 -40.99
N GLU D 208 11.59 75.43 -40.99
CA GLU D 208 11.04 76.53 -40.22
C GLU D 208 9.81 77.09 -40.93
N SER D 209 8.66 77.00 -40.27
CA SER D 209 7.41 77.54 -40.79
C SER D 209 6.85 78.50 -39.75
N LYS D 210 6.68 79.73 -40.11
CA LYS D 210 6.14 80.74 -39.21
C LYS D 210 4.62 80.83 -39.38
N PRO D 211 3.86 81.14 -38.32
CA PRO D 211 4.24 81.43 -36.93
C PRO D 211 4.41 80.20 -36.04
N LEU D 212 4.56 79.02 -36.64
CA LEU D 212 4.63 77.80 -35.85
C LEU D 212 6.00 77.70 -35.17
N PRO D 213 6.06 77.15 -33.95
CA PRO D 213 7.31 77.22 -33.19
C PRO D 213 8.37 76.26 -33.69
N ASN D 214 9.63 76.66 -33.49
CA ASN D 214 10.78 75.84 -33.85
C ASN D 214 10.94 74.75 -32.81
N LEU D 215 10.42 73.56 -33.11
CA LEU D 215 10.45 72.41 -32.23
C LEU D 215 11.16 71.25 -32.91
N PRO D 216 11.67 70.28 -32.14
CA PRO D 216 12.12 69.03 -32.75
C PRO D 216 10.95 68.25 -33.33
N LYS D 217 11.27 67.34 -34.25
CA LYS D 217 10.25 66.63 -35.01
C LYS D 217 9.41 65.71 -34.15
N SER D 218 9.92 65.24 -33.01
CA SER D 218 9.12 64.42 -32.11
C SER D 218 8.01 65.24 -31.47
N TYR D 219 8.23 66.54 -31.29
CA TYR D 219 7.29 67.41 -30.61
C TYR D 219 6.29 68.06 -31.56
N ARG D 220 6.65 68.19 -32.84
CA ARG D 220 5.75 68.83 -33.80
C ARG D 220 4.55 67.94 -34.09
N TRP D 221 4.72 66.62 -34.08
CA TRP D 221 3.59 65.71 -34.19
C TRP D 221 2.78 65.64 -32.92
N GLY D 222 3.40 65.93 -31.76
CA GLY D 222 2.65 65.94 -30.51
C GLY D 222 1.67 67.09 -30.42
N LEU D 223 1.97 68.22 -31.06
CA LEU D 223 1.04 69.33 -31.08
C LEU D 223 -0.15 69.06 -31.99
N VAL D 224 0.06 68.30 -33.06
CA VAL D 224 -1.04 67.98 -33.97
C VAL D 224 -2.02 67.01 -33.32
N HIS D 225 -1.50 66.04 -32.58
CA HIS D 225 -2.36 65.14 -31.80
C HIS D 225 -3.06 65.90 -30.67
N TRP D 226 -2.37 66.88 -30.08
CA TRP D 226 -2.98 67.66 -29.00
C TRP D 226 -4.06 68.59 -29.54
N TRP D 227 -3.88 69.13 -30.74
CA TRP D 227 -4.87 70.04 -31.31
C TRP D 227 -6.14 69.31 -31.74
N MET D 228 -6.02 68.03 -32.08
CA MET D 228 -7.20 67.22 -32.36
C MET D 228 -7.98 66.89 -31.09
N GLY D 229 -7.33 66.91 -29.94
CA GLY D 229 -8.03 66.66 -28.69
C GLY D 229 -8.74 67.87 -28.14
N ILE D 230 -8.28 69.07 -28.48
CA ILE D 230 -8.91 70.29 -27.98
C ILE D 230 -10.24 70.52 -28.68
N LYS D 231 -10.25 70.47 -30.01
CA LYS D 231 -11.47 70.64 -30.78
C LYS D 231 -12.37 69.41 -30.71
N ASP D 232 -11.83 68.27 -30.23
CA ASP D 232 -12.54 66.99 -30.11
C ASP D 232 -13.11 66.53 -31.46
N SER D 233 -12.28 66.65 -32.49
CA SER D 233 -12.67 66.33 -33.86
C SER D 233 -11.40 66.03 -34.64
N GLU D 234 -11.52 66.00 -35.96
CA GLU D 234 -10.36 65.84 -36.83
C GLU D 234 -9.54 67.12 -36.89
N PHE D 235 -8.39 67.04 -37.53
CA PHE D 235 -7.45 68.14 -37.56
C PHE D 235 -7.90 69.21 -38.56
N ASP D 236 -7.86 70.46 -38.13
CA ASP D 236 -8.21 71.61 -38.96
C ASP D 236 -6.97 72.44 -39.21
N HIS D 237 -6.60 72.61 -40.48
CA HIS D 237 -5.38 73.33 -40.81
C HIS D 237 -5.52 74.84 -40.64
N PHE D 238 -6.74 75.37 -40.72
CA PHE D 238 -6.91 76.82 -40.66
C PHE D 238 -6.84 77.34 -39.23
N SER D 239 -7.51 76.66 -38.30
CA SER D 239 -7.51 77.10 -36.91
C SER D 239 -6.20 76.75 -36.19
N PHE D 240 -5.39 75.86 -36.77
CA PHE D 240 -4.13 75.49 -36.14
C PHE D 240 -3.07 76.56 -36.31
N VAL D 241 -2.98 77.13 -37.52
CA VAL D 241 -1.98 78.17 -37.77
C VAL D 241 -2.39 79.47 -37.07
N GLN D 242 -3.70 79.73 -36.99
CA GLN D 242 -4.20 80.94 -36.34
C GLN D 242 -3.99 80.89 -34.83
N PHE D 243 -4.01 79.68 -34.25
CA PHE D 243 -3.84 79.54 -32.80
C PHE D 243 -2.43 79.89 -32.36
N PHE D 244 -1.43 79.56 -33.18
CA PHE D 244 -0.05 79.90 -32.85
C PHE D 244 0.35 81.26 -33.40
N SER D 245 -0.52 81.94 -34.14
CA SER D 245 -0.25 83.33 -34.51
C SER D 245 -0.40 84.25 -33.32
N ASN D 246 -1.27 83.89 -32.37
CA ASN D 246 -1.48 84.65 -31.14
C ASN D 246 -0.89 83.92 -29.94
N TRP D 247 0.24 83.27 -30.12
CA TRP D 247 0.92 82.60 -29.04
C TRP D 247 1.69 83.62 -28.21
N PRO D 248 1.68 83.50 -26.87
CA PRO D 248 0.96 82.53 -26.04
C PRO D 248 -0.39 83.01 -25.51
N ARG D 249 -0.80 84.23 -25.86
CA ARG D 249 -1.99 84.80 -25.25
C ARG D 249 -3.29 84.23 -25.81
N SER D 250 -3.24 83.44 -26.88
CA SER D 250 -4.41 82.68 -27.30
C SER D 250 -4.61 81.46 -26.41
N PHE D 251 -3.52 80.79 -26.03
CA PHE D 251 -3.59 79.65 -25.14
C PHE D 251 -3.94 80.08 -23.71
N HIS D 252 -3.59 81.32 -23.34
CA HIS D 252 -4.02 81.85 -22.06
C HIS D 252 -5.52 82.12 -22.06
N SER D 253 -6.11 82.40 -23.23
CA SER D 253 -7.53 82.72 -23.31
C SER D 253 -8.38 81.48 -23.10
N ILE D 254 -7.87 80.30 -23.45
CA ILE D 254 -8.64 79.07 -23.26
C ILE D 254 -8.70 78.70 -21.79
N ILE D 255 -7.56 78.79 -21.09
CA ILE D 255 -7.46 78.34 -19.71
C ILE D 255 -8.31 79.21 -18.79
N GLU D 256 -8.40 80.51 -19.10
CA GLU D 256 -9.31 81.39 -18.36
C GLU D 256 -10.76 81.00 -18.59
N ASP D 257 -11.10 80.62 -19.83
CA ASP D 257 -12.47 80.24 -20.13
C ASP D 257 -12.80 78.86 -19.57
N GLU D 258 -11.80 78.01 -19.38
CA GLU D 258 -12.07 76.70 -18.81
C GLU D 258 -12.27 76.77 -17.29
N VAL D 259 -11.50 77.61 -16.60
CA VAL D 259 -11.69 77.71 -15.16
C VAL D 259 -12.93 78.52 -14.83
N GLU D 260 -13.36 79.43 -15.70
CA GLU D 260 -14.62 80.12 -15.47
C GLU D 260 -15.80 79.20 -15.76
N PHE D 261 -15.62 78.19 -16.60
CA PHE D 261 -16.68 77.24 -16.89
C PHE D 261 -16.86 76.21 -15.79
N ASN D 262 -15.77 75.78 -15.16
CA ASN D 262 -15.85 74.73 -14.15
C ASN D 262 -16.08 75.25 -12.74
N LEU D 263 -15.76 76.51 -12.45
CA LEU D 263 -16.17 77.09 -11.18
C LEU D 263 -17.68 77.28 -11.12
N GLU D 264 -18.28 77.75 -12.21
CA GLU D 264 -19.70 78.04 -12.21
C GLU D 264 -20.57 76.80 -12.39
N HIS D 265 -19.97 75.67 -12.76
CA HIS D 265 -20.75 74.47 -13.01
C HIS D 265 -20.26 73.31 -12.15
N THR D 270 -16.24 75.44 -2.50
CA THR D 270 -15.08 75.61 -3.34
C THR D 270 -13.83 75.01 -2.70
N SER D 271 -13.96 74.61 -1.44
CA SER D 271 -12.87 73.93 -0.75
C SER D 271 -12.83 72.44 -1.05
N GLU D 272 -13.82 71.91 -1.76
CA GLU D 272 -13.88 70.51 -2.15
C GLU D 272 -13.54 70.29 -3.61
N LEU D 273 -13.15 71.35 -4.33
CA LEU D 273 -12.83 71.22 -5.73
C LEU D 273 -11.53 70.47 -5.92
N ARG D 274 -11.53 69.54 -6.88
CA ARG D 274 -10.38 68.69 -7.16
C ARG D 274 -9.63 69.20 -8.38
N LEU D 275 -8.45 68.64 -8.60
CA LEU D 275 -7.66 69.02 -9.76
C LEU D 275 -8.29 68.49 -11.05
N LYS D 276 -8.94 67.33 -10.98
CA LYS D 276 -9.66 66.78 -12.12
C LYS D 276 -11.02 67.43 -12.32
N ASP D 277 -11.48 68.23 -11.37
CA ASP D 277 -12.77 68.91 -11.50
C ASP D 277 -12.65 70.32 -12.04
N LEU D 278 -11.43 70.87 -12.08
CA LEU D 278 -11.21 72.21 -12.59
C LEU D 278 -10.24 72.24 -13.78
N LEU D 279 -9.17 71.45 -13.72
CA LEU D 279 -8.18 71.37 -14.79
C LEU D 279 -7.92 69.92 -15.14
N GLY D 280 -8.98 69.12 -15.26
CA GLY D 280 -8.81 67.72 -15.59
C GLY D 280 -8.54 67.47 -17.05
N ARG D 281 -8.95 68.39 -17.92
CA ARG D 281 -8.80 68.20 -19.35
C ARG D 281 -7.47 68.74 -19.87
N LEU D 282 -7.09 69.94 -19.45
CA LEU D 282 -5.90 70.58 -19.99
C LEU D 282 -4.62 70.04 -19.39
N PHE D 283 -4.62 69.75 -18.08
CA PHE D 283 -3.40 69.35 -17.40
C PHE D 283 -3.02 67.92 -17.72
N PHE D 284 -3.98 66.99 -17.58
CA PHE D 284 -3.70 65.59 -17.84
C PHE D 284 -3.58 65.26 -19.33
N GLY D 285 -4.07 66.14 -20.19
CA GLY D 285 -3.93 65.93 -21.61
C GLY D 285 -2.74 66.66 -22.20
N SER D 286 -1.79 67.04 -21.35
CA SER D 286 -0.59 67.72 -21.82
C SER D 286 0.68 67.32 -21.08
N ILE D 287 0.66 66.24 -20.30
CA ILE D 287 1.84 65.86 -19.54
C ILE D 287 2.91 65.29 -20.46
N ARG D 288 2.60 64.20 -21.14
CA ARG D 288 3.56 63.48 -21.98
C ARG D 288 3.13 63.67 -23.43
N LEU D 289 3.72 64.66 -24.09
CA LEU D 289 3.50 64.89 -25.53
C LEU D 289 4.81 65.26 -26.21
N PRO D 290 5.72 64.29 -26.40
CA PRO D 290 5.81 62.90 -25.94
C PRO D 290 6.28 62.75 -24.50
N GLU D 291 7.03 63.73 -23.99
CA GLU D 291 7.61 63.65 -22.65
C GLU D 291 7.41 64.98 -21.93
N ARG D 292 8.10 65.14 -20.81
CA ARG D 292 7.97 66.28 -19.93
C ARG D 292 9.08 67.31 -20.13
N ASN D 293 9.74 67.31 -21.28
CA ASN D 293 10.82 68.27 -21.52
C ASN D 293 10.18 69.64 -21.78
N LEU D 294 10.18 70.49 -20.75
CA LEU D 294 9.54 71.79 -20.83
C LEU D 294 10.26 72.75 -21.76
N GLN D 295 11.51 72.44 -22.12
CA GLN D 295 12.22 73.22 -23.14
C GLN D 295 11.54 73.08 -24.50
N HIS D 296 10.94 71.93 -24.78
CA HIS D 296 10.30 71.70 -26.07
C HIS D 296 8.80 71.44 -25.97
N ASN D 297 8.30 70.93 -24.85
CA ASN D 297 6.85 70.82 -24.63
C ASN D 297 6.38 72.19 -24.19
N ILE D 298 6.00 73.03 -25.15
CA ILE D 298 5.58 74.39 -24.85
C ILE D 298 4.18 74.47 -24.29
N ILE D 299 3.40 73.39 -24.34
CA ILE D 299 2.06 73.41 -23.76
C ILE D 299 2.13 73.24 -22.25
N LEU D 300 2.89 72.25 -21.79
CA LEU D 300 3.05 72.06 -20.35
C LEU D 300 3.96 73.13 -19.75
N GLY D 301 4.87 73.68 -20.55
CA GLY D 301 5.73 74.74 -20.06
C GLY D 301 5.00 76.05 -19.83
N GLU D 302 3.96 76.31 -20.63
CA GLU D 302 3.18 77.53 -20.47
C GLU D 302 2.04 77.36 -19.49
N LEU D 303 1.51 76.13 -19.35
CA LEU D 303 0.47 75.88 -18.36
C LEU D 303 1.02 75.97 -16.94
N LEU D 304 2.25 75.51 -16.73
CA LEU D 304 2.89 75.71 -15.43
C LEU D 304 3.35 77.15 -15.23
N CYS D 305 3.53 77.90 -16.32
CA CYS D 305 3.81 79.33 -16.19
C CYS D 305 2.55 80.09 -15.76
N TYR D 306 1.39 79.64 -16.25
CA TYR D 306 0.14 80.32 -15.90
C TYR D 306 -0.29 80.00 -14.48
N LEU D 307 -0.05 78.77 -14.03
CA LEU D 307 -0.48 78.36 -12.69
C LEU D 307 0.52 78.75 -11.62
N GLU D 308 1.69 79.28 -11.99
CA GLU D 308 2.64 79.73 -10.98
C GLU D 308 2.25 81.10 -10.43
N ASN D 309 1.76 81.99 -11.29
CA ASN D 309 1.35 83.33 -10.87
C ASN D 309 -0.11 83.37 -10.42
N ARG D 310 -0.71 82.22 -10.12
CA ARG D 310 -2.10 82.18 -9.69
C ARG D 310 -2.29 81.18 -8.54
N LEU D 311 -1.22 80.86 -7.81
CA LEU D 311 -1.30 79.86 -6.76
C LEU D 311 -2.10 80.36 -5.56
N TRP D 312 -1.69 81.49 -4.98
CA TRP D 312 -2.36 82.01 -3.79
C TRP D 312 -3.18 83.25 -4.09
N GLN D 313 -3.49 83.50 -5.36
CA GLN D 313 -4.52 84.46 -5.69
C GLN D 313 -5.90 83.83 -5.51
N ASP D 314 -6.90 84.70 -5.32
CA ASP D 314 -8.29 84.33 -5.06
C ASP D 314 -8.39 83.41 -3.83
N LYS D 315 -7.72 83.84 -2.76
CA LYS D 315 -7.66 83.13 -1.47
C LYS D 315 -7.12 81.71 -1.60
N GLY D 316 -6.14 81.53 -2.48
CA GLY D 316 -5.51 80.24 -2.69
C GLY D 316 -6.43 79.23 -3.36
N LEU D 317 -7.01 79.61 -4.50
CA LEU D 317 -7.95 78.73 -5.18
C LEU D 317 -7.23 77.58 -5.86
N ILE D 318 -6.16 77.89 -6.59
CA ILE D 318 -5.44 76.86 -7.33
C ILE D 318 -4.61 75.99 -6.40
N ALA D 319 -4.03 76.59 -5.35
CA ALA D 319 -3.13 75.85 -4.46
C ALA D 319 -3.86 74.92 -3.51
N ASN D 320 -5.18 74.99 -3.43
CA ASN D 320 -5.95 74.14 -2.52
C ASN D 320 -6.72 73.04 -3.25
N LEU D 321 -6.40 72.79 -4.52
CA LEU D 321 -7.10 71.77 -5.29
C LEU D 321 -6.63 70.38 -4.87
N LYS D 322 -7.58 69.48 -4.64
CA LYS D 322 -7.26 68.17 -4.11
C LYS D 322 -6.68 67.25 -5.18
N MET D 323 -5.81 66.34 -4.74
CA MET D 323 -5.16 65.37 -5.62
C MET D 323 -5.10 64.02 -4.91
N ASN D 324 -4.99 62.96 -5.71
CA ASN D 324 -4.82 61.61 -5.18
C ASN D 324 -3.33 61.31 -5.01
N ALA D 325 -3.02 60.06 -4.72
CA ALA D 325 -1.65 59.56 -4.81
C ALA D 325 -1.35 58.98 -6.19
N LEU D 326 -2.38 58.60 -6.96
CA LEU D 326 -2.17 58.18 -8.33
C LEU D 326 -1.74 59.35 -9.21
N GLU D 327 -2.53 60.41 -9.20
CA GLU D 327 -2.26 61.58 -10.03
C GLU D 327 -1.19 62.48 -9.45
N ALA D 328 -0.64 62.15 -8.27
CA ALA D 328 0.57 62.79 -7.81
C ALA D 328 1.80 62.22 -8.49
N THR D 329 1.80 60.92 -8.78
CA THR D 329 2.90 60.30 -9.51
C THR D 329 2.94 60.73 -10.96
N VAL D 330 1.81 61.15 -11.53
CA VAL D 330 1.78 61.62 -12.91
C VAL D 330 2.50 62.96 -13.02
N MET D 331 2.29 63.84 -12.03
CA MET D 331 2.94 65.14 -12.05
C MET D 331 4.39 65.06 -11.60
N LEU D 332 4.67 64.33 -10.53
CA LEU D 332 6.02 64.26 -9.99
C LEU D 332 6.95 63.36 -10.79
N ASN D 333 6.39 62.51 -11.66
CA ASN D 333 7.11 61.47 -12.40
C ASN D 333 7.87 60.55 -11.43
N CYS D 334 7.11 59.88 -10.58
CA CYS D 334 7.66 58.96 -9.59
C CYS D 334 6.72 57.76 -9.50
N SER D 335 6.94 56.93 -8.49
CA SER D 335 6.16 55.72 -8.28
C SER D 335 5.37 55.82 -6.98
N LEU D 336 4.51 54.83 -6.75
CA LEU D 336 3.72 54.77 -5.54
C LEU D 336 4.53 54.33 -4.32
N ASP D 337 5.73 53.77 -4.54
CA ASP D 337 6.59 53.41 -3.42
C ASP D 337 7.29 54.63 -2.83
N GLN D 338 7.66 55.60 -3.68
CA GLN D 338 8.24 56.84 -3.16
C GLN D 338 7.18 57.72 -2.52
N ILE D 339 5.93 57.66 -3.00
CA ILE D 339 4.85 58.40 -2.38
C ILE D 339 4.55 57.85 -0.99
N ALA D 340 4.51 56.52 -0.86
CA ALA D 340 4.30 55.90 0.44
C ALA D 340 5.49 56.08 1.37
N SER D 341 6.69 56.35 0.83
CA SER D 341 7.83 56.67 1.68
C SER D 341 7.78 58.10 2.16
N MET D 342 7.28 59.03 1.35
CA MET D 342 7.19 60.43 1.73
C MET D 342 5.96 60.73 2.59
N VAL D 343 5.17 59.72 2.94
CA VAL D 343 4.18 59.86 4.01
C VAL D 343 4.72 59.17 5.27
N GLU D 344 5.76 58.34 5.16
CA GLU D 344 6.44 57.84 6.34
C GLU D 344 7.36 58.90 6.94
N GLN D 345 8.25 59.47 6.13
CA GLN D 345 9.16 60.51 6.62
C GLN D 345 8.54 61.90 6.56
N ARG D 346 7.45 62.06 5.81
CA ARG D 346 6.61 63.26 5.78
C ARG D 346 7.36 64.49 5.29
N ILE D 347 8.02 64.33 4.14
CA ILE D 347 8.33 65.48 3.31
C ILE D 347 7.05 66.00 2.68
N LEU D 348 6.16 65.10 2.29
CA LEU D 348 4.84 65.43 1.77
C LEU D 348 3.82 65.23 2.86
N LYS D 349 2.96 66.24 3.06
CA LYS D 349 2.05 66.29 4.19
C LYS D 349 0.65 65.84 3.78
N PRO D 350 0.04 64.89 4.50
CA PRO D 350 -1.34 64.49 4.24
C PRO D 350 -2.35 65.59 4.56
N LEU D 360 -1.96 53.73 3.26
CA LEU D 360 -2.74 54.87 2.82
C LEU D 360 -3.57 54.51 1.58
N ASP D 361 -4.79 55.02 1.51
CA ASP D 361 -5.63 54.80 0.34
C ASP D 361 -5.07 55.59 -0.83
N VAL D 362 -4.73 54.89 -1.91
CA VAL D 362 -4.05 55.51 -3.03
C VAL D 362 -5.01 56.38 -3.83
N THR D 363 -6.29 56.00 -3.87
CA THR D 363 -7.32 56.77 -4.56
C THR D 363 -8.02 57.76 -3.65
N ASP D 364 -7.36 58.22 -2.59
CA ASP D 364 -7.95 59.16 -1.64
C ASP D 364 -7.38 60.55 -1.89
N TYR D 365 -8.23 61.57 -1.73
CA TYR D 365 -7.85 62.96 -1.96
C TYR D 365 -7.35 63.54 -0.65
N LEU D 366 -6.03 63.50 -0.47
CA LEU D 366 -5.40 63.94 0.77
C LEU D 366 -4.32 64.99 0.55
N PHE D 367 -4.05 65.38 -0.69
CA PHE D 367 -2.96 66.28 -0.98
C PHE D 367 -3.47 67.47 -1.79
N HIS D 368 -2.82 68.61 -1.61
CA HIS D 368 -3.21 69.83 -2.31
C HIS D 368 -2.22 70.12 -3.43
N PHE D 369 -2.71 70.82 -4.46
CA PHE D 369 -1.91 71.06 -5.66
C PHE D 369 -0.74 71.99 -5.39
N GLY D 370 -0.89 72.95 -4.48
CA GLY D 370 0.22 73.82 -4.15
C GLY D 370 1.33 73.11 -3.40
N ASP D 371 0.99 72.03 -2.69
CA ASP D 371 2.01 71.24 -2.02
C ASP D 371 2.71 70.28 -2.97
N ILE D 372 1.99 69.79 -3.99
CA ILE D 372 2.60 68.93 -5.00
C ILE D 372 3.48 69.75 -5.93
N PHE D 373 3.05 70.97 -6.25
CA PHE D 373 3.84 71.84 -7.14
C PHE D 373 5.14 72.29 -6.49
N CYS D 374 5.13 72.50 -5.18
CA CYS D 374 6.35 72.91 -4.50
C CYS D 374 7.20 71.74 -4.05
N LEU D 375 6.62 70.54 -3.95
CA LEU D 375 7.44 69.35 -3.76
C LEU D 375 8.23 69.02 -5.02
N TRP D 376 7.67 69.31 -6.20
CA TRP D 376 8.40 69.11 -7.45
C TRP D 376 9.57 70.08 -7.57
N LEU D 377 9.39 71.32 -7.12
CA LEU D 377 10.50 72.27 -7.14
C LEU D 377 11.56 71.97 -6.10
N ALA D 378 11.30 71.03 -5.18
CA ALA D 378 12.20 70.65 -4.11
C ALA D 378 12.92 69.34 -4.35
N GLU D 379 12.23 68.31 -4.82
CA GLU D 379 12.80 66.97 -4.83
C GLU D 379 12.70 66.26 -6.17
N PHE D 380 12.11 66.88 -7.20
CA PHE D 380 11.82 66.12 -8.42
C PHE D 380 12.11 66.89 -9.71
N GLN D 381 12.97 67.89 -9.68
CA GLN D 381 13.40 68.51 -10.93
C GLN D 381 14.39 67.62 -11.66
N SER D 382 14.60 67.94 -12.94
CA SER D 382 15.59 67.25 -13.76
C SER D 382 16.29 68.30 -14.62
N ASP D 383 17.14 67.83 -15.54
CA ASP D 383 17.78 68.73 -16.49
C ASP D 383 16.87 69.13 -17.64
N GLU D 384 15.72 68.48 -17.79
CA GLU D 384 14.76 68.80 -18.84
C GLU D 384 13.41 69.21 -18.30
N PHE D 385 12.96 68.59 -17.20
CA PHE D 385 11.69 68.93 -16.57
C PHE D 385 11.99 69.71 -15.30
N ASN D 386 12.17 71.02 -15.48
CA ASN D 386 12.35 71.94 -14.38
C ASN D 386 11.82 73.31 -14.79
N ARG D 387 11.71 74.22 -13.82
CA ARG D 387 11.02 75.48 -14.05
C ARG D 387 11.86 76.49 -14.82
N SER D 388 13.14 76.23 -15.04
CA SER D 388 14.05 77.26 -15.53
C SER D 388 13.92 77.55 -17.02
N PHE D 389 12.98 76.92 -17.73
CA PHE D 389 12.83 77.17 -19.15
C PHE D 389 11.74 78.19 -19.48
N TYR D 390 10.64 78.21 -18.73
CA TYR D 390 9.57 79.17 -18.98
C TYR D 390 9.72 80.45 -18.16
N VAL D 391 10.91 80.74 -17.66
CA VAL D 391 11.14 81.97 -16.91
C VAL D 391 11.27 83.15 -17.87
N MET E 1 -24.43 26.48 -31.00
CA MET E 1 -24.63 25.05 -31.18
C MET E 1 -23.87 24.28 -30.11
N LYS E 2 -24.48 23.23 -29.59
CA LYS E 2 -23.88 22.44 -28.53
C LYS E 2 -22.96 21.37 -29.08
N LEU E 3 -21.95 21.00 -28.28
CA LEU E 3 -21.21 19.84 -28.75
C LEU E 3 -21.87 18.56 -28.25
N PRO E 4 -21.98 17.54 -29.10
CA PRO E 4 -22.62 16.29 -28.65
C PRO E 4 -21.71 15.48 -27.74
N THR E 5 -22.23 14.40 -27.17
CA THR E 5 -21.40 13.52 -26.36
C THR E 5 -20.60 12.53 -27.19
N ASN E 6 -20.86 12.44 -28.49
CA ASN E 6 -20.09 11.61 -29.40
C ASN E 6 -19.94 12.37 -30.69
N LEU E 7 -18.73 12.81 -31.01
CA LEU E 7 -18.46 13.37 -32.32
C LEU E 7 -16.99 13.15 -32.63
N ALA E 8 -16.70 12.45 -33.73
CA ALA E 8 -15.33 12.10 -34.07
C ALA E 8 -15.25 11.91 -35.57
N TYR E 9 -14.14 12.34 -36.19
CA TYR E 9 -13.95 12.09 -37.61
C TYR E 9 -12.66 11.30 -37.80
N GLU E 10 -12.52 10.76 -39.00
CA GLU E 10 -11.27 10.16 -39.43
C GLU E 10 -10.47 11.15 -40.25
N ARG E 11 -9.17 10.91 -40.33
CA ARG E 11 -8.30 11.78 -41.10
C ARG E 11 -8.45 11.54 -42.59
N SER E 12 -8.28 12.60 -43.36
CA SER E 12 -8.40 12.52 -44.80
C SER E 12 -7.06 12.45 -45.51
N ILE E 13 -5.95 12.60 -44.79
CA ILE E 13 -4.61 12.49 -45.36
C ILE E 13 -3.84 11.47 -44.53
N ASP E 14 -3.30 10.45 -45.20
CA ASP E 14 -2.62 9.36 -44.52
C ASP E 14 -1.19 9.22 -45.06
N PRO E 15 -0.20 9.81 -44.41
CA PRO E 15 1.18 9.62 -44.82
C PRO E 15 1.72 8.33 -44.22
N SER E 16 2.96 8.00 -44.58
CA SER E 16 3.63 6.83 -44.05
C SER E 16 5.00 7.23 -43.52
N ASP E 17 5.73 6.24 -43.02
CA ASP E 17 7.11 6.46 -42.61
C ASP E 17 7.98 6.74 -43.83
N VAL E 18 9.01 7.55 -43.63
CA VAL E 18 9.96 7.87 -44.69
C VAL E 18 11.20 7.03 -44.48
N CYS E 19 11.57 6.25 -45.51
CA CYS E 19 12.74 5.40 -45.44
C CYS E 19 13.89 6.05 -46.20
N PHE E 20 15.10 5.88 -45.67
CA PHE E 20 16.31 6.50 -46.20
C PHE E 20 17.17 5.45 -46.88
N PHE E 21 17.79 5.84 -47.99
CA PHE E 21 18.67 4.95 -48.74
C PHE E 21 19.93 5.70 -49.15
N VAL E 22 20.97 4.93 -49.42
CA VAL E 22 22.26 5.45 -49.85
C VAL E 22 22.51 4.95 -51.25
N VAL E 23 22.67 5.87 -52.19
CA VAL E 23 22.97 5.52 -53.58
C VAL E 23 24.46 5.65 -53.78
N TRP E 24 25.09 4.57 -54.13
CA TRP E 24 26.50 4.52 -54.44
C TRP E 24 26.70 4.78 -55.93
N PRO E 25 27.89 5.20 -56.35
CA PRO E 25 28.18 5.23 -57.79
C PRO E 25 28.16 3.82 -58.38
N ASP E 26 27.85 3.78 -59.68
CA ASP E 26 27.33 2.62 -60.43
C ASP E 26 25.95 2.18 -59.95
N ASP E 27 25.24 3.07 -59.23
CA ASP E 27 23.79 3.06 -59.05
C ASP E 27 23.26 1.79 -58.40
N ARG E 28 23.66 1.57 -57.15
CA ARG E 28 23.04 0.55 -56.33
C ARG E 28 22.72 1.12 -54.96
N LYS E 29 21.63 0.65 -54.38
CA LYS E 29 21.03 1.27 -53.20
C LYS E 29 21.20 0.38 -51.98
N THR E 30 21.37 1.01 -50.83
CA THR E 30 21.67 0.37 -49.58
C THR E 30 20.97 1.17 -48.50
N PRO E 31 20.28 0.52 -47.57
CA PRO E 31 19.64 1.28 -46.48
C PRO E 31 20.65 1.91 -45.56
N LEU E 32 20.38 3.16 -45.20
CA LEU E 32 21.24 3.94 -44.32
C LEU E 32 21.23 3.37 -42.91
N THR E 33 22.39 3.40 -42.24
CA THR E 33 22.54 2.87 -40.89
C THR E 33 23.10 3.96 -39.99
N TYR E 34 23.15 3.67 -38.69
CA TYR E 34 23.62 4.66 -37.72
C TYR E 34 24.33 3.95 -36.57
N ASN E 35 24.90 4.73 -35.66
CA ASN E 35 25.71 4.26 -34.55
C ASN E 35 24.98 4.49 -33.23
N SER E 36 25.55 3.92 -32.17
CA SER E 36 25.05 4.15 -30.82
C SER E 36 26.19 4.18 -29.81
N VAL E 73 23.62 8.34 -27.07
CA VAL E 73 23.24 9.14 -28.21
C VAL E 73 23.44 8.33 -29.48
N ASP E 74 22.60 8.59 -30.48
CA ASP E 74 22.76 8.00 -31.80
C ASP E 74 23.26 9.07 -32.76
N PHE E 75 24.07 8.65 -33.72
CA PHE E 75 24.55 9.58 -34.74
C PHE E 75 24.42 8.91 -36.09
N CYS E 76 23.90 9.65 -37.05
CA CYS E 76 23.72 9.14 -38.39
C CYS E 76 24.37 10.10 -39.38
N HIS E 77 25.16 9.56 -40.30
CA HIS E 77 25.88 10.38 -41.25
C HIS E 77 25.93 9.65 -42.57
N VAL E 78 26.16 10.40 -43.63
CA VAL E 78 26.28 9.83 -44.96
C VAL E 78 27.62 9.09 -45.06
N PRO E 79 27.66 7.88 -45.59
CA PRO E 79 28.95 7.20 -45.77
C PRO E 79 29.82 7.92 -46.80
N TYR E 80 31.11 7.53 -46.81
CA TYR E 80 32.12 8.37 -47.46
C TYR E 80 31.99 8.36 -48.98
N GLY E 81 31.94 7.19 -49.60
CA GLY E 81 31.95 7.16 -51.04
C GLY E 81 30.59 7.33 -51.68
N ALA E 82 29.60 7.77 -50.91
CA ALA E 82 28.23 7.82 -51.36
C ALA E 82 28.00 8.96 -52.33
N SER E 83 27.02 8.78 -53.22
CA SER E 83 26.67 9.82 -54.18
C SER E 83 25.58 10.73 -53.63
N HIS E 84 24.41 10.17 -53.33
CA HIS E 84 23.31 10.96 -52.80
C HIS E 84 22.46 10.07 -51.92
N ILE E 85 21.25 10.53 -51.60
CA ILE E 85 20.35 9.86 -50.66
C ILE E 85 18.94 9.86 -51.24
N GLU E 86 18.31 8.69 -51.26
CA GLU E 86 16.90 8.56 -51.60
C GLU E 86 16.03 8.62 -50.36
N CYS E 87 14.81 9.13 -50.53
CA CYS E 87 13.80 9.16 -49.49
C CYS E 87 12.47 8.82 -50.15
N SER E 88 11.68 7.94 -49.54
CA SER E 88 10.44 7.52 -50.18
C SER E 88 9.35 7.22 -49.16
N PHE E 89 8.13 7.63 -49.49
CA PHE E 89 6.95 7.41 -48.66
C PHE E 89 5.73 7.55 -49.56
N SER E 90 4.53 7.57 -48.97
CA SER E 90 3.31 7.65 -49.75
C SER E 90 2.23 8.42 -48.99
N VAL E 91 1.38 9.12 -49.73
CA VAL E 91 0.30 9.94 -49.18
C VAL E 91 -0.99 9.60 -49.91
N SER E 92 -2.08 9.43 -49.16
CA SER E 92 -3.41 9.26 -49.72
C SER E 92 -4.30 10.44 -49.32
N PHE E 93 -5.29 10.73 -50.16
CA PHE E 93 -6.28 11.78 -49.91
C PHE E 93 -7.66 11.16 -50.08
N SER E 94 -8.34 10.83 -48.99
CA SER E 94 -9.36 9.79 -49.07
C SER E 94 -10.73 10.17 -48.53
N SER E 95 -11.07 11.46 -48.62
CA SER E 95 -12.44 12.02 -48.40
C SER E 95 -13.19 11.55 -47.13
N GLU E 96 -12.57 11.60 -45.94
CA GLU E 96 -13.32 11.18 -44.71
C GLU E 96 -14.06 12.39 -44.13
N LEU E 97 -13.80 13.58 -44.68
CA LEU E 97 -14.33 14.92 -44.28
C LEU E 97 -15.83 15.10 -44.50
N ARG E 98 -16.41 14.41 -45.50
CA ARG E 98 -17.82 14.61 -45.93
C ARG E 98 -18.87 14.33 -44.85
N GLN E 99 -18.73 13.24 -44.10
CA GLN E 99 -19.64 12.81 -43.05
C GLN E 99 -18.83 12.62 -41.78
N PRO E 100 -19.46 12.71 -40.61
CA PRO E 100 -18.75 12.36 -39.39
C PRO E 100 -18.61 10.85 -39.26
N TYR E 101 -17.50 10.43 -38.66
CA TYR E 101 -17.30 9.01 -38.40
C TYR E 101 -18.23 8.51 -37.31
N LYS E 102 -18.64 9.38 -36.40
CA LYS E 102 -19.45 8.98 -35.26
C LYS E 102 -20.15 10.23 -34.74
N CYS E 103 -21.48 10.22 -34.68
CA CYS E 103 -22.21 11.41 -34.23
C CYS E 103 -23.60 11.00 -33.75
N ASN E 104 -23.85 11.11 -32.44
CA ASN E 104 -25.11 10.68 -31.87
C ASN E 104 -26.22 11.72 -31.95
N SER E 105 -26.03 12.82 -32.67
CA SER E 105 -27.07 13.82 -32.84
C SER E 105 -27.28 14.06 -34.34
N SER E 106 -28.51 13.89 -34.80
CA SER E 106 -28.80 14.07 -36.21
C SER E 106 -28.93 15.54 -36.60
N LYS E 107 -29.06 16.44 -35.65
CA LYS E 107 -29.05 17.87 -35.96
C LYS E 107 -27.64 18.34 -36.27
N VAL E 108 -26.66 17.84 -35.51
CA VAL E 108 -25.28 18.26 -35.71
C VAL E 108 -24.69 17.57 -36.94
N LYS E 109 -25.18 16.37 -37.27
CA LYS E 109 -24.71 15.68 -38.46
C LYS E 109 -25.14 16.40 -39.73
N GLN E 110 -26.36 16.91 -39.77
CA GLN E 110 -26.81 17.69 -40.92
C GLN E 110 -26.17 19.06 -40.99
N THR E 111 -25.58 19.53 -39.89
CA THR E 111 -24.88 20.81 -39.90
C THR E 111 -23.52 20.69 -40.59
N LEU E 112 -22.85 19.55 -40.43
CA LEU E 112 -21.62 19.28 -41.16
C LEU E 112 -21.86 19.22 -42.67
N VAL E 113 -22.79 18.36 -43.08
CA VAL E 113 -23.01 18.07 -44.49
C VAL E 113 -23.47 19.31 -45.26
N GLN E 114 -24.09 20.28 -44.59
CA GLN E 114 -24.32 21.56 -45.24
C GLN E 114 -23.04 22.38 -45.34
N LEU E 115 -22.15 22.29 -44.35
CA LEU E 115 -20.93 23.10 -44.37
C LEU E 115 -19.96 22.65 -45.45
N VAL E 116 -19.75 21.34 -45.58
CA VAL E 116 -18.80 20.84 -46.56
C VAL E 116 -19.34 21.04 -47.97
N GLU E 117 -20.64 20.85 -48.16
CA GLU E 117 -21.22 21.04 -49.49
C GLU E 117 -21.35 22.50 -49.88
N LEU E 118 -21.39 23.42 -48.92
CA LEU E 118 -21.41 24.85 -49.27
C LEU E 118 -20.01 25.44 -49.38
N TYR E 119 -19.05 24.94 -48.60
CA TYR E 119 -17.66 25.33 -48.80
C TYR E 119 -17.17 24.90 -50.18
N GLU E 120 -17.57 23.69 -50.61
CA GLU E 120 -17.19 23.18 -51.91
C GLU E 120 -17.77 24.00 -53.04
N THR E 121 -19.00 24.48 -52.88
CA THR E 121 -19.65 25.21 -53.95
C THR E 121 -19.22 26.67 -53.98
N LYS E 122 -19.19 27.32 -52.81
CA LYS E 122 -18.94 28.76 -52.80
C LYS E 122 -17.45 29.07 -52.87
N ILE E 123 -16.63 28.40 -52.06
CA ILE E 123 -15.19 28.66 -52.00
C ILE E 123 -14.41 27.68 -52.88
N GLY E 124 -14.61 26.39 -52.68
CA GLY E 124 -13.94 25.38 -53.48
C GLY E 124 -12.73 24.80 -52.75
N TRP E 125 -12.24 23.69 -53.28
CA TRP E 125 -11.10 23.02 -52.66
C TRP E 125 -9.78 23.42 -53.27
N THR E 126 -9.74 24.48 -54.07
CA THR E 126 -8.50 24.81 -54.77
C THR E 126 -7.45 25.40 -53.82
N GLU E 127 -7.89 26.11 -52.77
CA GLU E 127 -6.95 26.76 -51.88
C GLU E 127 -6.27 25.78 -50.94
N LEU E 128 -7.05 24.88 -50.32
CA LEU E 128 -6.45 23.92 -49.38
C LEU E 128 -5.62 22.88 -50.11
N ALA E 129 -6.09 22.38 -51.25
CA ALA E 129 -5.35 21.36 -51.99
C ALA E 129 -4.03 21.90 -52.52
N THR E 130 -3.95 23.20 -52.81
CA THR E 130 -2.69 23.80 -53.21
C THR E 130 -1.72 23.90 -52.03
N ARG E 131 -2.24 24.22 -50.85
CA ARG E 131 -1.37 24.41 -49.70
C ARG E 131 -0.88 23.10 -49.12
N TYR E 132 -1.68 22.03 -49.21
CA TYR E 132 -1.18 20.71 -48.81
C TYR E 132 -0.12 20.22 -49.78
N LEU E 133 -0.39 20.37 -51.08
CA LEU E 133 0.46 19.76 -52.10
C LEU E 133 1.80 20.46 -52.23
N MET E 134 1.87 21.74 -51.87
CA MET E 134 3.17 22.40 -51.89
C MET E 134 4.11 21.92 -50.82
N ASN E 135 3.59 21.39 -49.72
CA ASN E 135 4.47 20.80 -48.71
C ASN E 135 4.99 19.45 -49.14
N ILE E 136 4.26 18.73 -50.00
CA ILE E 136 4.82 17.51 -50.58
C ILE E 136 5.85 17.87 -51.65
N CYS E 137 5.53 18.85 -52.48
CA CYS E 137 6.33 19.09 -53.69
C CYS E 137 7.63 19.82 -53.42
N ASN E 138 7.75 20.58 -52.33
CA ASN E 138 9.07 20.99 -51.89
C ASN E 138 9.54 20.00 -50.82
N GLY E 139 10.60 20.33 -50.10
CA GLY E 139 11.07 19.39 -49.11
C GLY E 139 10.62 19.72 -47.70
N LYS E 140 9.35 20.07 -47.51
CA LYS E 140 8.88 20.44 -46.18
C LYS E 140 8.88 19.24 -45.24
N TRP E 141 8.57 18.06 -45.77
CA TRP E 141 8.62 16.84 -44.99
C TRP E 141 10.05 16.35 -44.73
N LEU E 142 11.04 16.93 -45.39
CA LEU E 142 12.45 16.74 -45.06
C LEU E 142 12.83 17.89 -44.13
N TRP E 143 12.74 17.67 -42.82
CA TRP E 143 12.72 18.76 -41.85
C TRP E 143 14.02 19.53 -41.77
N LYS E 144 15.10 18.91 -41.31
CA LYS E 144 16.39 19.59 -41.18
C LYS E 144 17.43 19.04 -42.13
N ASN E 145 17.00 18.26 -43.13
CA ASN E 145 17.91 17.62 -44.06
C ASN E 145 18.00 18.41 -45.36
N THR E 146 16.93 19.16 -45.65
CA THR E 146 16.98 20.27 -46.59
C THR E 146 18.10 21.25 -46.24
N ARG E 147 18.31 21.49 -44.95
CA ARG E 147 19.39 22.31 -44.44
C ARG E 147 20.76 21.81 -44.90
N LYS E 148 21.56 22.73 -45.46
CA LYS E 148 22.91 22.47 -45.98
C LYS E 148 22.91 21.42 -47.08
N ALA E 149 21.97 21.51 -48.00
CA ALA E 149 21.93 20.61 -49.15
C ALA E 149 22.33 21.37 -50.40
N TYR E 150 22.96 20.65 -51.33
CA TYR E 150 23.34 21.27 -52.59
C TYR E 150 22.12 21.45 -53.49
N CYS E 151 21.40 20.37 -53.74
CA CYS E 151 20.11 20.43 -54.42
C CYS E 151 19.30 19.22 -54.02
N TRP E 152 17.98 19.32 -54.14
CA TRP E 152 17.12 18.18 -53.94
C TRP E 152 16.00 18.19 -54.96
N ASN E 153 15.55 16.98 -55.32
CA ASN E 153 14.58 16.76 -56.38
C ASN E 153 13.43 15.94 -55.80
N ILE E 154 12.22 16.18 -56.30
CA ILE E 154 11.04 15.43 -55.88
C ILE E 154 10.39 14.85 -57.11
N VAL E 155 10.07 13.55 -57.06
CA VAL E 155 9.39 12.86 -58.15
C VAL E 155 8.11 12.25 -57.60
N LEU E 156 6.97 12.67 -58.16
CA LEU E 156 5.67 12.14 -57.78
C LEU E 156 5.27 11.00 -58.70
N THR E 157 4.53 10.03 -58.15
CA THR E 157 3.93 8.97 -58.95
C THR E 157 2.47 8.86 -58.51
N PRO E 158 1.58 9.66 -59.09
CA PRO E 158 0.17 9.58 -58.70
C PRO E 158 -0.48 8.32 -59.26
N TRP E 159 -1.42 7.76 -58.51
CA TRP E 159 -1.89 6.48 -59.01
C TRP E 159 -3.00 6.59 -60.07
N PRO E 160 -4.15 7.29 -59.85
CA PRO E 160 -5.08 7.28 -61.00
C PRO E 160 -4.63 8.25 -62.09
N TRP E 161 -3.65 7.80 -62.86
CA TRP E 161 -2.81 8.65 -63.69
C TRP E 161 -2.34 7.84 -64.87
N ASN E 162 -2.10 8.53 -65.99
CA ASN E 162 -1.74 7.87 -67.25
C ASN E 162 -0.26 7.55 -67.33
N GLY E 163 0.59 8.58 -67.31
CA GLY E 163 2.01 8.35 -67.38
C GLY E 163 2.78 9.62 -67.14
N GLU E 164 4.10 9.55 -67.38
CA GLU E 164 5.03 10.68 -67.28
C GLU E 164 5.04 11.26 -65.86
N LYS E 165 5.69 10.50 -64.97
CA LYS E 165 5.97 10.85 -63.57
C LYS E 165 6.35 12.31 -63.40
N VAL E 166 5.66 12.98 -62.48
CA VAL E 166 5.78 14.42 -62.30
C VAL E 166 7.08 14.70 -61.55
N GLY E 167 7.93 15.54 -62.14
CA GLY E 167 9.24 15.83 -61.61
C GLY E 167 9.35 17.28 -61.19
N PHE E 168 10.09 17.52 -60.10
CA PHE E 168 10.37 18.85 -59.57
C PHE E 168 11.89 18.90 -59.38
N GLU E 169 12.59 19.42 -60.39
CA GLU E 169 14.04 19.41 -60.41
C GLU E 169 14.60 20.68 -59.81
N ASP E 170 15.56 20.52 -58.89
CA ASP E 170 16.36 21.59 -58.31
C ASP E 170 15.50 22.64 -57.60
N ILE E 171 14.84 22.19 -56.55
CA ILE E 171 14.25 23.12 -55.60
C ILE E 171 15.38 23.87 -54.89
N ARG E 172 15.05 25.07 -54.38
CA ARG E 172 15.85 26.20 -53.94
C ARG E 172 16.35 27.02 -55.14
N THR E 173 16.22 26.51 -56.37
CA THR E 173 16.47 27.32 -57.54
C THR E 173 15.21 27.52 -58.37
N ASN E 174 14.53 26.44 -58.72
CA ASN E 174 13.43 26.53 -59.67
C ASN E 174 12.07 26.72 -59.03
N TYR E 175 11.84 26.15 -57.85
CA TYR E 175 10.51 26.13 -57.23
C TYR E 175 10.59 26.91 -55.93
N THR E 176 10.38 28.22 -56.03
CA THR E 176 10.55 29.15 -54.93
C THR E 176 9.21 29.63 -54.36
N SER E 177 8.29 30.04 -55.22
CA SER E 177 7.01 30.61 -54.78
C SER E 177 5.85 29.78 -55.33
N ARG E 178 4.63 30.29 -55.12
CA ARG E 178 3.43 29.63 -55.62
C ARG E 178 3.38 29.62 -57.14
N GLN E 179 3.85 30.70 -57.77
CA GLN E 179 3.82 30.79 -59.22
C GLN E 179 4.83 29.84 -59.87
N ASP E 180 5.87 29.44 -59.14
CA ASP E 180 6.84 28.50 -59.71
C ASP E 180 6.26 27.10 -59.80
N PHE E 181 5.41 26.71 -58.85
CA PHE E 181 4.75 25.42 -58.94
C PHE E 181 3.70 25.40 -60.04
N LYS E 182 3.00 26.52 -60.25
CA LYS E 182 1.95 26.58 -61.26
C LYS E 182 2.50 26.58 -62.67
N ASN E 183 3.77 26.93 -62.85
CA ASN E 183 4.38 26.91 -64.17
C ASN E 183 4.86 25.54 -64.58
N ASN E 184 4.69 24.53 -63.73
CA ASN E 184 5.01 23.17 -64.11
C ASN E 184 4.03 22.69 -65.15
N LYS E 185 4.46 21.72 -65.96
CA LYS E 185 3.67 21.28 -67.11
C LYS E 185 2.38 20.62 -66.67
N ASN E 186 2.42 19.89 -65.58
CA ASN E 186 1.26 19.24 -65.01
C ASN E 186 1.22 19.56 -63.52
N TRP E 187 0.67 20.71 -63.19
CA TRP E 187 0.28 21.07 -61.84
C TRP E 187 -1.22 21.12 -61.66
N SER E 188 -1.95 21.49 -62.71
CA SER E 188 -3.39 21.52 -62.63
C SER E 188 -3.97 20.12 -62.57
N ALA E 189 -3.32 19.15 -63.21
CA ALA E 189 -3.84 17.79 -63.23
C ALA E 189 -3.68 17.07 -61.91
N ILE E 190 -2.85 17.59 -61.00
CA ILE E 190 -2.58 16.93 -59.74
C ILE E 190 -3.35 17.66 -58.63
N VAL E 191 -3.50 18.97 -58.78
CA VAL E 191 -4.39 19.71 -57.88
C VAL E 191 -5.84 19.27 -58.09
N GLU E 192 -6.23 19.00 -59.33
CA GLU E 192 -7.59 18.53 -59.59
C GLU E 192 -7.82 17.09 -59.15
N MET E 193 -6.77 16.33 -58.82
CA MET E 193 -6.98 15.04 -58.16
C MET E 193 -7.46 15.22 -56.73
N ILE E 194 -6.76 16.07 -55.98
CA ILE E 194 -7.09 16.28 -54.58
C ILE E 194 -8.42 17.01 -54.46
N LYS E 195 -8.76 17.84 -55.43
CA LYS E 195 -10.09 18.41 -55.51
C LYS E 195 -11.14 17.35 -55.75
N THR E 196 -10.87 16.42 -56.68
CA THR E 196 -11.81 15.34 -56.97
C THR E 196 -11.91 14.35 -55.82
N ALA E 197 -10.80 14.14 -55.10
CA ALA E 197 -10.82 13.25 -53.95
C ALA E 197 -11.70 13.80 -52.83
N PHE E 198 -11.62 15.09 -52.57
CA PHE E 198 -12.45 15.68 -51.53
C PHE E 198 -13.90 15.84 -51.96
N SER E 199 -14.15 15.97 -53.27
CA SER E 199 -15.48 16.28 -53.79
C SER E 199 -16.23 15.05 -54.25
N SER E 200 -15.98 13.90 -53.64
CA SER E 200 -16.66 12.69 -54.06
C SER E 200 -16.81 11.77 -52.86
N THR E 201 -17.83 10.92 -52.91
CA THR E 201 -18.06 10.00 -51.79
C THR E 201 -17.04 8.88 -51.74
N ASP E 202 -16.36 8.60 -52.85
CA ASP E 202 -15.24 7.67 -52.87
C ASP E 202 -14.13 8.30 -53.73
N GLY E 203 -13.32 9.14 -53.12
CA GLY E 203 -12.17 9.75 -53.78
C GLY E 203 -10.91 9.18 -53.15
N LEU E 204 -9.91 8.87 -53.98
CA LEU E 204 -8.84 8.02 -53.51
C LEU E 204 -7.47 8.69 -53.53
N ALA E 205 -6.94 9.10 -54.68
CA ALA E 205 -5.77 10.00 -54.85
C ALA E 205 -4.53 9.57 -54.06
N ILE E 206 -3.86 8.52 -54.52
CA ILE E 206 -2.63 8.06 -53.89
C ILE E 206 -1.43 8.66 -54.62
N PHE E 207 -0.47 9.20 -53.86
CA PHE E 207 0.80 9.71 -54.36
C PHE E 207 1.95 8.88 -53.82
N GLU E 208 2.92 8.62 -54.67
CA GLU E 208 4.15 7.92 -54.30
C GLU E 208 5.30 8.92 -54.42
N VAL E 209 5.79 9.41 -53.31
CA VAL E 209 6.76 10.51 -53.32
C VAL E 209 8.16 9.93 -53.17
N ARG E 210 9.09 10.45 -53.95
CA ARG E 210 10.48 10.02 -53.89
C ARG E 210 11.41 11.21 -54.02
N ALA E 211 12.35 11.35 -53.10
CA ALA E 211 13.26 12.48 -53.06
C ALA E 211 14.68 12.04 -53.36
N THR E 212 15.52 13.02 -53.70
CA THR E 212 16.91 12.77 -54.08
C THR E 212 17.75 13.91 -53.51
N LEU E 213 18.42 13.64 -52.40
CA LEU E 213 19.16 14.65 -51.65
C LEU E 213 20.65 14.55 -51.94
N HIS E 214 21.22 15.63 -52.48
CA HIS E 214 22.66 15.71 -52.75
C HIS E 214 23.32 16.48 -51.61
N LEU E 215 23.92 15.78 -50.69
CA LEU E 215 24.51 16.35 -49.49
C LEU E 215 26.00 16.63 -49.70
N PRO E 216 26.64 17.38 -48.79
CA PRO E 216 28.11 17.40 -48.78
C PRO E 216 28.73 16.09 -48.31
N THR E 217 30.05 16.01 -48.36
CA THR E 217 30.74 14.79 -47.98
C THR E 217 30.71 14.63 -46.46
N ASN E 218 30.23 13.46 -46.01
CA ASN E 218 30.04 13.13 -44.59
C ASN E 218 29.12 14.15 -43.92
N ALA E 219 27.90 14.27 -44.42
CA ALA E 219 26.98 15.28 -43.95
C ALA E 219 26.01 14.69 -42.91
N MET E 220 25.40 15.60 -42.17
CA MET E 220 24.38 15.24 -41.19
C MET E 220 23.12 14.74 -41.89
N VAL E 221 22.45 13.78 -41.26
CA VAL E 221 21.05 13.49 -41.51
C VAL E 221 20.35 13.45 -40.17
N ARG E 222 19.18 14.09 -40.11
CA ARG E 222 18.41 14.23 -38.87
C ARG E 222 17.09 13.50 -39.01
N PRO E 223 17.00 12.27 -38.53
CA PRO E 223 15.73 11.55 -38.52
C PRO E 223 14.92 11.91 -37.27
N SER E 224 13.73 11.32 -37.18
CA SER E 224 12.94 11.54 -35.99
C SER E 224 13.45 10.65 -34.86
N GLN E 225 13.01 10.95 -33.65
CA GLN E 225 13.56 10.28 -32.49
C GLN E 225 12.47 10.03 -31.45
N VAL E 226 12.69 9.02 -30.61
CA VAL E 226 11.63 8.43 -29.81
C VAL E 226 11.28 9.32 -28.63
N PHE E 227 10.13 9.05 -28.01
CA PHE E 227 9.70 9.84 -26.82
C PHE E 227 10.00 9.04 -25.56
N THR E 228 10.92 9.55 -24.73
CA THR E 228 11.30 8.91 -23.45
C THR E 228 10.91 9.86 -22.32
N GLU E 229 10.26 9.34 -21.26
CA GLU E 229 9.83 10.21 -20.13
C GLU E 229 11.00 10.42 -19.17
N LYS E 230 11.96 11.26 -19.58
CA LYS E 230 13.15 11.58 -18.77
C LYS E 230 13.13 13.08 -18.44
N ASN E 242 22.17 14.59 -26.63
CA ASN E 242 22.19 14.12 -25.21
C ASN E 242 21.04 13.12 -24.99
N SER E 243 21.38 11.84 -24.85
CA SER E 243 20.37 10.77 -24.60
C SER E 243 19.29 10.79 -25.68
N ARG E 244 19.67 10.90 -26.96
CA ARG E 244 18.68 10.92 -28.06
C ARG E 244 18.69 9.57 -28.78
N VAL E 245 17.52 8.95 -28.92
CA VAL E 245 17.35 7.62 -29.58
C VAL E 245 16.55 7.83 -30.87
N PHE E 246 16.99 7.22 -31.98
CA PHE E 246 16.27 7.38 -33.24
C PHE E 246 15.11 6.40 -33.34
N GLN E 247 14.14 6.75 -34.19
CA GLN E 247 13.09 5.83 -34.58
C GLN E 247 13.55 5.03 -35.78
N SER E 248 13.32 3.72 -35.75
CA SER E 248 13.90 2.85 -36.75
C SER E 248 12.91 1.78 -37.21
N THR E 249 13.19 1.24 -38.39
CA THR E 249 12.55 0.02 -38.89
C THR E 249 13.61 -0.98 -39.29
N THR E 250 13.16 -2.03 -39.98
CA THR E 250 14.10 -3.06 -40.50
C THR E 250 13.89 -3.20 -42.00
N ILE E 251 14.94 -2.89 -42.76
CA ILE E 251 14.94 -3.06 -44.25
C ILE E 251 16.02 -4.11 -44.47
N ASP E 252 15.71 -5.19 -45.20
CA ASP E 252 16.65 -6.32 -45.34
C ASP E 252 16.92 -6.80 -43.90
N GLY E 253 18.19 -6.92 -43.50
CA GLY E 253 18.51 -7.36 -42.13
C GLY E 253 19.15 -6.24 -41.30
N GLU E 254 19.06 -4.99 -41.75
CA GLU E 254 19.76 -3.87 -41.05
C GLU E 254 18.81 -2.79 -40.54
N ARG E 255 19.09 -2.27 -39.34
CA ARG E 255 18.37 -1.16 -38.75
C ARG E 255 18.56 0.07 -39.64
N SER E 256 17.56 0.93 -39.68
CA SER E 256 17.66 2.08 -40.54
C SER E 256 16.82 3.19 -39.94
N PRO E 257 17.27 4.44 -40.00
CA PRO E 257 16.48 5.53 -39.45
C PRO E 257 15.24 5.78 -40.28
N ILE E 258 14.16 6.15 -39.61
CA ILE E 258 12.95 6.58 -40.30
C ILE E 258 12.63 7.99 -39.87
N LEU E 259 11.74 8.60 -40.63
CA LEU E 259 11.17 9.89 -40.32
C LEU E 259 9.67 9.61 -40.26
N GLY E 260 9.10 9.71 -39.06
CA GLY E 260 7.88 9.00 -38.70
C GLY E 260 6.65 9.37 -39.51
N ALA E 261 5.64 8.51 -39.39
CA ALA E 261 4.41 8.72 -40.14
C ALA E 261 3.60 9.87 -39.58
N PHE E 262 3.67 10.08 -38.27
CA PHE E 262 3.00 11.20 -37.64
C PHE E 262 3.81 12.46 -37.74
N LYS E 263 5.14 12.33 -37.82
CA LYS E 263 6.02 13.46 -38.08
C LYS E 263 5.83 13.99 -39.49
N THR E 264 5.57 13.09 -40.45
CA THR E 264 5.40 13.48 -41.84
C THR E 264 4.06 14.18 -42.05
N GLY E 265 3.01 13.70 -41.37
CA GLY E 265 1.72 14.36 -41.46
C GLY E 265 1.66 15.71 -40.81
N ALA E 266 2.55 15.96 -39.85
CA ALA E 266 2.65 17.28 -39.24
C ALA E 266 3.37 18.28 -40.12
N ALA E 267 4.06 17.82 -41.17
CA ALA E 267 4.73 18.70 -42.11
C ALA E 267 3.89 19.01 -43.33
N ILE E 268 2.95 18.14 -43.66
CA ILE E 268 2.02 18.41 -44.74
C ILE E 268 0.97 19.41 -44.27
N ALA E 269 0.66 19.43 -42.98
CA ALA E 269 -0.40 20.26 -42.45
C ALA E 269 0.12 21.52 -41.76
N THR E 270 1.27 22.05 -42.17
CA THR E 270 1.65 23.39 -41.74
C THR E 270 1.09 24.39 -42.75
N ILE E 271 -0.15 24.79 -42.51
CA ILE E 271 -0.90 25.63 -43.42
C ILE E 271 -1.41 26.87 -42.68
N ASP E 272 -1.69 26.68 -41.39
CA ASP E 272 -2.36 27.75 -40.61
C ASP E 272 -1.49 29.02 -40.59
N ASP E 273 -2.07 30.08 -41.14
CA ASP E 273 -1.53 31.48 -41.15
C ASP E 273 -2.74 32.42 -41.12
N TRP E 274 -3.90 31.89 -40.78
CA TRP E 274 -5.18 32.65 -40.74
C TRP E 274 -5.42 33.22 -39.33
N TYR E 275 -4.53 32.93 -38.39
CA TYR E 275 -4.64 33.43 -36.99
C TYR E 275 -4.21 34.90 -36.93
N PRO E 276 -4.53 35.63 -35.83
CA PRO E 276 -4.15 37.05 -35.72
C PRO E 276 -2.62 37.17 -35.87
N GLU E 277 -2.17 38.14 -36.68
CA GLU E 277 -0.76 38.45 -37.07
C GLU E 277 -0.27 37.46 -38.16
N ALA E 278 -0.31 36.15 -37.89
CA ALA E 278 0.05 35.12 -38.88
C ALA E 278 1.43 35.36 -39.49
N THR E 279 2.46 35.53 -38.64
CA THR E 279 3.84 35.74 -39.15
C THR E 279 4.31 34.52 -39.95
N GLU E 280 4.07 33.30 -39.46
CA GLU E 280 4.52 32.08 -40.19
C GLU E 280 3.45 30.99 -40.10
N PRO E 281 3.46 29.95 -40.98
CA PRO E 281 2.47 28.87 -40.92
C PRO E 281 2.61 28.00 -39.67
N LEU E 282 1.48 27.54 -39.14
CA LEU E 282 1.44 26.69 -37.91
C LEU E 282 0.80 25.35 -38.26
N ARG E 283 1.24 24.27 -37.60
CA ARG E 283 0.63 22.95 -37.86
C ARG E 283 -0.85 23.08 -37.50
N VAL E 284 -1.73 22.61 -38.38
CA VAL E 284 -3.18 22.75 -38.20
C VAL E 284 -3.61 21.90 -37.03
N GLY E 285 -4.22 22.54 -36.03
CA GLY E 285 -4.74 21.85 -34.87
C GLY E 285 -5.68 22.77 -34.14
N ARG E 286 -6.41 22.20 -33.18
CA ARG E 286 -7.22 23.00 -32.29
C ARG E 286 -6.32 23.86 -31.41
N PHE E 287 -6.79 25.08 -31.15
CA PHE E 287 -6.08 26.17 -30.45
C PHE E 287 -4.61 26.29 -30.84
N GLY E 288 -4.38 26.35 -32.17
CA GLY E 288 -3.12 26.05 -32.85
C GLY E 288 -1.81 26.51 -32.25
N VAL E 289 -0.99 25.57 -31.85
CA VAL E 289 0.13 25.86 -30.98
C VAL E 289 1.39 26.04 -31.82
N HIS E 290 2.37 26.69 -31.21
CA HIS E 290 3.73 26.72 -31.73
C HIS E 290 4.57 25.91 -30.76
N ARG E 291 5.66 25.33 -31.24
CA ARG E 291 6.46 24.47 -30.37
C ARG E 291 7.89 24.94 -30.19
N GLU E 292 8.35 25.92 -30.96
CA GLU E 292 9.57 26.64 -30.63
C GLU E 292 9.38 27.35 -29.30
N ASP E 293 8.49 28.31 -29.28
CA ASP E 293 7.95 28.89 -28.06
C ASP E 293 6.74 28.07 -27.65
N VAL E 294 6.66 27.71 -26.38
CA VAL E 294 5.51 26.96 -25.91
C VAL E 294 4.39 27.97 -25.74
N THR E 295 3.64 28.20 -26.82
CA THR E 295 2.55 29.15 -26.83
C THR E 295 1.38 28.58 -27.59
N CYS E 296 0.20 29.09 -27.29
CA CYS E 296 -1.00 28.85 -28.07
C CYS E 296 -1.41 30.17 -28.69
N TYR E 297 -1.18 30.31 -29.97
CA TYR E 297 -2.03 31.22 -30.72
C TYR E 297 -3.36 30.53 -30.93
N ARG E 298 -4.39 31.32 -31.26
CA ARG E 298 -5.78 30.88 -31.25
C ARG E 298 -6.19 30.29 -29.90
N HIS E 299 -5.84 30.98 -28.82
CA HIS E 299 -6.32 30.60 -27.50
C HIS E 299 -7.83 30.85 -27.41
N PRO E 300 -8.54 30.17 -26.49
CA PRO E 300 -9.97 30.49 -26.30
C PRO E 300 -10.25 31.93 -25.88
N SER E 301 -9.30 32.64 -25.29
CA SER E 301 -9.48 34.06 -25.02
C SER E 301 -9.48 34.88 -26.29
N THR E 302 -8.81 34.40 -27.34
CA THR E 302 -8.84 35.09 -28.62
C THR E 302 -10.20 34.93 -29.29
N GLY E 303 -10.88 33.81 -29.05
CA GLY E 303 -12.16 33.55 -29.67
C GLY E 303 -12.07 33.00 -31.07
N LYS E 304 -10.87 32.63 -31.53
CA LYS E 304 -10.70 32.06 -32.85
C LYS E 304 -10.00 30.71 -32.80
N ASP E 305 -10.29 29.93 -31.77
CA ASP E 305 -9.97 28.51 -31.80
C ASP E 305 -11.08 27.75 -32.51
N PHE E 306 -10.89 26.44 -32.66
CA PHE E 306 -11.81 25.62 -33.45
C PHE E 306 -13.11 25.36 -32.71
N PHE E 307 -13.10 25.41 -31.38
CA PHE E 307 -14.30 25.11 -30.62
C PHE E 307 -15.24 26.31 -30.53
N SER E 308 -14.73 27.53 -30.71
CA SER E 308 -15.59 28.70 -30.81
C SER E 308 -16.15 28.89 -32.21
N ILE E 309 -15.42 28.44 -33.22
CA ILE E 309 -15.91 28.50 -34.59
C ILE E 309 -16.98 27.42 -34.83
N LEU E 310 -16.95 26.32 -34.06
CA LEU E 310 -18.03 25.33 -34.12
C LEU E 310 -19.36 25.89 -33.62
N GLN E 311 -19.34 26.73 -32.59
CA GLN E 311 -20.59 27.31 -32.13
C GLN E 311 -21.15 28.33 -33.10
N GLN E 312 -20.32 28.86 -34.00
CA GLN E 312 -20.75 29.75 -35.05
C GLN E 312 -20.91 29.05 -36.39
N ALA E 313 -20.94 27.71 -36.40
CA ALA E 313 -21.06 26.98 -37.66
C ALA E 313 -22.45 27.10 -38.26
N GLU E 314 -23.46 27.35 -37.44
CA GLU E 314 -24.78 27.62 -38.00
C GLU E 314 -24.83 28.99 -38.65
N HIS E 315 -24.09 29.95 -38.10
CA HIS E 315 -24.01 31.29 -38.67
C HIS E 315 -23.32 31.30 -40.03
N TYR E 316 -22.35 30.41 -40.23
CA TYR E 316 -21.59 30.37 -41.48
C TYR E 316 -22.37 29.83 -42.65
N ILE E 317 -23.49 29.16 -42.40
CA ILE E 317 -24.26 28.56 -43.49
C ILE E 317 -25.03 29.63 -44.24
N GLU E 318 -25.62 30.61 -43.52
CA GLU E 318 -26.31 31.68 -44.21
C GLU E 318 -25.36 32.67 -44.87
N VAL E 319 -24.11 32.75 -44.41
CA VAL E 319 -23.13 33.59 -45.09
C VAL E 319 -22.76 32.98 -46.43
N LEU E 320 -22.58 31.66 -46.47
CA LEU E 320 -22.22 30.98 -47.71
C LEU E 320 -23.39 30.78 -48.65
N SER E 321 -24.61 30.74 -48.14
CA SER E 321 -25.78 30.52 -48.98
C SER E 321 -26.35 31.81 -49.56
N ALA E 322 -25.74 32.96 -49.26
CA ALA E 322 -26.13 34.22 -49.86
C ALA E 322 -25.43 34.38 -51.21
N ASN E 323 -25.52 35.56 -51.80
CA ASN E 323 -24.87 35.82 -53.08
C ASN E 323 -23.73 36.82 -53.00
N LYS E 324 -23.65 37.54 -51.88
CA LYS E 324 -22.53 38.50 -51.65
C LYS E 324 -21.32 37.65 -51.24
N THR E 325 -20.18 37.86 -51.91
CA THR E 325 -18.96 37.08 -51.59
C THR E 325 -18.59 37.36 -50.14
N PRO E 326 -18.21 36.32 -49.35
CA PRO E 326 -17.87 36.49 -47.95
C PRO E 326 -16.55 37.27 -47.75
N ALA E 327 -16.41 37.90 -46.59
CA ALA E 327 -15.18 38.68 -46.27
C ALA E 327 -13.99 37.74 -46.07
N GLN E 328 -12.78 38.24 -46.30
CA GLN E 328 -11.55 37.40 -46.20
C GLN E 328 -11.42 36.81 -44.79
N GLU E 329 -11.74 37.58 -43.75
CA GLU E 329 -11.61 37.06 -42.37
C GLU E 329 -12.55 35.86 -42.14
N THR E 330 -13.79 35.93 -42.63
CA THR E 330 -14.76 34.81 -42.42
C THR E 330 -14.28 33.54 -43.15
N ILE E 331 -13.84 33.68 -44.40
CA ILE E 331 -13.32 32.54 -45.21
C ILE E 331 -12.09 31.97 -44.52
N ASN E 332 -11.26 32.82 -43.91
CA ASN E 332 -10.05 32.34 -43.19
C ASN E 332 -10.54 31.40 -42.08
N ASP E 333 -11.64 31.74 -41.42
CA ASP E 333 -12.21 30.83 -40.44
C ASP E 333 -12.90 29.65 -41.07
N MET E 334 -13.25 29.72 -42.36
CA MET E 334 -13.75 28.54 -43.05
C MET E 334 -12.63 27.65 -43.52
N HIS E 335 -11.47 28.21 -43.88
CA HIS E 335 -10.32 27.38 -44.19
C HIS E 335 -9.82 26.68 -42.93
N PHE E 336 -9.88 27.35 -41.79
CA PHE E 336 -9.46 26.71 -40.54
C PHE E 336 -10.48 25.72 -40.05
N LEU E 337 -11.75 25.91 -40.43
CA LEU E 337 -12.76 24.92 -40.07
C LEU E 337 -12.57 23.64 -40.86
N MET E 338 -12.31 23.77 -42.16
CA MET E 338 -12.15 22.60 -43.02
C MET E 338 -10.86 21.86 -42.76
N ALA E 339 -9.78 22.57 -42.42
CA ALA E 339 -8.50 21.93 -42.23
C ALA E 339 -8.44 21.12 -40.95
N ASN E 340 -9.32 21.38 -39.99
CA ASN E 340 -9.41 20.56 -38.80
C ASN E 340 -10.34 19.37 -38.97
N LEU E 341 -11.20 19.38 -39.97
CA LEU E 341 -11.99 18.19 -40.24
C LEU E 341 -11.23 17.23 -41.12
N ILE E 342 -10.33 17.75 -41.95
CA ILE E 342 -9.35 16.91 -42.65
C ILE E 342 -8.38 16.30 -41.64
N LYS E 343 -8.08 17.01 -40.56
CA LYS E 343 -7.20 16.48 -39.54
C LYS E 343 -7.91 15.43 -38.69
N GLY E 344 -9.21 15.55 -38.54
CA GLY E 344 -9.95 14.59 -37.75
C GLY E 344 -9.78 14.82 -36.26
N GLY E 345 -10.39 13.93 -35.48
CA GLY E 345 -10.22 13.96 -34.04
C GLY E 345 -11.54 13.83 -33.32
N MET E 346 -11.42 13.51 -32.03
CA MET E 346 -12.55 13.54 -31.11
C MET E 346 -12.95 14.99 -30.86
N PHE E 347 -14.23 15.29 -31.05
CA PHE E 347 -14.76 16.62 -30.85
C PHE E 347 -15.85 16.61 -29.77
N GLN E 348 -15.67 15.78 -28.74
CA GLN E 348 -16.73 15.57 -27.76
C GLN E 348 -16.66 16.58 -26.63
N HIS E 349 -17.51 16.32 -25.64
CA HIS E 349 -17.60 17.13 -24.42
C HIS E 349 -18.29 16.26 -23.38
N LYS E 350 -18.10 16.64 -22.11
CA LYS E 350 -18.75 16.00 -20.93
C LYS E 350 -18.48 14.51 -20.82
N MET F 1 9.47 -1.66 80.56
CA MET F 1 8.63 -0.70 79.84
C MET F 1 7.32 -1.33 79.42
N LYS F 2 6.21 -0.67 79.72
CA LYS F 2 4.90 -1.19 79.37
C LYS F 2 4.65 -1.09 77.87
N LEU F 3 3.72 -1.90 77.38
CA LEU F 3 3.38 -1.69 75.99
C LEU F 3 2.07 -0.94 75.89
N PRO F 4 1.97 0.05 74.99
CA PRO F 4 0.74 0.85 74.89
C PRO F 4 -0.38 0.05 74.25
N THR F 5 -1.57 0.64 74.29
CA THR F 5 -2.71 0.03 73.63
C THR F 5 -2.79 0.39 72.15
N ASN F 6 -1.92 1.26 71.67
CA ASN F 6 -1.81 1.57 70.24
C ASN F 6 -0.34 1.74 69.91
N LEU F 7 0.22 0.82 69.14
CA LEU F 7 1.59 0.96 68.64
C LEU F 7 1.71 0.12 67.39
N ALA F 8 2.08 0.75 66.28
CA ALA F 8 2.22 0.06 65.00
C ALA F 8 3.13 0.88 64.10
N TYR F 9 3.99 0.22 63.33
CA TYR F 9 4.90 0.92 62.44
C TYR F 9 4.66 0.46 61.01
N GLU F 10 4.98 1.33 60.06
CA GLU F 10 4.99 0.90 58.67
C GLU F 10 6.29 0.18 58.35
N ARG F 11 6.28 -0.53 57.22
CA ARG F 11 7.47 -1.25 56.80
C ARG F 11 8.42 -0.33 56.06
N SER F 12 9.71 -0.62 56.19
CA SER F 12 10.75 0.19 55.58
C SER F 12 11.27 -0.38 54.27
N ILE F 13 10.91 -1.61 53.93
CA ILE F 13 11.35 -2.27 52.71
C ILE F 13 10.11 -2.67 51.93
N ASP F 14 10.03 -2.25 50.67
CA ASP F 14 8.82 -2.38 49.87
C ASP F 14 9.13 -3.05 48.54
N PRO F 15 8.97 -4.36 48.43
CA PRO F 15 9.25 -5.04 47.15
C PRO F 15 8.07 -5.00 46.19
N SER F 16 8.19 -5.71 45.07
CA SER F 16 7.11 -5.81 44.10
C SER F 16 7.04 -7.25 43.60
N ASP F 17 6.13 -7.49 42.66
CA ASP F 17 6.01 -8.81 42.05
C ASP F 17 7.22 -9.12 41.18
N VAL F 18 7.55 -10.40 41.08
CA VAL F 18 8.59 -10.87 40.19
C VAL F 18 7.93 -11.38 38.92
N CYS F 19 8.20 -10.71 37.81
CA CYS F 19 7.65 -11.10 36.52
C CYS F 19 8.68 -11.93 35.75
N PHE F 20 8.18 -12.91 35.00
CA PHE F 20 8.99 -13.86 34.25
C PHE F 20 8.87 -13.57 32.77
N PHE F 21 10.00 -13.47 32.09
CA PHE F 21 10.03 -13.25 30.65
C PHE F 21 10.90 -14.31 30.00
N VAL F 22 10.57 -14.64 28.76
CA VAL F 22 11.29 -15.65 28.00
C VAL F 22 12.09 -14.93 26.93
N VAL F 23 13.39 -15.16 26.90
CA VAL F 23 14.27 -14.53 25.93
C VAL F 23 14.63 -15.54 24.86
N TRP F 24 14.29 -15.24 23.66
CA TRP F 24 14.57 -16.07 22.50
C TRP F 24 15.92 -15.69 21.93
N PRO F 25 16.54 -16.58 21.15
CA PRO F 25 17.66 -16.14 20.32
C PRO F 25 17.17 -15.14 19.27
N ASP F 26 18.07 -14.20 18.93
CA ASP F 26 17.82 -12.90 18.33
C ASP F 26 17.08 -11.94 19.27
N ASP F 27 17.00 -12.28 20.57
CA ASP F 27 16.79 -11.34 21.67
C ASP F 27 15.45 -10.61 21.62
N ARG F 28 14.38 -11.36 21.40
CA ARG F 28 13.04 -10.84 21.61
C ARG F 28 12.46 -11.47 22.86
N LYS F 29 11.67 -10.69 23.59
CA LYS F 29 11.17 -11.11 24.89
C LYS F 29 9.67 -11.33 24.80
N THR F 30 9.20 -12.38 25.50
CA THR F 30 7.83 -12.81 25.50
C THR F 30 7.51 -13.15 26.94
N PRO F 31 6.36 -12.73 27.47
CA PRO F 31 5.96 -13.17 28.81
C PRO F 31 5.72 -14.67 28.87
N LEU F 32 6.22 -15.28 29.93
CA LEU F 32 6.07 -16.72 30.14
C LEU F 32 4.61 -17.06 30.42
N THR F 33 4.15 -18.15 29.84
CA THR F 33 2.76 -18.58 29.96
C THR F 33 2.71 -19.97 30.60
N TYR F 34 1.49 -20.37 30.97
CA TYR F 34 1.29 -21.67 31.57
C TYR F 34 -0.07 -22.20 31.19
N ASN F 35 -0.28 -23.49 31.44
CA ASN F 35 -1.56 -24.14 31.21
C ASN F 35 -1.87 -25.08 32.36
N SER F 36 -3.13 -25.44 32.48
CA SER F 36 -3.56 -26.50 33.38
C SER F 36 -3.59 -27.81 32.60
N ARG F 37 -3.20 -28.89 33.26
CA ARG F 37 -3.42 -30.20 32.67
C ARG F 37 -3.69 -31.25 33.74
N THR F 38 -4.61 -32.16 33.42
CA THR F 38 -4.94 -33.26 34.29
C THR F 38 -3.95 -34.39 34.11
N LEU F 39 -3.53 -34.95 35.23
CA LEU F 39 -2.63 -36.08 35.27
C LEU F 39 -3.31 -37.25 35.95
N LEU F 40 -2.64 -38.40 35.95
CA LEU F 40 -3.18 -39.61 36.56
C LEU F 40 -2.10 -40.26 37.41
N GLY F 41 -2.30 -40.28 38.72
CA GLY F 41 -1.39 -40.92 39.63
C GLY F 41 -1.99 -42.17 40.23
N GLN F 42 -1.21 -42.79 41.12
CA GLN F 42 -1.69 -43.93 41.89
C GLN F 42 -2.57 -43.43 43.03
N MET F 43 -2.92 -44.34 43.92
CA MET F 43 -3.94 -44.03 44.91
C MET F 43 -3.27 -43.99 46.28
N GLU F 44 -2.09 -43.35 46.35
CA GLU F 44 -1.33 -43.24 47.59
C GLU F 44 -1.84 -42.07 48.41
N ALA F 45 -2.34 -42.34 49.60
CA ALA F 45 -2.50 -41.28 50.58
C ALA F 45 -2.21 -41.69 52.01
N ALA F 46 -2.17 -43.00 52.32
CA ALA F 46 -2.17 -43.64 53.64
C ALA F 46 -3.47 -43.45 54.42
N SER F 47 -4.37 -42.63 53.90
CA SER F 47 -5.73 -42.51 54.36
C SER F 47 -6.68 -43.30 53.47
N LEU F 48 -6.17 -43.84 52.38
CA LEU F 48 -6.93 -44.65 51.44
C LEU F 48 -6.72 -46.13 51.65
N ALA F 49 -5.73 -46.51 52.46
CA ALA F 49 -5.46 -47.90 52.77
C ALA F 49 -5.42 -48.20 54.26
N TYR F 50 -5.34 -47.18 55.11
CA TYR F 50 -5.26 -47.31 56.55
C TYR F 50 -6.31 -46.41 57.20
N ASP F 51 -6.78 -46.81 58.37
CA ASP F 51 -7.70 -45.94 59.09
C ASP F 51 -6.90 -45.05 60.05
N VAL F 52 -7.59 -44.36 60.94
CA VAL F 52 -6.94 -43.48 61.90
C VAL F 52 -6.15 -44.28 62.92
N SER F 53 -6.66 -45.45 63.31
CA SER F 53 -6.04 -46.24 64.37
C SER F 53 -4.77 -46.93 63.89
N GLY F 54 -4.72 -47.37 62.63
CA GLY F 54 -3.50 -47.93 62.09
C GLY F 54 -3.65 -49.24 61.34
N GLN F 55 -4.75 -49.94 61.54
CA GLN F 55 -4.98 -51.20 60.86
C GLN F 55 -5.45 -50.95 59.43
N PRO F 56 -5.21 -51.90 58.51
CA PRO F 56 -5.65 -51.71 57.12
C PRO F 56 -7.17 -51.73 57.01
N ILE F 57 -7.71 -50.77 56.25
CA ILE F 57 -9.13 -50.74 55.99
C ILE F 57 -9.49 -51.88 55.04
N LYS F 58 -10.61 -52.54 55.30
CA LYS F 58 -10.97 -53.75 54.58
C LYS F 58 -11.63 -53.49 53.24
N SER F 59 -12.11 -52.27 53.00
CA SER F 59 -12.69 -51.92 51.72
C SER F 59 -11.65 -51.71 50.63
N ALA F 60 -10.40 -51.45 51.01
CA ALA F 60 -9.34 -51.15 50.05
C ALA F 60 -8.59 -52.46 49.76
N THR F 61 -9.15 -53.23 48.85
CA THR F 61 -8.54 -54.47 48.41
C THR F 61 -7.42 -54.18 47.42
N ALA F 62 -6.78 -55.24 46.91
CA ALA F 62 -5.66 -55.03 45.99
C ALA F 62 -6.11 -54.56 44.62
N GLU F 63 -7.32 -54.94 44.20
CA GLU F 63 -7.83 -54.44 42.93
C GLU F 63 -8.36 -53.02 43.06
N ALA F 64 -8.95 -52.70 44.21
CA ALA F 64 -9.53 -51.38 44.40
C ALA F 64 -8.48 -50.32 44.65
N LEU F 65 -7.26 -50.71 44.96
CA LEU F 65 -6.21 -49.78 45.32
C LEU F 65 -5.21 -49.58 44.19
N ALA F 66 -5.47 -50.17 43.02
CA ALA F 66 -4.65 -49.99 41.82
C ALA F 66 -5.48 -49.42 40.69
N GLN F 67 -6.31 -48.43 41.00
CA GLN F 67 -7.38 -48.04 40.10
C GLN F 67 -7.07 -46.77 39.31
N GLY F 68 -6.30 -45.85 39.86
CA GLY F 68 -5.97 -44.64 39.13
C GLY F 68 -6.71 -43.44 39.66
N ASN F 69 -5.98 -42.38 39.98
CA ASN F 69 -6.53 -41.22 40.69
C ASN F 69 -6.22 -39.97 39.89
N PRO F 70 -7.21 -39.33 39.26
CA PRO F 70 -6.93 -38.13 38.47
C PRO F 70 -6.84 -36.87 39.31
N HIS F 71 -5.93 -35.99 38.91
CA HIS F 71 -5.70 -34.71 39.56
C HIS F 71 -5.39 -33.67 38.51
N GLN F 72 -5.74 -32.43 38.80
CA GLN F 72 -5.47 -31.33 37.89
C GLN F 72 -4.51 -30.35 38.55
N VAL F 73 -3.48 -29.92 37.81
CA VAL F 73 -2.49 -28.98 38.31
C VAL F 73 -2.24 -27.93 37.24
N ASP F 74 -1.65 -26.81 37.67
CA ASP F 74 -1.05 -25.87 36.72
C ASP F 74 0.39 -26.26 36.47
N PHE F 75 0.82 -26.12 35.22
CA PHE F 75 2.12 -26.58 34.80
C PHE F 75 2.77 -25.46 34.01
N CYS F 76 3.95 -25.05 34.42
CA CYS F 76 4.67 -23.98 33.72
C CYS F 76 6.07 -24.47 33.44
N HIS F 77 6.51 -24.32 32.19
CA HIS F 77 7.84 -24.75 31.80
C HIS F 77 8.45 -23.74 30.82
N VAL F 78 9.74 -23.91 30.58
CA VAL F 78 10.45 -23.07 29.61
C VAL F 78 10.18 -23.62 28.22
N PRO F 79 9.88 -22.77 27.24
CA PRO F 79 9.68 -23.26 25.86
C PRO F 79 10.95 -23.84 25.27
N TYR F 80 10.79 -24.53 24.13
CA TYR F 80 11.88 -25.37 23.62
C TYR F 80 13.04 -24.54 23.10
N GLY F 81 12.80 -23.67 22.14
CA GLY F 81 13.91 -22.95 21.56
C GLY F 81 14.41 -21.76 22.34
N ALA F 82 13.97 -21.56 23.57
CA ALA F 82 14.33 -20.38 24.33
C ALA F 82 15.78 -20.42 24.76
N SER F 83 16.30 -19.25 25.12
CA SER F 83 17.69 -19.10 25.54
C SER F 83 17.80 -19.05 27.06
N HIS F 84 17.11 -18.09 27.69
CA HIS F 84 17.12 -17.97 29.14
C HIS F 84 15.82 -17.32 29.58
N ILE F 85 15.79 -16.88 30.84
CA ILE F 85 14.62 -16.28 31.46
C ILE F 85 15.04 -15.01 32.20
N GLU F 86 14.34 -13.91 31.93
CA GLU F 86 14.49 -12.71 32.73
C GLU F 86 13.55 -12.75 33.92
N CYS F 87 14.01 -12.18 35.04
CA CYS F 87 13.20 -12.10 36.26
C CYS F 87 13.46 -10.74 36.89
N SER F 88 12.47 -9.86 36.83
CA SER F 88 12.65 -8.47 37.21
C SER F 88 11.67 -8.05 38.31
N PHE F 89 12.17 -7.28 39.27
CA PHE F 89 11.35 -6.62 40.29
C PHE F 89 12.11 -5.41 40.78
N SER F 90 11.62 -4.76 41.84
CA SER F 90 12.25 -3.55 42.34
C SER F 90 11.91 -3.32 43.81
N VAL F 91 12.89 -2.82 44.56
CA VAL F 91 12.77 -2.61 46.01
C VAL F 91 12.96 -1.14 46.31
N SER F 92 12.28 -0.65 47.35
CA SER F 92 12.56 0.65 47.94
C SER F 92 13.05 0.45 49.38
N PHE F 93 13.64 1.50 49.94
CA PHE F 93 14.08 1.53 51.33
C PHE F 93 13.66 2.88 51.92
N SER F 94 12.54 2.91 52.63
CA SER F 94 11.82 4.16 52.84
C SER F 94 12.23 4.93 54.08
N SER F 95 12.75 4.24 55.10
CA SER F 95 12.93 4.79 56.46
C SER F 95 11.63 5.37 57.03
N GLU F 96 10.63 4.50 57.18
CA GLU F 96 9.51 4.73 58.09
C GLU F 96 9.83 4.16 59.47
N LEU F 97 11.09 3.83 59.68
CA LEU F 97 11.65 3.22 60.88
C LEU F 97 11.80 4.21 62.01
N ARG F 98 11.93 5.49 61.69
CA ARG F 98 12.37 6.47 62.68
C ARG F 98 11.24 6.87 63.61
N GLN F 99 10.02 6.95 63.11
CA GLN F 99 8.89 7.36 63.90
C GLN F 99 7.80 6.28 63.87
N PRO F 100 6.99 6.17 64.92
CA PRO F 100 5.85 5.26 64.85
C PRO F 100 4.79 5.78 63.91
N TYR F 101 4.05 4.85 63.31
CA TYR F 101 2.87 5.20 62.53
C TYR F 101 1.70 5.54 63.43
N LYS F 102 1.72 5.04 64.67
CA LYS F 102 0.55 5.04 65.53
C LYS F 102 1.05 4.86 66.95
N CYS F 103 0.74 5.80 67.83
CA CYS F 103 1.18 5.71 69.22
C CYS F 103 0.28 6.59 70.08
N ASN F 104 -0.04 6.12 71.28
CA ASN F 104 -0.82 6.90 72.23
C ASN F 104 -0.14 7.05 73.58
N SER F 105 1.18 6.86 73.64
CA SER F 105 1.95 7.05 74.86
C SER F 105 3.18 7.88 74.54
N SER F 106 3.31 9.03 75.17
CA SER F 106 4.45 9.90 74.91
C SER F 106 5.73 9.37 75.50
N LYS F 107 5.65 8.53 76.53
CA LYS F 107 6.87 7.97 77.12
C LYS F 107 7.48 6.91 76.22
N VAL F 108 6.64 6.14 75.53
CA VAL F 108 7.15 5.05 74.69
C VAL F 108 7.64 5.58 73.35
N LYS F 109 7.00 6.63 72.83
CA LYS F 109 7.41 7.22 71.56
C LYS F 109 8.80 7.85 71.67
N GLN F 110 9.11 8.45 72.81
CA GLN F 110 10.45 8.99 73.02
C GLN F 110 11.48 7.89 73.18
N THR F 111 11.08 6.71 73.66
CA THR F 111 12.02 5.63 73.89
C THR F 111 12.45 4.96 72.59
N LEU F 112 11.56 4.94 71.58
CA LEU F 112 11.92 4.50 70.23
C LEU F 112 13.02 5.37 69.64
N VAL F 113 12.79 6.69 69.62
CA VAL F 113 13.66 7.61 68.93
C VAL F 113 15.02 7.68 69.61
N GLN F 114 15.09 7.40 70.91
CA GLN F 114 16.37 7.23 71.56
C GLN F 114 17.02 5.91 71.15
N LEU F 115 16.23 4.85 70.96
CA LEU F 115 16.82 3.57 70.56
C LEU F 115 17.33 3.59 69.14
N VAL F 116 16.60 4.22 68.22
CA VAL F 116 17.01 4.22 66.83
C VAL F 116 18.26 5.06 66.64
N GLU F 117 18.32 6.20 67.31
CA GLU F 117 19.47 7.09 67.19
C GLU F 117 20.69 6.59 67.93
N LEU F 118 20.51 5.78 68.98
CA LEU F 118 21.68 5.22 69.65
C LEU F 118 22.19 3.95 68.98
N TYR F 119 21.30 3.17 68.37
CA TYR F 119 21.74 2.06 67.53
C TYR F 119 22.49 2.57 66.32
N GLU F 120 22.02 3.68 65.76
CA GLU F 120 22.63 4.27 64.56
C GLU F 120 24.05 4.76 64.83
N THR F 121 24.27 5.30 66.02
CA THR F 121 25.57 5.87 66.36
C THR F 121 26.55 4.81 66.86
N LYS F 122 26.12 3.99 67.82
CA LYS F 122 27.02 3.05 68.46
C LYS F 122 27.30 1.83 67.58
N ILE F 123 26.27 1.25 66.98
CA ILE F 123 26.40 0.03 66.20
C ILE F 123 26.37 0.32 64.71
N GLY F 124 25.42 1.13 64.27
CA GLY F 124 25.37 1.56 62.88
C GLY F 124 24.67 0.57 61.99
N TRP F 125 24.21 1.08 60.84
CA TRP F 125 23.39 0.30 59.92
C TRP F 125 24.21 -0.53 58.95
N THR F 126 25.46 -0.86 59.28
CA THR F 126 26.26 -1.65 58.36
C THR F 126 25.88 -3.13 58.41
N GLU F 127 25.54 -3.64 59.59
CA GLU F 127 25.30 -5.08 59.74
C GLU F 127 23.99 -5.50 59.11
N LEU F 128 22.92 -4.74 59.33
CA LEU F 128 21.62 -5.13 58.77
C LEU F 128 21.58 -4.91 57.27
N ALA F 129 22.08 -3.77 56.79
CA ALA F 129 22.04 -3.48 55.36
C ALA F 129 22.94 -4.41 54.55
N THR F 130 23.95 -5.00 55.17
CA THR F 130 24.70 -6.06 54.52
C THR F 130 23.85 -7.32 54.36
N ARG F 131 23.05 -7.65 55.38
CA ARG F 131 22.30 -8.89 55.36
C ARG F 131 21.09 -8.82 54.44
N TYR F 132 20.44 -7.66 54.32
CA TYR F 132 19.35 -7.52 53.37
C TYR F 132 19.87 -7.56 51.94
N LEU F 133 20.99 -6.89 51.69
CA LEU F 133 21.49 -6.77 50.33
C LEU F 133 22.10 -8.06 49.81
N MET F 134 22.53 -8.95 50.70
CA MET F 134 22.97 -10.28 50.29
C MET F 134 21.83 -11.24 50.08
N ASN F 135 20.59 -10.77 50.07
CA ASN F 135 19.47 -11.55 49.60
C ASN F 135 18.91 -11.04 48.29
N ILE F 136 19.09 -9.75 47.99
CA ILE F 136 18.82 -9.25 46.65
C ILE F 136 19.88 -9.74 45.68
N CYS F 137 21.16 -9.61 46.06
CA CYS F 137 22.24 -9.76 45.11
C CYS F 137 22.55 -11.22 44.77
N ASN F 138 22.09 -12.18 45.55
CA ASN F 138 22.06 -13.55 45.06
C ASN F 138 20.62 -13.92 44.73
N GLY F 139 20.40 -15.16 44.35
CA GLY F 139 19.05 -15.53 43.96
C GLY F 139 18.19 -16.04 45.11
N LYS F 140 18.07 -15.25 46.18
CA LYS F 140 17.26 -15.69 47.31
C LYS F 140 15.79 -15.48 47.01
N TRP F 141 15.46 -14.39 46.33
CA TRP F 141 14.10 -14.10 45.90
C TRP F 141 13.65 -14.95 44.72
N LEU F 142 14.54 -15.69 44.09
CA LEU F 142 14.21 -16.74 43.13
C LEU F 142 14.27 -18.04 43.91
N TRP F 143 13.14 -18.43 44.50
CA TRP F 143 13.08 -19.45 45.54
C TRP F 143 13.56 -20.83 45.11
N LYS F 144 12.83 -21.48 44.20
CA LYS F 144 13.20 -22.82 43.75
C LYS F 144 13.83 -22.80 42.37
N ASN F 145 13.85 -21.67 41.71
CA ASN F 145 14.30 -21.58 40.34
C ASN F 145 15.81 -21.48 40.28
N THR F 146 16.42 -20.96 41.34
CA THR F 146 17.86 -21.03 41.56
C THR F 146 18.36 -22.47 41.52
N ARG F 147 17.66 -23.36 42.21
CA ARG F 147 18.01 -24.77 42.24
C ARG F 147 17.79 -25.36 40.87
N LYS F 148 18.67 -26.28 40.47
CA LYS F 148 18.66 -26.98 39.17
C LYS F 148 18.83 -26.02 38.00
N ALA F 149 19.77 -25.10 38.11
CA ALA F 149 20.06 -24.17 37.02
C ALA F 149 21.54 -24.24 36.67
N TYR F 150 21.85 -23.87 35.43
CA TYR F 150 23.25 -23.80 35.02
C TYR F 150 23.96 -22.64 35.69
N CYS F 151 23.50 -21.42 35.45
CA CYS F 151 24.02 -20.25 36.16
C CYS F 151 22.94 -19.18 36.17
N TRP F 152 23.08 -18.23 37.08
CA TRP F 152 22.19 -17.08 37.11
C TRP F 152 22.98 -15.83 37.46
N ASN F 153 22.56 -14.70 36.90
CA ASN F 153 23.28 -13.45 36.96
C ASN F 153 22.33 -12.35 37.43
N ILE F 154 22.77 -11.54 38.40
CA ILE F 154 21.96 -10.46 38.94
C ILE F 154 22.56 -9.14 38.45
N VAL F 155 21.71 -8.23 38.00
CA VAL F 155 22.12 -6.90 37.56
C VAL F 155 21.27 -5.85 38.27
N LEU F 156 21.92 -4.99 39.04
CA LEU F 156 21.27 -3.92 39.79
C LEU F 156 21.16 -2.65 38.96
N THR F 157 20.19 -1.81 39.33
CA THR F 157 20.06 -0.47 38.74
C THR F 157 19.53 0.46 39.82
N PRO F 158 20.43 1.05 40.61
CA PRO F 158 19.97 1.93 41.69
C PRO F 158 19.67 3.33 41.18
N TRP F 159 18.76 4.02 41.91
CA TRP F 159 18.36 5.34 41.41
C TRP F 159 19.26 6.50 41.83
N PRO F 160 19.63 6.69 43.14
CA PRO F 160 20.53 7.86 43.34
C PRO F 160 21.98 7.53 43.00
N TRP F 161 22.23 7.35 41.70
CA TRP F 161 23.40 6.66 41.19
C TRP F 161 23.89 7.36 39.95
N ASN F 162 25.20 7.30 39.73
CA ASN F 162 25.81 7.99 38.60
C ASN F 162 25.71 7.19 37.31
N GLY F 163 26.35 6.02 37.28
CA GLY F 163 26.31 5.19 36.09
C GLY F 163 26.98 3.87 36.36
N GLU F 164 27.14 3.08 35.28
CA GLU F 164 27.80 1.77 35.28
C GLU F 164 27.09 0.80 36.24
N LYS F 165 25.92 0.33 35.79
CA LYS F 165 25.06 -0.63 36.50
C LYS F 165 25.84 -1.79 37.12
N VAL F 166 25.39 -2.19 38.30
CA VAL F 166 26.12 -3.12 39.15
C VAL F 166 25.76 -4.53 38.72
N GLY F 167 26.76 -5.36 38.50
CA GLY F 167 26.55 -6.71 37.99
C GLY F 167 27.08 -7.75 38.96
N PHE F 168 26.44 -8.91 38.96
CA PHE F 168 26.82 -10.02 39.82
C PHE F 168 26.75 -11.29 38.96
N GLU F 169 27.88 -11.67 38.37
CA GLU F 169 27.92 -12.74 37.39
C GLU F 169 28.27 -14.07 38.03
N ASP F 170 27.51 -15.11 37.66
CA ASP F 170 27.78 -16.51 37.95
C ASP F 170 27.84 -16.79 39.45
N ILE F 171 26.70 -16.58 40.11
CA ILE F 171 26.52 -17.10 41.46
C ILE F 171 26.46 -18.62 41.39
N ARG F 172 26.70 -19.28 42.54
CA ARG F 172 27.02 -20.68 42.83
C ARG F 172 28.49 -20.98 42.50
N THR F 173 29.18 -20.08 41.81
CA THR F 173 30.62 -20.21 41.59
C THR F 173 31.40 -19.08 42.23
N ASN F 174 30.97 -17.83 42.03
CA ASN F 174 31.71 -16.67 42.48
C ASN F 174 31.27 -16.16 43.84
N TYR F 175 29.98 -15.96 44.05
CA TYR F 175 29.47 -15.24 45.22
C TYR F 175 28.91 -16.24 46.22
N THR F 176 29.81 -16.80 47.03
CA THR F 176 29.45 -17.84 47.98
C THR F 176 29.36 -17.31 49.41
N SER F 177 30.33 -16.51 49.85
CA SER F 177 30.41 -16.03 51.21
C SER F 177 30.23 -14.52 51.26
N ARG F 178 30.36 -13.97 52.48
CA ARG F 178 30.26 -12.53 52.67
C ARG F 178 31.41 -11.78 52.00
N GLN F 179 32.59 -12.40 51.94
CA GLN F 179 33.77 -11.72 51.41
C GLN F 179 33.68 -11.53 49.91
N ASP F 180 33.03 -12.44 49.20
CA ASP F 180 32.95 -12.35 47.75
C ASP F 180 32.05 -11.22 47.29
N PHE F 181 31.07 -10.83 48.10
CA PHE F 181 30.29 -9.64 47.79
C PHE F 181 31.09 -8.37 48.02
N LYS F 182 31.93 -8.36 49.05
CA LYS F 182 32.73 -7.18 49.36
C LYS F 182 33.85 -6.95 48.35
N ASN F 183 34.28 -7.99 47.63
CA ASN F 183 35.30 -7.85 46.62
C ASN F 183 34.78 -7.25 45.32
N ASN F 184 33.48 -6.95 45.24
CA ASN F 184 32.94 -6.31 44.05
C ASN F 184 33.43 -4.86 44.01
N LYS F 185 33.51 -4.33 42.78
CA LYS F 185 34.06 -3.00 42.57
C LYS F 185 33.20 -1.93 43.22
N ASN F 186 31.89 -2.05 43.10
CA ASN F 186 30.95 -1.17 43.76
C ASN F 186 30.03 -2.02 44.64
N TRP F 187 30.49 -2.26 45.85
CA TRP F 187 29.67 -2.85 46.90
C TRP F 187 29.47 -1.90 48.07
N SER F 188 30.51 -1.15 48.46
CA SER F 188 30.36 -0.20 49.54
C SER F 188 29.55 1.02 49.11
N ALA F 189 29.49 1.30 47.81
CA ALA F 189 28.67 2.39 47.33
C ALA F 189 27.18 2.08 47.43
N ILE F 190 26.82 0.80 47.48
CA ILE F 190 25.42 0.40 47.54
C ILE F 190 24.98 0.09 48.97
N VAL F 191 25.88 -0.48 49.77
CA VAL F 191 25.64 -0.63 51.21
C VAL F 191 25.47 0.74 51.87
N GLU F 192 26.24 1.73 51.44
CA GLU F 192 26.08 3.07 52.00
C GLU F 192 24.89 3.82 51.44
N MET F 193 24.14 3.26 50.48
CA MET F 193 22.83 3.83 50.16
C MET F 193 21.78 3.45 51.17
N ILE F 194 21.77 2.17 51.58
CA ILE F 194 20.78 1.70 52.52
C ILE F 194 21.07 2.27 53.90
N LYS F 195 22.34 2.52 54.20
CA LYS F 195 22.70 3.26 55.40
C LYS F 195 22.25 4.70 55.31
N THR F 196 22.41 5.32 54.14
CA THR F 196 21.95 6.69 53.94
C THR F 196 20.43 6.77 54.01
N ALA F 197 19.75 5.76 53.46
CA ALA F 197 18.30 5.75 53.46
C ALA F 197 17.75 5.63 54.87
N PHE F 198 18.27 4.69 55.65
CA PHE F 198 17.78 4.47 57.01
C PHE F 198 18.08 5.63 57.95
N SER F 199 19.19 6.34 57.72
CA SER F 199 19.67 7.34 58.65
C SER F 199 19.13 8.74 58.38
N SER F 200 18.38 8.91 57.29
CA SER F 200 17.88 10.22 56.93
C SER F 200 16.41 10.32 57.26
N THR F 201 15.94 11.55 57.43
CA THR F 201 14.51 11.75 57.64
C THR F 201 13.71 11.57 56.36
N ASP F 202 14.35 11.58 55.20
CA ASP F 202 13.71 11.25 53.94
C ASP F 202 14.75 10.55 53.07
N GLY F 203 14.83 9.23 53.18
CA GLY F 203 15.72 8.42 52.37
C GLY F 203 14.90 7.49 51.50
N LEU F 204 15.32 7.32 50.24
CA LEU F 204 14.46 6.67 49.27
C LEU F 204 15.04 5.36 48.72
N ALA F 205 16.19 5.40 48.05
CA ALA F 205 17.01 4.22 47.67
C ALA F 205 16.23 3.15 46.88
N ILE F 206 15.88 3.48 45.65
CA ILE F 206 15.27 2.51 44.74
C ILE F 206 16.34 1.61 44.15
N PHE F 207 16.09 0.31 44.13
CA PHE F 207 16.85 -0.66 43.35
C PHE F 207 15.96 -1.26 42.27
N GLU F 208 16.54 -1.54 41.11
CA GLU F 208 15.86 -2.27 40.04
C GLU F 208 16.68 -3.53 39.77
N VAL F 209 16.14 -4.68 40.16
CA VAL F 209 16.87 -5.93 40.10
C VAL F 209 16.36 -6.72 38.91
N ARG F 210 17.26 -7.41 38.23
CA ARG F 210 16.89 -8.18 37.05
C ARG F 210 17.81 -9.38 36.94
N ALA F 211 17.23 -10.58 36.88
CA ALA F 211 17.99 -11.81 36.86
C ALA F 211 18.01 -12.41 35.47
N THR F 212 18.87 -13.41 35.29
CA THR F 212 19.02 -14.09 34.01
C THR F 212 19.32 -15.56 34.31
N LEU F 213 18.29 -16.39 34.25
CA LEU F 213 18.37 -17.79 34.64
C LEU F 213 18.58 -18.65 33.40
N HIS F 214 19.65 -19.44 33.40
CA HIS F 214 19.94 -20.38 32.33
C HIS F 214 19.54 -21.76 32.81
N LEU F 215 18.35 -22.20 32.42
CA LEU F 215 17.80 -23.48 32.83
C LEU F 215 18.24 -24.57 31.87
N PRO F 216 18.01 -25.85 32.20
CA PRO F 216 18.13 -26.90 31.19
C PRO F 216 17.06 -26.84 30.12
N THR F 217 17.10 -27.81 29.21
CA THR F 217 16.10 -27.87 28.14
C THR F 217 14.74 -28.19 28.74
N ASN F 218 13.77 -27.32 28.45
CA ASN F 218 12.34 -27.60 28.57
C ASN F 218 11.93 -27.75 30.03
N ALA F 219 12.62 -27.05 30.92
CA ALA F 219 12.63 -27.27 32.36
C ALA F 219 11.50 -26.55 33.08
N MET F 220 11.31 -26.92 34.33
CA MET F 220 10.25 -26.39 35.20
C MET F 220 10.59 -25.00 35.72
N VAL F 221 9.55 -24.19 35.91
CA VAL F 221 9.68 -23.02 36.77
C VAL F 221 8.63 -23.15 37.87
N ARG F 222 8.93 -22.57 39.02
CA ARG F 222 8.14 -22.73 40.23
C ARG F 222 7.72 -21.36 40.75
N PRO F 223 6.59 -20.84 40.29
CA PRO F 223 6.07 -19.56 40.80
C PRO F 223 5.32 -19.77 42.10
N SER F 224 4.82 -18.68 42.65
CA SER F 224 4.05 -18.75 43.87
C SER F 224 2.62 -19.17 43.53
N GLN F 225 1.88 -19.56 44.56
CA GLN F 225 0.58 -20.14 44.32
C GLN F 225 -0.40 -19.70 45.40
N VAL F 226 -1.70 -19.85 45.10
CA VAL F 226 -2.73 -19.11 45.80
C VAL F 226 -3.10 -19.82 47.11
N PHE F 227 -3.83 -19.08 47.95
CA PHE F 227 -4.34 -19.57 49.25
C PHE F 227 -5.84 -19.26 49.29
N THR F 228 -6.69 -20.27 49.07
CA THR F 228 -8.16 -20.04 49.04
C THR F 228 -8.90 -21.08 49.88
N GLU F 229 -10.13 -20.75 50.30
CA GLU F 229 -11.00 -21.64 51.10
C GLU F 229 -11.55 -22.77 50.21
N LYS F 230 -11.93 -23.90 50.80
CA LYS F 230 -12.44 -25.06 50.01
C LYS F 230 -13.96 -25.19 50.17
N GLU F 231 -14.68 -25.28 49.05
CA GLU F 231 -16.15 -25.43 49.05
C GLU F 231 -16.52 -26.69 49.83
N GLN F 241 -11.24 -29.00 42.17
CA GLN F 241 -10.54 -30.09 41.52
C GLN F 241 -9.10 -29.72 41.22
N ASN F 242 -8.89 -28.46 40.85
CA ASN F 242 -7.53 -28.02 40.55
C ASN F 242 -6.74 -27.89 41.84
N SER F 243 -5.63 -28.62 41.92
CA SER F 243 -4.89 -28.78 43.16
C SER F 243 -3.69 -27.87 43.27
N ARG F 244 -3.30 -27.18 42.20
CA ARG F 244 -2.15 -26.28 42.22
C ARG F 244 -2.46 -25.13 41.28
N VAL F 245 -2.83 -23.99 41.85
CA VAL F 245 -3.23 -22.82 41.08
C VAL F 245 -2.21 -21.72 41.30
N PHE F 246 -1.66 -21.19 40.23
CA PHE F 246 -0.59 -20.20 40.31
C PHE F 246 -1.14 -18.80 40.49
N GLN F 247 -0.36 -17.95 41.12
CA GLN F 247 -0.63 -16.52 41.12
C GLN F 247 -0.17 -15.93 39.80
N SER F 248 -0.90 -14.92 39.31
CA SER F 248 -0.63 -14.43 37.97
C SER F 248 -0.96 -12.96 37.83
N THR F 249 -0.39 -12.34 36.79
CA THR F 249 -0.76 -11.02 36.35
C THR F 249 -1.14 -11.05 34.87
N THR F 250 -1.29 -9.85 34.29
CA THR F 250 -1.49 -9.73 32.84
C THR F 250 -0.34 -8.88 32.30
N ILE F 251 0.50 -9.46 31.45
CA ILE F 251 1.63 -8.74 30.79
C ILE F 251 1.25 -8.73 29.32
N ASP F 252 1.28 -7.55 28.68
CA ASP F 252 0.80 -7.43 27.28
C ASP F 252 -0.65 -7.93 27.30
N GLY F 253 -1.00 -8.89 26.44
CA GLY F 253 -2.37 -9.42 26.42
C GLY F 253 -2.47 -10.84 26.97
N GLU F 254 -1.43 -11.32 27.67
CA GLU F 254 -1.43 -12.74 28.13
C GLU F 254 -1.22 -12.88 29.64
N ARG F 255 -1.69 -14.01 30.20
CA ARG F 255 -1.50 -14.38 31.59
C ARG F 255 -0.06 -14.83 31.79
N SER F 256 0.43 -14.69 33.01
CA SER F 256 1.85 -14.95 33.23
C SER F 256 2.07 -15.22 34.70
N PRO F 257 2.87 -16.23 35.05
CA PRO F 257 3.08 -16.54 36.47
C PRO F 257 3.94 -15.50 37.13
N ILE F 258 3.57 -15.14 38.35
CA ILE F 258 4.38 -14.25 39.15
C ILE F 258 4.79 -14.96 40.42
N LEU F 259 5.68 -14.30 41.14
CA LEU F 259 6.18 -14.76 42.42
C LEU F 259 5.95 -13.57 43.34
N GLY F 260 5.02 -13.70 44.27
CA GLY F 260 4.28 -12.57 44.81
C GLY F 260 5.11 -11.56 45.57
N ALA F 261 4.45 -10.43 45.86
CA ALA F 261 5.13 -9.31 46.51
C ALA F 261 5.41 -9.60 47.98
N PHE F 262 4.50 -10.32 48.63
CA PHE F 262 4.73 -10.76 50.01
C PHE F 262 5.69 -11.95 50.07
N LYS F 263 5.72 -12.76 49.01
CA LYS F 263 6.68 -13.84 48.89
C LYS F 263 8.08 -13.30 48.68
N THR F 264 8.20 -12.20 47.95
CA THR F 264 9.51 -11.61 47.67
C THR F 264 10.06 -10.90 48.90
N GLY F 265 9.19 -10.23 49.66
CA GLY F 265 9.63 -9.57 50.87
C GLY F 265 10.02 -10.50 51.99
N ALA F 266 9.52 -11.73 51.96
CA ALA F 266 9.91 -12.72 52.96
C ALA F 266 11.25 -13.33 52.67
N ALA F 267 11.75 -13.21 51.44
CA ALA F 267 13.06 -13.73 51.07
C ALA F 267 14.17 -12.74 51.35
N ILE F 268 13.88 -11.45 51.28
CA ILE F 268 14.86 -10.45 51.65
C ILE F 268 15.09 -10.44 53.15
N ALA F 269 14.05 -10.77 53.93
CA ALA F 269 14.09 -10.68 55.37
C ALA F 269 14.41 -12.01 56.06
N THR F 270 15.14 -12.91 55.40
CA THR F 270 15.64 -14.10 56.08
C THR F 270 17.02 -13.79 56.63
N ILE F 271 17.04 -13.26 57.85
CA ILE F 271 18.24 -12.74 58.46
C ILE F 271 18.48 -13.39 59.83
N ASP F 272 17.39 -13.78 60.48
CA ASP F 272 17.39 -14.10 61.90
C ASP F 272 18.11 -15.42 62.17
N ASP F 273 19.41 -15.34 62.40
CA ASP F 273 20.20 -16.44 62.93
C ASP F 273 20.72 -16.12 64.32
N TRP F 274 19.88 -15.52 65.16
CA TRP F 274 20.24 -15.22 66.52
C TRP F 274 19.28 -15.81 67.54
N TYR F 275 18.42 -16.74 67.11
CA TYR F 275 17.60 -17.52 68.02
C TYR F 275 18.50 -18.52 68.77
N PRO F 276 18.11 -18.96 69.97
CA PRO F 276 19.09 -19.56 70.91
C PRO F 276 19.81 -20.85 70.47
N GLU F 277 19.43 -21.49 69.37
CA GLU F 277 20.14 -22.69 68.90
C GLU F 277 20.38 -22.57 67.40
N ALA F 278 20.89 -21.42 66.97
CA ALA F 278 20.82 -21.00 65.58
C ALA F 278 21.72 -21.84 64.68
N THR F 279 21.13 -22.40 63.63
CA THR F 279 21.85 -23.04 62.53
C THR F 279 21.58 -22.35 61.20
N GLU F 280 20.32 -22.19 60.83
CA GLU F 280 19.79 -21.66 59.59
C GLU F 280 19.08 -20.34 59.85
N PRO F 281 19.27 -19.33 59.00
CA PRO F 281 18.58 -18.06 59.23
C PRO F 281 17.08 -18.15 58.95
N LEU F 282 16.31 -17.53 59.82
CA LEU F 282 14.87 -17.53 59.75
C LEU F 282 14.35 -16.19 59.22
N ARG F 283 13.10 -16.21 58.77
CA ARG F 283 12.44 -15.00 58.35
C ARG F 283 12.11 -14.16 59.58
N VAL F 284 12.36 -12.85 59.48
CA VAL F 284 12.28 -11.97 60.63
C VAL F 284 10.81 -11.75 61.01
N GLY F 285 10.49 -12.00 62.27
CA GLY F 285 9.14 -11.77 62.74
C GLY F 285 9.07 -11.96 64.24
N ARG F 286 7.87 -11.70 64.79
CA ARG F 286 7.61 -11.95 66.20
C ARG F 286 7.62 -13.45 66.46
N PHE F 287 8.28 -13.85 67.55
CA PHE F 287 8.49 -15.24 67.98
C PHE F 287 8.82 -16.18 66.83
N GLY F 288 9.89 -15.82 66.11
CA GLY F 288 10.19 -16.23 64.75
C GLY F 288 10.01 -17.68 64.36
N VAL F 289 9.03 -17.91 63.49
CA VAL F 289 8.55 -19.26 63.23
C VAL F 289 9.35 -19.85 62.08
N HIS F 290 9.33 -21.17 62.01
CA HIS F 290 9.92 -21.92 60.92
C HIS F 290 8.77 -22.68 60.29
N ARG F 291 8.61 -22.53 58.98
CA ARG F 291 7.52 -23.24 58.33
C ARG F 291 7.96 -24.54 57.68
N GLU F 292 9.26 -24.82 57.67
CA GLU F 292 9.78 -26.12 57.26
C GLU F 292 9.34 -27.18 58.26
N ASP F 293 9.82 -27.09 59.49
CA ASP F 293 9.34 -27.89 60.60
C ASP F 293 8.41 -27.02 61.42
N VAL F 294 7.21 -27.53 61.72
CA VAL F 294 6.18 -26.64 62.22
C VAL F 294 6.45 -26.40 63.70
N THR F 295 7.32 -25.44 63.98
CA THR F 295 7.74 -25.09 65.32
C THR F 295 7.87 -23.59 65.42
N CYS F 296 8.12 -23.12 66.64
CA CYS F 296 8.39 -21.72 66.93
C CYS F 296 9.68 -21.65 67.71
N TYR F 297 10.77 -21.34 67.03
CA TYR F 297 11.92 -20.80 67.74
C TYR F 297 11.54 -19.41 68.22
N ARG F 298 12.25 -18.94 69.26
CA ARG F 298 11.93 -17.70 69.99
C ARG F 298 10.52 -17.72 70.57
N HIS F 299 10.08 -18.87 71.07
CA HIS F 299 8.80 -18.99 71.76
C HIS F 299 8.82 -18.12 73.02
N PRO F 300 7.68 -17.53 73.41
CA PRO F 300 7.66 -16.65 74.59
C PRO F 300 8.06 -17.28 75.92
N SER F 301 8.12 -18.61 76.02
CA SER F 301 8.67 -19.23 77.22
C SER F 301 10.17 -19.06 77.30
N THR F 302 10.84 -18.87 76.15
CA THR F 302 12.27 -18.60 76.16
C THR F 302 12.54 -17.19 76.70
N GLY F 303 11.66 -16.25 76.40
CA GLY F 303 11.89 -14.87 76.74
C GLY F 303 12.62 -14.08 75.69
N LYS F 304 12.74 -14.62 74.47
CA LYS F 304 13.45 -13.97 73.39
C LYS F 304 12.57 -13.79 72.16
N ASP F 305 11.26 -13.70 72.36
CA ASP F 305 10.38 -13.17 71.32
C ASP F 305 10.44 -11.65 71.30
N PHE F 306 9.68 -11.03 70.42
CA PHE F 306 9.84 -9.60 70.22
C PHE F 306 9.13 -8.76 71.28
N PHE F 307 8.14 -9.30 71.97
CA PHE F 307 7.53 -8.53 73.04
C PHE F 307 8.30 -8.57 74.34
N SER F 308 9.17 -9.58 74.53
CA SER F 308 10.00 -9.63 75.71
C SER F 308 11.28 -8.81 75.56
N ILE F 309 11.48 -8.18 74.41
CA ILE F 309 12.66 -7.36 74.14
C ILE F 309 12.20 -5.90 74.10
N LEU F 310 10.93 -5.68 73.76
CA LEU F 310 10.32 -4.36 73.98
C LEU F 310 10.25 -4.00 75.44
N GLN F 311 10.05 -4.98 76.32
CA GLN F 311 10.06 -4.68 77.74
C GLN F 311 11.47 -4.50 78.29
N GLN F 312 12.50 -4.75 77.49
CA GLN F 312 13.88 -4.45 77.85
C GLN F 312 14.43 -3.28 77.04
N ALA F 313 13.54 -2.47 76.46
CA ALA F 313 13.98 -1.40 75.57
C ALA F 313 14.55 -0.21 76.33
N GLU F 314 14.01 0.07 77.51
CA GLU F 314 14.60 1.09 78.37
C GLU F 314 15.98 0.67 78.85
N HIS F 315 16.16 -0.63 79.10
CA HIS F 315 17.44 -1.16 79.57
C HIS F 315 18.52 -1.08 78.50
N TYR F 316 18.15 -1.17 77.23
CA TYR F 316 19.11 -1.12 76.14
C TYR F 316 19.59 0.30 75.84
N ILE F 317 19.04 1.31 76.50
CA ILE F 317 19.54 2.67 76.32
C ILE F 317 20.80 2.89 77.15
N GLU F 318 20.81 2.41 78.40
CA GLU F 318 22.00 2.55 79.23
C GLU F 318 23.16 1.70 78.74
N VAL F 319 22.90 0.65 77.99
CA VAL F 319 23.98 -0.16 77.44
C VAL F 319 24.64 0.57 76.27
N LEU F 320 23.84 1.20 75.41
CA LEU F 320 24.39 1.90 74.26
C LEU F 320 24.99 3.24 74.63
N SER F 321 24.51 3.87 75.70
CA SER F 321 25.01 5.17 76.10
C SER F 321 26.28 5.11 76.94
N ALA F 322 26.79 3.91 77.21
CA ALA F 322 28.05 3.75 77.92
C ALA F 322 29.21 3.86 76.94
N ASN F 323 30.41 3.51 77.39
CA ASN F 323 31.58 3.50 76.53
C ASN F 323 32.26 2.14 76.47
N LYS F 324 31.76 1.14 77.20
CA LYS F 324 32.30 -0.20 77.17
C LYS F 324 31.73 -0.94 75.96
N THR F 325 32.50 -1.91 75.46
CA THR F 325 32.09 -2.68 74.28
C THR F 325 30.88 -3.54 74.60
N PRO F 326 29.81 -3.47 73.82
CA PRO F 326 28.50 -3.90 74.32
C PRO F 326 28.22 -5.40 74.30
N ALA F 327 29.24 -6.27 74.26
CA ALA F 327 29.11 -7.68 74.64
C ALA F 327 28.17 -8.52 73.78
N GLN F 328 28.64 -8.94 72.60
CA GLN F 328 27.91 -9.42 71.41
C GLN F 328 26.59 -10.15 71.62
N GLU F 329 26.47 -10.94 72.69
CA GLU F 329 25.22 -11.65 72.98
C GLU F 329 24.07 -10.68 73.20
N THR F 330 24.30 -9.56 73.91
CA THR F 330 23.24 -8.61 74.16
C THR F 330 23.21 -7.47 73.15
N ILE F 331 23.82 -7.64 71.98
CA ILE F 331 23.49 -6.82 70.82
C ILE F 331 22.95 -7.65 69.67
N ASN F 332 22.97 -8.98 69.75
CA ASN F 332 22.15 -9.77 68.85
C ASN F 332 20.67 -9.54 69.13
N ASP F 333 20.32 -9.22 70.39
CA ASP F 333 18.98 -8.76 70.68
C ASP F 333 18.72 -7.38 70.11
N MET F 334 19.77 -6.57 69.93
CA MET F 334 19.59 -5.26 69.31
C MET F 334 19.37 -5.37 67.81
N HIS F 335 20.00 -6.34 67.16
CA HIS F 335 19.76 -6.54 65.73
C HIS F 335 18.35 -7.08 65.50
N PHE F 336 17.86 -7.94 66.39
CA PHE F 336 16.51 -8.48 66.26
C PHE F 336 15.47 -7.43 66.60
N LEU F 337 15.81 -6.49 67.48
CA LEU F 337 14.89 -5.41 67.81
C LEU F 337 14.72 -4.47 66.62
N MET F 338 15.81 -4.17 65.93
CA MET F 338 15.75 -3.26 64.79
C MET F 338 15.11 -3.89 63.57
N ALA F 339 15.37 -5.18 63.32
CA ALA F 339 14.86 -5.83 62.12
C ALA F 339 13.36 -6.03 62.16
N ASN F 340 12.75 -6.04 63.34
CA ASN F 340 11.30 -6.09 63.42
C ASN F 340 10.65 -4.73 63.28
N LEU F 341 11.39 -3.65 63.51
CA LEU F 341 10.84 -2.33 63.27
C LEU F 341 11.04 -1.89 61.83
N ILE F 342 12.06 -2.44 61.15
CA ILE F 342 12.14 -2.33 59.70
C ILE F 342 11.02 -3.12 59.06
N LYS F 343 10.66 -4.26 59.66
CA LYS F 343 9.57 -5.08 59.15
C LYS F 343 8.21 -4.47 59.46
N GLY F 344 8.08 -3.76 60.58
CA GLY F 344 6.84 -3.12 60.93
C GLY F 344 5.87 -4.07 61.62
N GLY F 345 4.69 -3.54 61.91
CA GLY F 345 3.64 -4.38 62.46
C GLY F 345 2.91 -3.82 63.64
N MET F 346 1.71 -4.34 63.91
CA MET F 346 1.01 -4.03 65.16
C MET F 346 1.78 -4.61 66.32
N PHE F 347 2.09 -3.79 67.32
CA PHE F 347 2.81 -4.28 68.47
C PHE F 347 2.01 -4.06 69.75
N GLN F 348 0.71 -4.34 69.69
CA GLN F 348 -0.10 -4.38 70.89
C GLN F 348 -0.11 -5.79 71.48
N HIS F 349 -0.74 -5.93 72.63
CA HIS F 349 -1.05 -7.27 73.13
C HIS F 349 -2.28 -7.84 72.45
N LYS F 350 -3.26 -6.99 72.16
CA LYS F 350 -4.44 -7.39 71.39
C LYS F 350 -5.08 -6.16 70.74
N MET G 1 7.82 -46.99 65.25
CA MET G 1 7.80 -45.55 65.00
C MET G 1 6.43 -45.17 64.47
N LYS G 2 5.96 -43.98 64.81
CA LYS G 2 4.64 -43.52 64.38
C LYS G 2 4.76 -42.56 63.20
N LEU G 3 3.69 -42.46 62.44
CA LEU G 3 3.71 -41.48 61.37
C LEU G 3 3.27 -40.12 61.90
N PRO G 4 4.04 -39.06 61.68
CA PRO G 4 3.63 -37.73 62.15
C PRO G 4 2.48 -37.19 61.34
N THR G 5 1.96 -36.05 61.79
CA THR G 5 0.89 -35.36 61.08
C THR G 5 1.41 -34.44 59.99
N ASN G 6 2.73 -34.27 59.89
CA ASN G 6 3.35 -33.58 58.77
C ASN G 6 4.60 -34.34 58.41
N LEU G 7 4.63 -34.91 57.21
CA LEU G 7 5.87 -35.51 56.70
C LEU G 7 5.75 -35.50 55.19
N ALA G 8 6.66 -34.81 54.51
CA ALA G 8 6.57 -34.63 53.07
C ALA G 8 7.97 -34.43 52.52
N TYR G 9 8.25 -35.01 51.35
CA TYR G 9 9.54 -34.78 50.71
C TYR G 9 9.34 -34.21 49.32
N GLU G 10 10.40 -33.61 48.81
CA GLU G 10 10.47 -33.23 47.42
C GLU G 10 11.15 -34.33 46.60
N ARG G 11 10.89 -34.32 45.31
CA ARG G 11 11.47 -35.32 44.44
C ARG G 11 12.93 -35.01 44.13
N SER G 12 13.71 -36.07 43.98
CA SER G 12 15.14 -35.93 43.69
C SER G 12 15.47 -36.12 42.22
N ILE G 13 14.50 -36.48 41.40
CA ILE G 13 14.69 -36.64 39.96
C ILE G 13 13.63 -35.82 39.25
N ASP G 14 14.06 -34.89 38.40
CA ASP G 14 13.14 -33.96 37.75
C ASP G 14 13.28 -34.07 36.24
N PRO G 15 12.43 -34.85 35.58
CA PRO G 15 12.46 -34.91 34.12
C PRO G 15 11.67 -33.76 33.50
N SER G 16 11.66 -33.72 32.18
CA SER G 16 10.89 -32.73 31.45
C SER G 16 10.07 -33.41 30.37
N ASP G 17 9.33 -32.61 29.62
CA ASP G 17 8.59 -33.12 28.47
C ASP G 17 9.56 -33.52 27.37
N VAL G 18 9.14 -34.47 26.55
CA VAL G 18 9.95 -34.93 25.43
C VAL G 18 9.37 -34.31 24.17
N CYS G 19 10.21 -33.63 23.39
CA CYS G 19 9.77 -33.00 22.16
C CYS G 19 10.22 -33.82 20.96
N PHE G 20 9.33 -33.93 19.97
CA PHE G 20 9.54 -34.76 18.79
C PHE G 20 9.88 -33.89 17.59
N PHE G 21 10.87 -34.31 16.83
CA PHE G 21 11.31 -33.56 15.65
C PHE G 21 11.50 -34.51 14.48
N VAL G 22 11.26 -34.00 13.29
CA VAL G 22 11.44 -34.75 12.05
C VAL G 22 12.75 -34.27 11.43
N VAL G 23 13.65 -35.20 11.15
CA VAL G 23 14.90 -34.88 10.47
C VAL G 23 14.78 -35.31 9.03
N TRP G 24 15.04 -34.42 8.13
CA TRP G 24 15.01 -34.67 6.72
C TRP G 24 16.41 -34.97 6.21
N PRO G 25 16.56 -35.58 5.04
CA PRO G 25 17.86 -35.57 4.38
C PRO G 25 18.22 -34.15 3.99
N ASP G 26 19.54 -33.87 4.02
CA ASP G 26 20.23 -32.58 4.15
C ASP G 26 20.07 -31.96 5.54
N ASP G 27 19.51 -32.70 6.51
CA ASP G 27 19.67 -32.47 7.94
C ASP G 27 19.04 -31.17 8.42
N ARG G 28 17.86 -30.86 7.93
CA ARG G 28 17.06 -29.80 8.52
C ARG G 28 15.97 -30.44 9.38
N LYS G 29 15.53 -29.70 10.38
CA LYS G 29 14.64 -30.23 11.41
C LYS G 29 13.34 -29.43 11.43
N THR G 30 12.24 -30.15 11.49
CA THR G 30 10.90 -29.64 11.53
C THR G 30 10.18 -30.31 12.67
N PRO G 31 9.41 -29.58 13.48
CA PRO G 31 8.63 -30.24 14.54
C PRO G 31 7.53 -31.12 13.95
N LEU G 32 7.31 -32.24 14.62
CA LEU G 32 6.31 -33.21 14.20
C LEU G 32 4.92 -32.67 14.47
N THR G 33 3.98 -32.96 13.57
CA THR G 33 2.61 -32.49 13.71
C THR G 33 1.65 -33.67 13.64
N TYR G 34 0.40 -33.42 14.04
CA TYR G 34 -0.64 -34.45 13.96
C TYR G 34 -1.94 -33.82 13.53
N ASN G 35 -2.89 -34.69 13.19
CA ASN G 35 -4.22 -34.26 12.76
C ASN G 35 -5.25 -35.17 13.39
N SER G 36 -6.48 -34.68 13.46
CA SER G 36 -7.63 -35.49 13.86
C SER G 36 -8.34 -35.95 12.61
N ARG G 37 -8.68 -37.23 12.55
CA ARG G 37 -9.50 -37.71 11.46
C ARG G 37 -10.52 -38.73 11.94
N THR G 38 -11.70 -38.68 11.34
CA THR G 38 -12.78 -39.58 11.67
C THR G 38 -12.64 -40.88 10.90
N LEU G 39 -12.91 -41.97 11.59
CA LEU G 39 -12.85 -43.31 11.06
C LEU G 39 -14.23 -43.94 11.15
N LEU G 40 -14.34 -45.17 10.70
CA LEU G 40 -15.59 -45.92 10.76
C LEU G 40 -15.26 -47.37 11.07
N GLY G 41 -15.68 -47.85 12.23
CA GLY G 41 -15.46 -49.22 12.63
C GLY G 41 -16.74 -50.02 12.66
N GLN G 42 -16.60 -51.28 13.06
CA GLN G 42 -17.75 -52.12 13.32
C GLN G 42 -18.38 -51.73 14.65
N MET G 43 -19.38 -52.52 15.05
CA MET G 43 -20.19 -52.13 16.20
C MET G 43 -19.93 -53.14 17.31
N GLU G 44 -18.65 -53.45 17.53
CA GLU G 44 -18.24 -54.36 18.59
C GLU G 44 -18.26 -53.62 19.92
N ALA G 45 -19.08 -54.08 20.85
CA ALA G 45 -18.91 -53.65 22.23
C ALA G 45 -19.11 -54.73 23.27
N ALA G 46 -19.89 -55.79 22.98
CA ALA G 46 -20.47 -56.81 23.87
C ALA G 46 -21.51 -56.23 24.84
N SER G 47 -21.69 -54.92 24.81
CA SER G 47 -22.80 -54.22 25.44
C SER G 47 -23.90 -53.89 24.45
N LEU G 48 -23.60 -54.05 23.16
CA LEU G 48 -24.55 -53.81 22.09
C LEU G 48 -25.17 -55.09 21.56
N ALA G 49 -24.56 -56.25 21.86
CA ALA G 49 -25.10 -57.53 21.45
C ALA G 49 -25.65 -58.35 22.59
N TYR G 50 -25.13 -58.18 23.81
CA TYR G 50 -25.55 -58.91 24.99
C TYR G 50 -26.03 -57.92 26.04
N ASP G 51 -26.83 -58.43 26.97
CA ASP G 51 -27.20 -57.61 28.13
C ASP G 51 -26.18 -57.87 29.24
N VAL G 52 -26.49 -57.42 30.45
CA VAL G 52 -25.55 -57.57 31.57
C VAL G 52 -25.46 -59.03 31.99
N SER G 53 -26.57 -59.76 31.94
CA SER G 53 -26.60 -61.13 32.43
C SER G 53 -25.86 -62.08 31.50
N GLY G 54 -26.08 -61.96 30.19
CA GLY G 54 -25.36 -62.80 29.25
C GLY G 54 -26.18 -63.26 28.07
N GLN G 55 -27.50 -63.15 28.15
CA GLN G 55 -28.30 -63.56 27.00
C GLN G 55 -28.28 -62.47 25.94
N PRO G 56 -28.42 -62.84 24.66
CA PRO G 56 -28.39 -61.83 23.60
C PRO G 56 -29.59 -60.90 23.64
N ILE G 57 -29.33 -59.61 23.50
CA ILE G 57 -30.39 -58.63 23.40
C ILE G 57 -31.12 -58.82 22.08
N LYS G 58 -32.43 -58.69 22.10
CA LYS G 58 -33.26 -59.06 20.96
C LYS G 58 -33.50 -57.91 20.00
N SER G 59 -33.21 -56.67 20.40
CA SER G 59 -33.31 -55.54 19.49
C SER G 59 -32.11 -55.44 18.56
N ALA G 60 -31.03 -56.16 18.85
CA ALA G 60 -29.84 -56.14 18.01
C ALA G 60 -29.93 -57.28 17.01
N THR G 61 -30.63 -57.02 15.91
CA THR G 61 -30.73 -57.96 14.82
C THR G 61 -29.43 -57.97 14.02
N ALA G 62 -29.35 -58.85 13.02
CA ALA G 62 -28.16 -58.92 12.19
C ALA G 62 -27.99 -57.71 11.29
N GLU G 63 -29.07 -57.01 10.96
CA GLU G 63 -28.95 -55.81 10.14
C GLU G 63 -28.60 -54.60 10.99
N ALA G 64 -29.12 -54.52 12.21
CA ALA G 64 -28.81 -53.41 13.09
C ALA G 64 -27.41 -53.51 13.69
N LEU G 65 -26.78 -54.66 13.61
CA LEU G 65 -25.48 -54.88 14.23
C LEU G 65 -24.36 -54.82 13.19
N ALA G 66 -24.68 -54.55 11.93
CA ALA G 66 -23.70 -54.38 10.86
C ALA G 66 -23.83 -53.01 10.24
N GLN G 67 -23.98 -51.98 11.08
CA GLN G 67 -24.47 -50.70 10.59
C GLN G 67 -23.36 -49.66 10.46
N GLY G 68 -22.37 -49.65 11.32
CA GLY G 68 -21.28 -48.72 11.17
C GLY G 68 -21.19 -47.73 12.29
N ASN G 69 -20.08 -47.71 13.01
CA ASN G 69 -19.93 -46.92 14.24
C ASN G 69 -18.79 -45.93 14.04
N PRO G 70 -19.09 -44.66 13.78
CA PRO G 70 -18.01 -43.69 13.55
C PRO G 70 -17.36 -43.20 14.83
N HIS G 71 -16.06 -42.99 14.77
CA HIS G 71 -15.28 -42.46 15.87
C HIS G 71 -14.36 -41.39 15.32
N GLN G 72 -13.61 -40.74 16.22
CA GLN G 72 -12.65 -39.72 15.83
C GLN G 72 -11.44 -39.83 16.73
N VAL G 73 -10.26 -39.92 16.14
CA VAL G 73 -9.02 -40.05 16.89
C VAL G 73 -8.01 -39.03 16.38
N ASP G 74 -7.01 -38.75 17.21
CA ASP G 74 -5.83 -38.05 16.74
C ASP G 74 -4.88 -39.03 16.12
N PHE G 75 -4.17 -38.58 15.08
CA PHE G 75 -3.39 -39.48 14.26
C PHE G 75 -2.06 -38.82 13.95
N CYS G 76 -0.98 -39.41 14.41
CA CYS G 76 0.35 -38.88 14.19
C CYS G 76 1.19 -39.93 13.49
N HIS G 77 1.91 -39.53 12.46
CA HIS G 77 2.77 -40.46 11.74
C HIS G 77 4.00 -39.72 11.24
N VAL G 78 5.00 -40.48 10.84
CA VAL G 78 6.22 -39.92 10.25
C VAL G 78 5.92 -39.47 8.83
N PRO G 79 6.39 -38.31 8.39
CA PRO G 79 6.22 -37.92 6.98
C PRO G 79 6.96 -38.85 6.04
N TYR G 80 6.67 -38.71 4.74
CA TYR G 80 7.10 -39.73 3.78
C TYR G 80 8.60 -39.71 3.56
N GLY G 81 9.16 -38.59 3.14
CA GLY G 81 10.56 -38.59 2.77
C GLY G 81 11.52 -38.35 3.92
N ALA G 82 11.06 -38.55 5.15
CA ALA G 82 11.85 -38.23 6.32
C ALA G 82 12.96 -39.25 6.53
N SER G 83 13.97 -38.84 7.29
CA SER G 83 15.11 -39.69 7.60
C SER G 83 14.90 -40.42 8.92
N HIS G 84 14.75 -39.68 10.01
CA HIS G 84 14.55 -40.25 11.33
C HIS G 84 13.85 -39.23 12.21
N ILE G 85 13.85 -39.47 13.52
CA ILE G 85 13.12 -38.66 14.49
C ILE G 85 14.03 -38.37 15.68
N GLU G 86 14.14 -37.10 16.07
CA GLU G 86 14.86 -36.70 17.27
C GLU G 86 13.91 -36.53 18.44
N CYS G 87 14.36 -36.89 19.63
CA CYS G 87 13.58 -36.79 20.86
C CYS G 87 14.49 -36.30 21.97
N SER G 88 14.21 -35.12 22.53
CA SER G 88 15.12 -34.48 23.47
C SER G 88 14.41 -34.04 24.73
N PHE G 89 15.07 -34.24 25.87
CA PHE G 89 14.57 -33.80 27.18
C PHE G 89 15.77 -33.68 28.11
N SER G 90 15.52 -33.48 29.41
CA SER G 90 16.58 -33.28 30.38
C SER G 90 16.19 -33.79 31.74
N VAL G 91 17.16 -34.34 32.47
CA VAL G 91 16.94 -34.93 33.79
C VAL G 91 17.85 -34.22 34.78
N SER G 92 17.39 -34.08 36.03
CA SER G 92 18.20 -33.56 37.12
C SER G 92 18.22 -34.56 38.27
N PHE G 93 19.28 -34.51 39.08
CA PHE G 93 19.45 -35.41 40.23
C PHE G 93 19.93 -34.55 41.40
N SER G 94 19.04 -34.14 42.29
CA SER G 94 19.29 -32.95 43.08
C SER G 94 19.13 -33.11 44.58
N SER G 95 19.48 -34.29 45.10
CA SER G 95 19.66 -34.57 46.55
C SER G 95 18.57 -34.06 47.49
N GLU G 96 17.29 -34.35 47.26
CA GLU G 96 16.23 -33.89 48.21
C GLU G 96 16.00 -34.98 49.28
N LEU G 97 16.66 -36.12 49.10
CA LEU G 97 16.61 -37.35 49.94
C LEU G 97 17.17 -37.15 51.36
N ARG G 98 18.21 -36.33 51.53
CA ARG G 98 18.93 -36.22 52.83
C ARG G 98 18.05 -35.78 54.02
N GLN G 99 17.22 -34.75 53.88
CA GLN G 99 16.38 -34.35 55.00
C GLN G 99 14.95 -34.24 54.51
N PRO G 100 13.95 -34.38 55.39
CA PRO G 100 12.57 -34.21 54.94
C PRO G 100 12.29 -32.74 54.66
N TYR G 101 11.48 -32.51 53.63
CA TYR G 101 11.09 -31.15 53.28
C TYR G 101 10.22 -30.51 54.34
N LYS G 102 9.40 -31.30 55.03
CA LYS G 102 8.49 -30.75 56.02
C LYS G 102 8.23 -31.85 57.04
N CYS G 103 8.50 -31.60 58.31
CA CYS G 103 8.32 -32.64 59.33
C CYS G 103 8.17 -31.98 60.68
N ASN G 104 6.99 -32.09 61.30
CA ASN G 104 6.78 -31.43 62.58
C ASN G 104 7.38 -32.17 63.76
N SER G 105 7.84 -33.40 63.58
CA SER G 105 8.43 -34.18 64.65
C SER G 105 9.95 -34.16 64.50
N SER G 106 10.64 -33.73 65.54
CA SER G 106 12.10 -33.70 65.50
C SER G 106 12.72 -35.06 65.79
N LYS G 107 11.98 -35.99 66.38
CA LYS G 107 12.51 -37.33 66.56
C LYS G 107 12.45 -38.12 65.26
N VAL G 108 11.38 -37.96 64.49
CA VAL G 108 11.23 -38.66 63.22
C VAL G 108 12.17 -38.07 62.18
N LYS G 109 12.50 -36.79 62.31
CA LYS G 109 13.44 -36.17 61.39
C LYS G 109 14.85 -36.69 61.60
N GLN G 110 15.26 -36.84 62.86
CA GLN G 110 16.62 -37.37 63.19
C GLN G 110 16.75 -38.82 62.70
N THR G 111 15.70 -39.63 62.90
CA THR G 111 15.73 -41.06 62.50
C THR G 111 15.87 -41.19 60.98
N LEU G 112 15.09 -40.41 60.22
CA LEU G 112 15.13 -40.48 58.73
C LEU G 112 16.50 -40.06 58.22
N VAL G 113 17.09 -39.02 58.82
CA VAL G 113 18.42 -38.50 58.40
C VAL G 113 19.50 -39.56 58.63
N GLN G 114 19.44 -40.29 59.75
CA GLN G 114 20.46 -41.33 60.06
C GLN G 114 20.41 -42.43 59.00
N LEU G 115 19.20 -42.87 58.64
CA LEU G 115 19.00 -43.92 57.64
C LEU G 115 19.68 -43.60 56.32
N VAL G 116 19.56 -42.36 55.85
CA VAL G 116 20.16 -42.00 54.57
C VAL G 116 21.68 -42.00 54.67
N GLU G 117 22.21 -41.70 55.85
CA GLU G 117 23.65 -41.75 56.05
C GLU G 117 24.16 -43.15 56.32
N LEU G 118 23.38 -43.95 57.06
CA LEU G 118 23.76 -45.35 57.33
C LEU G 118 23.73 -46.15 56.02
N TYR G 119 22.69 -45.93 55.21
CA TYR G 119 22.48 -46.66 53.93
C TYR G 119 23.61 -46.39 52.94
N GLU G 120 23.99 -45.13 52.76
CA GLU G 120 25.09 -44.81 51.78
C GLU G 120 26.41 -45.42 52.26
N THR G 121 26.70 -45.30 53.56
CA THR G 121 27.95 -45.82 54.16
C THR G 121 28.02 -47.36 54.11
N LYS G 122 26.90 -48.05 54.40
CA LYS G 122 26.95 -49.51 54.46
C LYS G 122 26.63 -50.14 53.11
N ILE G 123 25.62 -49.64 52.41
CA ILE G 123 25.20 -50.21 51.14
C ILE G 123 25.72 -49.41 49.96
N GLY G 124 25.48 -48.10 49.94
CA GLY G 124 26.04 -47.25 48.91
C GLY G 124 25.04 -46.95 47.81
N TRP G 125 25.33 -45.89 47.06
CA TRP G 125 24.44 -45.44 46.00
C TRP G 125 24.76 -46.04 44.64
N THR G 126 25.46 -47.16 44.60
CA THR G 126 25.79 -47.75 43.30
C THR G 126 24.60 -48.50 42.71
N GLU G 127 23.81 -49.17 43.55
CA GLU G 127 22.75 -50.03 43.04
C GLU G 127 21.57 -49.24 42.51
N LEU G 128 21.13 -48.20 43.22
CA LEU G 128 20.00 -47.40 42.74
C LEU G 128 20.40 -46.55 41.54
N ALA G 129 21.57 -45.91 41.60
CA ALA G 129 21.97 -45.02 40.50
C ALA G 129 22.25 -45.77 39.22
N THR G 130 22.59 -47.05 39.29
CA THR G 130 22.71 -47.85 38.07
C THR G 130 21.33 -48.13 37.48
N ARG G 131 20.35 -48.39 38.34
CA ARG G 131 19.03 -48.78 37.85
C ARG G 131 18.27 -47.59 37.27
N TYR G 132 18.45 -46.39 37.83
CA TYR G 132 17.84 -45.22 37.23
C TYR G 132 18.47 -44.87 35.90
N LEU G 133 19.80 -44.90 35.85
CA LEU G 133 20.52 -44.46 34.67
C LEU G 133 20.38 -45.44 33.51
N MET G 134 20.13 -46.70 33.77
CA MET G 134 19.88 -47.62 32.67
C MET G 134 18.53 -47.44 32.01
N ASN G 135 17.60 -46.73 32.64
CA ASN G 135 16.37 -46.39 31.96
C ASN G 135 16.49 -45.13 31.13
N ILE G 136 17.45 -44.26 31.42
CA ILE G 136 17.75 -43.17 30.50
C ILE G 136 18.49 -43.68 29.28
N CYS G 137 19.50 -44.52 29.50
CA CYS G 137 20.45 -44.87 28.45
C CYS G 137 19.91 -45.87 27.44
N ASN G 138 18.79 -46.52 27.72
CA ASN G 138 18.08 -47.20 26.65
C ASN G 138 16.75 -46.48 26.39
N GLY G 139 15.93 -47.02 25.52
CA GLY G 139 14.72 -46.31 25.21
C GLY G 139 13.54 -46.67 26.10
N LYS G 140 13.71 -46.55 27.42
CA LYS G 140 12.58 -46.84 28.29
C LYS G 140 11.61 -45.67 28.30
N TRP G 141 12.12 -44.45 28.24
CA TRP G 141 11.30 -43.26 28.20
C TRP G 141 10.67 -43.01 26.83
N LEU G 142 11.10 -43.73 25.80
CA LEU G 142 10.39 -43.82 24.53
C LEU G 142 9.55 -45.08 24.63
N TRP G 143 8.29 -44.93 25.06
CA TRP G 143 7.53 -46.07 25.58
C TRP G 143 7.21 -47.13 24.54
N LYS G 144 6.37 -46.83 23.56
CA LYS G 144 6.00 -47.80 22.54
C LYS G 144 6.66 -47.50 21.21
N ASN G 145 7.39 -46.39 21.13
CA ASN G 145 8.05 -45.99 19.91
C ASN G 145 9.30 -46.79 19.66
N THR G 146 9.90 -47.28 20.75
CA THR G 146 11.00 -48.24 20.68
C THR G 146 10.57 -49.52 20.00
N ARG G 147 9.40 -50.04 20.37
CA ARG G 147 8.82 -51.20 19.73
C ARG G 147 8.50 -50.87 18.28
N LYS G 148 8.74 -51.85 17.39
CA LYS G 148 8.53 -51.74 15.94
C LYS G 148 9.43 -50.70 15.28
N ALA G 149 10.68 -50.65 15.69
CA ALA G 149 11.65 -49.72 15.11
C ALA G 149 12.85 -50.48 14.56
N TYR G 150 13.58 -49.82 13.67
CA TYR G 150 14.82 -50.40 13.15
C TYR G 150 15.94 -50.31 14.19
N CYS G 151 16.28 -49.11 14.60
CA CYS G 151 17.27 -48.92 15.65
C CYS G 151 17.03 -47.57 16.33
N TRP G 152 17.54 -47.43 17.55
CA TRP G 152 17.48 -46.16 18.25
C TRP G 152 18.78 -45.94 19.02
N ASN G 153 19.17 -44.68 19.13
CA ASN G 153 20.48 -44.28 19.61
C ASN G 153 20.33 -43.16 20.63
N ILE G 154 20.97 -43.30 21.79
CA ILE G 154 20.87 -42.31 22.85
C ILE G 154 22.20 -41.57 22.95
N VAL G 155 22.13 -40.25 23.11
CA VAL G 155 23.31 -39.41 23.28
C VAL G 155 23.13 -38.56 24.52
N LEU G 156 24.02 -38.72 25.49
CA LEU G 156 23.98 -37.96 26.73
C LEU G 156 24.85 -36.72 26.63
N THR G 157 24.49 -35.68 27.38
CA THR G 157 25.30 -34.48 27.52
C THR G 157 25.25 -34.04 28.97
N PRO G 158 26.09 -34.61 29.83
CA PRO G 158 26.05 -34.27 31.25
C PRO G 158 26.64 -32.89 31.53
N TRP G 159 26.12 -32.23 32.55
CA TRP G 159 26.58 -30.84 32.71
C TRP G 159 27.87 -30.68 33.50
N PRO G 160 28.05 -31.25 34.71
CA PRO G 160 29.39 -31.00 35.28
C PRO G 160 30.43 -31.96 34.70
N TRP G 161 30.75 -31.73 33.43
CA TRP G 161 31.43 -32.69 32.58
C TRP G 161 32.41 -31.94 31.69
N ASN G 162 33.49 -32.61 31.30
CA ASN G 162 34.55 -31.94 30.54
C ASN G 162 34.24 -31.91 29.05
N GLY G 163 34.14 -33.07 28.42
CA GLY G 163 33.85 -33.11 27.00
C GLY G 163 33.56 -34.52 26.55
N GLU G 164 33.50 -34.68 25.22
CA GLU G 164 33.29 -35.97 24.55
C GLU G 164 31.98 -36.64 24.96
N LYS G 165 30.86 -36.11 24.44
CA LYS G 165 29.50 -36.59 24.69
C LYS G 165 29.38 -38.10 24.68
N VAL G 166 28.57 -38.61 25.58
CA VAL G 166 28.43 -40.04 25.81
C VAL G 166 27.35 -40.58 24.89
N GLY G 167 27.69 -41.59 24.09
CA GLY G 167 26.78 -42.11 23.10
C GLY G 167 26.53 -43.59 23.31
N PHE G 168 25.31 -44.02 22.98
CA PHE G 168 24.90 -45.42 23.08
C PHE G 168 24.28 -45.77 21.73
N GLU G 169 25.03 -46.45 20.88
CA GLU G 169 24.62 -46.69 19.51
C GLU G 169 24.04 -48.10 19.36
N ASP G 170 22.90 -48.18 18.67
CA ASP G 170 22.25 -49.42 18.25
C ASP G 170 21.88 -50.29 19.45
N ILE G 171 21.01 -49.75 20.30
CA ILE G 171 20.33 -50.57 21.29
C ILE G 171 19.40 -51.52 20.53
N ARG G 172 19.03 -52.63 21.20
CA ARG G 172 18.47 -53.91 20.77
C ARG G 172 19.59 -54.81 20.20
N THR G 173 20.79 -54.29 19.98
CA THR G 173 21.92 -55.10 19.55
C THR G 173 23.07 -55.02 20.51
N ASN G 174 23.45 -53.81 20.93
CA ASN G 174 24.66 -53.62 21.72
C ASN G 174 24.42 -53.56 23.21
N TYR G 175 23.26 -53.06 23.66
CA TYR G 175 23.03 -52.76 25.07
C TYR G 175 21.82 -53.54 25.56
N THR G 176 22.04 -54.78 25.96
CA THR G 176 20.99 -55.67 26.41
C THR G 176 21.05 -55.97 27.89
N SER G 177 22.22 -56.26 28.43
CA SER G 177 22.40 -56.63 29.81
C SER G 177 23.03 -55.49 30.60
N ARG G 178 23.27 -55.74 31.88
CA ARG G 178 23.96 -54.78 32.73
C ARG G 178 25.42 -54.63 32.33
N GLN G 179 26.04 -55.72 31.89
CA GLN G 179 27.46 -55.69 31.55
C GLN G 179 27.72 -54.91 30.27
N ASP G 180 26.73 -54.82 29.38
CA ASP G 180 26.89 -54.08 28.14
C ASP G 180 26.98 -52.58 28.40
N PHE G 181 26.30 -52.08 29.42
CA PHE G 181 26.45 -50.69 29.80
C PHE G 181 27.77 -50.43 30.50
N LYS G 182 28.24 -51.39 31.30
CA LYS G 182 29.49 -51.22 32.03
C LYS G 182 30.71 -51.26 31.13
N ASN G 183 30.59 -51.83 29.94
CA ASN G 183 31.71 -51.88 29.01
C ASN G 183 31.81 -50.61 28.16
N ASN G 184 30.98 -49.61 28.42
CA ASN G 184 31.12 -48.34 27.71
C ASN G 184 32.36 -47.62 28.23
N LYS G 185 32.92 -46.75 27.39
CA LYS G 185 34.18 -46.07 27.68
C LYS G 185 34.07 -45.19 28.91
N ASN G 186 32.93 -44.54 29.07
CA ASN G 186 32.64 -43.72 30.22
C ASN G 186 31.24 -44.08 30.73
N TRP G 187 31.18 -45.12 31.54
CA TRP G 187 29.99 -45.43 32.32
C TRP G 187 30.22 -45.20 33.79
N SER G 188 31.42 -45.49 34.29
CA SER G 188 31.73 -45.25 35.69
C SER G 188 31.78 -43.77 36.01
N ALA G 189 32.15 -42.94 35.04
CA ALA G 189 32.19 -41.49 35.27
C ALA G 189 30.80 -40.89 35.36
N ILE G 190 29.77 -41.55 34.82
CA ILE G 190 28.41 -41.01 34.87
C ILE G 190 27.63 -41.58 36.04
N VAL G 191 27.88 -42.83 36.41
CA VAL G 191 27.34 -43.38 37.66
C VAL G 191 27.89 -42.61 38.86
N GLU G 192 29.15 -42.20 38.81
CA GLU G 192 29.71 -41.44 39.91
C GLU G 192 29.27 -39.98 39.94
N MET G 193 28.52 -39.50 38.94
CA MET G 193 27.83 -38.23 39.08
C MET G 193 26.59 -38.36 39.93
N ILE G 194 25.79 -39.40 39.67
CA ILE G 194 24.54 -39.59 40.39
C ILE G 194 24.83 -40.01 41.82
N LYS G 195 25.93 -40.72 42.04
CA LYS G 195 26.37 -41.02 43.39
C LYS G 195 26.80 -39.75 44.12
N THR G 196 27.52 -38.87 43.45
CA THR G 196 27.96 -37.62 44.06
C THR G 196 26.78 -36.68 44.30
N ALA G 197 25.78 -36.74 43.42
CA ALA G 197 24.59 -35.92 43.58
C ALA G 197 23.79 -36.33 44.80
N PHE G 198 23.69 -37.63 45.05
CA PHE G 198 22.93 -38.11 46.21
C PHE G 198 23.71 -38.01 47.52
N SER G 199 25.03 -37.89 47.45
CA SER G 199 25.89 -37.96 48.63
C SER G 199 26.32 -36.61 49.14
N SER G 200 25.84 -35.53 48.54
CA SER G 200 26.29 -34.20 48.90
C SER G 200 25.10 -33.40 49.38
N THR G 201 25.38 -32.36 50.18
CA THR G 201 24.31 -31.48 50.63
C THR G 201 23.85 -30.54 49.53
N ASP G 202 24.66 -30.37 48.47
CA ASP G 202 24.22 -29.70 47.26
C ASP G 202 24.82 -30.46 46.08
N GLY G 203 24.14 -31.50 45.63
CA GLY G 203 24.54 -32.27 44.45
C GLY G 203 23.56 -31.97 43.34
N LEU G 204 24.07 -31.79 42.12
CA LEU G 204 23.23 -31.18 41.09
C LEU G 204 23.01 -32.07 39.88
N ALA G 205 24.05 -32.49 39.14
CA ALA G 205 24.00 -33.50 38.08
C ALA G 205 22.91 -33.39 37.01
N ILE G 206 23.01 -32.45 36.09
CA ILE G 206 22.03 -32.31 35.01
C ILE G 206 22.46 -33.12 33.80
N PHE G 207 21.53 -33.86 33.20
CA PHE G 207 21.73 -34.55 31.94
C PHE G 207 20.87 -33.93 30.84
N GLU G 208 21.37 -33.99 29.62
CA GLU G 208 20.65 -33.56 28.41
C GLU G 208 20.60 -34.75 27.48
N VAL G 209 19.44 -35.38 27.39
CA VAL G 209 19.31 -36.64 26.67
C VAL G 209 18.69 -36.37 25.30
N ARG G 210 19.16 -37.06 24.29
CA ARG G 210 18.65 -36.89 22.93
C ARG G 210 18.69 -38.23 22.21
N ALA G 211 17.58 -38.61 21.59
CA ALA G 211 17.46 -39.90 20.93
C ALA G 211 17.29 -39.74 19.43
N THR G 212 17.44 -40.85 18.73
CA THR G 212 17.37 -40.88 17.26
C THR G 212 16.68 -42.16 16.85
N LEU G 213 15.42 -42.07 16.42
CA LEU G 213 14.60 -43.24 16.10
C LEU G 213 14.51 -43.41 14.59
N HIS G 214 14.88 -44.58 14.10
CA HIS G 214 14.73 -44.94 12.70
C HIS G 214 13.52 -45.86 12.58
N LEU G 215 12.39 -45.29 12.19
CA LEU G 215 11.14 -46.02 12.03
C LEU G 215 11.03 -46.55 10.61
N PRO G 216 10.06 -47.44 10.33
CA PRO G 216 9.76 -47.78 8.94
C PRO G 216 9.14 -46.64 8.15
N THR G 217 8.77 -46.91 6.91
CA THR G 217 8.15 -45.90 6.05
C THR G 217 6.78 -45.54 6.58
N ASN G 218 6.57 -44.25 6.81
CA ASN G 218 5.26 -43.63 7.00
C ASN G 218 4.59 -44.13 8.29
N ALA G 219 5.41 -44.49 9.27
CA ALA G 219 5.03 -45.29 10.42
C ALA G 219 4.40 -44.43 11.52
N MET G 220 3.79 -45.12 12.47
CA MET G 220 3.04 -44.48 13.55
C MET G 220 3.98 -44.07 14.68
N VAL G 221 3.70 -42.94 15.30
CA VAL G 221 4.36 -42.60 16.54
C VAL G 221 3.29 -42.49 17.63
N ARG G 222 3.68 -42.81 18.85
CA ARG G 222 2.78 -42.99 19.98
C ARG G 222 3.14 -42.01 21.08
N PRO G 223 2.55 -40.82 21.09
CA PRO G 223 2.79 -39.87 22.18
C PRO G 223 1.86 -40.16 23.35
N SER G 224 2.02 -39.36 24.41
CA SER G 224 1.13 -39.47 25.55
C SER G 224 -0.13 -38.67 25.29
N GLN G 225 -1.20 -39.03 25.98
CA GLN G 225 -2.50 -38.51 25.63
C GLN G 225 -3.26 -38.14 26.89
N VAL G 226 -4.32 -37.34 26.74
CA VAL G 226 -4.86 -36.57 27.85
C VAL G 226 -5.88 -37.38 28.64
N PHE G 227 -6.16 -36.90 29.84
CA PHE G 227 -7.21 -37.49 30.71
C PHE G 227 -8.41 -36.53 30.67
N THR G 228 -9.51 -36.95 30.06
CA THR G 228 -10.71 -36.08 29.94
C THR G 228 -11.88 -36.70 30.70
N GLU G 229 -12.54 -35.90 31.55
CA GLU G 229 -13.71 -36.39 32.35
C GLU G 229 -14.99 -35.82 31.72
N GLN G 241 -17.36 -37.40 19.56
CA GLN G 241 -16.25 -36.57 20.09
C GLN G 241 -14.92 -37.32 19.88
N ASN G 242 -13.79 -36.62 20.07
CA ASN G 242 -12.46 -37.25 19.88
C ASN G 242 -12.31 -38.37 20.92
N SER G 243 -11.84 -39.53 20.49
CA SER G 243 -11.69 -40.71 21.38
C SER G 243 -10.23 -40.87 21.80
N ARG G 244 -9.33 -40.16 21.13
CA ARG G 244 -7.90 -40.22 21.42
C ARG G 244 -7.36 -38.81 21.21
N VAL G 245 -6.98 -38.14 22.29
CA VAL G 245 -6.56 -36.74 22.24
C VAL G 245 -5.14 -36.66 22.79
N PHE G 246 -4.21 -36.24 21.95
CA PHE G 246 -2.80 -36.18 22.31
C PHE G 246 -2.48 -34.98 23.18
N GLN G 247 -1.45 -35.13 24.02
CA GLN G 247 -0.88 -34.00 24.73
C GLN G 247 0.09 -33.27 23.81
N SER G 248 0.13 -31.95 23.92
CA SER G 248 0.90 -31.19 22.96
C SER G 248 1.47 -29.92 23.59
N THR G 249 2.49 -29.38 22.94
CA THR G 249 3.16 -28.12 23.32
C THR G 249 3.37 -27.28 22.06
N THR G 250 3.62 -25.98 22.20
CA THR G 250 3.84 -25.16 20.98
C THR G 250 5.34 -24.97 20.73
N ILE G 251 5.82 -25.51 19.62
CA ILE G 251 7.22 -25.35 19.16
C ILE G 251 7.08 -24.50 17.89
N ASP G 252 7.82 -23.39 17.79
CA ASP G 252 7.61 -22.45 16.65
C ASP G 252 6.12 -22.08 16.69
N GLY G 253 5.40 -22.25 15.60
CA GLY G 253 3.96 -21.95 15.58
C GLY G 253 3.12 -23.21 15.40
N GLU G 254 3.70 -24.40 15.66
CA GLU G 254 3.00 -25.63 15.35
C GLU G 254 2.61 -26.33 16.64
N ARG G 255 1.42 -26.94 16.66
CA ARG G 255 1.15 -27.90 17.71
C ARG G 255 2.00 -29.14 17.44
N SER G 256 2.51 -29.74 18.51
CA SER G 256 3.43 -30.83 18.31
C SER G 256 3.24 -31.80 19.45
N PRO G 257 3.23 -33.11 19.19
CA PRO G 257 2.99 -34.07 20.26
C PRO G 257 4.15 -34.13 21.23
N ILE G 258 3.85 -34.26 22.50
CA ILE G 258 4.87 -34.44 23.51
C ILE G 258 4.68 -35.79 24.16
N LEU G 259 5.64 -36.13 24.99
CA LEU G 259 5.60 -37.32 25.83
C LEU G 259 5.92 -36.77 27.21
N GLY G 260 4.92 -36.73 28.09
CA GLY G 260 4.85 -35.76 29.16
C GLY G 260 5.94 -35.89 30.22
N ALA G 261 5.96 -34.89 31.10
CA ALA G 261 6.98 -34.83 32.14
C ALA G 261 6.77 -35.88 33.21
N PHE G 262 5.52 -36.18 33.54
CA PHE G 262 5.23 -37.20 34.53
C PHE G 262 5.27 -38.58 33.93
N LYS G 263 4.99 -38.69 32.63
CA LYS G 263 5.14 -39.95 31.91
C LYS G 263 6.60 -40.34 31.79
N THR G 264 7.48 -39.35 31.64
CA THR G 264 8.91 -39.64 31.50
C THR G 264 9.51 -40.06 32.83
N GLY G 265 9.08 -39.43 33.92
CA GLY G 265 9.54 -39.82 35.24
C GLY G 265 9.03 -41.17 35.70
N ALA G 266 7.93 -41.64 35.13
CA ALA G 266 7.44 -42.97 35.43
C ALA G 266 8.29 -44.05 34.78
N ALA G 267 9.01 -43.72 33.71
CA ALA G 267 9.84 -44.69 33.02
C ALA G 267 11.23 -44.80 33.63
N ILE G 268 11.72 -43.72 34.23
CA ILE G 268 13.01 -43.78 34.90
C ILE G 268 12.90 -44.59 36.17
N ALA G 269 11.73 -44.58 36.81
CA ALA G 269 11.54 -45.21 38.10
C ALA G 269 10.87 -46.58 38.02
N THR G 270 11.03 -47.29 36.90
CA THR G 270 10.61 -48.70 36.84
C THR G 270 11.77 -49.53 37.33
N ILE G 271 11.85 -49.70 38.65
CA ILE G 271 13.00 -50.31 39.31
C ILE G 271 12.58 -51.42 40.25
N ASP G 272 11.35 -51.34 40.74
CA ASP G 272 10.88 -52.20 41.82
C ASP G 272 10.67 -53.64 41.35
N ASP G 273 11.73 -54.43 41.43
CA ASP G 273 11.63 -55.88 41.26
C ASP G 273 12.04 -56.60 42.53
N TRP G 274 11.61 -56.08 43.68
CA TRP G 274 11.84 -56.74 44.95
C TRP G 274 10.54 -57.11 45.65
N TYR G 275 9.40 -56.98 44.96
CA TYR G 275 8.13 -57.41 45.50
C TYR G 275 8.09 -58.95 45.55
N PRO G 276 7.29 -59.56 46.45
CA PRO G 276 7.58 -60.94 46.90
C PRO G 276 7.53 -62.05 45.85
N GLU G 277 7.05 -61.81 44.63
CA GLU G 277 7.10 -62.81 43.57
C GLU G 277 7.59 -62.18 42.28
N ALA G 278 8.69 -61.44 42.36
CA ALA G 278 9.08 -60.49 41.34
C ALA G 278 9.50 -61.17 40.05
N THR G 279 8.86 -60.78 38.95
CA THR G 279 9.24 -61.18 37.61
C THR G 279 9.64 -60.00 36.74
N GLU G 280 8.80 -58.98 36.69
CA GLU G 280 8.91 -57.77 35.90
C GLU G 280 9.08 -56.56 36.82
N PRO G 281 9.98 -55.62 36.49
CA PRO G 281 10.15 -54.45 37.35
C PRO G 281 8.99 -53.48 37.24
N LEU G 282 8.57 -52.98 38.39
CA LEU G 282 7.43 -52.10 38.55
C LEU G 282 7.85 -50.66 38.75
N ARG G 283 6.93 -49.76 38.42
CA ARG G 283 7.12 -48.35 38.71
C ARG G 283 7.08 -48.14 40.22
N VAL G 284 8.08 -47.44 40.74
CA VAL G 284 8.26 -47.30 42.18
C VAL G 284 7.14 -46.47 42.77
N GLY G 285 6.44 -47.03 43.74
CA GLY G 285 5.41 -46.31 44.45
C GLY G 285 5.08 -47.07 45.71
N ARG G 286 4.30 -46.42 46.57
CA ARG G 286 3.71 -47.09 47.71
C ARG G 286 2.76 -48.17 47.21
N PHE G 287 2.65 -49.26 47.98
CA PHE G 287 1.94 -50.50 47.65
C PHE G 287 1.99 -50.96 46.20
N GLY G 288 3.21 -51.13 45.67
CA GLY G 288 3.54 -51.09 44.25
C GLY G 288 2.63 -51.77 43.25
N VAL G 289 1.98 -50.97 42.42
CA VAL G 289 0.90 -51.45 41.58
C VAL G 289 1.47 -51.91 40.25
N HIS G 290 0.69 -52.73 39.56
CA HIS G 290 1.06 -53.30 38.27
C HIS G 290 -0.20 -53.18 37.44
N ARG G 291 -0.28 -52.17 36.59
CA ARG G 291 -1.56 -51.88 36.00
C ARG G 291 -1.84 -52.69 34.73
N GLU G 292 -0.90 -53.54 34.31
CA GLU G 292 -1.20 -54.58 33.33
C GLU G 292 -2.28 -55.50 33.84
N ASP G 293 -1.99 -56.23 34.90
CA ASP G 293 -2.95 -57.06 35.60
C ASP G 293 -3.37 -56.35 36.87
N VAL G 294 -4.57 -55.79 36.88
CA VAL G 294 -4.89 -54.64 37.71
C VAL G 294 -4.99 -55.07 39.16
N THR G 295 -3.85 -55.08 39.84
CA THR G 295 -3.73 -55.49 41.23
C THR G 295 -2.59 -54.71 41.87
N CYS G 296 -2.51 -54.82 43.18
CA CYS G 296 -1.37 -54.34 43.94
C CYS G 296 -0.58 -55.52 44.43
N TYR G 297 0.65 -55.64 43.96
CA TYR G 297 1.65 -56.28 44.79
C TYR G 297 2.04 -55.29 45.88
N ARG G 298 2.66 -55.79 46.94
CA ARG G 298 2.97 -55.02 48.15
C ARG G 298 1.72 -54.41 48.79
N HIS G 299 0.63 -55.18 48.84
CA HIS G 299 -0.56 -54.77 49.57
C HIS G 299 -0.24 -54.70 51.08
N PRO G 300 -0.99 -53.90 51.85
CA PRO G 300 -0.78 -53.90 53.32
C PRO G 300 -0.93 -55.25 54.00
N SER G 301 -1.64 -56.22 53.42
CA SER G 301 -1.67 -57.55 54.00
C SER G 301 -0.36 -58.31 53.78
N THR G 302 0.43 -57.91 52.78
CA THR G 302 1.75 -58.51 52.60
C THR G 302 2.70 -58.06 53.70
N GLY G 303 2.55 -56.86 54.20
CA GLY G 303 3.48 -56.30 55.14
C GLY G 303 4.71 -55.70 54.51
N LYS G 304 4.72 -55.54 53.19
CA LYS G 304 5.88 -55.01 52.48
C LYS G 304 5.49 -53.82 51.62
N ASP G 305 4.47 -53.08 52.03
CA ASP G 305 4.26 -51.75 51.49
C ASP G 305 5.17 -50.76 52.22
N PHE G 306 5.14 -49.52 51.73
CA PHE G 306 6.11 -48.53 52.20
C PHE G 306 5.76 -47.98 53.58
N PHE G 307 4.50 -48.04 53.99
CA PHE G 307 4.17 -47.54 55.31
C PHE G 307 4.40 -48.59 56.40
N SER G 308 4.62 -49.85 56.04
CA SER G 308 5.03 -50.87 56.99
C SER G 308 6.54 -50.97 57.11
N ILE G 309 7.29 -50.30 56.25
CA ILE G 309 8.74 -50.31 56.26
C ILE G 309 9.21 -49.01 56.91
N LEU G 310 8.35 -47.99 56.89
CA LEU G 310 8.60 -46.79 57.70
C LEU G 310 8.55 -47.09 59.19
N GLN G 311 7.62 -47.92 59.63
CA GLN G 311 7.53 -48.19 61.05
C GLN G 311 8.62 -49.12 61.55
N GLN G 312 9.41 -49.69 60.64
CA GLN G 312 10.58 -50.48 60.99
C GLN G 312 11.87 -49.72 60.69
N ALA G 313 11.81 -48.39 60.63
CA ALA G 313 13.00 -47.60 60.31
C ALA G 313 13.97 -47.54 61.48
N GLU G 314 13.45 -47.50 62.71
CA GLU G 314 14.32 -47.57 63.88
C GLU G 314 14.97 -48.94 64.00
N HIS G 315 14.31 -49.99 63.48
CA HIS G 315 14.89 -51.32 63.47
C HIS G 315 16.04 -51.43 62.48
N TYR G 316 15.92 -50.77 61.33
CA TYR G 316 16.95 -50.84 60.30
C TYR G 316 18.23 -50.12 60.68
N ILE G 317 18.21 -49.29 61.72
CA ILE G 317 19.41 -48.59 62.14
C ILE G 317 20.37 -49.52 62.87
N GLU G 318 19.86 -50.44 63.69
CA GLU G 318 20.73 -51.41 64.33
C GLU G 318 21.28 -52.43 63.34
N VAL G 319 20.56 -52.70 62.26
CA VAL G 319 21.03 -53.64 61.26
C VAL G 319 22.17 -53.04 60.46
N LEU G 320 22.02 -51.78 60.04
CA LEU G 320 23.04 -51.15 59.21
C LEU G 320 24.26 -50.71 60.01
N SER G 321 24.17 -50.60 61.33
CA SER G 321 25.28 -50.18 62.15
C SER G 321 26.02 -51.33 62.81
N ALA G 322 25.78 -52.57 62.37
CA ALA G 322 26.51 -53.73 62.83
C ALA G 322 27.57 -54.11 61.79
N ASN G 323 28.44 -55.04 62.18
CA ASN G 323 29.49 -55.53 61.28
C ASN G 323 29.06 -56.72 60.45
N LYS G 324 27.92 -57.33 60.76
CA LYS G 324 27.45 -58.49 60.03
C LYS G 324 26.92 -58.06 58.66
N THR G 325 27.17 -58.89 57.64
CA THR G 325 26.65 -58.49 56.31
C THR G 325 25.13 -58.50 56.40
N PRO G 326 24.43 -57.42 55.97
CA PRO G 326 22.97 -57.41 56.04
C PRO G 326 22.42 -58.44 55.05
N ALA G 327 21.32 -59.11 55.40
CA ALA G 327 20.72 -60.14 54.52
C ALA G 327 20.10 -59.46 53.28
N GLN G 328 20.04 -60.18 52.17
CA GLN G 328 19.47 -59.64 50.90
C GLN G 328 18.00 -59.27 51.11
N GLU G 329 17.27 -60.09 51.87
CA GLU G 329 15.84 -59.83 52.15
C GLU G 329 15.67 -58.49 52.87
N THR G 330 16.55 -58.14 53.82
CA THR G 330 16.35 -56.88 54.51
C THR G 330 17.30 -55.78 54.04
N ILE G 331 17.87 -55.91 52.86
CA ILE G 331 18.41 -54.74 52.16
C ILE G 331 17.65 -54.46 50.88
N ASN G 332 16.88 -55.41 50.36
CA ASN G 332 15.92 -55.08 49.32
C ASN G 332 14.78 -54.26 49.90
N ASP G 333 14.50 -54.40 51.20
CA ASP G 333 13.60 -53.47 51.85
C ASP G 333 14.21 -52.08 51.98
N MET G 334 15.54 -52.00 52.03
CA MET G 334 16.20 -50.70 52.11
C MET G 334 16.28 -50.02 50.75
N HIS G 335 16.36 -50.79 49.67
CA HIS G 335 16.32 -50.17 48.35
C HIS G 335 14.94 -49.60 48.07
N PHE G 336 13.88 -50.30 48.49
CA PHE G 336 12.53 -49.80 48.31
C PHE G 336 12.22 -48.64 49.25
N LEU G 337 12.90 -48.60 50.38
CA LEU G 337 12.73 -47.47 51.28
C LEU G 337 13.35 -46.21 50.69
N MET G 338 14.52 -46.34 50.08
CA MET G 338 15.21 -45.20 49.51
C MET G 338 14.60 -44.75 48.20
N ALA G 339 14.03 -45.67 47.42
CA ALA G 339 13.47 -45.31 46.13
C ALA G 339 12.17 -44.54 46.25
N ASN G 340 11.47 -44.66 47.37
CA ASN G 340 10.28 -43.84 47.59
C ASN G 340 10.58 -42.49 48.21
N LEU G 341 11.79 -42.28 48.72
CA LEU G 341 12.16 -40.95 49.16
C LEU G 341 12.71 -40.12 48.02
N ILE G 342 13.36 -40.79 47.06
CA ILE G 342 13.73 -40.15 45.80
C ILE G 342 12.48 -39.79 45.02
N LYS G 343 11.42 -40.58 45.15
CA LYS G 343 10.15 -40.29 44.49
C LYS G 343 9.43 -39.14 45.18
N GLY G 344 9.50 -39.06 46.50
CA GLY G 344 8.86 -37.98 47.23
C GLY G 344 7.41 -38.27 47.55
N GLY G 345 6.76 -37.29 48.17
CA GLY G 345 5.35 -37.38 48.46
C GLY G 345 5.06 -37.03 49.91
N MET G 346 3.77 -36.86 50.18
CA MET G 346 3.28 -36.68 51.53
C MET G 346 3.18 -38.04 52.20
N PHE G 347 3.71 -38.14 53.41
CA PHE G 347 3.73 -39.41 54.12
C PHE G 347 2.92 -39.31 55.42
N GLN G 348 1.90 -38.47 55.44
CA GLN G 348 1.14 -38.20 56.66
C GLN G 348 0.14 -39.31 56.96
N HIS G 349 -0.77 -39.02 57.87
CA HIS G 349 -1.81 -39.93 58.34
C HIS G 349 -2.85 -39.07 59.03
N LYS G 350 -3.99 -39.68 59.34
CA LYS G 350 -5.04 -39.12 60.23
C LYS G 350 -5.62 -37.79 59.75
N MET H 1 -17.07 -69.55 31.16
CA MET H 1 -16.17 -68.50 31.64
C MET H 1 -16.85 -67.14 31.48
N LYS H 2 -16.75 -66.30 32.49
CA LYS H 2 -17.34 -64.98 32.43
C LYS H 2 -16.34 -63.97 31.90
N LEU H 3 -16.86 -62.90 31.33
CA LEU H 3 -15.94 -61.86 30.89
C LEU H 3 -15.55 -60.98 32.08
N PRO H 4 -14.26 -60.67 32.23
CA PRO H 4 -13.84 -59.78 33.32
C PRO H 4 -14.29 -58.35 33.10
N THR H 5 -14.09 -57.53 34.13
CA THR H 5 -14.41 -56.12 33.99
C THR H 5 -13.36 -55.35 33.20
N ASN H 6 -12.18 -55.93 32.99
CA ASN H 6 -11.13 -55.30 32.21
C ASN H 6 -10.48 -56.39 31.38
N LEU H 7 -10.61 -56.31 30.06
CA LEU H 7 -9.87 -57.22 29.18
C LEU H 7 -9.68 -56.50 27.86
N ALA H 8 -8.44 -56.37 27.41
CA ALA H 8 -8.13 -55.66 26.18
C ALA H 8 -6.79 -56.14 25.65
N TYR H 9 -6.66 -56.20 24.32
CA TYR H 9 -5.38 -56.55 23.73
C TYR H 9 -4.93 -55.44 22.80
N GLU H 10 -3.65 -55.48 22.44
CA GLU H 10 -3.12 -54.64 21.38
C GLU H 10 -3.09 -55.43 20.08
N ARG H 11 -3.01 -54.70 18.99
CA ARG H 11 -2.96 -55.32 17.68
C ARG H 11 -1.55 -55.83 17.40
N SER H 12 -1.48 -56.93 16.65
CA SER H 12 -0.23 -57.55 16.28
C SER H 12 0.17 -57.26 14.86
N ILE H 13 -0.61 -56.46 14.13
CA ILE H 13 -0.33 -56.07 12.76
C ILE H 13 -0.54 -54.57 12.66
N ASP H 14 0.49 -53.84 12.24
CA ASP H 14 0.46 -52.38 12.24
C ASP H 14 0.77 -51.88 10.83
N PRO H 15 -0.24 -51.60 10.02
CA PRO H 15 -0.01 -51.02 8.69
C PRO H 15 0.16 -49.52 8.79
N SER H 16 0.43 -48.90 7.64
CA SER H 16 0.54 -47.46 7.53
C SER H 16 -0.32 -46.97 6.37
N ASP H 17 -0.27 -45.67 6.12
CA ASP H 17 -0.96 -45.11 4.98
C ASP H 17 -0.25 -45.49 3.69
N VAL H 18 -1.00 -45.59 2.61
CA VAL H 18 -0.45 -45.90 1.30
C VAL H 18 -0.30 -44.59 0.54
N CYS H 19 0.91 -44.27 0.12
CA CYS H 19 1.18 -43.05 -0.64
C CYS H 19 1.28 -43.36 -2.13
N PHE H 20 0.71 -42.49 -2.94
CA PHE H 20 0.64 -42.64 -4.39
C PHE H 20 1.65 -41.72 -5.07
N PHE H 21 2.29 -42.22 -6.11
CA PHE H 21 3.25 -41.45 -6.88
C PHE H 21 3.02 -41.68 -8.36
N VAL H 22 3.44 -40.72 -9.15
CA VAL H 22 3.39 -40.79 -10.60
C VAL H 22 4.82 -40.98 -11.09
N VAL H 23 5.06 -42.03 -11.84
CA VAL H 23 6.37 -42.28 -12.43
C VAL H 23 6.30 -41.90 -13.89
N TRP H 24 7.17 -41.03 -14.30
CA TRP H 24 7.28 -40.57 -15.66
C TRP H 24 8.33 -41.40 -16.38
N PRO H 25 8.32 -41.43 -17.71
CA PRO H 25 9.50 -41.94 -18.43
C PRO H 25 10.69 -41.02 -18.19
N ASP H 26 11.88 -41.64 -18.21
CA ASP H 26 13.14 -41.19 -17.58
C ASP H 26 13.05 -41.16 -16.06
N ASP H 27 12.07 -41.86 -15.49
CA ASP H 27 12.11 -42.40 -14.12
C ASP H 27 12.15 -41.34 -13.04
N ARG H 28 11.53 -40.19 -13.28
CA ARG H 28 11.37 -39.19 -12.23
C ARG H 28 9.99 -39.36 -11.61
N LYS H 29 9.91 -39.15 -10.30
CA LYS H 29 8.69 -39.41 -9.54
C LYS H 29 8.10 -38.11 -9.01
N THR H 30 6.77 -38.07 -8.95
CA THR H 30 6.03 -36.89 -8.57
C THR H 30 4.84 -37.42 -7.78
N PRO H 31 4.48 -36.80 -6.66
CA PRO H 31 3.27 -37.23 -5.96
C PRO H 31 2.00 -36.95 -6.76
N LEU H 32 1.08 -37.90 -6.71
CA LEU H 32 -0.18 -37.77 -7.40
C LEU H 32 -1.04 -36.71 -6.73
N THR H 33 -1.77 -35.95 -7.53
CA THR H 33 -2.60 -34.87 -7.00
C THR H 33 -4.03 -35.02 -7.51
N TYR H 34 -4.94 -34.29 -6.87
CA TYR H 34 -6.34 -34.31 -7.26
C TYR H 34 -6.90 -32.90 -7.20
N ASN H 35 -8.10 -32.75 -7.77
CA ASN H 35 -8.81 -31.48 -7.79
C ASN H 35 -10.28 -31.78 -7.55
N SER H 36 -11.00 -30.77 -7.07
CA SER H 36 -12.45 -30.81 -6.98
C SER H 36 -13.04 -30.15 -8.21
N ARG H 37 -14.08 -30.75 -8.77
CA ARG H 37 -14.81 -30.08 -9.82
C ARG H 37 -16.29 -30.40 -9.74
N THR H 38 -17.11 -29.42 -10.07
CA THR H 38 -18.55 -29.56 -10.08
C THR H 38 -19.01 -30.15 -11.39
N LEU H 39 -20.05 -30.97 -11.31
CA LEU H 39 -20.64 -31.61 -12.46
C LEU H 39 -22.13 -31.37 -12.44
N LEU H 40 -22.81 -31.81 -13.49
CA LEU H 40 -24.23 -31.60 -13.65
C LEU H 40 -24.88 -32.89 -14.12
N GLY H 41 -25.66 -33.52 -13.26
CA GLY H 41 -26.37 -34.73 -13.60
C GLY H 41 -27.87 -34.53 -13.67
N GLN H 42 -28.56 -35.62 -13.98
CA GLN H 42 -30.01 -35.64 -13.96
C GLN H 42 -30.52 -35.64 -12.52
N MET H 43 -31.82 -35.75 -12.38
CA MET H 43 -32.49 -35.55 -11.10
C MET H 43 -33.02 -36.88 -10.57
N GLU H 44 -32.23 -37.95 -10.72
CA GLU H 44 -32.61 -39.27 -10.26
C GLU H 44 -32.36 -39.36 -8.75
N ALA H 45 -33.43 -39.55 -7.99
CA ALA H 45 -33.26 -40.00 -6.61
C ALA H 45 -34.31 -40.99 -6.13
N ALA H 46 -35.48 -41.08 -6.80
CA ALA H 46 -36.72 -41.78 -6.43
C ALA H 46 -37.42 -41.19 -5.21
N SER H 47 -36.81 -40.20 -4.58
CA SER H 47 -37.46 -39.38 -3.58
C SER H 47 -37.88 -38.04 -4.17
N LEU H 48 -37.52 -37.79 -5.42
CA LEU H 48 -37.85 -36.58 -6.13
C LEU H 48 -39.02 -36.77 -7.08
N ALA H 49 -39.37 -38.01 -7.39
CA ALA H 49 -40.51 -38.32 -8.22
C ALA H 49 -41.59 -39.14 -7.53
N TYR H 50 -41.23 -39.87 -6.46
CA TYR H 50 -42.15 -40.71 -5.72
C TYR H 50 -42.17 -40.30 -4.26
N ASP H 51 -43.27 -40.58 -3.58
CA ASP H 51 -43.33 -40.34 -2.15
C ASP H 51 -42.90 -41.60 -1.40
N VAL H 52 -43.15 -41.62 -0.09
CA VAL H 52 -42.75 -42.76 0.75
C VAL H 52 -43.56 -43.99 0.39
N SER H 53 -44.85 -43.82 0.08
CA SER H 53 -45.72 -44.95 -0.20
C SER H 53 -45.45 -45.56 -1.58
N GLY H 54 -45.42 -44.75 -2.62
CA GLY H 54 -45.18 -45.26 -3.95
C GLY H 54 -45.99 -44.59 -5.04
N GLN H 55 -46.88 -43.66 -4.66
CA GLN H 55 -47.55 -42.97 -5.74
C GLN H 55 -46.73 -41.75 -6.19
N PRO H 56 -46.83 -41.35 -7.46
CA PRO H 56 -46.00 -40.24 -7.95
C PRO H 56 -46.43 -38.92 -7.33
N ILE H 57 -45.45 -38.16 -6.83
CA ILE H 57 -45.71 -36.83 -6.32
C ILE H 57 -46.03 -35.90 -7.48
N LYS H 58 -46.97 -34.99 -7.27
CA LYS H 58 -47.55 -34.22 -8.36
C LYS H 58 -46.91 -32.87 -8.56
N SER H 59 -46.01 -32.45 -7.67
CA SER H 59 -45.23 -31.25 -7.92
C SER H 59 -44.10 -31.50 -8.91
N ALA H 60 -43.77 -32.76 -9.16
CA ALA H 60 -42.67 -33.13 -10.05
C ALA H 60 -43.25 -33.48 -11.41
N THR H 61 -43.46 -32.45 -12.23
CA THR H 61 -43.97 -32.63 -13.57
C THR H 61 -42.82 -33.03 -14.50
N ALA H 62 -43.09 -33.16 -15.80
CA ALA H 62 -42.06 -33.57 -16.73
C ALA H 62 -41.02 -32.48 -16.98
N GLU H 63 -41.37 -31.21 -16.74
CA GLU H 63 -40.40 -30.14 -16.89
C GLU H 63 -39.58 -29.93 -15.63
N ALA H 64 -40.21 -30.07 -14.47
CA ALA H 64 -39.49 -29.84 -13.21
C ALA H 64 -38.54 -30.98 -12.88
N LEU H 65 -38.71 -32.13 -13.53
CA LEU H 65 -37.89 -33.29 -13.27
C LEU H 65 -36.80 -33.47 -14.33
N ALA H 66 -36.69 -32.52 -15.27
CA ALA H 66 -35.65 -32.51 -16.29
C ALA H 66 -34.82 -31.24 -16.18
N GLN H 67 -34.52 -30.83 -14.96
CA GLN H 67 -34.03 -29.48 -14.73
C GLN H 67 -32.52 -29.40 -14.58
N GLY H 68 -31.90 -30.29 -13.82
CA GLY H 68 -30.46 -30.26 -13.71
C GLY H 68 -29.96 -30.15 -12.29
N ASN H 69 -29.21 -31.14 -11.85
CA ASN H 69 -28.83 -31.29 -10.44
C ASN H 69 -27.33 -31.17 -10.31
N PRO H 70 -26.80 -30.03 -9.87
CA PRO H 70 -25.34 -29.89 -9.74
C PRO H 70 -24.80 -30.52 -8.47
N HIS H 71 -23.69 -31.22 -8.61
CA HIS H 71 -23.01 -31.83 -7.49
C HIS H 71 -21.55 -31.35 -7.48
N GLN H 72 -20.76 -31.92 -6.59
CA GLN H 72 -19.34 -31.60 -6.52
C GLN H 72 -18.60 -32.80 -5.95
N VAL H 73 -17.55 -33.22 -6.64
CA VAL H 73 -16.77 -34.39 -6.26
C VAL H 73 -15.30 -34.05 -6.30
N ASP H 74 -14.50 -34.84 -5.58
CA ASP H 74 -13.07 -34.85 -5.82
C ASP H 74 -12.76 -35.81 -6.95
N PHE H 75 -11.76 -35.46 -7.75
CA PHE H 75 -11.50 -36.17 -8.99
C PHE H 75 -9.99 -36.37 -9.12
N CYS H 76 -9.55 -37.61 -9.06
CA CYS H 76 -8.14 -37.93 -9.17
C CYS H 76 -7.94 -38.85 -10.37
N HIS H 77 -6.95 -38.56 -11.20
CA HIS H 77 -6.68 -39.39 -12.35
C HIS H 77 -5.18 -39.41 -12.61
N VAL H 78 -4.76 -40.34 -13.46
CA VAL H 78 -3.37 -40.49 -13.87
C VAL H 78 -3.07 -39.42 -14.90
N PRO H 79 -1.92 -38.73 -14.83
CA PRO H 79 -1.57 -37.74 -15.86
C PRO H 79 -1.33 -38.39 -17.21
N TYR H 80 -1.22 -37.55 -18.24
CA TYR H 80 -1.27 -38.05 -19.61
C TYR H 80 -0.01 -38.83 -19.97
N GLY H 81 1.16 -38.20 -19.87
CA GLY H 81 2.36 -38.88 -20.31
C GLY H 81 3.00 -39.76 -19.27
N ALA H 82 2.26 -40.15 -18.25
CA ALA H 82 2.79 -40.94 -17.15
C ALA H 82 3.06 -42.37 -17.59
N SER H 83 3.99 -43.02 -16.91
CA SER H 83 4.30 -44.42 -17.20
C SER H 83 3.46 -45.36 -16.34
N HIS H 84 3.57 -45.23 -15.02
CA HIS H 84 2.83 -46.09 -14.10
C HIS H 84 2.68 -45.33 -12.77
N ILE H 85 2.30 -46.05 -11.71
CA ILE H 85 2.06 -45.48 -10.39
C ILE H 85 2.72 -46.35 -9.33
N GLU H 86 3.53 -45.73 -8.47
CA GLU H 86 4.06 -46.40 -7.28
C GLU H 86 3.09 -46.26 -6.12
N CYS H 87 3.06 -47.29 -5.27
CA CYS H 87 2.25 -47.31 -4.05
C CYS H 87 3.07 -47.97 -2.97
N SER H 88 3.38 -47.25 -1.89
CA SER H 88 4.29 -47.75 -0.87
C SER H 88 3.72 -47.56 0.52
N PHE H 89 3.97 -48.54 1.39
CA PHE H 89 3.54 -48.53 2.79
C PHE H 89 4.41 -49.55 3.54
N SER H 90 4.04 -49.85 4.78
CA SER H 90 4.82 -50.79 5.58
C SER H 90 3.95 -51.48 6.62
N VAL H 91 4.27 -52.75 6.92
CA VAL H 91 3.54 -53.56 7.88
C VAL H 91 4.55 -54.08 8.90
N SER H 92 4.09 -54.28 10.13
CA SER H 92 4.87 -54.94 11.18
C SER H 92 4.05 -56.08 11.78
N PHE H 93 4.74 -57.08 12.31
CA PHE H 93 4.13 -58.25 12.94
C PHE H 93 4.81 -58.46 14.28
N SER H 94 4.10 -58.21 15.38
CA SER H 94 4.84 -57.86 16.60
C SER H 94 4.40 -58.53 17.90
N SER H 95 3.78 -59.71 17.78
CA SER H 95 3.49 -60.62 18.92
C SER H 95 2.78 -59.97 20.11
N GLU H 96 1.73 -59.17 19.89
CA GLU H 96 1.02 -58.58 21.06
C GLU H 96 -0.10 -59.52 21.52
N LEU H 97 -0.32 -60.63 20.79
CA LEU H 97 -1.41 -61.58 21.12
C LEU H 97 -0.94 -62.63 22.14
N ARG H 98 0.35 -62.58 22.49
CA ARG H 98 0.96 -63.54 23.44
C ARG H 98 0.34 -63.40 24.86
N GLN H 99 0.09 -62.18 25.32
CA GLN H 99 -0.48 -61.94 26.63
C GLN H 99 -1.49 -60.82 26.51
N PRO H 100 -2.47 -60.72 27.41
CA PRO H 100 -3.39 -59.59 27.36
C PRO H 100 -2.71 -58.29 27.75
N TYR H 101 -3.14 -57.21 27.09
CA TYR H 101 -2.64 -55.89 27.44
C TYR H 101 -3.14 -55.44 28.80
N LYS H 102 -4.31 -55.90 29.21
CA LYS H 102 -4.92 -55.46 30.46
C LYS H 102 -5.93 -56.51 30.86
N CYS H 103 -5.80 -57.07 32.06
CA CYS H 103 -6.72 -58.11 32.52
C CYS H 103 -6.68 -58.18 34.03
N ASN H 104 -7.77 -57.82 34.70
CA ASN H 104 -7.79 -57.82 36.15
C ASN H 104 -8.00 -59.20 36.76
N SER H 105 -8.34 -60.20 35.98
CA SER H 105 -8.57 -61.55 36.47
C SER H 105 -7.36 -62.41 36.11
N SER H 106 -6.76 -63.05 37.11
CA SER H 106 -5.58 -63.88 36.86
C SER H 106 -5.94 -65.25 36.32
N LYS H 107 -7.17 -65.71 36.52
CA LYS H 107 -7.58 -66.98 35.91
C LYS H 107 -7.81 -66.83 34.42
N VAL H 108 -8.34 -65.69 33.99
CA VAL H 108 -8.60 -65.48 32.58
C VAL H 108 -7.29 -65.19 31.84
N LYS H 109 -6.37 -64.51 32.51
CA LYS H 109 -5.04 -64.22 31.87
C LYS H 109 -4.33 -65.55 31.63
N GLN H 110 -4.37 -66.46 32.61
CA GLN H 110 -3.70 -67.79 32.51
C GLN H 110 -4.33 -68.61 31.40
N THR H 111 -5.67 -68.61 31.31
CA THR H 111 -6.38 -69.40 30.27
C THR H 111 -6.01 -68.88 28.87
N LEU H 112 -6.00 -67.55 28.71
CA LEU H 112 -5.66 -66.92 27.41
C LEU H 112 -4.20 -67.22 27.05
N VAL H 113 -3.29 -67.14 28.03
CA VAL H 113 -1.85 -67.41 27.78
C VAL H 113 -1.66 -68.86 27.33
N GLN H 114 -2.37 -69.80 27.98
CA GLN H 114 -2.30 -71.25 27.66
C GLN H 114 -2.80 -71.53 26.24
N LEU H 115 -3.89 -70.87 25.83
CA LEU H 115 -4.50 -71.12 24.50
C LEU H 115 -3.51 -70.78 23.38
N VAL H 116 -2.74 -69.69 23.52
CA VAL H 116 -1.81 -69.30 22.48
C VAL H 116 -0.63 -70.25 22.42
N GLU H 117 -0.25 -70.82 23.56
CA GLU H 117 0.82 -71.82 23.55
C GLU H 117 0.35 -73.18 23.07
N LEU H 118 -0.92 -73.53 23.26
CA LEU H 118 -1.42 -74.79 22.74
C LEU H 118 -1.80 -74.70 21.27
N TYR H 119 -2.26 -73.53 20.81
CA TYR H 119 -2.51 -73.33 19.39
C TYR H 119 -1.21 -73.41 18.60
N GLU H 120 -0.16 -72.78 19.14
CA GLU H 120 1.14 -72.73 18.48
C GLU H 120 1.77 -74.11 18.38
N THR H 121 1.57 -74.95 19.39
CA THR H 121 2.17 -76.27 19.40
C THR H 121 1.36 -77.26 18.58
N LYS H 122 0.05 -77.32 18.81
CA LYS H 122 -0.77 -78.36 18.19
C LYS H 122 -1.09 -78.04 16.75
N ILE H 123 -1.45 -76.79 16.45
CA ILE H 123 -1.88 -76.39 15.11
C ILE H 123 -0.77 -75.66 14.36
N GLY H 124 -0.19 -74.63 14.97
CA GLY H 124 0.90 -73.92 14.35
C GLY H 124 0.45 -72.63 13.68
N TRP H 125 1.40 -71.73 13.46
CA TRP H 125 1.10 -70.44 12.87
C TRP H 125 1.22 -70.42 11.35
N THR H 126 1.18 -71.58 10.70
CA THR H 126 1.37 -71.60 9.25
C THR H 126 0.12 -71.13 8.52
N GLU H 127 -1.05 -71.51 9.01
CA GLU H 127 -2.30 -71.21 8.29
C GLU H 127 -2.65 -69.73 8.34
N LEU H 128 -2.52 -69.09 9.51
CA LEU H 128 -2.86 -67.68 9.60
C LEU H 128 -1.81 -66.82 8.91
N ALA H 129 -0.53 -67.11 9.11
CA ALA H 129 0.53 -66.31 8.49
C ALA H 129 0.56 -66.44 6.98
N THR H 130 0.05 -67.53 6.42
CA THR H 130 -0.10 -67.61 4.97
C THR H 130 -1.27 -66.77 4.48
N ARG H 131 -2.35 -66.71 5.26
CA ARG H 131 -3.51 -65.93 4.83
C ARG H 131 -3.29 -64.44 4.98
N TYR H 132 -2.52 -63.99 5.98
CA TYR H 132 -2.19 -62.57 6.07
C TYR H 132 -1.25 -62.16 4.96
N LEU H 133 -0.23 -62.99 4.69
CA LEU H 133 0.82 -62.61 3.76
C LEU H 133 0.37 -62.65 2.31
N MET H 134 -0.66 -63.42 1.98
CA MET H 134 -1.21 -63.35 0.63
C MET H 134 -1.89 -62.05 0.33
N ASN H 135 -2.50 -61.40 1.31
CA ASN H 135 -3.14 -60.11 1.07
C ASN H 135 -2.14 -58.99 0.91
N ILE H 136 -0.93 -59.11 1.47
CA ILE H 136 0.13 -58.17 1.12
C ILE H 136 0.66 -58.46 -0.27
N CYS H 137 0.94 -59.72 -0.56
CA CYS H 137 1.69 -60.09 -1.76
C CYS H 137 0.87 -60.03 -3.04
N ASN H 138 -0.45 -59.93 -2.96
CA ASN H 138 -1.21 -59.50 -4.13
C ASN H 138 -1.77 -58.11 -3.86
N GLY H 139 -2.52 -57.55 -4.78
CA GLY H 139 -2.97 -56.21 -4.56
C GLY H 139 -4.29 -56.09 -3.81
N LYS H 140 -4.41 -56.76 -2.66
CA LYS H 140 -5.65 -56.68 -1.92
C LYS H 140 -5.80 -55.33 -1.24
N TRP H 141 -4.70 -54.78 -0.75
CA TRP H 141 -4.61 -53.45 -0.16
C TRP H 141 -4.68 -52.34 -1.18
N LEU H 142 -4.69 -52.66 -2.48
CA LEU H 142 -5.07 -51.73 -3.54
C LEU H 142 -6.48 -52.10 -3.95
N TRP H 143 -7.47 -51.47 -3.31
CA TRP H 143 -8.84 -51.97 -3.29
C TRP H 143 -9.50 -52.06 -4.67
N LYS H 144 -9.79 -50.93 -5.29
CA LYS H 144 -10.44 -50.94 -6.59
C LYS H 144 -9.49 -50.60 -7.72
N ASN H 145 -8.27 -50.23 -7.39
CA ASN H 145 -7.29 -49.81 -8.39
C ASN H 145 -6.70 -51.01 -9.12
N THR H 146 -6.68 -52.15 -8.45
CA THR H 146 -6.36 -53.44 -9.05
C THR H 146 -7.30 -53.78 -10.19
N ARG H 147 -8.58 -53.53 -9.99
CA ARG H 147 -9.58 -53.67 -11.05
C ARG H 147 -9.31 -52.65 -12.15
N LYS H 148 -9.56 -53.05 -13.40
CA LYS H 148 -9.38 -52.20 -14.60
C LYS H 148 -7.93 -51.77 -14.81
N ALA H 149 -6.99 -52.67 -14.58
CA ALA H 149 -5.59 -52.38 -14.80
C ALA H 149 -4.99 -53.41 -15.75
N TYR H 150 -3.89 -53.01 -16.39
CA TYR H 150 -3.17 -53.93 -17.27
C TYR H 150 -2.48 -55.02 -16.48
N CYS H 151 -1.54 -54.63 -15.62
CA CYS H 151 -0.91 -55.56 -14.70
C CYS H 151 -0.47 -54.77 -13.47
N TRP H 152 -0.12 -55.49 -12.42
CA TRP H 152 0.49 -54.86 -11.26
C TRP H 152 1.51 -55.81 -10.64
N ASN H 153 2.48 -55.22 -9.94
CA ASN H 153 3.63 -55.92 -9.41
C ASN H 153 3.78 -55.54 -7.94
N ILE H 154 4.29 -56.46 -7.14
CA ILE H 154 4.55 -56.21 -5.72
C ILE H 154 6.01 -56.54 -5.45
N VAL H 155 6.70 -55.65 -4.74
CA VAL H 155 8.07 -55.87 -4.31
C VAL H 155 8.10 -55.75 -2.79
N LEU H 156 8.56 -56.81 -2.11
CA LEU H 156 8.72 -56.82 -0.67
C LEU H 156 10.15 -56.49 -0.28
N THR H 157 10.32 -55.85 0.87
CA THR H 157 11.64 -55.62 1.45
C THR H 157 11.56 -55.91 2.94
N PRO H 158 11.79 -57.17 3.34
CA PRO H 158 11.70 -57.52 4.75
C PRO H 158 12.93 -57.08 5.54
N TRP H 159 12.72 -56.73 6.80
CA TRP H 159 13.88 -56.14 7.47
C TRP H 159 14.85 -57.15 8.07
N PRO H 160 14.46 -58.11 8.95
CA PRO H 160 15.57 -58.97 9.44
C PRO H 160 15.92 -60.05 8.41
N TRP H 161 16.60 -59.60 7.36
CA TRP H 161 16.70 -60.32 6.10
C TRP H 161 18.06 -60.10 5.50
N ASN H 162 18.57 -61.12 4.79
CA ASN H 162 19.89 -61.06 4.19
C ASN H 162 19.95 -60.11 3.00
N GLY H 163 19.23 -60.44 1.93
CA GLY H 163 19.23 -59.56 0.77
C GLY H 163 18.32 -60.11 -0.31
N GLU H 164 18.44 -59.52 -1.50
CA GLU H 164 17.72 -59.92 -2.71
C GLU H 164 16.21 -59.81 -2.52
N LYS H 165 15.69 -58.58 -2.57
CA LYS H 165 14.26 -58.23 -2.45
C LYS H 165 13.34 -59.20 -3.19
N VAL H 166 12.21 -59.47 -2.57
CA VAL H 166 11.26 -60.46 -3.04
C VAL H 166 10.27 -59.78 -3.97
N GLY H 167 10.08 -60.34 -5.16
CA GLY H 167 9.23 -59.74 -6.16
C GLY H 167 8.11 -60.67 -6.60
N PHE H 168 6.97 -60.08 -6.94
CA PHE H 168 5.77 -60.78 -7.38
C PHE H 168 5.31 -60.09 -8.66
N GLU H 169 5.81 -60.53 -9.79
CA GLU H 169 5.55 -59.88 -11.06
C GLU H 169 4.28 -60.43 -11.72
N ASP H 170 3.47 -59.52 -12.25
CA ASP H 170 2.32 -59.80 -13.10
C ASP H 170 1.30 -60.70 -12.40
N ILE H 171 0.76 -60.17 -11.30
CA ILE H 171 -0.44 -60.75 -10.72
C ILE H 171 -1.60 -60.53 -11.69
N ARG H 172 -2.65 -61.36 -11.54
CA ARG H 172 -3.77 -61.71 -12.42
C ARG H 172 -3.32 -62.73 -13.47
N THR H 173 -2.03 -62.97 -13.63
CA THR H 173 -1.53 -64.02 -14.51
C THR H 173 -0.74 -65.07 -13.77
N ASN H 174 0.21 -64.66 -12.93
CA ASN H 174 1.15 -65.59 -12.34
C ASN H 174 0.79 -66.02 -10.93
N TYR H 175 -0.03 -65.27 -10.21
CA TYR H 175 -0.30 -65.53 -8.79
C TYR H 175 -1.81 -65.53 -8.58
N THR H 176 -2.42 -66.69 -8.79
CA THR H 176 -3.86 -66.87 -8.68
C THR H 176 -4.26 -67.69 -7.47
N SER H 177 -3.59 -68.81 -7.25
CA SER H 177 -3.94 -69.75 -6.18
C SER H 177 -2.89 -69.73 -5.09
N ARG H 178 -3.08 -70.60 -4.10
CA ARG H 178 -2.11 -70.73 -3.01
C ARG H 178 -0.80 -71.34 -3.50
N GLN H 179 -0.88 -72.30 -4.43
CA GLN H 179 0.31 -72.99 -4.90
C GLN H 179 1.19 -72.09 -5.75
N ASP H 180 0.63 -71.05 -6.36
CA ASP H 180 1.43 -70.12 -7.14
C ASP H 180 2.32 -69.26 -6.26
N PHE H 181 1.85 -68.91 -5.06
CA PHE H 181 2.70 -68.20 -4.11
C PHE H 181 3.78 -69.11 -3.56
N LYS H 182 3.46 -70.39 -3.35
CA LYS H 182 4.40 -71.34 -2.78
C LYS H 182 5.51 -71.68 -3.75
N ASN H 183 5.28 -71.53 -5.06
CA ASN H 183 6.31 -71.80 -6.05
C ASN H 183 7.31 -70.67 -6.19
N ASN H 184 7.19 -69.60 -5.41
CA ASN H 184 8.15 -68.53 -5.45
C ASN H 184 9.45 -69.01 -4.80
N LYS H 185 10.57 -68.39 -5.21
CA LYS H 185 11.89 -68.85 -4.79
C LYS H 185 12.09 -68.67 -3.30
N ASN H 186 11.59 -67.58 -2.75
CA ASN H 186 11.61 -67.32 -1.32
C ASN H 186 10.21 -66.93 -0.88
N TRP H 187 9.40 -67.94 -0.59
CA TRP H 187 8.14 -67.78 0.10
C TRP H 187 8.15 -68.39 1.48
N SER H 188 8.87 -69.48 1.66
CA SER H 188 8.95 -70.12 2.97
C SER H 188 9.76 -69.28 3.95
N ALA H 189 10.76 -68.56 3.47
CA ALA H 189 11.58 -67.72 4.34
C ALA H 189 10.84 -66.50 4.86
N ILE H 190 9.78 -66.08 4.17
CA ILE H 190 8.99 -64.94 4.63
C ILE H 190 7.81 -65.38 5.48
N VAL H 191 7.23 -66.55 5.20
CA VAL H 191 6.25 -67.14 6.11
C VAL H 191 6.90 -67.47 7.45
N GLU H 192 8.16 -67.92 7.43
CA GLU H 192 8.86 -68.21 8.67
C GLU H 192 9.38 -66.97 9.39
N MET H 193 9.15 -65.77 8.84
CA MET H 193 9.31 -64.55 9.64
C MET H 193 8.09 -64.28 10.48
N ILE H 194 6.92 -64.38 9.87
CA ILE H 194 5.68 -64.07 10.56
C ILE H 194 5.37 -65.13 11.59
N LYS H 195 5.79 -66.37 11.34
CA LYS H 195 5.70 -67.41 12.35
C LYS H 195 6.63 -67.12 13.52
N THR H 196 7.89 -66.77 13.23
CA THR H 196 8.86 -66.45 14.27
C THR H 196 8.48 -65.18 15.03
N ALA H 197 7.84 -64.23 14.35
CA ALA H 197 7.32 -63.06 15.03
C ALA H 197 6.26 -63.42 16.04
N PHE H 198 5.33 -64.30 15.67
CA PHE H 198 4.27 -64.69 16.58
C PHE H 198 4.76 -65.66 17.65
N SER H 199 5.78 -66.46 17.34
CA SER H 199 6.24 -67.53 18.24
C SER H 199 7.31 -67.08 19.21
N SER H 200 7.35 -65.80 19.54
CA SER H 200 8.44 -65.28 20.36
C SER H 200 7.93 -64.12 21.19
N THR H 201 8.56 -63.92 22.35
CA THR H 201 8.14 -62.83 23.22
C THR H 201 8.55 -61.47 22.69
N ASP H 202 9.56 -61.40 21.83
CA ASP H 202 9.93 -60.19 21.13
C ASP H 202 10.14 -60.55 19.66
N GLY H 203 9.05 -60.62 18.90
CA GLY H 203 9.10 -60.86 17.47
C GLY H 203 8.80 -59.55 16.76
N LEU H 204 9.51 -59.29 15.67
CA LEU H 204 9.49 -57.95 15.10
C LEU H 204 8.98 -57.88 13.67
N ALA H 205 9.62 -58.55 12.70
CA ALA H 205 9.15 -58.74 11.32
C ALA H 205 8.57 -57.54 10.56
N ILE H 206 9.40 -56.59 10.12
CA ILE H 206 8.94 -55.44 9.37
C ILE H 206 9.04 -55.70 7.87
N PHE H 207 7.99 -55.38 7.12
CA PHE H 207 7.96 -55.43 5.67
C PHE H 207 7.84 -54.02 5.10
N GLU H 208 8.62 -53.72 4.07
CA GLU H 208 8.46 -52.53 3.26
C GLU H 208 7.85 -53.00 1.93
N VAL H 209 6.63 -52.56 1.65
CA VAL H 209 5.89 -53.06 0.51
C VAL H 209 5.74 -51.93 -0.51
N ARG H 210 6.01 -52.24 -1.78
CA ARG H 210 5.94 -51.25 -2.84
C ARG H 210 5.28 -51.88 -4.07
N ALA H 211 4.35 -51.17 -4.68
CA ALA H 211 3.62 -51.69 -5.83
C ALA H 211 3.83 -50.83 -7.06
N THR H 212 3.37 -51.34 -8.20
CA THR H 212 3.56 -50.71 -9.48
C THR H 212 2.35 -51.02 -10.35
N LEU H 213 1.52 -50.02 -10.61
CA LEU H 213 0.25 -50.18 -11.32
C LEU H 213 0.33 -49.61 -12.71
N HIS H 214 0.00 -50.43 -13.70
CA HIS H 214 -0.04 -50.00 -15.10
C HIS H 214 -1.49 -49.81 -15.49
N LEU H 215 -1.96 -48.58 -15.39
CA LEU H 215 -3.33 -48.23 -15.71
C LEU H 215 -3.46 -47.93 -17.20
N PRO H 216 -4.70 -47.81 -17.73
CA PRO H 216 -4.85 -47.27 -19.08
C PRO H 216 -4.48 -45.80 -19.20
N THR H 217 -4.69 -45.24 -20.39
CA THR H 217 -4.45 -43.82 -20.61
C THR H 217 -5.43 -43.00 -19.83
N ASN H 218 -4.90 -42.10 -18.98
CA ASN H 218 -5.62 -40.98 -18.40
C ASN H 218 -6.69 -41.47 -17.43
N ALA H 219 -6.44 -42.61 -16.79
CA ALA H 219 -7.42 -43.42 -16.08
C ALA H 219 -7.65 -42.92 -14.66
N MET H 220 -8.68 -43.45 -14.03
CA MET H 220 -9.11 -43.07 -12.70
C MET H 220 -8.38 -43.85 -11.62
N VAL H 221 -8.08 -43.18 -10.52
CA VAL H 221 -7.60 -43.86 -9.32
C VAL H 221 -8.58 -43.60 -8.20
N ARG H 222 -8.70 -44.59 -7.32
CA ARG H 222 -9.75 -44.66 -6.30
C ARG H 222 -9.11 -44.69 -4.92
N PRO H 223 -8.89 -43.55 -4.28
CA PRO H 223 -8.35 -43.56 -2.92
C PRO H 223 -9.43 -43.65 -1.87
N SER H 224 -9.05 -43.72 -0.61
CA SER H 224 -10.03 -43.71 0.46
C SER H 224 -10.56 -42.30 0.67
N GLN H 225 -11.69 -42.21 1.35
CA GLN H 225 -12.39 -40.94 1.40
C GLN H 225 -13.00 -40.72 2.76
N VAL H 226 -13.23 -39.46 3.14
CA VAL H 226 -13.41 -39.12 4.55
C VAL H 226 -14.84 -39.41 4.98
N PHE H 227 -15.01 -39.60 6.30
CA PHE H 227 -16.36 -39.83 6.87
C PHE H 227 -16.96 -38.48 7.30
N THR H 228 -17.40 -37.69 6.32
CA THR H 228 -17.99 -36.35 6.60
C THR H 228 -19.26 -36.51 7.44
N GLN H 241 -22.17 -28.38 -1.43
CA GLN H 241 -21.87 -29.55 -0.56
C GLN H 241 -21.06 -30.60 -1.35
N ASN H 242 -19.81 -30.83 -0.96
CA ASN H 242 -18.95 -31.81 -1.65
C ASN H 242 -19.57 -33.20 -1.47
N SER H 243 -19.60 -34.01 -2.54
CA SER H 243 -20.20 -35.36 -2.51
C SER H 243 -19.13 -36.41 -2.17
N ARG H 244 -17.96 -36.31 -2.80
CA ARG H 244 -16.84 -37.26 -2.58
C ARG H 244 -15.60 -36.48 -2.11
N VAL H 245 -15.15 -36.72 -0.88
CA VAL H 245 -14.03 -35.98 -0.31
C VAL H 245 -12.95 -36.97 0.07
N PHE H 246 -11.80 -36.88 -0.58
CA PHE H 246 -10.72 -37.83 -0.41
C PHE H 246 -9.94 -37.57 0.88
N GLN H 247 -9.29 -38.61 1.38
CA GLN H 247 -8.32 -38.48 2.44
C GLN H 247 -6.97 -38.14 1.84
N SER H 248 -6.19 -37.32 2.56
CA SER H 248 -4.97 -36.81 1.96
C SER H 248 -3.91 -36.52 3.02
N THR H 249 -2.66 -36.51 2.58
CA THR H 249 -1.53 -36.01 3.35
C THR H 249 -0.77 -34.96 2.57
N THR H 250 0.40 -34.58 3.07
CA THR H 250 1.23 -33.59 2.36
C THR H 250 2.61 -34.19 2.06
N ILE H 251 2.95 -34.29 0.78
CA ILE H 251 4.28 -34.75 0.32
C ILE H 251 4.85 -33.51 -0.35
N ASP H 252 6.06 -33.09 0.04
CA ASP H 252 6.62 -31.80 -0.47
C ASP H 252 5.60 -30.72 -0.09
N GLY H 253 5.17 -29.89 -1.05
CA GLY H 253 4.17 -28.85 -0.75
C GLY H 253 2.83 -29.15 -1.40
N GLU H 254 2.63 -30.39 -1.86
CA GLU H 254 1.39 -30.75 -2.61
C GLU H 254 0.53 -31.77 -1.88
N ARG H 255 -0.80 -31.52 -1.83
CA ARG H 255 -1.75 -32.48 -1.29
C ARG H 255 -1.71 -33.71 -2.17
N SER H 256 -1.92 -34.87 -1.56
CA SER H 256 -1.82 -36.09 -2.33
C SER H 256 -2.76 -37.10 -1.69
N PRO H 257 -3.48 -37.89 -2.47
CA PRO H 257 -4.40 -38.86 -1.89
C PRO H 257 -3.66 -39.97 -1.19
N ILE H 258 -4.25 -40.45 -0.11
CA ILE H 258 -3.74 -41.63 0.56
C ILE H 258 -4.83 -42.69 0.54
N LEU H 259 -4.45 -43.86 1.02
CA LEU H 259 -5.35 -44.97 1.21
C LEU H 259 -5.04 -45.43 2.63
N GLY H 260 -5.94 -45.14 3.56
CA GLY H 260 -5.60 -44.94 4.96
C GLY H 260 -5.05 -46.16 5.69
N ALA H 261 -4.56 -45.90 6.90
CA ALA H 261 -3.93 -46.94 7.69
C ALA H 261 -4.95 -47.94 8.22
N PHE H 262 -6.10 -47.43 8.66
CA PHE H 262 -7.19 -48.32 9.14
C PHE H 262 -7.71 -49.12 7.96
N LYS H 263 -7.84 -48.47 6.79
CA LYS H 263 -8.34 -49.10 5.54
C LYS H 263 -7.38 -50.21 5.10
N THR H 264 -6.07 -49.96 5.20
CA THR H 264 -5.05 -50.96 4.80
C THR H 264 -5.14 -52.20 5.71
N GLY H 265 -5.34 -52.01 7.01
CA GLY H 265 -5.45 -53.12 7.93
C GLY H 265 -6.70 -53.94 7.75
N ALA H 266 -7.75 -53.34 7.22
CA ALA H 266 -8.96 -54.09 6.90
C ALA H 266 -8.79 -54.97 5.68
N ALA H 267 -7.82 -54.68 4.82
CA ALA H 267 -7.55 -55.46 3.63
C ALA H 267 -6.63 -56.64 3.90
N ILE H 268 -5.73 -56.51 4.86
CA ILE H 268 -4.87 -57.62 5.20
C ILE H 268 -5.65 -58.67 5.96
N ALA H 269 -6.69 -58.26 6.69
CA ALA H 269 -7.45 -59.15 7.55
C ALA H 269 -8.79 -59.57 6.94
N THR H 270 -8.92 -59.60 5.62
CA THR H 270 -10.06 -60.28 4.99
C THR H 270 -9.67 -61.72 4.82
N ILE H 271 -9.90 -62.51 5.87
CA ILE H 271 -9.42 -63.87 6.00
C ILE H 271 -10.52 -64.84 6.40
N ASP H 272 -11.55 -64.30 7.04
CA ASP H 272 -12.60 -65.11 7.67
C ASP H 272 -13.48 -65.74 6.60
N ASP H 273 -13.16 -66.96 6.22
CA ASP H 273 -14.10 -67.78 5.48
C ASP H 273 -14.40 -69.06 6.24
N TRP H 274 -14.65 -68.94 7.55
CA TRP H 274 -15.04 -70.07 8.37
C TRP H 274 -16.43 -69.90 8.97
N TYR H 275 -17.16 -68.86 8.57
CA TYR H 275 -18.54 -68.64 8.99
C TYR H 275 -19.44 -69.69 8.32
N PRO H 276 -20.61 -70.03 8.91
CA PRO H 276 -21.21 -71.36 8.64
C PRO H 276 -21.57 -71.71 7.20
N GLU H 277 -21.74 -70.73 6.31
CA GLU H 277 -22.05 -71.01 4.90
C GLU H 277 -21.13 -70.20 4.00
N ALA H 278 -19.83 -70.33 4.26
CA ALA H 278 -18.84 -69.41 3.72
C ALA H 278 -18.67 -69.52 2.22
N THR H 279 -18.74 -68.37 1.54
CA THR H 279 -18.38 -68.28 0.13
C THR H 279 -17.20 -67.34 -0.08
N GLU H 280 -17.29 -66.12 0.40
CA GLU H 280 -16.36 -65.02 0.28
C GLU H 280 -15.71 -64.73 1.62
N PRO H 281 -14.40 -64.47 1.68
CA PRO H 281 -13.77 -64.18 2.97
C PRO H 281 -14.12 -62.80 3.48
N LEU H 282 -14.46 -62.74 4.75
CA LEU H 282 -14.87 -61.53 5.45
C LEU H 282 -13.71 -60.90 6.20
N ARG H 283 -13.87 -59.63 6.53
CA ARG H 283 -12.92 -58.95 7.39
C ARG H 283 -13.07 -59.48 8.81
N VAL H 284 -11.94 -59.77 9.44
CA VAL H 284 -11.94 -60.41 10.75
C VAL H 284 -12.48 -59.45 11.79
N GLY H 285 -13.50 -59.89 12.52
CA GLY H 285 -14.08 -59.09 13.57
C GLY H 285 -15.04 -59.92 14.38
N ARG H 286 -15.44 -59.36 15.51
CA ARG H 286 -16.53 -59.94 16.30
C ARG H 286 -17.81 -59.87 15.51
N PHE H 287 -18.62 -60.94 15.63
CA PHE H 287 -19.83 -61.22 14.85
C PHE H 287 -19.77 -60.83 13.37
N GLY H 288 -18.79 -61.37 12.64
CA GLY H 288 -18.25 -60.87 11.39
C GLY H 288 -19.21 -60.35 10.33
N VAL H 289 -19.13 -59.06 10.06
CA VAL H 289 -20.14 -58.39 9.27
C VAL H 289 -19.72 -58.44 7.81
N HIS H 290 -20.70 -58.23 6.94
CA HIS H 290 -20.49 -58.13 5.50
C HIS H 290 -21.16 -56.84 5.08
N ARG H 291 -20.38 -55.90 4.59
CA ARG H 291 -20.96 -54.59 4.28
C ARG H 291 -21.50 -54.52 2.86
N GLU H 292 -21.27 -55.53 2.04
CA GLU H 292 -21.93 -55.68 0.76
C GLU H 292 -23.43 -55.84 0.97
N ASP H 293 -23.83 -56.94 1.59
CA ASP H 293 -25.21 -57.18 1.97
C ASP H 293 -25.31 -57.01 3.47
N VAL H 294 -26.04 -55.99 3.90
CA VAL H 294 -25.83 -55.40 5.22
C VAL H 294 -26.43 -56.34 6.27
N THR H 295 -25.62 -57.33 6.67
CA THR H 295 -26.00 -58.34 7.65
C THR H 295 -24.77 -58.74 8.43
N CYS H 296 -25.03 -59.45 9.53
CA CYS H 296 -23.99 -60.12 10.29
C CYS H 296 -24.11 -61.61 10.06
N TYR H 297 -23.10 -62.20 9.43
CA TYR H 297 -22.86 -63.60 9.71
C TYR H 297 -22.14 -63.67 11.05
N ARG H 298 -22.11 -64.87 11.64
CA ARG H 298 -21.65 -65.10 13.01
C ARG H 298 -22.43 -64.26 14.02
N HIS H 299 -23.74 -64.16 13.85
CA HIS H 299 -24.60 -63.47 14.80
C HIS H 299 -24.60 -64.22 16.14
N PRO H 300 -24.89 -63.55 17.25
CA PRO H 300 -25.01 -64.25 18.54
C PRO H 300 -26.04 -65.39 18.58
N SER H 301 -27.04 -65.41 17.71
CA SER H 301 -27.93 -66.55 17.62
C SER H 301 -27.29 -67.75 16.92
N THR H 302 -26.24 -67.53 16.13
CA THR H 302 -25.55 -68.63 15.48
C THR H 302 -24.75 -69.46 16.49
N GLY H 303 -24.22 -68.81 17.51
CA GLY H 303 -23.35 -69.46 18.45
C GLY H 303 -21.90 -69.45 18.06
N LYS H 304 -21.54 -68.73 16.99
CA LYS H 304 -20.17 -68.70 16.49
C LYS H 304 -19.67 -67.27 16.35
N ASP H 305 -20.18 -66.35 17.16
CA ASP H 305 -19.49 -65.09 17.35
C ASP H 305 -18.35 -65.27 18.34
N PHE H 306 -17.53 -64.24 18.46
CA PHE H 306 -16.30 -64.34 19.25
C PHE H 306 -16.58 -64.37 20.75
N PHE H 307 -17.72 -63.83 21.20
CA PHE H 307 -17.98 -63.87 22.63
C PHE H 307 -18.62 -65.18 23.07
N SER H 308 -19.07 -66.01 22.13
CA SER H 308 -19.49 -67.37 22.45
C SER H 308 -18.35 -68.37 22.37
N ILE H 309 -17.28 -68.01 21.66
CA ILE H 309 -16.11 -68.87 21.57
C ILE H 309 -15.13 -68.60 22.73
N LEU H 310 -15.16 -67.40 23.32
CA LEU H 310 -14.45 -67.17 24.58
C LEU H 310 -15.03 -67.97 25.74
N GLN H 311 -16.33 -68.18 25.76
CA GLN H 311 -16.91 -68.91 26.87
C GLN H 311 -16.64 -70.40 26.78
N GLN H 312 -16.15 -70.89 25.64
CA GLN H 312 -15.69 -72.25 25.50
C GLN H 312 -14.17 -72.33 25.40
N ALA H 313 -13.46 -71.34 25.93
CA ALA H 313 -12.01 -71.34 25.84
C ALA H 313 -11.38 -72.35 26.78
N GLU H 314 -12.04 -72.62 27.91
CA GLU H 314 -11.59 -73.70 28.77
C GLU H 314 -11.82 -75.05 28.10
N HIS H 315 -12.87 -75.16 27.30
CA HIS H 315 -13.18 -76.39 26.56
C HIS H 315 -12.14 -76.69 25.49
N TYR H 316 -11.60 -75.66 24.84
CA TYR H 316 -10.63 -75.84 23.77
C TYR H 316 -9.28 -76.31 24.26
N ILE H 317 -9.01 -76.24 25.57
CA ILE H 317 -7.72 -76.66 26.08
C ILE H 317 -7.67 -78.19 26.20
N GLU H 318 -8.78 -78.83 26.56
CA GLU H 318 -8.80 -80.30 26.56
C GLU H 318 -8.71 -80.88 25.17
N VAL H 319 -9.21 -80.16 24.16
CA VAL H 319 -9.16 -80.67 22.79
C VAL H 319 -7.74 -80.55 22.25
N LEU H 320 -7.05 -79.45 22.53
CA LEU H 320 -5.70 -79.26 22.03
C LEU H 320 -4.65 -80.03 22.82
N SER H 321 -4.94 -80.41 24.06
CA SER H 321 -3.99 -81.16 24.86
C SER H 321 -4.26 -82.66 24.84
N ALA H 322 -5.10 -83.13 23.93
CA ALA H 322 -5.27 -84.56 23.70
C ALA H 322 -4.25 -85.03 22.67
N ASN H 323 -4.42 -86.25 22.17
CA ASN H 323 -3.60 -86.75 21.08
C ASN H 323 -4.39 -86.99 19.80
N LYS H 324 -5.72 -86.98 19.89
CA LYS H 324 -6.57 -87.21 18.74
C LYS H 324 -6.53 -86.00 17.81
N THR H 325 -6.63 -86.24 16.51
CA THR H 325 -6.57 -85.09 15.58
C THR H 325 -7.79 -84.21 15.88
N PRO H 326 -7.62 -82.87 16.04
CA PRO H 326 -8.76 -81.98 16.31
C PRO H 326 -9.66 -81.96 15.08
N ALA H 327 -10.98 -81.86 15.29
CA ALA H 327 -11.92 -81.80 14.15
C ALA H 327 -11.77 -80.47 13.42
N GLN H 328 -12.02 -80.45 12.11
CA GLN H 328 -11.91 -79.19 11.30
C GLN H 328 -12.91 -78.16 11.82
N GLU H 329 -14.11 -78.61 12.19
CA GLU H 329 -15.16 -77.71 12.73
C GLU H 329 -14.65 -77.03 14.01
N THR H 330 -13.90 -77.74 14.87
CA THR H 330 -13.50 -77.07 16.10
C THR H 330 -12.05 -76.61 16.07
N ILE H 331 -11.41 -76.58 14.90
CA ILE H 331 -10.18 -75.80 14.75
C ILE H 331 -10.36 -74.62 13.81
N ASN H 332 -11.45 -74.58 13.05
CA ASN H 332 -11.82 -73.33 12.40
C ASN H 332 -12.38 -72.34 13.41
N ASP H 333 -12.84 -72.83 14.55
CA ASP H 333 -13.15 -71.97 15.68
C ASP H 333 -11.90 -71.48 16.39
N MET H 334 -10.78 -72.19 16.25
CA MET H 334 -9.54 -71.74 16.85
C MET H 334 -8.82 -70.73 15.99
N HIS H 335 -9.00 -70.81 14.66
CA HIS H 335 -8.41 -69.80 13.80
C HIS H 335 -9.12 -68.46 13.97
N PHE H 336 -10.44 -68.49 14.15
CA PHE H 336 -11.19 -67.27 14.39
C PHE H 336 -10.94 -66.73 15.78
N LEU H 337 -10.60 -67.61 16.72
CA LEU H 337 -10.26 -67.17 18.06
C LEU H 337 -8.92 -66.46 18.06
N MET H 338 -7.97 -66.96 17.28
CA MET H 338 -6.64 -66.37 17.20
C MET H 338 -6.61 -65.12 16.34
N ALA H 339 -7.45 -65.04 15.32
CA ALA H 339 -7.43 -63.88 14.44
C ALA H 339 -8.06 -62.65 15.08
N ASN H 340 -8.85 -62.82 16.13
CA ASN H 340 -9.39 -61.67 16.85
C ASN H 340 -8.48 -61.18 17.96
N LEU H 341 -7.51 -61.99 18.36
CA LEU H 341 -6.52 -61.51 19.30
C LEU H 341 -5.41 -60.75 18.57
N ILE H 342 -5.11 -61.16 17.34
CA ILE H 342 -4.24 -60.40 16.47
C ILE H 342 -4.92 -59.10 16.06
N LYS H 343 -6.25 -59.09 15.95
CA LYS H 343 -6.96 -57.87 15.64
C LYS H 343 -7.01 -56.95 16.85
N GLY H 344 -7.02 -57.50 18.05
CA GLY H 344 -7.04 -56.70 19.25
C GLY H 344 -8.42 -56.20 19.60
N GLY H 345 -8.49 -55.43 20.67
CA GLY H 345 -9.74 -54.77 21.02
C GLY H 345 -10.15 -54.87 22.46
N MET H 346 -11.04 -53.98 22.88
CA MET H 346 -11.67 -54.07 24.18
C MET H 346 -12.62 -55.26 24.20
N PHE H 347 -12.47 -56.14 25.18
CA PHE H 347 -13.31 -57.32 25.29
C PHE H 347 -14.17 -57.30 26.54
N GLN H 348 -14.48 -56.11 27.08
CA GLN H 348 -15.21 -55.99 28.33
C GLN H 348 -16.70 -56.18 28.12
N HIS H 349 -17.47 -55.75 29.11
CA HIS H 349 -18.90 -55.99 29.23
C HIS H 349 -19.39 -55.01 30.29
N LYS H 350 -20.72 -54.99 30.47
CA LYS H 350 -21.39 -54.37 31.64
C LYS H 350 -21.10 -52.88 31.85
N MET I 1 -42.56 -55.74 -6.57
CA MET I 1 -41.37 -55.88 -5.74
C MET I 1 -41.02 -54.55 -5.11
N LYS I 2 -40.73 -54.56 -3.82
CA LYS I 2 -40.52 -53.34 -3.06
C LYS I 2 -39.10 -52.82 -3.24
N LEU I 3 -38.94 -51.51 -3.11
CA LEU I 3 -37.56 -51.06 -3.12
C LEU I 3 -36.95 -51.20 -1.72
N PRO I 4 -35.76 -51.76 -1.59
CA PRO I 4 -35.12 -51.87 -0.27
C PRO I 4 -34.64 -50.54 0.27
N THR I 5 -34.13 -50.54 1.49
CA THR I 5 -33.55 -49.33 2.06
C THR I 5 -32.11 -49.13 1.65
N ASN I 6 -31.47 -50.13 1.04
CA ASN I 6 -30.13 -50.00 0.50
C ASN I 6 -30.08 -50.76 -0.81
N LEU I 7 -29.86 -50.06 -1.93
CA LEU I 7 -29.65 -50.74 -3.19
C LEU I 7 -28.83 -49.81 -4.08
N ALA I 8 -27.62 -50.24 -4.45
CA ALA I 8 -26.73 -49.41 -5.25
C ALA I 8 -25.86 -50.30 -6.13
N TYR I 9 -25.55 -49.83 -7.33
CA TYR I 9 -24.63 -50.56 -8.18
C TYR I 9 -23.47 -49.66 -8.58
N GLU I 10 -22.42 -50.28 -9.08
CA GLU I 10 -21.32 -49.58 -9.70
C GLU I 10 -21.47 -49.58 -11.21
N ARG I 11 -20.86 -48.60 -11.85
CA ARG I 11 -20.93 -48.51 -13.29
C ARG I 11 -20.05 -49.55 -13.95
N SER I 12 -20.51 -50.06 -15.09
CA SER I 12 -19.78 -51.07 -15.84
C SER I 12 -18.97 -50.48 -16.97
N ILE I 13 -19.14 -49.21 -17.30
CA ILE I 13 -18.37 -48.54 -18.33
C ILE I 13 -17.65 -47.36 -17.68
N ASP I 14 -16.35 -47.28 -17.88
CA ASP I 14 -15.50 -46.30 -17.21
C ASP I 14 -14.69 -45.53 -18.25
N PRO I 15 -15.19 -44.39 -18.72
CA PRO I 15 -14.41 -43.58 -19.66
C PRO I 15 -13.45 -42.65 -18.94
N SER I 16 -12.68 -41.87 -19.70
CA SER I 16 -11.75 -40.91 -19.12
C SER I 16 -11.92 -39.57 -19.81
N ASP I 17 -11.08 -38.62 -19.42
CA ASP I 17 -11.02 -37.33 -20.09
C ASP I 17 -10.42 -37.48 -21.47
N VAL I 18 -10.82 -36.60 -22.38
CA VAL I 18 -10.29 -36.59 -23.73
C VAL I 18 -9.26 -35.46 -23.82
N CYS I 19 -8.07 -35.78 -24.30
CA CYS I 19 -6.99 -34.81 -24.43
C CYS I 19 -6.84 -34.39 -25.89
N PHE I 20 -6.71 -33.10 -26.11
CA PHE I 20 -6.64 -32.53 -27.45
C PHE I 20 -5.20 -32.16 -27.77
N PHE I 21 -4.75 -32.53 -28.97
CA PHE I 21 -3.40 -32.28 -29.44
C PHE I 21 -3.43 -31.60 -30.79
N VAL I 22 -2.30 -30.99 -31.14
CA VAL I 22 -2.12 -30.35 -32.44
C VAL I 22 -0.97 -31.07 -33.12
N VAL I 23 -1.27 -31.68 -34.26
CA VAL I 23 -0.24 -32.33 -35.08
C VAL I 23 0.21 -31.35 -36.14
N TRP I 24 1.47 -31.05 -36.13
CA TRP I 24 2.10 -30.20 -37.10
C TRP I 24 2.58 -31.02 -38.28
N PRO I 25 2.74 -30.43 -39.46
CA PRO I 25 3.45 -31.13 -40.53
C PRO I 25 4.89 -31.35 -40.16
N ASP I 26 5.47 -32.43 -40.68
CA ASP I 26 6.64 -33.16 -40.18
C ASP I 26 6.41 -33.78 -38.81
N ASP I 27 5.14 -33.92 -38.41
CA ASP I 27 4.67 -34.89 -37.41
C ASP I 27 5.29 -34.69 -36.03
N ARG I 28 5.06 -33.51 -35.47
CA ARG I 28 5.34 -33.27 -34.07
C ARG I 28 4.05 -32.83 -33.39
N LYS I 29 3.87 -33.24 -32.14
CA LYS I 29 2.63 -33.02 -31.43
C LYS I 29 2.84 -32.03 -30.31
N THR I 30 1.79 -31.26 -30.02
CA THR I 30 1.81 -30.16 -29.10
C THR I 30 0.42 -30.11 -28.50
N PRO I 31 0.29 -29.93 -27.18
CA PRO I 31 -1.05 -29.80 -26.59
C PRO I 31 -1.72 -28.50 -27.01
N LEU I 32 -2.98 -28.62 -27.38
CA LEU I 32 -3.79 -27.47 -27.77
C LEU I 32 -4.01 -26.55 -26.57
N THR I 33 -3.92 -25.25 -26.80
CA THR I 33 -4.07 -24.27 -25.73
C THR I 33 -5.20 -23.31 -26.06
N TYR I 34 -5.59 -22.50 -25.08
CA TYR I 34 -6.64 -21.53 -25.28
C TYR I 34 -6.31 -20.24 -24.54
N ASN I 35 -7.14 -19.23 -24.78
CA ASN I 35 -6.99 -17.93 -24.16
C ASN I 35 -8.37 -17.33 -23.90
N SER I 36 -8.46 -16.53 -22.85
CA SER I 36 -9.66 -15.75 -22.58
C SER I 36 -9.54 -14.42 -23.30
N ARG I 37 -10.61 -13.99 -23.95
CA ARG I 37 -10.61 -12.66 -24.53
C ARG I 37 -11.95 -11.98 -24.39
N THR I 38 -11.91 -10.69 -24.12
CA THR I 38 -13.11 -9.87 -24.01
C THR I 38 -13.56 -9.43 -25.39
N LEU I 39 -14.88 -9.38 -25.57
CA LEU I 39 -15.49 -8.99 -26.83
C LEU I 39 -16.51 -7.91 -26.55
N LEU I 40 -17.28 -7.56 -27.58
CA LEU I 40 -18.26 -6.50 -27.45
C LEU I 40 -19.38 -6.76 -28.44
N GLY I 41 -20.58 -7.00 -27.92
CA GLY I 41 -21.74 -7.24 -28.75
C GLY I 41 -22.81 -6.18 -28.56
N GLN I 42 -23.93 -6.39 -29.24
CA GLN I 42 -25.11 -5.54 -29.06
C GLN I 42 -25.77 -5.85 -27.73
N MET I 43 -26.92 -5.24 -27.50
CA MET I 43 -27.52 -5.27 -26.18
C MET I 43 -28.80 -6.10 -26.25
N GLU I 44 -28.74 -7.22 -26.96
CA GLU I 44 -29.85 -8.14 -27.07
C GLU I 44 -30.00 -8.94 -25.78
N ALA I 45 -31.13 -8.77 -25.09
CA ALA I 45 -31.48 -9.73 -24.06
C ALA I 45 -32.96 -10.04 -23.96
N ALA I 46 -33.86 -9.20 -24.51
CA ALA I 46 -35.31 -9.13 -24.29
C ALA I 46 -35.69 -8.86 -22.84
N SER I 47 -34.72 -8.61 -21.97
CA SER I 47 -34.92 -8.15 -20.62
C SER I 47 -34.36 -6.77 -20.42
N LEU I 48 -33.66 -6.24 -21.42
CA LEU I 48 -33.13 -4.90 -21.42
C LEU I 48 -33.98 -3.94 -22.23
N ALA I 49 -34.97 -4.45 -22.94
CA ALA I 49 -35.92 -3.63 -23.68
C ALA I 49 -37.37 -3.86 -23.29
N TYR I 50 -37.69 -5.01 -22.71
CA TYR I 50 -39.05 -5.36 -22.30
C TYR I 50 -39.07 -5.69 -20.81
N ASP I 51 -40.26 -5.60 -20.24
CA ASP I 51 -40.45 -6.04 -18.86
C ASP I 51 -40.99 -7.46 -18.86
N VAL I 52 -41.41 -7.92 -17.68
CA VAL I 52 -41.89 -9.29 -17.53
C VAL I 52 -43.21 -9.49 -18.28
N SER I 53 -44.07 -8.47 -18.27
CA SER I 53 -45.37 -8.59 -18.93
C SER I 53 -45.23 -8.55 -20.45
N GLY I 54 -44.52 -7.58 -20.99
CA GLY I 54 -44.26 -7.56 -22.41
C GLY I 54 -44.33 -6.21 -23.10
N GLN I 55 -44.71 -5.17 -22.37
CA GLN I 55 -44.69 -3.84 -22.95
C GLN I 55 -43.27 -3.28 -22.90
N PRO I 56 -42.93 -2.35 -23.81
CA PRO I 56 -41.58 -1.79 -23.79
C PRO I 56 -41.33 -0.94 -22.56
N ILE I 57 -40.16 -1.13 -21.97
CA ILE I 57 -39.73 -0.28 -20.86
C ILE I 57 -39.40 1.10 -21.41
N LYS I 58 -39.73 2.14 -20.64
CA LYS I 58 -39.55 3.50 -21.12
C LYS I 58 -38.18 4.08 -20.79
N SER I 59 -37.34 3.33 -20.09
CA SER I 59 -35.98 3.79 -19.84
C SER I 59 -35.05 3.48 -21.00
N ALA I 60 -35.29 2.39 -21.72
CA ALA I 60 -34.42 1.94 -22.80
C ALA I 60 -34.80 2.70 -24.06
N THR I 61 -34.20 3.85 -24.24
CA THR I 61 -34.41 4.64 -25.45
C THR I 61 -33.57 4.07 -26.58
N ALA I 62 -33.72 4.64 -27.78
CA ALA I 62 -32.97 4.16 -28.94
C ALA I 62 -31.48 4.47 -28.83
N GLU I 63 -31.10 5.47 -28.06
CA GLU I 63 -29.69 5.79 -27.88
C GLU I 63 -29.07 4.94 -26.78
N ALA I 64 -29.85 4.64 -25.74
CA ALA I 64 -29.33 3.86 -24.63
C ALA I 64 -29.32 2.38 -24.90
N LEU I 65 -29.93 1.93 -25.99
CA LEU I 65 -30.00 0.53 -26.34
C LEU I 65 -29.02 0.17 -27.46
N ALA I 66 -28.19 1.12 -27.89
CA ALA I 66 -27.17 0.91 -28.89
C ALA I 66 -25.79 1.24 -28.33
N GLN I 67 -25.53 0.80 -27.11
CA GLN I 67 -24.40 1.32 -26.37
C GLN I 67 -23.19 0.40 -26.38
N GLY I 68 -23.39 -0.91 -26.28
CA GLY I 68 -22.25 -1.81 -26.31
C GLY I 68 -22.14 -2.63 -25.05
N ASN I 69 -22.21 -3.95 -25.19
CA ASN I 69 -22.29 -4.86 -24.05
C ASN I 69 -21.05 -5.75 -24.04
N PRO I 70 -20.06 -5.44 -23.21
CA PRO I 70 -18.84 -6.26 -23.18
C PRO I 70 -19.02 -7.56 -22.41
N HIS I 71 -18.52 -8.63 -23.00
CA HIS I 71 -18.51 -9.95 -22.39
C HIS I 71 -17.08 -10.45 -22.35
N GLN I 72 -16.88 -11.62 -21.76
CA GLN I 72 -15.58 -12.27 -21.72
C GLN I 72 -15.79 -13.76 -21.80
N VAL I 73 -15.15 -14.41 -22.78
CA VAL I 73 -15.29 -15.84 -22.98
C VAL I 73 -13.90 -16.45 -23.13
N ASP I 74 -13.84 -17.76 -22.94
CA ASP I 74 -12.68 -18.51 -23.38
C ASP I 74 -12.82 -18.85 -24.85
N PHE I 75 -11.69 -18.92 -25.53
CA PHE I 75 -11.69 -19.08 -26.96
C PHE I 75 -10.58 -20.04 -27.33
N CYS I 76 -10.91 -21.07 -28.09
CA CYS I 76 -9.93 -22.08 -28.47
C CYS I 76 -10.09 -22.36 -29.94
N HIS I 77 -8.99 -22.31 -30.68
CA HIS I 77 -9.02 -22.56 -32.11
C HIS I 77 -7.79 -23.33 -32.52
N VAL I 78 -7.80 -23.84 -33.75
CA VAL I 78 -6.69 -24.59 -34.33
C VAL I 78 -5.65 -23.57 -34.79
N PRO I 79 -4.36 -23.80 -34.55
CA PRO I 79 -3.34 -22.88 -35.04
C PRO I 79 -3.25 -22.88 -36.57
N TYR I 80 -2.47 -21.94 -37.11
CA TYR I 80 -2.53 -21.68 -38.55
C TYR I 80 -1.86 -22.80 -39.35
N GLY I 81 -0.62 -23.12 -39.02
CA GLY I 81 0.05 -24.10 -39.84
C GLY I 81 -0.22 -25.54 -39.50
N ALA I 82 -1.20 -25.82 -38.64
CA ALA I 82 -1.44 -27.15 -38.13
C ALA I 82 -2.00 -28.06 -39.20
N SER I 83 -1.79 -29.37 -39.02
CA SER I 83 -2.28 -30.35 -39.97
C SER I 83 -3.66 -30.88 -39.55
N HIS I 84 -3.74 -31.46 -38.35
CA HIS I 84 -4.99 -31.98 -37.83
C HIS I 84 -4.93 -31.97 -36.30
N ILE I 85 -5.84 -32.71 -35.66
CA ILE I 85 -5.99 -32.73 -34.21
C ILE I 85 -6.15 -34.17 -33.74
N GLU I 86 -5.32 -34.59 -32.78
CA GLU I 86 -5.48 -35.87 -32.12
C GLU I 86 -6.40 -35.72 -30.91
N CYS I 87 -7.19 -36.75 -30.64
CA CYS I 87 -8.06 -36.78 -29.46
C CYS I 87 -8.03 -38.20 -28.91
N SER I 88 -7.55 -38.37 -27.69
CA SER I 88 -7.28 -39.70 -27.15
C SER I 88 -7.84 -39.87 -25.74
N PHE I 89 -8.45 -41.02 -25.48
CA PHE I 89 -8.99 -41.37 -24.17
C PHE I 89 -9.02 -42.90 -24.08
N SER I 90 -9.70 -43.43 -23.07
CA SER I 90 -9.76 -44.87 -22.87
C SER I 90 -11.05 -45.28 -22.18
N VAL I 91 -11.56 -46.46 -22.54
CA VAL I 91 -12.81 -46.99 -22.00
C VAL I 91 -12.53 -48.37 -21.42
N SER I 92 -13.26 -48.72 -20.37
CA SER I 92 -13.26 -50.07 -19.81
C SER I 92 -14.69 -50.60 -19.77
N PHE I 93 -14.84 -51.92 -19.87
CA PHE I 93 -16.14 -52.60 -19.81
C PHE I 93 -15.98 -53.74 -18.81
N SER I 94 -16.54 -53.62 -17.61
CA SER I 94 -15.99 -54.44 -16.54
C SER I 94 -17.02 -55.03 -15.59
N SER I 95 -18.11 -55.60 -16.09
CA SER I 95 -18.83 -56.70 -15.42
C SER I 95 -19.43 -56.38 -14.05
N GLU I 96 -19.53 -55.09 -13.70
CA GLU I 96 -20.08 -54.68 -12.38
C GLU I 96 -21.59 -54.95 -12.28
N LEU I 97 -22.28 -55.11 -13.40
CA LEU I 97 -23.75 -55.28 -13.44
C LEU I 97 -24.24 -56.65 -12.95
N ARG I 98 -23.35 -57.64 -12.82
CA ARG I 98 -23.80 -59.01 -12.46
C ARG I 98 -24.51 -59.08 -11.09
N GLN I 99 -23.98 -58.44 -10.04
CA GLN I 99 -24.67 -58.47 -8.72
C GLN I 99 -24.63 -57.08 -8.09
N PRO I 100 -25.57 -56.67 -7.21
CA PRO I 100 -25.58 -55.32 -6.66
C PRO I 100 -24.36 -55.04 -5.79
N TYR I 101 -23.93 -53.79 -5.80
CA TYR I 101 -22.82 -53.38 -4.95
C TYR I 101 -23.23 -53.35 -3.49
N LYS I 102 -24.48 -53.02 -3.19
CA LYS I 102 -24.94 -52.95 -1.82
C LYS I 102 -26.43 -53.27 -1.85
N CYS I 103 -26.86 -54.24 -1.04
CA CYS I 103 -28.27 -54.63 -1.01
C CYS I 103 -28.56 -55.34 0.30
N ASN I 104 -29.35 -54.71 1.18
CA ASN I 104 -29.63 -55.30 2.48
C ASN I 104 -30.69 -56.40 2.44
N SER I 105 -31.45 -56.52 1.36
CA SER I 105 -32.49 -57.53 1.22
C SER I 105 -31.94 -58.67 0.38
N SER I 106 -31.90 -59.87 0.96
CA SER I 106 -31.39 -61.02 0.22
C SER I 106 -32.36 -61.51 -0.84
N LYS I 107 -33.65 -61.19 -0.72
CA LYS I 107 -34.61 -61.60 -1.73
C LYS I 107 -34.47 -60.77 -3.00
N VAL I 108 -34.15 -59.48 -2.85
CA VAL I 108 -34.00 -58.61 -4.01
C VAL I 108 -32.69 -58.90 -4.73
N LYS I 109 -31.66 -59.30 -4.00
CA LYS I 109 -30.38 -59.67 -4.61
C LYS I 109 -30.52 -60.92 -5.47
N GLN I 110 -31.27 -61.91 -4.97
CA GLN I 110 -31.48 -63.16 -5.75
C GLN I 110 -32.28 -62.83 -7.03
N THR I 111 -33.31 -61.99 -6.91
CA THR I 111 -34.16 -61.62 -8.08
C THR I 111 -33.36 -60.85 -9.12
N LEU I 112 -32.55 -59.89 -8.69
CA LEU I 112 -31.72 -59.06 -9.61
C LEU I 112 -30.67 -59.93 -10.31
N VAL I 113 -30.06 -60.86 -9.58
CA VAL I 113 -29.02 -61.78 -10.15
C VAL I 113 -29.65 -62.69 -11.21
N GLN I 114 -30.86 -63.21 -10.97
CA GLN I 114 -31.52 -64.12 -11.94
C GLN I 114 -31.78 -63.41 -13.27
N LEU I 115 -32.29 -62.17 -13.20
CA LEU I 115 -32.58 -61.35 -14.37
C LEU I 115 -31.39 -61.21 -15.29
N VAL I 116 -30.20 -60.93 -14.74
CA VAL I 116 -29.02 -60.75 -15.56
C VAL I 116 -28.62 -62.08 -16.22
N GLU I 117 -28.82 -63.19 -15.52
CA GLU I 117 -28.53 -64.49 -16.11
C GLU I 117 -29.60 -64.94 -17.09
N LEU I 118 -30.86 -64.59 -16.83
CA LEU I 118 -31.98 -64.91 -17.77
C LEU I 118 -31.84 -64.07 -19.04
N TYR I 119 -31.53 -62.77 -18.89
CA TYR I 119 -31.39 -61.82 -20.03
C TYR I 119 -30.21 -62.25 -20.92
N GLU I 120 -29.13 -62.67 -20.29
CA GLU I 120 -27.89 -63.10 -20.98
C GLU I 120 -28.19 -64.33 -21.84
N THR I 121 -29.03 -65.24 -21.32
CA THR I 121 -29.35 -66.49 -21.98
C THR I 121 -30.45 -66.33 -23.03
N LYS I 122 -31.53 -65.63 -22.69
CA LYS I 122 -32.66 -65.56 -23.60
C LYS I 122 -32.46 -64.50 -24.67
N ILE I 123 -31.97 -63.32 -24.30
CA ILE I 123 -31.82 -62.21 -25.24
C ILE I 123 -30.39 -62.05 -25.71
N GLY I 124 -29.44 -61.97 -24.78
CA GLY I 124 -28.05 -61.90 -25.14
C GLY I 124 -27.52 -60.48 -25.09
N TRP I 125 -26.19 -60.36 -25.02
CA TRP I 125 -25.54 -59.06 -24.93
C TRP I 125 -25.17 -58.48 -26.29
N THR I 126 -25.74 -58.99 -27.37
CA THR I 126 -25.30 -58.51 -28.69
C THR I 126 -25.91 -57.14 -28.99
N GLU I 127 -27.14 -56.89 -28.57
CA GLU I 127 -27.81 -55.65 -28.92
C GLU I 127 -27.25 -54.46 -28.14
N LEU I 128 -27.00 -54.62 -26.85
CA LEU I 128 -26.46 -53.50 -26.08
C LEU I 128 -24.99 -53.24 -26.42
N ALA I 129 -24.19 -54.29 -26.59
CA ALA I 129 -22.78 -54.09 -26.90
C ALA I 129 -22.57 -53.49 -28.28
N THR I 130 -23.48 -53.71 -29.22
CA THR I 130 -23.40 -53.06 -30.52
C THR I 130 -23.73 -51.58 -30.40
N ARG I 131 -24.68 -51.23 -29.54
CA ARG I 131 -25.11 -49.84 -29.44
C ARG I 131 -24.12 -48.99 -28.67
N TYR I 132 -23.44 -49.53 -27.66
CA TYR I 132 -22.38 -48.77 -27.00
C TYR I 132 -21.19 -48.57 -27.92
N LEU I 133 -20.79 -49.62 -28.63
CA LEU I 133 -19.58 -49.58 -29.42
C LEU I 133 -19.72 -48.74 -30.68
N MET I 134 -20.94 -48.54 -31.17
CA MET I 134 -21.14 -47.63 -32.28
C MET I 134 -21.09 -46.18 -31.88
N ASN I 135 -21.01 -45.86 -30.60
CA ASN I 135 -20.75 -44.50 -30.17
C ASN I 135 -19.27 -44.24 -29.95
N ILE I 136 -18.47 -45.28 -29.69
CA ILE I 136 -17.03 -45.11 -29.70
C ILE I 136 -16.53 -45.00 -31.14
N CYS I 137 -16.99 -45.87 -32.02
CA CYS I 137 -16.38 -46.04 -33.32
C CYS I 137 -16.80 -44.97 -34.33
N ASN I 138 -17.73 -44.09 -34.00
CA ASN I 138 -17.87 -42.85 -34.73
C ASN I 138 -17.54 -41.69 -33.78
N GLY I 139 -17.72 -40.47 -34.25
CA GLY I 139 -17.36 -39.38 -33.37
C GLY I 139 -18.51 -38.90 -32.51
N LYS I 140 -19.09 -39.79 -31.71
CA LYS I 140 -20.18 -39.37 -30.85
C LYS I 140 -19.64 -38.67 -29.61
N TRP I 141 -18.52 -39.13 -29.10
CA TRP I 141 -17.82 -38.51 -27.99
C TRP I 141 -17.04 -37.25 -28.39
N LEU I 142 -16.94 -36.97 -29.68
CA LEU I 142 -16.49 -35.67 -30.19
C LEU I 142 -17.75 -34.91 -30.53
N TRP I 143 -18.24 -34.11 -29.60
CA TRP I 143 -19.63 -33.66 -29.63
C TRP I 143 -19.99 -32.73 -30.79
N LYS I 144 -19.43 -31.53 -30.82
CA LYS I 144 -19.72 -30.58 -31.89
C LYS I 144 -18.54 -30.43 -32.83
N ASN I 145 -17.44 -31.10 -32.54
CA ASN I 145 -16.24 -31.00 -33.34
C ASN I 145 -16.34 -31.87 -34.58
N THR I 146 -17.13 -32.93 -34.50
CA THR I 146 -17.54 -33.71 -35.66
C THR I 146 -18.23 -32.83 -36.70
N ARG I 147 -19.13 -31.97 -36.25
CA ARG I 147 -19.80 -31.02 -37.13
C ARG I 147 -18.79 -30.01 -37.63
N LYS I 148 -18.93 -29.63 -38.92
CA LYS I 148 -18.06 -28.68 -39.62
C LYS I 148 -16.62 -29.17 -39.73
N ALA I 149 -16.45 -30.45 -40.07
CA ALA I 149 -15.13 -31.01 -40.27
C ALA I 149 -15.05 -31.67 -41.63
N TYR I 150 -13.84 -31.73 -42.19
CA TYR I 150 -13.63 -32.39 -43.46
C TYR I 150 -13.81 -33.90 -43.33
N CYS I 151 -13.01 -34.53 -42.46
CA CYS I 151 -13.17 -35.94 -42.17
C CYS I 151 -12.62 -36.20 -40.78
N TRP I 152 -13.04 -37.34 -40.20
CA TRP I 152 -12.47 -37.80 -38.95
C TRP I 152 -12.32 -39.31 -38.99
N ASN I 153 -11.32 -39.81 -38.27
CA ASN I 153 -10.89 -41.20 -38.30
C ASN I 153 -10.75 -41.70 -36.89
N ILE I 154 -11.18 -42.93 -36.61
CA ILE I 154 -11.06 -43.52 -35.28
C ILE I 154 -10.14 -44.72 -35.37
N VAL I 155 -9.20 -44.83 -34.44
CA VAL I 155 -8.30 -45.97 -34.35
C VAL I 155 -8.42 -46.58 -32.95
N LEU I 156 -8.79 -47.85 -32.89
CA LEU I 156 -8.96 -48.57 -31.63
C LEU I 156 -7.71 -49.38 -31.30
N THR I 157 -7.50 -49.58 -30.00
CA THR I 157 -6.44 -50.46 -29.52
C THR I 157 -7.01 -51.25 -28.34
N PRO I 158 -7.65 -52.38 -28.62
CA PRO I 158 -8.21 -53.19 -27.53
C PRO I 158 -7.13 -53.93 -26.77
N TRP I 159 -7.33 -54.11 -25.46
CA TRP I 159 -6.19 -54.68 -24.76
C TRP I 159 -6.10 -56.20 -24.82
N PRO I 160 -7.10 -57.01 -24.42
CA PRO I 160 -6.77 -58.45 -24.52
C PRO I 160 -6.93 -58.95 -25.96
N TRP I 161 -5.92 -58.60 -26.78
CA TRP I 161 -6.02 -58.58 -28.23
C TRP I 161 -4.68 -59.01 -28.83
N ASN I 162 -4.74 -59.59 -30.02
CA ASN I 162 -3.55 -60.13 -30.66
C ASN I 162 -2.74 -59.05 -31.38
N GLY I 163 -3.31 -58.43 -32.40
CA GLY I 163 -2.58 -57.38 -33.10
C GLY I 163 -3.49 -56.68 -34.08
N GLU I 164 -2.85 -55.83 -34.91
CA GLU I 164 -3.48 -55.13 -36.03
C GLU I 164 -4.64 -54.23 -35.59
N LYS I 165 -4.30 -53.07 -35.01
CA LYS I 165 -5.25 -52.04 -34.54
C LYS I 165 -6.42 -51.81 -35.49
N VAL I 166 -7.58 -51.59 -34.90
CA VAL I 166 -8.83 -51.50 -35.63
C VAL I 166 -9.03 -50.06 -36.07
N GLY I 167 -9.30 -49.86 -37.34
CA GLY I 167 -9.40 -48.52 -37.91
C GLY I 167 -10.74 -48.28 -38.55
N PHE I 168 -11.22 -47.04 -38.45
CA PHE I 168 -12.51 -46.63 -39.00
C PHE I 168 -12.28 -45.32 -39.75
N GLU I 169 -11.89 -45.42 -41.02
CA GLU I 169 -11.47 -44.27 -41.79
C GLU I 169 -12.65 -43.59 -42.47
N ASP I 170 -12.64 -42.26 -42.42
CA ASP I 170 -13.56 -41.37 -43.14
C ASP I 170 -15.01 -41.68 -42.80
N ILE I 171 -15.35 -41.47 -41.53
CA ILE I 171 -16.73 -41.39 -41.14
C ILE I 171 -17.33 -40.13 -41.75
N ARG I 172 -18.68 -40.11 -41.86
CA ARG I 172 -19.61 -39.32 -42.67
C ARG I 172 -19.65 -39.84 -44.11
N THR I 173 -18.73 -40.72 -44.51
CA THR I 173 -18.76 -41.33 -45.83
C THR I 173 -18.92 -42.83 -45.77
N ASN I 174 -18.14 -43.51 -44.91
CA ASN I 174 -18.05 -44.95 -44.96
C ASN I 174 -18.81 -45.65 -43.85
N TYR I 175 -19.09 -44.98 -42.73
CA TYR I 175 -19.69 -45.63 -41.56
C TYR I 175 -20.92 -44.84 -41.15
N THR I 176 -22.03 -45.14 -41.80
CA THR I 176 -23.28 -44.42 -41.62
C THR I 176 -24.34 -45.23 -40.88
N SER I 177 -24.63 -46.43 -41.35
CA SER I 177 -25.64 -47.27 -40.75
C SER I 177 -24.99 -48.38 -39.93
N ARG I 178 -25.83 -49.26 -39.38
CA ARG I 178 -25.33 -50.40 -38.62
C ARG I 178 -24.58 -51.38 -39.50
N GLN I 179 -25.00 -51.53 -40.75
CA GLN I 179 -24.42 -52.53 -41.64
C GLN I 179 -23.02 -52.10 -42.09
N ASP I 180 -22.73 -50.80 -42.09
CA ASP I 180 -21.39 -50.34 -42.47
C ASP I 180 -20.35 -50.67 -41.43
N PHE I 181 -20.76 -50.76 -40.15
CA PHE I 181 -19.83 -51.18 -39.12
C PHE I 181 -19.57 -52.67 -39.16
N LYS I 182 -20.59 -53.46 -39.48
CA LYS I 182 -20.44 -54.91 -39.53
C LYS I 182 -19.61 -55.37 -40.72
N ASN I 183 -19.43 -54.53 -41.73
CA ASN I 183 -18.58 -54.86 -42.86
C ASN I 183 -17.11 -54.62 -42.60
N ASN I 184 -16.74 -54.20 -41.39
CA ASN I 184 -15.33 -54.03 -41.07
C ASN I 184 -14.69 -55.40 -40.92
N LYS I 185 -13.38 -55.45 -41.14
CA LYS I 185 -12.65 -56.72 -41.15
C LYS I 185 -12.71 -57.41 -39.79
N ASN I 186 -12.61 -56.63 -38.73
CA ASN I 186 -12.71 -57.14 -37.36
C ASN I 186 -13.70 -56.25 -36.62
N TRP I 187 -14.97 -56.61 -36.73
CA TRP I 187 -16.02 -56.05 -35.90
C TRP I 187 -16.62 -57.08 -34.97
N SER I 188 -16.75 -58.32 -35.41
CA SER I 188 -17.27 -59.37 -34.54
C SER I 188 -16.27 -59.79 -33.48
N ALA I 189 -14.99 -59.44 -33.63
CA ALA I 189 -14.01 -59.74 -32.61
C ALA I 189 -14.01 -58.73 -31.49
N ILE I 190 -14.58 -57.55 -31.69
CA ILE I 190 -14.58 -56.48 -30.70
C ILE I 190 -15.92 -56.46 -29.99
N VAL I 191 -17.00 -56.80 -30.71
CA VAL I 191 -18.30 -56.99 -30.08
C VAL I 191 -18.26 -58.17 -29.12
N GLU I 192 -17.56 -59.24 -29.48
CA GLU I 192 -17.44 -60.39 -28.58
C GLU I 192 -16.47 -60.16 -27.44
N MET I 193 -15.74 -59.05 -27.42
CA MET I 193 -15.03 -58.64 -26.21
C MET I 193 -15.98 -58.07 -25.18
N ILE I 194 -16.90 -57.20 -25.62
CA ILE I 194 -17.84 -56.57 -24.70
C ILE I 194 -18.86 -57.59 -24.23
N LYS I 195 -19.17 -58.58 -25.06
CA LYS I 195 -20.04 -59.67 -24.62
C LYS I 195 -19.34 -60.55 -23.60
N THR I 196 -18.05 -60.83 -23.79
CA THR I 196 -17.31 -61.64 -22.84
C THR I 196 -17.09 -60.89 -21.54
N ALA I 197 -16.94 -59.57 -21.62
CA ALA I 197 -16.75 -58.76 -20.42
C ALA I 197 -18.00 -58.75 -19.56
N PHE I 198 -19.17 -58.67 -20.17
CA PHE I 198 -20.41 -58.67 -19.40
C PHE I 198 -20.78 -60.05 -18.89
N SER I 199 -20.38 -61.10 -19.61
CA SER I 199 -20.85 -62.46 -19.34
C SER I 199 -19.95 -63.21 -18.37
N SER I 200 -18.97 -62.55 -17.79
CA SER I 200 -18.00 -63.24 -16.95
C SER I 200 -17.93 -62.55 -15.59
N THR I 201 -17.56 -63.31 -14.57
CA THR I 201 -17.47 -62.74 -13.24
C THR I 201 -16.28 -61.81 -13.09
N ASP I 202 -15.27 -61.94 -13.94
CA ASP I 202 -14.18 -60.97 -14.04
C ASP I 202 -13.91 -60.74 -15.53
N GLY I 203 -14.66 -59.83 -16.12
CA GLY I 203 -14.46 -59.43 -17.51
C GLY I 203 -13.85 -58.04 -17.53
N LEU I 204 -12.91 -57.81 -18.45
CA LEU I 204 -12.09 -56.62 -18.33
C LEU I 204 -12.19 -55.66 -19.52
N ALA I 205 -11.84 -56.08 -20.74
CA ALA I 205 -12.03 -55.34 -22.00
C ALA I 205 -11.66 -53.84 -22.04
N ILE I 206 -10.38 -53.49 -22.05
CA ILE I 206 -9.97 -52.08 -22.13
C ILE I 206 -9.75 -51.69 -23.59
N PHE I 207 -10.28 -50.53 -23.98
CA PHE I 207 -10.05 -49.93 -25.28
C PHE I 207 -9.22 -48.66 -25.13
N GLU I 208 -8.30 -48.44 -26.06
CA GLU I 208 -7.55 -47.18 -26.19
C GLU I 208 -8.02 -46.53 -27.48
N VAL I 209 -8.74 -45.43 -27.38
CA VAL I 209 -9.38 -44.81 -28.54
C VAL I 209 -8.63 -43.54 -28.89
N ARG I 210 -8.41 -43.33 -30.19
CA ARG I 210 -7.69 -42.16 -30.67
C ARG I 210 -8.30 -41.67 -31.97
N ALA I 211 -8.61 -40.38 -32.04
CA ALA I 211 -9.26 -39.80 -33.21
C ALA I 211 -8.33 -38.83 -33.92
N THR I 212 -8.75 -38.43 -35.12
CA THR I 212 -7.95 -37.59 -36.01
C THR I 212 -8.93 -36.66 -36.74
N LEU I 213 -9.01 -35.42 -36.31
CA LEU I 213 -9.96 -34.46 -36.87
C LEU I 213 -9.28 -33.50 -37.84
N HIS I 214 -9.81 -33.41 -39.05
CA HIS I 214 -9.29 -32.52 -40.09
C HIS I 214 -10.25 -31.34 -40.22
N LEU I 215 -10.01 -30.31 -39.42
CA LEU I 215 -10.85 -29.13 -39.41
C LEU I 215 -10.44 -28.20 -40.55
N PRO I 216 -11.26 -27.17 -40.87
CA PRO I 216 -10.80 -26.13 -41.80
C PRO I 216 -9.68 -25.26 -41.25
N THR I 217 -9.28 -24.25 -42.03
CA THR I 217 -8.25 -23.33 -41.61
C THR I 217 -8.72 -22.53 -40.41
N ASN I 218 -7.95 -22.60 -39.33
CA ASN I 218 -8.00 -21.65 -38.22
C ASN I 218 -9.30 -21.78 -37.43
N ALA I 219 -9.91 -22.96 -37.48
CA ALA I 219 -11.29 -23.22 -37.08
C ALA I 219 -11.41 -23.42 -35.58
N MET I 220 -12.66 -23.52 -35.14
CA MET I 220 -13.03 -23.62 -33.74
C MET I 220 -12.98 -25.04 -33.22
N VAL I 221 -12.61 -25.18 -31.94
CA VAL I 221 -12.88 -26.42 -31.24
C VAL I 221 -13.76 -26.10 -30.05
N ARG I 222 -14.61 -27.07 -29.69
CA ARG I 222 -15.66 -26.93 -28.70
C ARG I 222 -15.42 -27.92 -27.58
N PRO I 223 -14.71 -27.54 -26.53
CA PRO I 223 -14.52 -28.45 -25.41
C PRO I 223 -15.64 -28.37 -24.38
N SER I 224 -15.59 -29.22 -23.37
CA SER I 224 -16.56 -29.11 -22.29
C SER I 224 -16.17 -27.97 -21.37
N GLN I 225 -17.14 -27.48 -20.60
CA GLN I 225 -16.94 -26.23 -19.89
C GLN I 225 -17.59 -26.33 -18.52
N VAL I 226 -17.13 -25.48 -17.59
CA VAL I 226 -17.38 -25.75 -16.17
C VAL I 226 -18.78 -25.28 -15.78
N PHE I 227 -19.25 -25.80 -14.65
CA PHE I 227 -20.48 -25.33 -14.02
C PHE I 227 -20.11 -24.21 -13.06
N THR I 228 -20.77 -23.06 -13.21
CA THR I 228 -20.56 -21.95 -12.30
C THR I 228 -21.86 -21.56 -11.61
N ASN I 242 -16.33 -13.77 -16.54
CA ASN I 242 -16.10 -14.73 -17.62
C ASN I 242 -17.31 -15.63 -17.77
N SER I 243 -17.90 -15.62 -18.96
CA SER I 243 -19.17 -16.28 -19.19
C SER I 243 -19.04 -17.68 -19.76
N ARG I 244 -17.88 -18.04 -20.32
CA ARG I 244 -17.66 -19.35 -20.90
C ARG I 244 -16.29 -19.81 -20.43
N VAL I 245 -16.25 -20.71 -19.46
CA VAL I 245 -15.00 -21.14 -18.83
C VAL I 245 -14.80 -22.62 -19.13
N PHE I 246 -13.73 -22.95 -19.82
CA PHE I 246 -13.45 -24.31 -20.24
C PHE I 246 -12.93 -25.17 -19.10
N GLN I 247 -13.11 -26.48 -19.23
CA GLN I 247 -12.48 -27.45 -18.36
C GLN I 247 -11.09 -27.77 -18.91
N SER I 248 -10.13 -27.98 -18.02
CA SER I 248 -8.76 -28.08 -18.47
C SER I 248 -7.96 -28.98 -17.56
N THR I 249 -6.87 -29.53 -18.10
CA THR I 249 -5.84 -30.20 -17.32
C THR I 249 -4.46 -29.66 -17.68
N THR I 250 -3.43 -30.31 -17.13
CA THR I 250 -2.03 -29.88 -17.44
C THR I 250 -1.33 -31.01 -18.19
N ILE I 251 -0.92 -30.74 -19.42
CA ILE I 251 -0.14 -31.69 -20.27
C ILE I 251 1.19 -30.98 -20.43
N ASP I 252 2.31 -31.66 -20.18
CA ASP I 252 3.63 -30.96 -20.18
C ASP I 252 3.48 -29.83 -19.16
N GLY I 253 3.75 -28.58 -19.55
CA GLY I 253 3.57 -27.46 -18.61
C GLY I 253 2.45 -26.53 -19.03
N GLU I 254 1.57 -26.94 -19.94
CA GLU I 254 0.57 -26.02 -20.46
C GLU I 254 -0.82 -26.39 -19.95
N ARG I 255 -1.71 -25.40 -19.95
CA ARG I 255 -3.11 -25.72 -19.80
C ARG I 255 -3.61 -26.23 -21.15
N SER I 256 -4.66 -27.04 -21.11
CA SER I 256 -5.15 -27.60 -22.36
C SER I 256 -6.59 -27.97 -22.14
N PRO I 257 -7.50 -27.64 -23.08
CA PRO I 257 -8.92 -27.94 -22.96
C PRO I 257 -9.12 -29.46 -22.97
N ILE I 258 -10.08 -29.96 -22.19
CA ILE I 258 -10.37 -31.42 -22.15
C ILE I 258 -11.87 -31.64 -22.30
N LEU I 259 -12.25 -32.85 -22.70
CA LEU I 259 -13.67 -33.24 -22.76
C LEU I 259 -13.86 -34.06 -21.48
N GLY I 260 -14.82 -33.67 -20.63
CA GLY I 260 -14.95 -34.31 -19.29
C GLY I 260 -15.25 -35.79 -19.32
N ALA I 261 -14.75 -36.50 -18.31
CA ALA I 261 -14.97 -37.93 -18.15
C ALA I 261 -16.46 -38.25 -18.08
N PHE I 262 -17.23 -37.42 -17.40
CA PHE I 262 -18.66 -37.65 -17.32
C PHE I 262 -19.37 -37.18 -18.58
N LYS I 263 -18.78 -36.21 -19.28
CA LYS I 263 -19.26 -35.81 -20.59
C LYS I 263 -19.09 -36.92 -21.61
N THR I 264 -17.98 -37.65 -21.52
CA THR I 264 -17.70 -38.71 -22.48
C THR I 264 -18.58 -39.94 -22.25
N GLY I 265 -18.82 -40.27 -20.98
CA GLY I 265 -19.71 -41.38 -20.67
C GLY I 265 -21.16 -41.13 -21.01
N ALA I 266 -21.56 -39.86 -21.06
CA ALA I 266 -22.90 -39.51 -21.50
C ALA I 266 -23.08 -39.65 -22.99
N ALA I 267 -21.99 -39.70 -23.76
CA ALA I 267 -22.03 -39.87 -25.20
C ALA I 267 -22.03 -41.33 -25.62
N ILE I 268 -21.40 -42.19 -24.84
CA ILE I 268 -21.42 -43.61 -25.13
C ILE I 268 -22.79 -44.17 -24.83
N ALA I 269 -23.52 -43.57 -23.89
CA ALA I 269 -24.78 -44.09 -23.42
C ALA I 269 -26.00 -43.39 -24.03
N THR I 270 -25.86 -42.75 -25.18
CA THR I 270 -27.04 -42.29 -25.91
C THR I 270 -27.55 -43.44 -26.75
N ILE I 271 -28.39 -44.26 -26.13
CA ILE I 271 -28.86 -45.52 -26.70
C ILE I 271 -30.38 -45.59 -26.67
N ASP I 272 -30.97 -44.91 -25.70
CA ASP I 272 -32.38 -45.06 -25.35
C ASP I 272 -33.24 -44.47 -26.47
N ASP I 273 -33.74 -45.34 -27.33
CA ASP I 273 -34.80 -45.01 -28.27
C ASP I 273 -35.94 -46.00 -28.15
N TRP I 274 -36.30 -46.34 -26.92
CA TRP I 274 -37.44 -47.22 -26.68
C TRP I 274 -38.53 -46.54 -25.88
N TYR I 275 -38.40 -45.24 -25.63
CA TYR I 275 -39.47 -44.45 -25.02
C TYR I 275 -40.62 -44.31 -26.03
N PRO I 276 -41.87 -44.15 -25.55
CA PRO I 276 -43.03 -44.58 -26.37
C PRO I 276 -43.26 -43.86 -27.70
N GLU I 277 -42.61 -42.74 -27.97
CA GLU I 277 -42.75 -42.05 -29.26
C GLU I 277 -41.38 -41.72 -29.83
N ALA I 278 -40.51 -42.73 -29.86
CA ALA I 278 -39.08 -42.51 -30.06
C ALA I 278 -38.75 -42.06 -31.47
N THR I 279 -38.01 -40.96 -31.57
CA THR I 279 -37.42 -40.51 -32.81
C THR I 279 -35.90 -40.45 -32.72
N GLU I 280 -35.37 -39.80 -31.70
CA GLU I 280 -33.98 -39.53 -31.39
C GLU I 280 -33.54 -40.35 -30.19
N PRO I 281 -32.34 -40.94 -30.21
CA PRO I 281 -31.87 -41.68 -29.04
C PRO I 281 -31.46 -40.76 -27.90
N LEU I 282 -31.87 -41.14 -26.70
CA LEU I 282 -31.63 -40.39 -25.49
C LEU I 282 -30.51 -41.00 -24.65
N ARG I 283 -29.92 -40.16 -23.81
CA ARG I 283 -28.95 -40.64 -22.85
C ARG I 283 -29.66 -41.47 -21.79
N VAL I 284 -29.07 -42.61 -21.46
CA VAL I 284 -29.70 -43.57 -20.57
C VAL I 284 -29.78 -42.99 -19.16
N GLY I 285 -31.00 -42.97 -18.62
CA GLY I 285 -31.19 -42.55 -17.24
C GLY I 285 -32.56 -43.00 -16.78
N ARG I 286 -32.76 -42.93 -15.48
CA ARG I 286 -34.09 -43.05 -14.92
C ARG I 286 -34.94 -41.89 -15.40
N PHE I 287 -36.20 -42.18 -15.71
CA PHE I 287 -37.18 -41.27 -16.33
C PHE I 287 -36.60 -40.38 -17.43
N GLY I 288 -35.94 -41.05 -18.39
CA GLY I 288 -34.98 -40.49 -19.34
C GLY I 288 -35.25 -39.15 -19.97
N VAL I 289 -34.43 -38.17 -19.64
CA VAL I 289 -34.76 -36.79 -19.94
C VAL I 289 -34.19 -36.44 -21.30
N HIS I 290 -34.77 -35.40 -21.89
CA HIS I 290 -34.28 -34.81 -23.12
C HIS I 290 -33.90 -33.38 -22.78
N ARG I 291 -32.70 -32.97 -23.13
CA ARG I 291 -32.29 -31.63 -22.77
C ARG I 291 -32.44 -30.62 -23.91
N GLU I 292 -32.74 -31.08 -25.12
CA GLU I 292 -33.14 -30.21 -26.21
C GLU I 292 -34.42 -29.49 -25.85
N ASP I 293 -35.51 -30.23 -25.72
CA ASP I 293 -36.77 -29.72 -25.21
C ASP I 293 -36.91 -30.19 -23.77
N VAL I 294 -37.12 -29.25 -22.85
CA VAL I 294 -36.92 -29.56 -21.44
C VAL I 294 -38.13 -30.36 -20.95
N THR I 295 -38.08 -31.67 -21.14
CA THR I 295 -39.13 -32.57 -20.74
C THR I 295 -38.51 -33.89 -20.31
N CYS I 296 -39.34 -34.70 -19.68
CA CYS I 296 -39.03 -36.10 -19.40
C CYS I 296 -39.96 -36.95 -20.25
N TYR I 297 -39.39 -37.58 -21.26
CA TYR I 297 -39.99 -38.81 -21.73
C TYR I 297 -39.72 -39.86 -20.66
N ARG I 298 -40.54 -40.91 -20.65
CA ARG I 298 -40.56 -41.92 -19.58
C ARG I 298 -40.85 -41.29 -18.21
N HIS I 299 -41.80 -40.35 -18.16
CA HIS I 299 -42.27 -39.81 -16.90
C HIS I 299 -42.98 -40.91 -16.09
N PRO I 300 -43.02 -40.80 -14.76
CA PRO I 300 -43.76 -41.80 -13.96
C PRO I 300 -45.24 -41.95 -14.29
N SER I 301 -45.87 -40.97 -14.93
CA SER I 301 -47.24 -41.15 -15.40
C SER I 301 -47.31 -42.09 -16.59
N THR I 302 -46.22 -42.23 -17.35
CA THR I 302 -46.21 -43.16 -18.48
C THR I 302 -46.16 -44.60 -17.99
N GLY I 303 -45.57 -44.82 -16.82
CA GLY I 303 -45.37 -46.16 -16.32
C GLY I 303 -44.18 -46.86 -16.91
N LYS I 304 -43.35 -46.15 -17.66
CA LYS I 304 -42.21 -46.74 -18.34
C LYS I 304 -40.91 -46.05 -17.96
N ASP I 305 -40.83 -45.51 -16.75
CA ASP I 305 -39.55 -45.17 -16.18
C ASP I 305 -38.90 -46.42 -15.59
N PHE I 306 -37.73 -46.26 -15.01
CA PHE I 306 -36.98 -47.42 -14.52
C PHE I 306 -37.58 -47.99 -13.25
N PHE I 307 -38.19 -47.16 -12.40
CA PHE I 307 -38.70 -47.66 -11.14
C PHE I 307 -40.04 -48.36 -11.28
N SER I 308 -40.77 -48.13 -12.37
CA SER I 308 -41.96 -48.92 -12.65
C SER I 308 -41.66 -50.19 -13.41
N ILE I 309 -40.44 -50.34 -13.92
CA ILE I 309 -40.01 -51.52 -14.63
C ILE I 309 -39.24 -52.39 -13.65
N LEU I 310 -38.56 -51.74 -12.70
CA LEU I 310 -37.83 -52.49 -11.67
C LEU I 310 -38.78 -53.19 -10.72
N GLN I 311 -39.99 -52.67 -10.54
CA GLN I 311 -40.97 -53.36 -9.72
C GLN I 311 -41.58 -54.55 -10.44
N GLN I 312 -41.52 -54.60 -11.76
CA GLN I 312 -42.02 -55.72 -12.55
C GLN I 312 -40.93 -56.74 -12.81
N ALA I 313 -39.88 -56.75 -11.99
CA ALA I 313 -38.75 -57.65 -12.21
C ALA I 313 -39.12 -59.09 -11.96
N GLU I 314 -40.07 -59.34 -11.06
CA GLU I 314 -40.52 -60.70 -10.83
C GLU I 314 -41.38 -61.19 -11.98
N HIS I 315 -42.15 -60.29 -12.62
CA HIS I 315 -42.96 -60.66 -13.76
C HIS I 315 -42.12 -60.96 -14.99
N TYR I 316 -40.99 -60.26 -15.15
CA TYR I 316 -40.11 -60.48 -16.29
C TYR I 316 -39.35 -61.79 -16.22
N ILE I 317 -39.36 -62.46 -15.07
CA ILE I 317 -38.66 -63.73 -14.97
C ILE I 317 -39.47 -64.85 -15.62
N GLU I 318 -40.80 -64.84 -15.47
CA GLU I 318 -41.60 -65.85 -16.15
C GLU I 318 -41.68 -65.62 -17.65
N VAL I 319 -41.42 -64.40 -18.12
CA VAL I 319 -41.40 -64.16 -19.55
C VAL I 319 -40.12 -64.70 -20.16
N LEU I 320 -39.00 -64.55 -19.46
CA LEU I 320 -37.71 -65.00 -19.97
C LEU I 320 -37.47 -66.49 -19.74
N SER I 321 -38.06 -67.06 -18.69
CA SER I 321 -37.91 -68.48 -18.43
C SER I 321 -38.96 -69.32 -19.14
N ALA I 322 -39.85 -68.69 -19.91
CA ALA I 322 -40.73 -69.44 -20.79
C ALA I 322 -39.98 -69.80 -22.08
N ASN I 323 -40.68 -70.42 -23.02
CA ASN I 323 -40.08 -70.84 -24.27
C ASN I 323 -40.54 -70.04 -25.47
N LYS I 324 -41.68 -69.36 -25.34
CA LYS I 324 -42.21 -68.52 -26.44
C LYS I 324 -41.27 -67.33 -26.59
N THR I 325 -40.97 -66.91 -27.81
CA THR I 325 -40.07 -65.73 -27.97
C THR I 325 -40.77 -64.55 -27.31
N PRO I 326 -40.07 -63.73 -26.50
CA PRO I 326 -40.70 -62.60 -25.81
C PRO I 326 -41.18 -61.53 -26.81
N ALA I 327 -42.27 -60.84 -26.46
CA ALA I 327 -42.80 -59.76 -27.33
C ALA I 327 -41.73 -58.68 -27.45
N GLN I 328 -41.57 -58.10 -28.64
CA GLN I 328 -40.53 -57.06 -28.86
C GLN I 328 -40.81 -55.88 -27.92
N GLU I 329 -42.08 -55.65 -27.59
CA GLU I 329 -42.44 -54.52 -26.76
C GLU I 329 -42.01 -54.70 -25.32
N THR I 330 -42.07 -55.93 -24.81
CA THR I 330 -41.63 -56.20 -23.45
C THR I 330 -40.21 -56.75 -23.39
N ILE I 331 -39.44 -56.64 -24.46
CA ILE I 331 -37.99 -56.76 -24.35
C ILE I 331 -37.29 -55.43 -24.55
N ASN I 332 -37.99 -54.42 -25.07
CA ASN I 332 -37.47 -53.06 -25.02
C ASN I 332 -37.48 -52.55 -23.58
N ASP I 333 -38.39 -53.07 -22.76
CA ASP I 333 -38.33 -52.81 -21.33
C ASP I 333 -37.16 -53.52 -20.68
N MET I 334 -36.69 -54.63 -21.27
CA MET I 334 -35.55 -55.33 -20.72
C MET I 334 -34.24 -54.73 -21.14
N HIS I 335 -34.17 -54.12 -22.32
CA HIS I 335 -32.97 -53.40 -22.71
C HIS I 335 -32.79 -52.15 -21.87
N PHE I 336 -33.89 -51.50 -21.49
CA PHE I 336 -33.82 -50.33 -20.64
C PHE I 336 -33.55 -50.70 -19.18
N LEU I 337 -33.97 -51.88 -18.76
CA LEU I 337 -33.65 -52.32 -17.41
C LEU I 337 -32.15 -52.61 -17.30
N MET I 338 -31.58 -53.26 -18.30
CA MET I 338 -30.16 -53.60 -18.30
C MET I 338 -29.27 -52.40 -18.52
N ALA I 339 -29.72 -51.41 -19.29
CA ALA I 339 -28.89 -50.25 -19.55
C ALA I 339 -28.78 -49.34 -18.34
N ASN I 340 -29.73 -49.39 -17.41
CA ASN I 340 -29.62 -48.63 -16.17
C ASN I 340 -28.81 -49.33 -15.11
N LEU I 341 -28.52 -50.61 -15.26
CA LEU I 341 -27.64 -51.27 -14.32
C LEU I 341 -26.19 -51.17 -14.76
N ILE I 342 -25.96 -51.07 -16.07
CA ILE I 342 -24.64 -50.72 -16.59
C ILE I 342 -24.32 -49.28 -16.24
N LYS I 343 -25.33 -48.43 -16.14
CA LYS I 343 -25.13 -47.05 -15.74
C LYS I 343 -24.86 -46.93 -14.25
N GLY I 344 -25.43 -47.82 -13.44
CA GLY I 344 -25.23 -47.77 -12.02
C GLY I 344 -26.14 -46.75 -11.35
N GLY I 345 -25.92 -46.57 -10.05
CA GLY I 345 -26.63 -45.56 -9.30
C GLY I 345 -27.21 -46.12 -8.02
N MET I 346 -27.70 -45.20 -7.20
CA MET I 346 -28.38 -45.52 -5.96
C MET I 346 -29.88 -45.63 -6.22
N PHE I 347 -30.46 -46.73 -5.80
CA PHE I 347 -31.83 -47.09 -6.15
C PHE I 347 -32.73 -47.15 -4.92
N GLN I 348 -32.40 -46.38 -3.88
CA GLN I 348 -33.12 -46.43 -2.62
C GLN I 348 -34.43 -45.65 -2.69
N HIS I 349 -35.00 -45.37 -1.53
CA HIS I 349 -36.34 -44.81 -1.40
C HIS I 349 -36.46 -44.21 -0.01
N LYS I 350 -37.59 -43.55 0.25
CA LYS I 350 -38.07 -43.18 1.60
C LYS I 350 -37.13 -42.29 2.41
N MET J 1 -48.17 -14.75 -29.98
CA MET J 1 -47.47 -15.94 -29.51
C MET J 1 -46.49 -15.55 -28.41
N LYS J 2 -46.55 -16.25 -27.28
CA LYS J 2 -45.77 -15.89 -26.12
C LYS J 2 -44.31 -16.34 -26.27
N LEU J 3 -43.43 -15.62 -25.60
CA LEU J 3 -42.03 -16.06 -25.57
C LEU J 3 -41.85 -17.08 -24.45
N PRO J 4 -41.33 -18.27 -24.74
CA PRO J 4 -41.16 -19.28 -23.70
C PRO J 4 -40.05 -18.92 -22.72
N THR J 5 -39.95 -19.73 -21.68
CA THR J 5 -38.89 -19.52 -20.70
C THR J 5 -37.55 -20.10 -21.15
N ASN J 6 -37.52 -20.88 -22.22
CA ASN J 6 -36.30 -21.40 -22.80
C ASN J 6 -36.45 -21.35 -24.30
N LEU J 7 -35.63 -20.55 -24.97
CA LEU J 7 -35.60 -20.57 -26.44
C LEU J 7 -34.24 -20.05 -26.86
N ALA J 8 -33.46 -20.92 -27.51
CA ALA J 8 -32.10 -20.54 -27.99
C ALA J 8 -31.87 -21.13 -29.38
N TYR J 9 -30.97 -20.52 -30.14
CA TYR J 9 -30.62 -20.99 -31.51
C TYR J 9 -29.10 -21.01 -31.62
N GLU J 10 -28.58 -21.80 -32.56
CA GLU J 10 -27.11 -21.90 -32.80
C GLU J 10 -26.80 -21.21 -34.13
N ARG J 11 -25.70 -20.46 -34.18
CA ARG J 11 -25.36 -19.73 -35.43
C ARG J 11 -25.13 -20.72 -36.57
N SER J 12 -25.69 -20.39 -37.73
CA SER J 12 -25.58 -21.16 -38.96
C SER J 12 -24.40 -20.75 -39.81
N ILE J 13 -23.66 -19.72 -39.41
CA ILE J 13 -22.48 -19.24 -40.12
C ILE J 13 -21.35 -19.14 -39.11
N ASP J 14 -20.25 -19.85 -39.36
CA ASP J 14 -19.12 -19.88 -38.44
C ASP J 14 -17.86 -19.37 -39.13
N PRO J 15 -17.47 -18.13 -38.92
CA PRO J 15 -16.19 -17.65 -39.46
C PRO J 15 -15.03 -17.95 -38.54
N SER J 16 -13.82 -17.54 -38.92
CA SER J 16 -12.66 -17.70 -38.07
C SER J 16 -11.85 -16.41 -38.08
N ASP J 17 -10.73 -16.42 -37.36
CA ASP J 17 -9.81 -15.30 -37.35
C ASP J 17 -9.13 -15.17 -38.72
N VAL J 18 -8.81 -13.94 -39.08
CA VAL J 18 -8.11 -13.64 -40.33
C VAL J 18 -6.64 -13.44 -40.01
N CYS J 19 -5.77 -14.16 -40.71
CA CYS J 19 -4.33 -14.05 -40.50
C CYS J 19 -3.69 -13.26 -41.63
N PHE J 20 -2.71 -12.44 -41.29
CA PHE J 20 -2.06 -11.52 -42.22
C PHE J 20 -0.67 -12.02 -42.54
N PHE J 21 -0.32 -12.05 -43.82
CA PHE J 21 0.99 -12.45 -44.27
C PHE J 21 1.56 -11.42 -45.22
N VAL J 22 2.87 -11.38 -45.28
CA VAL J 22 3.62 -10.45 -46.12
C VAL J 22 4.28 -11.27 -47.22
N VAL J 23 3.98 -10.98 -48.46
CA VAL J 23 4.56 -11.69 -49.59
C VAL J 23 5.65 -10.84 -50.21
N TRP J 24 6.81 -11.40 -50.32
CA TRP J 24 7.98 -10.75 -50.87
C TRP J 24 8.10 -11.10 -52.34
N PRO J 25 8.85 -10.32 -53.13
CA PRO J 25 9.20 -10.79 -54.47
C PRO J 25 10.10 -12.01 -54.39
N ASP J 26 9.96 -12.87 -55.41
CA ASP J 26 10.34 -14.30 -55.42
C ASP J 26 9.56 -15.13 -54.40
N ASP J 27 8.41 -14.61 -53.94
CA ASP J 27 7.29 -15.38 -53.38
C ASP J 27 7.67 -16.20 -52.15
N ARG J 28 8.07 -15.50 -51.09
CA ARG J 28 8.17 -16.12 -49.78
C ARG J 28 7.30 -15.34 -48.81
N LYS J 29 6.64 -16.07 -47.92
CA LYS J 29 5.63 -15.50 -47.04
C LYS J 29 6.13 -15.49 -45.61
N THR J 30 5.79 -14.41 -44.90
CA THR J 30 6.26 -14.15 -43.57
C THR J 30 5.08 -13.51 -42.85
N PRO J 31 4.78 -13.93 -41.63
CA PRO J 31 3.69 -13.29 -40.89
C PRO J 31 3.99 -11.84 -40.56
N LEU J 32 2.97 -11.00 -40.73
CA LEU J 32 3.08 -9.59 -40.47
C LEU J 32 3.26 -9.34 -38.97
N THR J 33 4.12 -8.39 -38.62
CA THR J 33 4.41 -8.08 -37.24
C THR J 33 4.09 -6.62 -36.95
N TYR J 34 4.10 -6.26 -35.67
CA TYR J 34 3.83 -4.89 -35.26
C TYR J 34 4.65 -4.55 -34.03
N ASN J 35 4.65 -3.27 -33.68
CA ASN J 35 5.36 -2.77 -32.53
C ASN J 35 4.52 -1.70 -31.85
N SER J 36 4.77 -1.49 -30.57
CA SER J 36 4.21 -0.37 -29.84
C SER J 36 5.22 0.75 -29.84
N ARG J 37 4.77 1.98 -30.07
CA ARG J 37 5.64 3.13 -29.94
C ARG J 37 4.89 4.32 -29.39
N THR J 38 5.54 5.03 -28.47
CA THR J 38 4.97 6.23 -27.90
C THR J 38 5.13 7.40 -28.86
N LEU J 39 4.11 8.24 -28.90
CA LEU J 39 4.07 9.41 -29.75
C LEU J 39 3.90 10.65 -28.87
N LEU J 40 3.68 11.78 -29.51
CA LEU J 40 3.52 13.04 -28.79
C LEU J 40 2.61 13.94 -29.61
N GLY J 41 1.39 14.17 -29.12
CA GLY J 41 0.46 15.04 -29.78
C GLY J 41 0.25 16.34 -29.04
N GLN J 42 -0.65 17.15 -29.57
CA GLN J 42 -1.12 18.35 -28.86
C GLN J 42 -2.08 17.94 -27.76
N MET J 43 -2.69 18.93 -27.12
CA MET J 43 -3.48 18.67 -25.93
C MET J 43 -4.94 18.98 -26.26
N GLU J 44 -5.39 18.55 -27.44
CA GLU J 44 -6.79 18.68 -27.83
C GLU J 44 -7.63 17.71 -27.04
N ALA J 45 -8.56 18.22 -26.24
CA ALA J 45 -9.60 17.35 -25.72
C ALA J 45 -10.99 17.99 -25.62
N ALA J 46 -11.12 19.32 -25.65
CA ALA J 46 -12.30 20.12 -25.31
C ALA J 46 -12.77 19.96 -23.87
N SER J 47 -12.04 19.21 -23.06
CA SER J 47 -12.23 19.09 -21.63
C SER J 47 -11.00 19.56 -20.87
N LEU J 48 -9.91 19.81 -21.59
CA LEU J 48 -8.71 20.38 -21.04
C LEU J 48 -8.62 21.88 -21.26
N ALA J 49 -9.58 22.45 -21.99
CA ALA J 49 -9.66 23.87 -22.22
C ALA J 49 -10.99 24.48 -21.83
N TYR J 50 -12.09 23.73 -21.87
CA TYR J 50 -13.39 24.21 -21.45
C TYR J 50 -13.90 23.34 -20.30
N ASP J 51 -14.81 23.90 -19.50
CA ASP J 51 -15.44 23.10 -18.46
C ASP J 51 -16.74 22.50 -18.99
N VAL J 52 -17.54 21.95 -18.08
CA VAL J 52 -18.77 21.24 -18.47
C VAL J 52 -19.79 22.20 -19.07
N SER J 53 -19.94 23.38 -18.45
CA SER J 53 -20.95 24.34 -18.90
C SER J 53 -20.57 24.98 -20.23
N GLY J 54 -19.31 25.37 -20.40
CA GLY J 54 -18.89 25.93 -21.66
C GLY J 54 -17.95 27.12 -21.57
N GLN J 55 -17.64 27.55 -20.35
CA GLN J 55 -16.73 28.68 -20.28
C GLN J 55 -15.28 28.19 -20.22
N PRO J 56 -14.32 29.00 -20.68
CA PRO J 56 -12.91 28.57 -20.63
C PRO J 56 -12.40 28.47 -19.20
N ILE J 57 -11.82 27.30 -18.89
CA ILE J 57 -11.19 27.11 -17.59
C ILE J 57 -9.93 27.96 -17.52
N LYS J 58 -9.73 28.61 -16.36
CA LYS J 58 -8.67 29.59 -16.21
C LYS J 58 -7.34 28.98 -15.81
N SER J 59 -7.29 27.69 -15.48
CA SER J 59 -6.01 27.03 -15.25
C SER J 59 -5.32 26.65 -16.55
N ALA J 60 -6.03 26.68 -17.67
CA ALA J 60 -5.49 26.26 -18.96
C ALA J 60 -4.99 27.50 -19.70
N THR J 61 -3.86 28.02 -19.25
CA THR J 61 -3.24 29.16 -19.91
C THR J 61 -2.59 28.72 -21.22
N ALA J 62 -2.15 29.72 -21.99
CA ALA J 62 -1.57 29.45 -23.31
C ALA J 62 -0.22 28.76 -23.23
N GLU J 63 0.45 28.78 -22.08
CA GLU J 63 1.66 27.99 -21.90
C GLU J 63 1.31 26.55 -21.58
N ALA J 64 0.36 26.35 -20.66
CA ALA J 64 0.03 25.01 -20.19
C ALA J 64 -0.82 24.24 -21.19
N LEU J 65 -1.39 24.91 -22.17
CA LEU J 65 -2.21 24.25 -23.17
C LEU J 65 -1.40 23.86 -24.40
N ALA J 66 -0.14 24.26 -24.46
CA ALA J 66 0.78 23.88 -25.54
C ALA J 66 1.86 22.94 -25.04
N GLN J 67 1.55 22.10 -24.05
CA GLN J 67 2.60 21.43 -23.32
C GLN J 67 3.08 20.16 -24.00
N GLY J 68 2.16 19.30 -24.44
CA GLY J 68 2.57 18.05 -25.06
C GLY J 68 1.96 16.85 -24.39
N ASN J 69 1.18 16.07 -25.13
CA ASN J 69 0.40 14.96 -24.58
C ASN J 69 0.90 13.65 -25.16
N PRO J 70 1.67 12.86 -24.41
CA PRO J 70 2.17 11.59 -24.96
C PRO J 70 1.18 10.44 -24.80
N HIS J 71 0.95 9.74 -25.90
CA HIS J 71 0.13 8.53 -25.92
C HIS J 71 0.99 7.38 -26.42
N GLN J 72 0.51 6.16 -26.21
CA GLN J 72 1.19 4.96 -26.69
C GLN J 72 0.19 4.13 -27.46
N VAL J 73 0.53 3.78 -28.70
CA VAL J 73 -0.35 2.99 -29.56
C VAL J 73 0.45 1.83 -30.15
N ASP J 74 -0.28 0.85 -30.66
CA ASP J 74 0.31 -0.17 -31.51
C ASP J 74 0.30 0.32 -32.95
N PHE J 75 1.37 0.00 -33.66
CA PHE J 75 1.56 0.50 -35.02
C PHE J 75 1.95 -0.66 -35.91
N CYS J 76 1.15 -0.91 -36.94
CA CYS J 76 1.41 -1.98 -37.87
C CYS J 76 1.43 -1.40 -39.27
N HIS J 77 2.46 -1.73 -40.05
CA HIS J 77 2.55 -1.24 -41.41
C HIS J 77 3.16 -2.32 -42.29
N VAL J 78 3.15 -2.06 -43.60
CA VAL J 78 3.70 -2.99 -44.59
C VAL J 78 5.20 -2.73 -44.67
N PRO J 79 6.04 -3.77 -44.70
CA PRO J 79 7.49 -3.56 -44.88
C PRO J 79 7.81 -2.95 -46.23
N TYR J 80 9.07 -2.49 -46.38
CA TYR J 80 9.42 -1.68 -47.53
C TYR J 80 9.47 -2.51 -48.82
N GLY J 81 10.25 -3.57 -48.83
CA GLY J 81 10.39 -4.30 -50.06
C GLY J 81 9.29 -5.28 -50.38
N ALA J 82 8.17 -5.24 -49.68
CA ALA J 82 7.12 -6.23 -49.82
C ALA J 82 6.37 -6.05 -51.12
N SER J 83 5.77 -7.13 -51.60
CA SER J 83 4.97 -7.09 -52.82
C SER J 83 3.51 -6.81 -52.50
N HIS J 84 2.89 -7.67 -51.70
CA HIS J 84 1.49 -7.53 -51.36
C HIS J 84 1.25 -8.22 -50.02
N ILE J 85 -0.02 -8.46 -49.68
CA ILE J 85 -0.42 -9.02 -48.40
C ILE J 85 -1.48 -10.10 -48.61
N GLU J 86 -1.25 -11.28 -48.04
CA GLU J 86 -2.25 -12.34 -48.00
C GLU J 86 -3.12 -12.22 -46.75
N CYS J 87 -4.39 -12.59 -46.90
CA CYS J 87 -5.33 -12.65 -45.78
C CYS J 87 -6.19 -13.88 -45.96
N SER J 88 -6.23 -14.77 -44.98
CA SER J 88 -6.93 -16.03 -45.13
C SER J 88 -7.73 -16.40 -43.88
N PHE J 89 -8.89 -17.01 -44.10
CA PHE J 89 -9.79 -17.48 -43.04
C PHE J 89 -10.72 -18.51 -43.67
N SER J 90 -11.78 -18.89 -42.97
CA SER J 90 -12.70 -19.91 -43.47
C SER J 90 -14.09 -19.71 -42.88
N VAL J 91 -15.11 -20.07 -43.66
CA VAL J 91 -16.51 -19.91 -43.28
C VAL J 91 -17.21 -21.26 -43.46
N SER J 92 -18.16 -21.54 -42.57
CA SER J 92 -19.05 -22.69 -42.70
C SER J 92 -20.49 -22.23 -42.75
N PHE J 93 -21.34 -23.01 -43.42
CA PHE J 93 -22.78 -22.74 -43.53
C PHE J 93 -23.49 -24.04 -43.17
N SER J 94 -24.06 -24.14 -41.97
CA SER J 94 -24.27 -25.48 -41.46
C SER J 94 -25.61 -25.69 -40.77
N SER J 95 -26.66 -25.15 -41.40
CA SER J 95 -28.09 -25.48 -41.11
C SER J 95 -28.48 -25.55 -39.63
N GLU J 96 -28.20 -24.55 -38.80
CA GLU J 96 -28.62 -24.66 -37.38
C GLU J 96 -30.00 -24.04 -37.17
N LEU J 97 -30.60 -23.48 -38.23
CA LEU J 97 -31.91 -22.78 -38.11
C LEU J 97 -33.11 -23.71 -38.36
N ARG J 98 -32.88 -24.98 -38.69
CA ARG J 98 -33.99 -25.92 -38.99
C ARG J 98 -34.89 -26.14 -37.77
N GLN J 99 -34.30 -26.34 -36.59
CA GLN J 99 -34.99 -26.55 -35.33
C GLN J 99 -34.30 -25.71 -34.27
N PRO J 100 -34.98 -25.34 -33.19
CA PRO J 100 -34.30 -24.60 -32.13
C PRO J 100 -33.33 -25.49 -31.38
N TYR J 101 -32.28 -24.87 -30.85
CA TYR J 101 -31.33 -25.63 -30.06
C TYR J 101 -31.93 -26.05 -28.73
N LYS J 102 -32.80 -25.23 -28.17
CA LYS J 102 -33.36 -25.49 -26.85
C LYS J 102 -34.71 -24.79 -26.79
N CYS J 103 -35.77 -25.53 -26.49
CA CYS J 103 -37.10 -24.93 -26.47
C CYS J 103 -38.02 -25.81 -25.62
N ASN J 104 -38.44 -25.29 -24.46
CA ASN J 104 -39.25 -26.10 -23.55
C ASN J 104 -40.71 -26.19 -23.94
N SER J 105 -41.15 -25.42 -24.93
CA SER J 105 -42.53 -25.47 -25.40
C SER J 105 -42.59 -26.21 -26.73
N SER J 106 -43.48 -27.19 -26.82
CA SER J 106 -43.63 -27.96 -28.04
C SER J 106 -44.57 -27.29 -29.05
N LYS J 107 -45.31 -26.28 -28.65
CA LYS J 107 -46.12 -25.52 -29.61
C LYS J 107 -45.29 -24.49 -30.35
N VAL J 108 -44.34 -23.88 -29.64
CA VAL J 108 -43.49 -22.87 -30.25
C VAL J 108 -42.46 -23.52 -31.16
N LYS J 109 -42.01 -24.73 -30.80
CA LYS J 109 -41.08 -25.46 -31.65
C LYS J 109 -41.71 -25.87 -32.96
N GLN J 110 -42.97 -26.30 -32.94
CA GLN J 110 -43.67 -26.62 -34.17
C GLN J 110 -44.00 -25.38 -34.99
N THR J 111 -44.21 -24.24 -34.32
CA THR J 111 -44.49 -22.98 -35.05
C THR J 111 -43.24 -22.54 -35.82
N LEU J 112 -42.08 -22.56 -35.15
CA LEU J 112 -40.78 -22.15 -35.73
C LEU J 112 -40.33 -23.11 -36.85
N VAL J 113 -40.51 -24.42 -36.64
CA VAL J 113 -40.09 -25.42 -37.66
C VAL J 113 -40.91 -25.21 -38.94
N GLN J 114 -42.20 -24.91 -38.81
CA GLN J 114 -43.11 -24.67 -39.96
C GLN J 114 -42.66 -23.44 -40.76
N LEU J 115 -42.25 -22.38 -40.06
CA LEU J 115 -41.84 -21.09 -40.72
C LEU J 115 -40.65 -21.30 -41.67
N VAL J 116 -39.66 -22.09 -41.26
CA VAL J 116 -38.48 -22.30 -42.08
C VAL J 116 -38.81 -23.15 -43.29
N GLU J 117 -39.78 -24.06 -43.16
CA GLU J 117 -40.21 -24.83 -44.31
C GLU J 117 -41.11 -24.05 -45.24
N LEU J 118 -41.89 -23.10 -44.73
CA LEU J 118 -42.72 -22.30 -45.62
C LEU J 118 -41.94 -21.16 -46.25
N TYR J 119 -40.92 -20.64 -45.56
CA TYR J 119 -40.03 -19.66 -46.18
C TYR J 119 -39.22 -20.28 -47.31
N GLU J 120 -38.75 -21.51 -47.10
CA GLU J 120 -37.96 -22.21 -48.11
C GLU J 120 -38.79 -22.53 -49.35
N THR J 121 -40.06 -22.86 -49.15
CA THR J 121 -40.90 -23.24 -50.29
C THR J 121 -41.41 -22.01 -51.02
N LYS J 122 -42.00 -21.06 -50.30
CA LYS J 122 -42.67 -19.94 -50.94
C LYS J 122 -41.68 -18.90 -51.43
N ILE J 123 -40.66 -18.57 -50.64
CA ILE J 123 -39.73 -17.51 -50.97
C ILE J 123 -38.42 -18.09 -51.50
N GLY J 124 -37.78 -18.93 -50.72
CA GLY J 124 -36.54 -19.56 -51.14
C GLY J 124 -35.32 -18.92 -50.49
N TRP J 125 -34.22 -19.66 -50.49
CA TRP J 125 -33.00 -19.19 -49.84
C TRP J 125 -32.10 -18.40 -50.77
N THR J 126 -32.60 -17.92 -51.91
CA THR J 126 -31.72 -17.27 -52.87
C THR J 126 -31.38 -15.84 -52.45
N GLU J 127 -32.32 -15.14 -51.81
CA GLU J 127 -32.08 -13.74 -51.47
C GLU J 127 -31.10 -13.60 -50.32
N LEU J 128 -31.19 -14.46 -49.31
CA LEU J 128 -30.23 -14.38 -48.21
C LEU J 128 -28.86 -14.89 -48.63
N ALA J 129 -28.81 -16.03 -49.32
CA ALA J 129 -27.52 -16.62 -49.70
C ALA J 129 -26.76 -15.78 -50.71
N THR J 130 -27.44 -14.93 -51.47
CA THR J 130 -26.74 -13.99 -52.33
C THR J 130 -26.12 -12.87 -51.50
N ARG J 131 -26.85 -12.39 -50.49
CA ARG J 131 -26.38 -11.27 -49.71
C ARG J 131 -25.26 -11.63 -48.75
N TYR J 132 -25.27 -12.86 -48.20
CA TYR J 132 -24.15 -13.29 -47.37
C TYR J 132 -22.91 -13.51 -48.22
N LEU J 133 -23.05 -14.15 -49.37
CA LEU J 133 -21.91 -14.50 -50.20
C LEU J 133 -21.27 -13.28 -50.85
N MET J 134 -22.05 -12.22 -51.08
CA MET J 134 -21.49 -11.00 -51.61
C MET J 134 -20.69 -10.21 -50.59
N ASN J 135 -20.66 -10.60 -49.33
CA ASN J 135 -19.73 -10.00 -48.39
C ASN J 135 -18.47 -10.82 -48.22
N ILE J 136 -18.49 -12.11 -48.56
CA ILE J 136 -17.26 -12.87 -48.68
C ILE J 136 -16.51 -12.47 -49.94
N CYS J 137 -17.22 -12.37 -51.06
CA CYS J 137 -16.57 -12.31 -52.36
C CYS J 137 -16.01 -10.93 -52.69
N ASN J 138 -16.51 -9.85 -52.10
CA ASN J 138 -15.78 -8.60 -52.15
C ASN J 138 -14.93 -8.49 -50.88
N GLY J 139 -14.42 -7.32 -50.56
CA GLY J 139 -13.57 -7.23 -49.39
C GLY J 139 -14.26 -6.65 -48.18
N LYS J 140 -15.48 -7.10 -47.86
CA LYS J 140 -16.22 -6.51 -46.76
C LYS J 140 -15.60 -6.87 -45.42
N TRP J 141 -15.09 -8.09 -45.30
CA TRP J 141 -14.42 -8.55 -44.09
C TRP J 141 -13.03 -7.97 -43.92
N LEU J 142 -12.50 -7.29 -44.93
CA LEU J 142 -11.30 -6.46 -44.82
C LEU J 142 -11.81 -5.05 -44.62
N TRP J 143 -11.96 -4.64 -43.36
CA TRP J 143 -12.80 -3.50 -43.03
C TRP J 143 -12.27 -2.17 -43.55
N LYS J 144 -11.13 -1.71 -43.06
CA LYS J 144 -10.56 -0.45 -43.50
C LYS J 144 -9.36 -0.64 -44.41
N ASN J 145 -8.95 -1.88 -44.64
CA ASN J 145 -7.77 -2.17 -45.43
C ASN J 145 -8.08 -2.13 -46.92
N THR J 146 -9.33 -2.43 -47.26
CA THR J 146 -9.86 -2.23 -48.61
C THR J 146 -9.72 -0.78 -49.06
N ARG J 147 -10.01 0.15 -48.17
CA ARG J 147 -9.85 1.56 -48.43
C ARG J 147 -8.36 1.88 -48.56
N LYS J 148 -8.03 2.79 -49.47
CA LYS J 148 -6.65 3.21 -49.79
C LYS J 148 -5.81 2.08 -50.35
N ALA J 149 -6.41 1.20 -51.14
CA ALA J 149 -5.68 0.11 -51.76
C ALA J 149 -5.70 0.26 -53.27
N TYR J 150 -4.63 -0.21 -53.91
CA TYR J 150 -4.56 -0.21 -55.36
C TYR J 150 -5.59 -1.17 -55.95
N CYS J 151 -5.47 -2.45 -55.64
CA CYS J 151 -6.48 -3.42 -55.99
C CYS J 151 -6.45 -4.54 -54.97
N TRP J 152 -7.55 -5.30 -54.89
CA TRP J 152 -7.59 -6.48 -54.06
C TRP J 152 -8.34 -7.58 -54.78
N ASN J 153 -7.91 -8.82 -54.56
CA ASN J 153 -8.43 -9.99 -55.23
C ASN J 153 -8.93 -10.97 -54.17
N ILE J 154 -9.92 -11.80 -54.52
CA ILE J 154 -10.45 -12.81 -53.62
C ILE J 154 -10.42 -14.14 -54.34
N VAL J 155 -9.94 -15.18 -53.66
CA VAL J 155 -9.90 -16.55 -54.19
C VAL J 155 -10.65 -17.45 -53.22
N LEU J 156 -11.67 -18.15 -53.72
CA LEU J 156 -12.47 -19.08 -52.94
C LEU J 156 -12.01 -20.51 -53.17
N THR J 157 -12.16 -21.34 -52.16
CA THR J 157 -11.91 -22.78 -52.27
C THR J 157 -13.03 -23.51 -51.55
N PRO J 158 -14.16 -23.74 -52.23
CA PRO J 158 -15.28 -24.42 -51.59
C PRO J 158 -15.01 -25.91 -51.42
N TRP J 159 -15.53 -26.48 -50.33
CA TRP J 159 -15.09 -27.86 -50.12
C TRP J 159 -15.89 -28.91 -50.88
N PRO J 160 -17.25 -29.03 -50.75
CA PRO J 160 -17.83 -30.12 -51.55
C PRO J 160 -17.96 -29.73 -53.01
N TRP J 161 -16.81 -29.76 -53.69
CA TRP J 161 -16.59 -29.06 -54.95
C TRP J 161 -15.60 -29.87 -55.77
N ASN J 162 -15.81 -29.86 -57.08
CA ASN J 162 -14.99 -30.69 -57.98
C ASN J 162 -13.58 -30.11 -58.15
N GLY J 163 -13.48 -28.92 -58.72
CA GLY J 163 -12.18 -28.30 -58.87
C GLY J 163 -12.30 -26.89 -59.39
N GLU J 164 -11.16 -26.37 -59.86
CA GLU J 164 -11.06 -25.08 -60.54
C GLU J 164 -11.51 -23.92 -59.68
N LYS J 165 -10.68 -23.54 -58.69
CA LYS J 165 -10.94 -22.48 -57.70
C LYS J 165 -11.55 -21.22 -58.30
N VAL J 166 -12.41 -20.59 -57.52
CA VAL J 166 -13.18 -19.45 -57.95
C VAL J 166 -12.41 -18.18 -57.63
N GLY J 167 -12.31 -17.27 -58.59
CA GLY J 167 -11.53 -16.06 -58.43
C GLY J 167 -12.36 -14.82 -58.73
N PHE J 168 -12.01 -13.73 -58.06
CA PHE J 168 -12.69 -12.44 -58.19
C PHE J 168 -11.59 -11.39 -58.29
N GLU J 169 -11.12 -11.12 -59.50
CA GLU J 169 -9.97 -10.24 -59.71
C GLU J 169 -10.40 -8.80 -59.88
N ASP J 170 -9.66 -7.92 -59.20
CA ASP J 170 -9.77 -6.45 -59.32
C ASP J 170 -11.17 -5.96 -58.97
N ILE J 171 -11.55 -6.19 -57.72
CA ILE J 171 -12.67 -5.46 -57.16
C ILE J 171 -12.27 -4.00 -57.02
N ARG J 172 -13.28 -3.11 -56.95
CA ARG J 172 -13.35 -1.67 -57.16
C ARG J 172 -13.39 -1.36 -58.66
N THR J 173 -13.10 -2.31 -59.53
CA THR J 173 -13.24 -2.13 -60.97
C THR J 173 -14.30 -3.06 -61.56
N ASN J 174 -14.26 -4.33 -61.20
CA ASN J 174 -15.05 -5.33 -61.89
C ASN J 174 -16.31 -5.75 -61.15
N TYR J 175 -16.29 -5.81 -59.83
CA TYR J 175 -17.40 -6.39 -59.05
C TYR J 175 -18.02 -5.30 -58.19
N THR J 176 -18.92 -4.54 -58.79
CA THR J 176 -19.54 -3.38 -58.15
C THR J 176 -20.99 -3.63 -57.80
N SER J 177 -21.78 -4.16 -58.73
CA SER J 177 -23.21 -4.37 -58.53
C SER J 177 -23.49 -5.86 -58.34
N ARG J 178 -24.77 -6.19 -58.22
CA ARG J 178 -25.17 -7.58 -58.11
C ARG J 178 -24.96 -8.34 -59.41
N GLN J 179 -25.21 -7.67 -60.54
CA GLN J 179 -25.08 -8.32 -61.84
C GLN J 179 -23.64 -8.61 -62.20
N ASP J 180 -22.69 -7.88 -61.61
CA ASP J 180 -21.28 -8.15 -61.88
C ASP J 180 -20.82 -9.46 -61.25
N PHE J 181 -21.40 -9.82 -60.10
CA PHE J 181 -21.09 -11.12 -59.51
C PHE J 181 -21.76 -12.25 -60.30
N LYS J 182 -22.96 -12.01 -60.81
CA LYS J 182 -23.70 -13.04 -61.52
C LYS J 182 -23.11 -13.37 -62.87
N ASN J 183 -22.30 -12.48 -63.43
CA ASN J 183 -21.65 -12.74 -64.71
C ASN J 183 -20.36 -13.53 -64.55
N ASN J 184 -20.02 -13.96 -63.33
CA ASN J 184 -18.87 -14.82 -63.13
C ASN J 184 -19.18 -16.20 -63.68
N LYS J 185 -18.11 -16.94 -64.00
CA LYS J 185 -18.25 -18.23 -64.67
C LYS J 185 -18.96 -19.25 -63.78
N ASN J 186 -18.61 -19.28 -62.51
CA ASN J 186 -19.24 -20.15 -61.54
C ASN J 186 -19.66 -19.30 -60.34
N TRP J 187 -20.81 -18.66 -60.46
CA TRP J 187 -21.48 -18.01 -59.34
C TRP J 187 -22.73 -18.74 -58.92
N SER J 188 -23.46 -19.32 -59.87
CA SER J 188 -24.65 -20.07 -59.53
C SER J 188 -24.31 -21.37 -58.83
N ALA J 189 -23.12 -21.90 -59.06
CA ALA J 189 -22.74 -23.15 -58.41
C ALA J 189 -22.32 -22.98 -56.96
N ILE J 190 -22.07 -21.75 -56.51
CA ILE J 190 -21.64 -21.48 -55.14
C ILE J 190 -22.82 -20.98 -54.33
N VAL J 191 -23.73 -20.24 -54.99
CA VAL J 191 -24.99 -19.87 -54.35
C VAL J 191 -25.82 -21.11 -54.03
N GLU J 192 -25.79 -22.11 -54.91
CA GLU J 192 -26.55 -23.33 -54.66
C GLU J 192 -25.91 -24.24 -53.63
N MET J 193 -24.67 -23.97 -53.20
CA MET J 193 -24.14 -24.65 -52.03
C MET J 193 -24.80 -24.15 -50.75
N ILE J 194 -24.91 -22.83 -50.62
CA ILE J 194 -25.49 -22.24 -49.42
C ILE J 194 -26.99 -22.51 -49.37
N LYS J 195 -27.64 -22.60 -50.53
CA LYS J 195 -29.03 -23.01 -50.57
C LYS J 195 -29.19 -24.46 -50.16
N THR J 196 -28.30 -25.34 -50.62
CA THR J 196 -28.35 -26.74 -50.22
C THR J 196 -27.98 -26.92 -48.76
N ALA J 197 -27.09 -26.08 -48.24
CA ALA J 197 -26.69 -26.16 -46.85
C ALA J 197 -27.84 -25.78 -45.92
N PHE J 198 -28.62 -24.77 -46.29
CA PHE J 198 -29.74 -24.36 -45.46
C PHE J 198 -30.96 -25.28 -45.60
N SER J 199 -31.06 -26.02 -46.71
CA SER J 199 -32.27 -26.74 -47.05
C SER J 199 -32.22 -28.21 -46.62
N SER J 200 -31.08 -28.67 -46.13
CA SER J 200 -30.94 -30.07 -45.77
C SER J 200 -30.80 -30.16 -44.25
N THR J 201 -31.06 -31.35 -43.72
CA THR J 201 -30.90 -31.56 -42.29
C THR J 201 -29.43 -31.68 -41.91
N ASP J 202 -28.56 -31.99 -42.87
CA ASP J 202 -27.12 -31.96 -42.66
C ASP J 202 -26.50 -31.27 -43.87
N GLY J 203 -26.47 -29.96 -43.85
CA GLY J 203 -25.80 -29.17 -44.88
C GLY J 203 -24.50 -28.66 -44.32
N LEU J 204 -23.44 -28.66 -45.14
CA LEU J 204 -22.13 -28.42 -44.58
C LEU J 204 -21.42 -27.20 -45.16
N ALA J 205 -21.15 -27.16 -46.48
CA ALA J 205 -20.66 -25.99 -47.22
C ALA J 205 -19.50 -25.18 -46.62
N ILE J 206 -18.29 -25.70 -46.62
CA ILE J 206 -17.14 -24.96 -46.10
C ILE J 206 -16.49 -24.17 -47.23
N PHE J 207 -16.11 -22.93 -46.95
CA PHE J 207 -15.34 -22.08 -47.86
C PHE J 207 -13.98 -21.79 -47.25
N GLU J 208 -12.96 -21.72 -48.09
CA GLU J 208 -11.61 -21.30 -47.72
C GLU J 208 -11.31 -20.02 -48.48
N VAL J 209 -11.35 -18.89 -47.81
CA VAL J 209 -11.27 -17.60 -48.48
C VAL J 209 -9.88 -17.04 -48.31
N ARG J 210 -9.33 -16.48 -49.39
CA ARG J 210 -7.97 -15.95 -49.38
C ARG J 210 -7.92 -14.68 -50.21
N ALA J 211 -7.39 -13.60 -49.63
CA ALA J 211 -7.33 -12.31 -50.29
C ALA J 211 -5.91 -11.89 -50.60
N THR J 212 -5.79 -10.85 -51.42
CA THR J 212 -4.50 -10.37 -51.91
C THR J 212 -4.59 -8.86 -52.04
N LEU J 213 -4.00 -8.14 -51.09
CA LEU J 213 -4.08 -6.68 -51.02
C LEU J 213 -2.79 -6.06 -51.55
N HIS J 214 -2.92 -5.17 -52.53
CA HIS J 214 -1.79 -4.40 -53.04
C HIS J 214 -1.89 -2.99 -52.46
N LEU J 215 -1.18 -2.77 -51.36
CA LEU J 215 -1.19 -1.48 -50.69
C LEU J 215 -0.17 -0.56 -51.34
N PRO J 216 -0.19 0.74 -51.02
CA PRO J 216 0.95 1.60 -51.39
C PRO J 216 2.23 1.29 -50.63
N THR J 217 3.26 2.08 -50.87
CA THR J 217 4.54 1.89 -50.22
C THR J 217 4.42 2.20 -48.73
N ASN J 218 4.80 1.21 -47.91
CA ASN J 218 5.11 1.40 -46.50
C ASN J 218 3.85 1.77 -45.70
N ALA J 219 2.70 1.31 -46.19
CA ALA J 219 1.38 1.80 -45.83
C ALA J 219 0.84 1.11 -44.59
N MET J 220 -0.27 1.65 -44.11
CA MET J 220 -0.91 1.21 -42.88
C MET J 220 -1.78 -0.02 -43.09
N VAL J 221 -1.83 -0.87 -42.06
CA VAL J 221 -2.82 -1.93 -41.98
C VAL J 221 -3.57 -1.77 -40.65
N ARG J 222 -4.88 -1.99 -40.70
CA ARG J 222 -5.79 -1.75 -39.58
C ARG J 222 -6.40 -3.07 -39.13
N PRO J 223 -5.81 -3.73 -38.15
CA PRO J 223 -6.41 -4.95 -37.60
C PRO J 223 -7.42 -4.61 -36.53
N SER J 224 -8.07 -5.64 -36.00
CA SER J 224 -9.00 -5.42 -34.91
C SER J 224 -8.23 -5.25 -33.62
N GLN J 225 -8.91 -4.74 -32.59
CA GLN J 225 -8.20 -4.32 -31.39
C GLN J 225 -9.04 -4.63 -30.15
N VAL J 226 -8.34 -4.86 -29.04
CA VAL J 226 -8.94 -5.38 -27.78
C VAL J 226 -9.73 -4.32 -27.01
N PHE J 227 -10.74 -4.80 -26.28
CA PHE J 227 -11.62 -4.00 -25.39
C PHE J 227 -10.97 -3.93 -24.00
N THR J 228 -9.92 -3.13 -23.87
CA THR J 228 -9.16 -2.99 -22.60
C THR J 228 -10.04 -2.40 -21.49
N GLU J 229 -10.85 -1.38 -21.81
CA GLU J 229 -11.71 -0.70 -20.80
C GLU J 229 -10.86 -0.33 -19.58
N ASN J 242 -1.43 2.47 -22.92
CA ASN J 242 -1.59 1.98 -24.28
C ASN J 242 -3.08 1.89 -24.61
N SER J 243 -3.57 2.84 -25.40
CA SER J 243 -4.99 2.93 -25.70
C SER J 243 -5.34 2.39 -27.07
N ARG J 244 -4.39 1.78 -27.79
CA ARG J 244 -4.69 1.12 -29.05
C ARG J 244 -3.89 -0.18 -29.04
N VAL J 245 -4.53 -1.27 -28.61
CA VAL J 245 -3.87 -2.56 -28.41
C VAL J 245 -4.49 -3.54 -29.38
N PHE J 246 -3.67 -4.13 -30.25
CA PHE J 246 -4.16 -5.02 -31.29
C PHE J 246 -4.46 -6.40 -30.76
N GLN J 247 -5.42 -7.07 -31.38
CA GLN J 247 -5.62 -8.49 -31.16
C GLN J 247 -4.59 -9.28 -31.95
N SER J 248 -4.11 -10.39 -31.38
CA SER J 248 -2.99 -11.07 -31.98
C SER J 248 -3.04 -12.56 -31.69
N THR J 249 -2.37 -13.33 -32.56
CA THR J 249 -2.08 -14.74 -32.32
C THR J 249 -0.60 -15.01 -32.53
N THR J 250 -0.25 -16.29 -32.51
CA THR J 250 1.15 -16.72 -32.75
C THR J 250 1.19 -17.56 -34.02
N ILE J 251 1.91 -17.09 -35.03
CA ILE J 251 2.13 -17.84 -36.30
C ILE J 251 3.63 -18.08 -36.32
N ASP J 252 4.07 -19.32 -36.55
CA ASP J 252 5.53 -19.63 -36.43
C ASP J 252 5.92 -19.20 -35.01
N GLY J 253 6.94 -18.35 -34.88
CA GLY J 253 7.32 -17.88 -33.53
C GLY J 253 7.00 -16.42 -33.28
N GLU J 254 6.22 -15.75 -34.16
CA GLU J 254 6.04 -14.33 -33.95
C GLU J 254 4.60 -14.00 -33.56
N ARG J 255 4.43 -12.89 -32.86
CA ARG J 255 3.09 -12.34 -32.71
C ARG J 255 2.68 -11.72 -34.04
N SER J 256 1.38 -11.73 -34.31
CA SER J 256 0.93 -11.25 -35.59
C SER J 256 -0.48 -10.73 -35.42
N PRO J 257 -0.85 -9.63 -36.06
CA PRO J 257 -2.21 -9.09 -35.90
C PRO J 257 -3.23 -9.98 -36.57
N ILE J 258 -4.36 -10.15 -35.90
CA ILE J 258 -5.50 -10.83 -36.49
C ILE J 258 -6.61 -9.83 -36.68
N LEU J 259 -7.60 -10.24 -37.46
CA LEU J 259 -8.85 -9.53 -37.62
C LEU J 259 -9.90 -10.55 -37.21
N GLY J 260 -10.47 -10.36 -36.02
CA GLY J 260 -11.01 -11.45 -35.23
C GLY J 260 -12.21 -12.19 -35.82
N ALA J 261 -12.58 -13.27 -35.13
CA ALA J 261 -13.63 -14.16 -35.64
C ALA J 261 -15.00 -13.54 -35.47
N PHE J 262 -15.25 -12.87 -34.36
CA PHE J 262 -16.51 -12.19 -34.13
C PHE J 262 -16.60 -10.90 -34.94
N LYS J 263 -15.45 -10.30 -35.23
CA LYS J 263 -15.38 -9.15 -36.12
C LYS J 263 -15.70 -9.56 -37.56
N THR J 264 -15.24 -10.73 -37.99
CA THR J 264 -15.43 -11.18 -39.36
C THR J 264 -16.88 -11.56 -39.61
N GLY J 265 -17.53 -12.22 -38.64
CA GLY J 265 -18.93 -12.57 -38.78
C GLY J 265 -19.86 -11.39 -38.77
N ALA J 266 -19.45 -10.26 -38.20
CA ALA J 266 -20.23 -9.05 -38.28
C ALA J 266 -20.22 -8.46 -39.68
N ALA J 267 -19.16 -8.73 -40.46
CA ALA J 267 -19.05 -8.19 -41.81
C ALA J 267 -19.83 -9.01 -42.81
N ILE J 268 -19.93 -10.31 -42.59
CA ILE J 268 -20.72 -11.15 -43.47
C ILE J 268 -22.20 -10.86 -43.28
N ALA J 269 -22.59 -10.39 -42.09
CA ALA J 269 -23.98 -10.19 -41.76
C ALA J 269 -24.41 -8.73 -41.80
N THR J 270 -23.77 -7.88 -42.61
CA THR J 270 -24.31 -6.55 -42.87
C THR J 270 -25.24 -6.65 -44.07
N ILE J 271 -26.49 -6.97 -43.79
CA ILE J 271 -27.48 -7.30 -44.82
C ILE J 271 -28.74 -6.46 -44.63
N ASP J 272 -29.00 -6.07 -43.39
CA ASP J 272 -30.27 -5.46 -43.00
C ASP J 272 -30.38 -4.06 -43.61
N ASP J 273 -31.10 -3.97 -44.71
CA ASP J 273 -31.55 -2.69 -45.24
C ASP J 273 -33.04 -2.72 -45.49
N TRP J 274 -33.79 -3.27 -44.54
CA TRP J 274 -35.23 -3.27 -44.59
C TRP J 274 -35.86 -2.53 -43.41
N TYR J 275 -35.05 -1.90 -42.57
CA TYR J 275 -35.55 -1.01 -41.53
C TYR J 275 -36.19 0.22 -42.18
N PRO J 276 -37.18 0.87 -41.52
CA PRO J 276 -38.19 1.65 -42.28
C PRO J 276 -37.69 2.84 -43.09
N GLU J 277 -36.47 3.32 -42.86
CA GLU J 277 -35.93 4.46 -43.61
C GLU J 277 -34.56 4.11 -44.16
N ALA J 278 -34.46 2.95 -44.81
CA ALA J 278 -33.18 2.32 -45.10
C ALA J 278 -32.44 3.02 -46.22
N THR J 279 -31.18 3.36 -45.97
CA THR J 279 -30.24 3.79 -46.98
C THR J 279 -29.04 2.86 -47.09
N GLU J 280 -28.37 2.60 -45.98
CA GLU J 280 -27.15 1.84 -45.77
C GLU J 280 -27.47 0.54 -45.04
N PRO J 281 -26.88 -0.59 -45.42
CA PRO J 281 -27.17 -1.84 -44.74
C PRO J 281 -26.55 -1.91 -43.35
N LEU J 282 -27.26 -2.55 -42.44
CA LEU J 282 -26.89 -2.69 -41.05
C LEU J 282 -26.50 -4.13 -40.73
N ARG J 283 -25.74 -4.29 -39.66
CA ARG J 283 -25.41 -5.62 -39.16
C ARG J 283 -26.66 -6.22 -38.54
N VAL J 284 -26.94 -7.48 -38.89
CA VAL J 284 -28.19 -8.11 -38.50
C VAL J 284 -28.21 -8.37 -37.01
N GLY J 285 -29.23 -7.87 -36.34
CA GLY J 285 -29.41 -8.11 -34.92
C GLY J 285 -30.82 -7.74 -34.51
N ARG J 286 -31.16 -8.10 -33.27
CA ARG J 286 -32.39 -7.61 -32.67
C ARG J 286 -32.30 -6.12 -32.47
N PHE J 287 -33.44 -5.44 -32.68
CA PHE J 287 -33.59 -3.98 -32.75
C PHE J 287 -32.45 -3.24 -33.44
N GLY J 288 -32.16 -3.60 -34.68
CA GLY J 288 -30.90 -3.38 -35.38
C GLY J 288 -30.22 -2.03 -35.27
N VAL J 289 -29.08 -2.02 -34.60
CA VAL J 289 -28.45 -0.78 -34.18
C VAL J 289 -27.54 -0.30 -35.29
N HIS J 290 -27.20 0.98 -35.19
CA HIS J 290 -26.28 1.64 -36.12
C HIS J 290 -25.30 2.37 -35.24
N ARG J 291 -24.02 2.06 -35.35
CA ARG J 291 -23.10 2.68 -34.41
C ARG J 291 -22.32 3.85 -35.04
N GLU J 292 -22.55 4.15 -36.31
CA GLU J 292 -22.17 5.43 -36.88
C GLU J 292 -22.86 6.54 -36.10
N ASP J 293 -24.17 6.61 -36.23
CA ASP J 293 -25.00 7.52 -35.45
C ASP J 293 -25.68 6.70 -34.37
N VAL J 294 -25.32 6.95 -33.10
CA VAL J 294 -25.50 5.96 -32.05
C VAL J 294 -26.97 5.91 -31.68
N THR J 295 -27.73 5.11 -32.44
CA THR J 295 -29.17 4.98 -32.28
C THR J 295 -29.56 3.57 -32.63
N CYS J 296 -30.83 3.26 -32.37
CA CYS J 296 -31.44 2.03 -32.82
C CYS J 296 -32.52 2.39 -33.83
N TYR J 297 -32.27 2.07 -35.09
CA TYR J 297 -33.39 1.77 -35.95
C TYR J 297 -33.98 0.44 -35.52
N ARG J 298 -35.23 0.20 -35.90
CA ARG J 298 -36.04 -0.94 -35.43
C ARG J 298 -36.17 -0.96 -33.92
N HIS J 299 -36.37 0.20 -33.31
CA HIS J 299 -36.68 0.29 -31.88
C HIS J 299 -38.02 -0.38 -31.61
N PRO J 300 -38.27 -0.87 -30.39
CA PRO J 300 -39.59 -1.45 -30.08
C PRO J 300 -40.78 -0.51 -30.24
N SER J 301 -40.56 0.81 -30.24
CA SER J 301 -41.65 1.73 -30.57
C SER J 301 -42.01 1.71 -32.04
N THR J 302 -41.10 1.24 -32.91
CA THR J 302 -41.43 1.11 -34.33
C THR J 302 -42.36 -0.07 -34.56
N GLY J 303 -42.26 -1.10 -33.71
CA GLY J 303 -42.98 -2.33 -33.93
C GLY J 303 -42.33 -3.25 -34.93
N LYS J 304 -41.10 -2.96 -35.35
CA LYS J 304 -40.40 -3.76 -36.33
C LYS J 304 -39.05 -4.22 -35.81
N ASP J 305 -38.92 -4.47 -34.52
CA ASP J 305 -37.80 -5.24 -34.01
C ASP J 305 -38.12 -6.72 -34.13
N PHE J 306 -37.19 -7.56 -33.70
CA PHE J 306 -37.34 -8.99 -33.89
C PHE J 306 -38.32 -9.62 -32.92
N PHE J 307 -38.53 -9.01 -31.75
CA PHE J 307 -39.44 -9.61 -30.80
C PHE J 307 -40.90 -9.28 -31.09
N SER J 308 -41.15 -8.18 -31.79
CA SER J 308 -42.50 -7.87 -32.25
C SER J 308 -42.85 -8.57 -33.55
N ILE J 309 -41.93 -9.38 -34.08
CA ILE J 309 -42.19 -10.18 -35.25
C ILE J 309 -42.28 -11.67 -34.90
N LEU J 310 -41.62 -12.12 -33.83
CA LEU J 310 -41.91 -13.44 -33.25
C LEU J 310 -43.35 -13.57 -32.78
N GLN J 311 -43.93 -12.49 -32.25
CA GLN J 311 -45.31 -12.56 -31.83
C GLN J 311 -46.27 -12.58 -33.01
N GLN J 312 -45.80 -12.20 -34.20
CA GLN J 312 -46.57 -12.30 -35.43
C GLN J 312 -46.14 -13.47 -36.29
N ALA J 313 -45.37 -14.41 -35.72
CA ALA J 313 -44.90 -15.55 -36.49
C ALA J 313 -46.02 -16.53 -36.80
N GLU J 314 -47.04 -16.58 -35.94
CA GLU J 314 -48.22 -17.38 -36.23
C GLU J 314 -49.00 -16.78 -37.40
N HIS J 315 -49.00 -15.46 -37.54
CA HIS J 315 -49.70 -14.79 -38.63
C HIS J 315 -49.02 -15.00 -39.98
N TYR J 316 -47.70 -15.11 -39.99
CA TYR J 316 -46.96 -15.27 -41.24
C TYR J 316 -47.17 -16.64 -41.87
N ILE J 317 -47.68 -17.60 -41.11
CA ILE J 317 -47.95 -18.93 -41.68
C ILE J 317 -49.18 -18.88 -42.57
N GLU J 318 -50.19 -18.09 -42.21
CA GLU J 318 -51.36 -17.96 -43.08
C GLU J 318 -51.07 -17.12 -44.31
N VAL J 319 -50.01 -16.31 -44.29
CA VAL J 319 -49.66 -15.54 -45.48
C VAL J 319 -48.84 -16.41 -46.44
N LEU J 320 -47.90 -17.20 -45.90
CA LEU J 320 -47.05 -18.03 -46.74
C LEU J 320 -47.78 -19.25 -47.28
N SER J 321 -48.78 -19.76 -46.57
CA SER J 321 -49.54 -20.92 -47.02
C SER J 321 -50.76 -20.54 -47.85
N ALA J 322 -50.83 -19.31 -48.34
CA ALA J 322 -51.83 -18.94 -49.32
C ALA J 322 -51.24 -19.12 -50.72
N ASN J 323 -52.00 -18.70 -51.73
CA ASN J 323 -51.52 -18.75 -53.12
C ASN J 323 -51.09 -17.39 -53.64
N LYS J 324 -51.68 -16.33 -53.08
CA LYS J 324 -51.35 -14.94 -53.49
C LYS J 324 -49.92 -14.66 -53.03
N THR J 325 -49.09 -14.06 -53.89
CA THR J 325 -47.68 -13.76 -53.53
C THR J 325 -47.66 -12.73 -52.39
N PRO J 326 -46.80 -12.88 -51.36
CA PRO J 326 -46.74 -11.92 -50.26
C PRO J 326 -46.29 -10.56 -50.80
N ALA J 327 -46.79 -9.49 -50.18
CA ALA J 327 -46.38 -8.11 -50.53
C ALA J 327 -44.93 -7.91 -50.07
N GLN J 328 -44.22 -6.94 -50.66
CA GLN J 328 -42.79 -6.69 -50.32
C GLN J 328 -42.66 -6.29 -48.85
N GLU J 329 -43.60 -5.51 -48.33
CA GLU J 329 -43.54 -5.02 -46.92
C GLU J 329 -43.55 -6.20 -45.95
N THR J 330 -44.35 -7.24 -46.19
CA THR J 330 -44.39 -8.34 -45.24
C THR J 330 -43.67 -9.58 -45.76
N ILE J 331 -42.70 -9.41 -46.66
CA ILE J 331 -41.65 -10.41 -46.84
C ILE J 331 -40.28 -9.84 -46.53
N ASN J 332 -40.14 -8.53 -46.44
CA ASN J 332 -38.94 -7.96 -45.84
C ASN J 332 -38.89 -8.23 -44.35
N ASP J 333 -40.06 -8.42 -43.71
CA ASP J 333 -40.09 -8.91 -42.34
C ASP J 333 -39.73 -10.39 -42.26
N MET J 334 -39.94 -11.14 -43.34
CA MET J 334 -39.55 -12.54 -43.33
C MET J 334 -38.06 -12.72 -43.53
N HIS J 335 -37.42 -11.83 -44.29
CA HIS J 335 -35.98 -11.91 -44.43
C HIS J 335 -35.28 -11.50 -43.13
N PHE J 336 -35.86 -10.55 -42.41
CA PHE J 336 -35.29 -10.15 -41.13
C PHE J 336 -35.57 -11.20 -40.06
N LEU J 337 -36.66 -11.94 -40.20
CA LEU J 337 -36.93 -13.03 -39.26
C LEU J 337 -35.95 -14.16 -39.46
N MET J 338 -35.67 -14.51 -40.72
CA MET J 338 -34.77 -15.62 -41.02
C MET J 338 -33.31 -15.28 -40.73
N ALA J 339 -32.93 -14.02 -40.86
CA ALA J 339 -31.54 -13.65 -40.66
C ALA J 339 -31.14 -13.61 -39.20
N ASN J 340 -32.10 -13.45 -38.28
CA ASN J 340 -31.78 -13.52 -36.87
C ASN J 340 -31.78 -14.94 -36.34
N LEU J 341 -32.34 -15.89 -37.09
CA LEU J 341 -32.21 -17.28 -36.69
C LEU J 341 -30.93 -17.87 -37.22
N ILE J 342 -30.44 -17.37 -38.34
CA ILE J 342 -29.08 -17.67 -38.80
C ILE J 342 -28.06 -17.03 -37.86
N LYS J 343 -28.39 -15.88 -37.28
CA LYS J 343 -27.49 -15.22 -36.36
C LYS J 343 -27.45 -15.94 -35.02
N GLY J 344 -28.53 -16.60 -34.63
CA GLY J 344 -28.59 -17.31 -33.38
C GLY J 344 -28.89 -16.38 -32.22
N GLY J 345 -28.87 -16.95 -31.03
CA GLY J 345 -29.06 -16.18 -29.81
C GLY J 345 -30.11 -16.80 -28.91
N MET J 346 -30.20 -16.21 -27.72
CA MET J 346 -31.14 -16.62 -26.68
C MET J 346 -32.35 -15.70 -26.70
N PHE J 347 -33.53 -16.26 -26.91
CA PHE J 347 -34.74 -15.51 -27.15
C PHE J 347 -35.71 -15.57 -25.97
N GLN J 348 -35.19 -15.69 -24.74
CA GLN J 348 -36.01 -15.90 -23.57
C GLN J 348 -36.66 -14.60 -23.10
N HIS J 349 -37.17 -14.64 -21.87
CA HIS J 349 -37.95 -13.55 -21.29
C HIS J 349 -37.89 -13.74 -19.79
N LYS J 350 -38.46 -12.77 -19.07
CA LYS J 350 -38.81 -12.88 -17.64
C LYS J 350 -37.64 -13.19 -16.70
N LYS K 6 53.74 21.38 -6.81
CA LYS K 6 52.70 21.94 -5.94
C LYS K 6 51.32 21.64 -6.48
N THR K 7 50.30 21.83 -5.64
CA THR K 7 48.91 21.65 -6.01
C THR K 7 48.23 23.02 -6.08
N ILE K 8 47.56 23.29 -7.20
CA ILE K 8 46.78 24.50 -7.38
C ILE K 8 45.31 24.13 -7.18
N THR K 9 44.68 24.73 -6.19
CA THR K 9 43.29 24.39 -5.91
C THR K 9 42.42 25.56 -6.30
N PHE K 10 41.40 25.28 -7.11
CA PHE K 10 40.52 26.30 -7.65
C PHE K 10 39.43 26.58 -6.63
N LEU K 11 39.31 27.85 -6.23
CA LEU K 11 38.23 28.28 -5.34
C LEU K 11 37.62 29.59 -5.82
N PRO K 12 36.72 29.53 -6.82
CA PRO K 12 35.91 30.74 -7.00
C PRO K 12 34.45 30.54 -6.55
N CYS K 15 32.18 26.81 -10.22
CA CYS K 15 32.66 27.14 -11.56
C CYS K 15 32.89 25.87 -12.37
N ASN K 16 33.53 26.03 -13.53
CA ASN K 16 33.78 24.93 -14.45
C ASN K 16 35.21 24.45 -14.26
N ASN K 17 35.38 23.19 -13.87
CA ASN K 17 36.70 22.60 -13.73
C ASN K 17 37.19 22.03 -15.05
N GLU K 18 36.29 21.85 -16.01
CA GLU K 18 36.67 21.30 -17.31
C GLU K 18 37.48 22.31 -18.11
N SER K 19 36.95 23.52 -18.25
CA SER K 19 37.48 24.49 -19.20
C SER K 19 38.48 25.43 -18.50
N LEU K 20 38.91 25.00 -17.31
CA LEU K 20 39.83 25.79 -16.52
C LEU K 20 41.11 25.00 -16.29
N ALA K 21 40.96 23.68 -16.14
CA ALA K 21 42.14 22.81 -16.08
C ALA K 21 42.75 22.64 -17.47
N ALA K 22 41.96 22.86 -18.51
CA ALA K 22 42.49 22.79 -19.87
C ALA K 22 43.31 24.02 -20.20
N LYS K 23 43.02 25.15 -19.53
CA LYS K 23 43.82 26.34 -19.73
C LYS K 23 45.17 26.22 -19.03
N CYS K 24 45.22 25.48 -17.92
CA CYS K 24 46.46 25.30 -17.18
C CYS K 24 47.45 24.43 -17.96
N LEU K 25 46.92 23.52 -18.79
CA LEU K 25 47.79 22.65 -19.56
C LEU K 25 48.30 23.37 -20.81
N ARG K 26 47.57 24.37 -21.29
CA ARG K 26 48.05 25.15 -22.43
C ARG K 26 49.21 26.04 -22.03
N VAL K 27 49.23 26.50 -20.78
CA VAL K 27 50.38 27.25 -20.28
C VAL K 27 51.54 26.29 -20.05
N LEU K 28 51.24 25.07 -19.60
CA LEU K 28 52.24 24.03 -19.53
C LEU K 28 52.68 23.59 -20.92
N HIS K 29 51.82 23.76 -21.91
CA HIS K 29 52.20 23.44 -23.28
C HIS K 29 53.20 24.46 -23.82
N GLY K 30 52.87 25.75 -23.70
CA GLY K 30 53.72 26.78 -24.29
C GLY K 30 55.02 26.98 -23.54
N PHE K 31 55.07 26.50 -22.30
CA PHE K 31 56.31 26.52 -21.53
C PHE K 31 57.32 25.51 -22.08
N ASN K 32 56.82 24.43 -22.68
CA ASN K 32 57.71 23.32 -23.04
C ASN K 32 58.29 23.50 -24.43
N TYR K 33 57.99 24.62 -25.09
CA TYR K 33 58.60 24.88 -26.40
C TYR K 33 59.48 26.11 -26.35
N GLN K 34 59.39 26.88 -25.27
CA GLN K 34 60.37 27.94 -25.03
C GLN K 34 61.66 27.30 -24.56
N TYR K 35 61.54 26.32 -23.66
CA TYR K 35 62.71 25.76 -23.00
C TYR K 35 63.06 24.37 -23.50
N GLU K 36 62.18 23.76 -24.31
CA GLU K 36 62.36 22.43 -24.90
C GLU K 36 62.59 21.35 -23.84
N THR K 37 61.70 21.32 -22.85
CA THR K 37 61.75 20.39 -21.73
C THR K 37 60.51 19.52 -21.78
N ARG K 38 60.65 18.25 -21.44
CA ARG K 38 59.51 17.33 -21.40
C ARG K 38 59.43 16.56 -20.09
N ASN K 39 60.03 17.07 -19.01
CA ASN K 39 60.15 16.27 -17.79
C ASN K 39 58.91 16.38 -16.93
N ILE K 40 58.32 17.58 -16.85
CA ILE K 40 57.27 17.80 -15.87
C ILE K 40 55.94 17.24 -16.37
N GLY K 41 55.23 16.53 -15.48
CA GLY K 41 54.01 15.85 -15.83
C GLY K 41 52.80 16.45 -15.08
N VAL K 42 51.62 15.89 -15.36
CA VAL K 42 50.39 16.44 -14.69
C VAL K 42 49.50 15.30 -14.17
N SER K 43 48.80 15.54 -13.06
CA SER K 43 47.83 14.57 -12.48
C SER K 43 46.80 15.31 -11.63
N PHE K 44 45.61 14.74 -11.46
CA PHE K 44 44.55 15.37 -10.63
C PHE K 44 44.14 14.39 -9.53
N PRO K 45 44.39 14.73 -8.24
CA PRO K 45 44.07 13.84 -7.13
C PRO K 45 42.56 13.59 -7.07
N LEU K 46 41.77 14.65 -7.24
CA LEU K 46 40.28 14.52 -7.22
C LEU K 46 39.77 14.18 -8.62
N TRP K 47 40.20 13.04 -9.17
CA TRP K 47 39.73 12.58 -10.51
C TRP K 47 38.45 11.76 -10.31
N CYS K 48 37.37 12.43 -9.94
CA CYS K 48 36.04 11.79 -9.70
C CYS K 48 35.31 11.59 -11.04
N ASP K 49 34.28 10.73 -11.04
CA ASP K 49 33.51 10.41 -12.27
C ASP K 49 32.74 11.63 -12.79
N ALA K 50 32.12 12.39 -11.88
CA ALA K 50 31.28 13.56 -12.28
C ALA K 50 32.13 14.63 -12.99
N THR K 51 33.31 14.94 -12.44
CA THR K 51 34.16 16.00 -13.03
C THR K 51 35.65 15.67 -12.83
N VAL K 52 36.52 16.35 -13.56
CA VAL K 52 38.00 16.15 -13.43
C VAL K 52 38.37 16.53 -11.99
N GLY K 53 37.77 17.61 -11.47
CA GLY K 53 38.03 18.04 -10.08
C GLY K 53 38.45 19.49 -10.01
N LYS K 54 38.74 19.97 -8.79
CA LYS K 54 39.21 21.35 -8.55
C LYS K 54 40.69 21.37 -8.17
N LYS K 55 41.35 20.20 -8.18
CA LYS K 55 42.78 20.12 -7.79
C LYS K 55 43.66 19.76 -8.99
N ILE K 56 44.71 20.55 -9.23
CA ILE K 56 45.68 20.29 -10.31
C ILE K 56 47.09 20.36 -9.73
N SER K 57 47.88 19.32 -9.99
CA SER K 57 49.24 19.23 -9.47
C SER K 57 50.20 18.83 -10.57
N PHE K 58 51.41 19.37 -10.48
CA PHE K 58 52.50 19.05 -11.40
C PHE K 58 53.62 18.41 -10.60
N VAL K 59 54.23 17.35 -11.14
CA VAL K 59 55.36 16.68 -10.50
C VAL K 59 56.53 16.69 -11.48
N SER K 60 57.74 16.59 -10.95
CA SER K 60 58.94 16.57 -11.78
C SER K 60 60.09 15.83 -11.09
N LEU K 69 56.60 26.51 -13.06
CA LEU K 69 55.52 27.01 -13.90
C LEU K 69 54.89 28.25 -13.29
N LEU K 70 55.11 28.45 -11.99
CA LEU K 70 54.36 29.48 -11.26
C LEU K 70 54.93 30.88 -11.52
N LYS K 71 56.05 30.96 -12.23
CA LYS K 71 56.59 32.26 -12.62
C LYS K 71 56.15 32.69 -14.02
N GLN K 72 55.21 32.00 -14.63
CA GLN K 72 54.67 32.42 -15.90
C GLN K 72 53.56 33.45 -15.69
N HIS K 73 53.29 34.22 -16.75
CA HIS K 73 52.41 35.38 -16.63
C HIS K 73 50.97 34.98 -16.36
N TYR K 74 50.59 33.76 -16.75
CA TYR K 74 49.22 33.31 -16.50
C TYR K 74 48.98 33.08 -15.02
N PHE K 75 49.86 32.34 -14.35
CA PHE K 75 49.60 31.94 -12.96
C PHE K 75 49.76 33.11 -11.99
N VAL K 76 50.51 34.14 -12.39
CA VAL K 76 50.74 35.25 -11.48
C VAL K 76 49.54 36.19 -11.48
N GLN K 77 48.97 36.45 -12.67
CA GLN K 77 47.84 37.35 -12.76
C GLN K 77 46.58 36.70 -12.22
N MET K 78 46.48 35.38 -12.35
CA MET K 78 45.35 34.66 -11.78
C MET K 78 45.48 34.55 -10.27
N GLU K 79 46.69 34.69 -9.74
CA GLU K 79 46.91 34.63 -8.29
C GLU K 79 46.41 35.90 -7.60
N GLN K 80 46.50 37.05 -8.28
CA GLN K 80 46.15 38.33 -7.68
C GLN K 80 44.66 38.43 -7.40
N LEU K 81 43.85 37.72 -8.18
CA LEU K 81 42.42 37.69 -7.95
C LEU K 81 42.11 36.77 -6.77
N GLN K 82 40.82 36.69 -6.42
CA GLN K 82 40.43 35.94 -5.24
C GLN K 82 40.54 34.43 -5.44
N TYR K 83 40.58 33.98 -6.69
CA TYR K 83 40.54 32.55 -6.97
C TYR K 83 41.91 32.03 -7.44
N PHE K 84 42.62 31.45 -6.48
CA PHE K 84 43.64 30.40 -6.60
C PHE K 84 44.11 29.99 -5.22
N HIS K 85 45.05 29.03 -5.18
CA HIS K 85 45.83 28.73 -3.99
C HIS K 85 47.31 28.59 -4.28
N ILE K 86 47.66 28.31 -5.54
CA ILE K 86 48.97 27.85 -6.04
C ILE K 86 49.76 26.99 -5.05
N TYR K 98 51.36 4.15 -9.75
CA TYR K 98 50.55 4.81 -8.73
C TYR K 98 49.22 5.18 -9.37
N VAL K 99 49.26 6.11 -10.31
CA VAL K 99 48.17 6.36 -11.25
C VAL K 99 48.82 6.92 -12.51
N SER K 100 48.14 6.80 -13.64
CA SER K 100 48.69 7.30 -14.90
C SER K 100 47.57 7.94 -15.69
N PHE K 101 47.83 9.13 -16.22
CA PHE K 101 46.86 9.85 -17.04
C PHE K 101 47.44 9.99 -18.44
N ARG K 102 46.90 9.22 -19.38
CA ARG K 102 47.40 9.20 -20.74
C ARG K 102 46.30 9.55 -21.73
N ARG K 103 46.72 10.14 -22.85
CA ARG K 103 45.80 10.51 -23.91
C ARG K 103 45.41 9.29 -24.74
N CYS K 104 44.12 9.15 -25.02
CA CYS K 104 43.61 8.06 -25.83
C CYS K 104 43.03 8.66 -27.11
N GLN K 105 43.81 8.61 -28.19
CA GLN K 105 43.34 9.13 -29.47
C GLN K 105 42.55 8.09 -30.27
N SER K 106 42.26 6.93 -29.69
CA SER K 106 41.32 6.02 -30.34
C SER K 106 39.89 6.52 -30.18
N ILE K 107 39.67 7.35 -29.16
CA ILE K 107 38.34 7.92 -28.93
C ILE K 107 38.08 9.04 -29.93
N ASP K 108 39.15 9.71 -30.39
CA ASP K 108 39.00 10.70 -31.45
C ASP K 108 38.65 10.04 -32.78
N LYS K 109 38.96 8.74 -32.92
CA LYS K 109 38.63 8.03 -34.14
C LYS K 109 37.21 7.48 -34.10
N LEU K 110 36.57 7.49 -32.93
CA LEU K 110 35.22 6.93 -32.85
C LEU K 110 34.15 7.89 -33.29
N THR K 111 34.44 9.18 -33.40
CA THR K 111 33.49 10.11 -33.97
C THR K 111 33.43 9.92 -35.48
N ALA K 112 32.27 10.24 -36.04
CA ALA K 112 32.00 9.90 -37.44
C ALA K 112 32.74 10.82 -38.40
N ALA K 113 33.17 11.98 -37.93
CA ALA K 113 34.10 12.78 -38.71
C ALA K 113 35.47 12.13 -38.76
N GLY K 114 35.84 11.40 -37.71
CA GLY K 114 37.12 10.73 -37.69
C GLY K 114 37.12 9.41 -38.41
N LEU K 115 35.93 8.80 -38.52
CA LEU K 115 35.79 7.59 -39.32
C LEU K 115 36.00 7.89 -40.80
N ALA K 116 35.66 9.10 -41.24
CA ALA K 116 35.87 9.47 -42.63
C ALA K 116 37.31 9.87 -42.89
N ARG K 117 38.01 10.36 -41.85
CA ARG K 117 39.44 10.62 -41.98
C ARG K 117 40.22 9.32 -42.12
N LYS K 118 39.71 8.25 -41.52
CA LYS K 118 40.39 6.97 -41.53
C LYS K 118 40.27 6.30 -42.90
N ILE K 119 39.16 6.54 -43.61
CA ILE K 119 38.95 5.89 -44.90
C ILE K 119 39.72 6.62 -45.99
N ARG K 120 39.95 7.93 -45.82
CA ARG K 120 40.66 8.69 -46.84
C ARG K 120 42.13 8.30 -46.92
N ARG K 121 42.71 7.88 -45.79
CA ARG K 121 44.07 7.37 -45.80
C ARG K 121 44.14 6.03 -46.50
N LEU K 122 43.13 5.18 -46.27
CA LEU K 122 43.17 3.83 -46.81
C LEU K 122 42.88 3.82 -48.31
N GLU K 123 42.30 4.90 -48.82
CA GLU K 123 42.21 5.05 -50.27
C GLU K 123 43.52 5.59 -50.83
N LYS K 124 44.13 6.53 -50.12
CA LYS K 124 45.41 7.11 -50.52
C LYS K 124 46.57 6.22 -50.06
N PHE K 133 39.86 -0.60 -54.09
CA PHE K 133 39.38 -0.08 -52.81
C PHE K 133 37.89 0.25 -52.87
N ASP K 134 37.07 -0.56 -52.20
CA ASP K 134 35.64 -0.34 -52.18
C ASP K 134 35.28 0.45 -50.92
N PRO K 135 34.80 1.68 -51.05
CA PRO K 135 34.37 2.41 -49.83
C PRO K 135 33.04 1.91 -49.28
N SER K 136 32.23 1.28 -50.12
CA SER K 136 30.97 0.71 -49.66
C SER K 136 31.13 -0.63 -48.97
N SER K 137 32.33 -1.22 -49.03
CA SER K 137 32.58 -2.47 -48.33
C SER K 137 32.68 -2.24 -46.83
N PHE K 138 33.02 -1.03 -46.42
CA PHE K 138 33.07 -0.69 -45.00
C PHE K 138 31.65 -0.57 -44.46
N ALA K 139 31.55 -0.60 -43.13
CA ALA K 139 30.28 -0.52 -42.45
C ALA K 139 30.52 0.01 -41.04
N GLN K 140 29.49 0.59 -40.46
CA GLN K 140 29.62 1.17 -39.15
C GLN K 140 29.55 0.08 -38.09
N LYS K 141 30.00 0.42 -36.88
CA LYS K 141 29.98 -0.57 -35.80
C LYS K 141 28.57 -0.80 -35.30
N GLU K 142 27.76 0.28 -35.27
CA GLU K 142 26.35 0.36 -34.89
C GLU K 142 26.09 0.17 -33.41
N HIS K 143 27.10 -0.27 -32.66
CA HIS K 143 27.01 -0.46 -31.21
C HIS K 143 28.43 -0.28 -30.69
N THR K 144 28.67 0.81 -29.98
CA THR K 144 29.97 1.06 -29.36
C THR K 144 29.76 1.50 -27.93
N ALA K 145 30.66 1.08 -27.05
CA ALA K 145 30.65 1.47 -25.65
C ALA K 145 31.98 2.15 -25.35
N ILE K 146 31.91 3.28 -24.66
CA ILE K 146 33.07 4.10 -24.34
C ILE K 146 33.17 4.23 -22.84
N ALA K 147 34.36 4.00 -22.29
CA ALA K 147 34.56 3.93 -20.84
C ALA K 147 35.35 5.14 -20.37
N HIS K 148 34.58 6.10 -19.84
CA HIS K 148 35.06 7.30 -19.09
C HIS K 148 36.11 8.14 -19.82
N TYR K 149 35.96 8.37 -21.13
CA TYR K 149 36.94 9.28 -21.77
C TYR K 149 36.70 10.66 -21.12
N HIS K 150 37.77 11.37 -20.76
CA HIS K 150 37.60 12.67 -20.07
C HIS K 150 38.38 13.73 -20.85
N SER K 151 37.86 14.08 -22.03
CA SER K 151 38.53 15.07 -22.93
C SER K 151 38.48 16.48 -22.34
N LEU K 152 39.61 17.17 -22.43
CA LEU K 152 39.74 18.59 -22.00
C LEU K 152 39.83 19.37 -23.32
N GLY K 153 38.98 20.37 -23.52
CA GLY K 153 38.99 21.03 -24.82
C GLY K 153 40.12 22.02 -24.94
N GLU K 154 40.90 21.89 -26.01
CA GLU K 154 41.97 22.84 -26.32
C GLU K 154 41.97 23.11 -27.81
N SER K 155 43.00 23.85 -28.25
CA SER K 155 43.13 24.25 -29.64
C SER K 155 44.61 24.30 -30.01
N SER K 156 44.88 24.60 -31.27
CA SER K 156 46.25 24.72 -31.76
C SER K 156 46.54 26.20 -32.00
N LYS K 157 47.83 26.54 -32.00
CA LYS K 157 48.22 27.91 -32.33
C LYS K 157 48.99 27.97 -33.64
N GLN K 158 49.57 26.84 -34.05
CA GLN K 158 50.21 26.74 -35.36
C GLN K 158 49.18 26.89 -36.47
N THR K 159 48.03 26.25 -36.32
CA THR K 159 46.85 26.48 -37.13
C THR K 159 45.74 27.02 -36.25
N ASN K 160 44.57 27.21 -36.84
CA ASN K 160 43.41 27.75 -36.13
C ASN K 160 42.43 26.64 -35.75
N ARG K 161 42.93 25.47 -35.36
CA ARG K 161 42.15 24.24 -35.37
C ARG K 161 41.97 23.69 -33.96
N ASN K 162 40.82 23.06 -33.72
CA ASN K 162 40.42 22.61 -32.40
C ASN K 162 40.58 21.10 -32.26
N PHE K 163 40.78 20.66 -31.03
CA PHE K 163 40.78 19.23 -30.70
C PHE K 163 40.41 19.07 -29.23
N ARG K 164 40.55 17.84 -28.74
CA ARG K 164 40.20 17.53 -27.36
C ARG K 164 41.33 16.74 -26.71
N LEU K 165 41.26 16.62 -25.38
CA LEU K 165 42.24 15.85 -24.61
C LEU K 165 41.47 14.69 -23.99
N ASN K 166 41.35 13.60 -24.73
CA ASN K 166 40.65 12.43 -24.19
C ASN K 166 41.56 11.66 -23.25
N ILE K 167 41.37 11.85 -21.95
CA ILE K 167 42.30 11.38 -20.95
C ILE K 167 41.60 10.37 -20.04
N ARG K 168 42.22 9.21 -19.84
CA ARG K 168 41.70 8.20 -18.94
C ARG K 168 42.70 7.96 -17.83
N MET K 169 42.40 6.94 -17.04
CA MET K 169 43.34 6.37 -16.10
C MET K 169 44.02 5.18 -16.79
#